data_8PBZ
#
_entry.id   8PBZ
#
loop_
_entity.id
_entity.type
_entity.pdbx_description
1 polymer 'Mgp-operon protein 3'
2 polymer 'Adhesin P1'
3 branched 'N-acetyl-alpha-neuraminic acid-(2-6)-beta-D-galactopyranose-(1-4)-beta-D-glucopyranose'
#
loop_
_entity_poly.entity_id
_entity_poly.type
_entity_poly.pdbx_seq_one_letter_code
_entity_poly.pdbx_strand_id
1 'polypeptide(L)'
;MKTMRKQIYKKAYWLLLPFLPLALANTFLVKEDSKNVTAYTPFATPITDSKSDLVSLAQLDSSYQIADQTIHNTNLFVLF
KSRDVKVKYESSGSNNISFDSTSQGEKPSYVVEFTNSTNIGIKWTMVKKYQLDVPNVSSDMNQVLKNLILEQPLTKYTLN
SSLAKEKGKTQREVHLGSGQANQWTSQRNQHDLNNNPSPNASTGFKLTTGNAYRKLSESWPIYEPIDGTKQGKGKDSSGW
SSTEENEAKNDAPSVSGGGSSSGTFNKYLNTKQALESIGILFDDQTPRNVITQLYYASTSKLAVTNNHIVVMGNSFLPSM
WYWVVERSAQENASNKPTWFANTNLDWGEDKQKQFVENQLGYKETTSTNSHNFHSKSFTQPAYLISGIDSVNDQIIFSGF
KAGSVGYDSSSSSSSSSSSSTKDQALAWSTTTSLDSKTGYKDLVTNDTGLNGPINGSFSIQDTFSFVVPYSGNHTNNGTT
GPIKTAYPVKKDQKSTVKINSLINATPLNSYGDEGIGVFDALGLNYNFKSNQERLPSRTDQIFVYGIVSPNELRSAKSSA
DSTGSDTKVNWSNTQSRYLPVPYNYSEGIIDADGFKRPENRGASVTTFSGLKSIAPDGFANSIANFSVGLKAGIDPNPVM
SGKKANYGAVVLTRGGVVRLNFNPGNDSLLSTTDNNIAPISFSFTPFTAAESAVDLTTFKEVTYNQESGLWSYIFDSSLK
PSHDGKQTPVTDNMGFSVITVSRTGIELNQDQATTTLDVAPSALAVQSGIQSTTQTLTGVLPLSEEFSAVIAKDSDQNKI
DIYKNNNGLFEIDTQLSNSVATNNGGLAPSYTENRVDAWGKVEFADNSVLQARNLVDKTVDEIINTPEILNSFFRFTPAF
EDQKATLVATKQSDTSLSVSPRIQFLDGNFYDLNSTIAGVPLNIGFPSRVFAGFAALPAWVIPVSVGSSVGILFILLVLG
LGIGIPMYRVRKLQDASFVNVFKKVDTLTTAVGSVYKKIITQTGVVKKAPSALKAANPSVKKPAAFLKPPVQPPSKPEGE
QKAVEVKSEETKS
;
A,D
2 'polypeptide(L)'
;MHQPKKRLAKKSWAFLTAALTLGVITGVGGYFLFNQNKQRSSVSNFAYQPKQLSVKHQQAVDETLTPWTWNNNNFSSLKI
TGENPGSFGLVRSQNDNLNISSVTKNSSDDNLKYLNAVEKYLDGQQNFAIRRYDNNGRALYDINLAKMENPSTVQRGLNG
EPIFDPFKGFGLTGNAPTDWNEIKGKVPVEVVQSPHSPNLYFVLLVPKVALEYHNLNNQVVKESLEVKATQSSFNPTQRL
QKDSPVKDSSKQGEKLSETTASSMSSGMATSTRAKALKVEVERGSQSDSLLKNDFAKKPLKHKNSSGEVKLEAEKEFTEA
WKPLLTTDQIAREKGMGATVVSFYDAPYSENHTAFGLVDHIDPKKMVENYPPSWKTPKWNHHGIWDYNARNLLLQTTGFF
NPRRHPEWFDEGQAKADNTSPGFKVGDTDHKKDGFKKNSSSPIALPFEAYFANIGNMVAIGNSVFIFGGNGHATKMFTTN
PLSIGVFRIKYTDNFSKSSVTGWPYAVLFGGLINPQTNGLKDLPLGTNRWFEYVPRMAVSGVKWVGNQLVLAGTLTMGDT
ATVPRLKYDQLEKHLNLVAQGQGLLREDLQIFTPYGWANRPDIPVGAWLQDEMGSKFGPHYFLNNPDIQDNVNNDTVEAL
ISSYKNTDKLKHVYPYRYSGLYAWQLFNWSNKLTNTPLSANFVNENSYAPNSLFAAILNEDLLTGLSDKIFYGKENEFAE
NEADRFNQLLSLNPNPNTNWARYLNVVQRFTTGPNLDSSTFDQFLDFLPWIGNGKPFSNSPSPSTSASSSTPLPTFSNIN
VGVKSMITQHLNKENTRWVFIPNFSPDIWTGAGYRVQSANQKNGIPFEQVKPSNNSTPFDPNSDDNKVTPSGGSSKPTTY
PALPNSISPTSDWINALTFTNKNNPQRNQLLLRSLLGTIPVLINKSGDSNDQFNKDSEQKWDKTETNEGNLPGFGEVNGL
YNAALLHTYGFFGTNTNSTDPKIGFKADSSSSSSSTLVGSGLNWTSQDVGNLVVINDTSFGFQLGGWFITFTDFIRPRTG
YLGITLSSLQDQTIIWADQPWTSFKGSYLDSDGTPKSLWDPTALKSLPNSSTTYDTNPTLSPSFQLYQPNKVKAYQTTNT
YNKLIEPVDATSAATNMTSLLKLLTTKNIKAKLGKGTASSQGNNNGGGVSQTINTITTTGNISEGLKEETSIQAETLKKF
FDSKQNNKSEIGIGDSTFTKMDGKLTGVVSTPLVNLINGQGATSDSDTEKISFKPGNQIDFNRLFTLPVTELFDPNTMFV
YDQYVPLLVNLPSGFDQASIRLKVISYSVENQTLGVRLEFKDPQTQQFIPVLNASSTGPQTVFQPFNQWADYVLPLIVTV
PIVVIILSVTLGLTIGIPMHRNKKALQAGFDLSNKKVDVLTKAVGSVFKEIINRTGISNAPKKLKQATPTKPTPKTPPKP
PVKQ
;
B,E
#
loop_
_chem_comp.id
_chem_comp.type
_chem_comp.name
_chem_comp.formula
BGC D-saccharide, beta linking beta-D-glucopyranose 'C6 H12 O6'
GAL D-saccharide, beta linking beta-D-galactopyranose 'C6 H12 O6'
SIA D-saccharide, alpha linking 'N-acetyl-alpha-neuraminic acid' 'C11 H19 N O9'
#
# COMPACT_ATOMS: atom_id res chain seq x y z
N ALA A 25 -37.89 6.84 4.81
CA ALA A 25 -38.93 5.84 5.18
C ALA A 25 -38.31 4.70 6.03
N ASN A 26 -38.67 4.67 7.33
CA ASN A 26 -38.31 3.64 8.34
C ASN A 26 -39.18 2.37 8.18
N THR A 27 -39.80 2.17 6.99
CA THR A 27 -40.74 1.07 6.67
C THR A 27 -40.24 0.18 5.51
N PHE A 28 -40.96 -0.91 5.26
CA PHE A 28 -40.80 -1.92 4.19
C PHE A 28 -42.13 -1.99 3.43
N LEU A 29 -42.14 -1.91 2.10
CA LEU A 29 -43.41 -2.04 1.36
C LEU A 29 -43.56 -3.49 0.97
N VAL A 30 -44.76 -4.03 1.13
CA VAL A 30 -45.06 -5.44 0.86
C VAL A 30 -46.21 -5.45 -0.13
N LYS A 31 -46.05 -6.15 -1.25
CA LYS A 31 -47.11 -6.32 -2.24
C LYS A 31 -47.97 -7.47 -1.71
N GLU A 32 -49.15 -7.21 -1.20
CA GLU A 32 -49.96 -8.29 -0.59
C GLU A 32 -50.56 -9.08 -1.72
N ASP A 33 -50.84 -8.44 -2.87
CA ASP A 33 -51.47 -9.11 -4.04
C ASP A 33 -51.21 -8.26 -5.28
N SER A 34 -51.93 -8.50 -6.38
CA SER A 34 -51.73 -7.79 -7.67
C SER A 34 -52.05 -6.28 -7.59
N LYS A 35 -52.66 -5.74 -6.52
CA LYS A 35 -53.22 -4.37 -6.47
C LYS A 35 -52.80 -3.60 -5.22
N ASN A 36 -52.40 -4.28 -4.16
CA ASN A 36 -52.35 -3.69 -2.80
C ASN A 36 -50.92 -3.64 -2.29
N VAL A 37 -50.48 -2.48 -1.83
CA VAL A 37 -49.17 -2.39 -1.13
C VAL A 37 -49.45 -1.92 0.28
N THR A 38 -48.94 -2.67 1.24
CA THR A 38 -49.03 -2.35 2.69
C THR A 38 -47.63 -2.00 3.20
N ALA A 39 -47.53 -1.04 4.11
CA ALA A 39 -46.25 -0.64 4.73
C ALA A 39 -46.10 -1.40 6.05
N TYR A 40 -44.92 -1.97 6.30
CA TYR A 40 -44.58 -2.77 7.50
C TYR A 40 -43.46 -2.05 8.25
N THR A 41 -43.51 -2.14 9.58
CA THR A 41 -42.49 -1.68 10.51
C THR A 41 -41.40 -2.71 10.52
N PRO A 42 -40.26 -2.41 11.15
CA PRO A 42 -39.24 -3.41 11.45
C PRO A 42 -39.69 -4.53 12.38
N PHE A 43 -40.84 -4.39 13.02
CA PHE A 43 -41.39 -5.39 13.97
C PHE A 43 -42.31 -6.36 13.20
N ALA A 44 -42.25 -6.31 11.88
CA ALA A 44 -43.03 -7.18 10.96
C ALA A 44 -44.54 -7.03 11.21
N THR A 45 -45.01 -5.80 11.47
CA THR A 45 -46.43 -5.40 11.70
C THR A 45 -46.84 -4.34 10.68
N PRO A 46 -48.06 -4.44 10.16
CA PRO A 46 -48.52 -3.48 9.16
C PRO A 46 -48.77 -2.16 9.88
N ILE A 47 -48.40 -1.05 9.25
CA ILE A 47 -48.84 0.30 9.63
C ILE A 47 -50.32 0.46 9.28
N THR A 48 -51.11 0.89 10.26
CA THR A 48 -52.59 0.80 10.25
C THR A 48 -53.10 1.70 9.13
N ASP A 49 -54.05 1.25 8.33
CA ASP A 49 -54.62 2.06 7.23
C ASP A 49 -53.62 2.26 6.09
N SER A 50 -52.44 1.65 6.14
CA SER A 50 -51.41 1.92 5.11
C SER A 50 -51.74 1.13 3.85
N LYS A 51 -52.55 0.09 3.98
CA LYS A 51 -52.78 -0.87 2.90
C LYS A 51 -53.63 -0.18 1.83
N SER A 52 -53.13 -0.15 0.58
CA SER A 52 -53.65 0.70 -0.51
C SER A 52 -53.67 -0.07 -1.84
N ASP A 53 -54.85 -0.10 -2.45
CA ASP A 53 -55.10 -0.54 -3.83
C ASP A 53 -54.51 0.53 -4.76
N LEU A 54 -53.22 0.39 -5.10
CA LEU A 54 -52.52 1.30 -6.06
C LEU A 54 -53.18 1.27 -7.45
N VAL A 55 -53.84 0.19 -7.85
CA VAL A 55 -54.55 0.15 -9.16
C VAL A 55 -55.70 1.17 -9.14
N SER A 56 -56.52 1.10 -8.09
CA SER A 56 -57.74 1.94 -7.95
C SER A 56 -57.30 3.39 -7.84
N LEU A 57 -56.22 3.62 -7.12
CA LEU A 57 -55.65 4.97 -6.86
C LEU A 57 -55.07 5.55 -8.14
N ALA A 58 -54.64 4.70 -9.08
CA ALA A 58 -54.07 5.13 -10.36
C ALA A 58 -55.21 5.45 -11.34
N GLN A 59 -56.45 5.29 -10.87
CA GLN A 59 -57.71 5.46 -11.65
C GLN A 59 -57.74 4.48 -12.84
N LEU A 60 -56.99 3.39 -12.73
CA LEU A 60 -56.98 2.23 -13.67
C LEU A 60 -58.12 1.26 -13.31
N ASP A 61 -58.63 0.48 -14.28
CA ASP A 61 -59.77 -0.46 -14.06
C ASP A 61 -59.26 -1.77 -13.42
N SER A 62 -60.19 -2.60 -12.98
CA SER A 62 -59.92 -3.84 -12.19
C SER A 62 -59.12 -4.86 -13.03
N SER A 63 -58.98 -4.69 -14.35
CA SER A 63 -58.12 -5.57 -15.17
C SER A 63 -56.61 -5.28 -14.95
N TYR A 64 -56.23 -4.14 -14.39
CA TYR A 64 -54.80 -3.80 -14.22
C TYR A 64 -54.22 -4.47 -12.95
N GLN A 65 -52.92 -4.82 -13.04
CA GLN A 65 -52.12 -5.35 -11.90
C GLN A 65 -50.77 -4.68 -11.84
N ILE A 66 -50.17 -4.63 -10.66
CA ILE A 66 -48.78 -4.15 -10.45
C ILE A 66 -47.82 -5.16 -11.09
N ALA A 67 -46.91 -4.72 -11.96
CA ALA A 67 -45.82 -5.54 -12.53
C ALA A 67 -44.54 -5.34 -11.72
N ASP A 68 -44.21 -4.11 -11.34
CA ASP A 68 -42.91 -3.78 -10.72
C ASP A 68 -43.13 -2.44 -10.06
N GLN A 69 -42.31 -2.16 -9.05
CA GLN A 69 -42.36 -0.87 -8.36
C GLN A 69 -40.99 -0.53 -7.82
N THR A 70 -40.79 0.74 -7.52
CA THR A 70 -39.50 1.24 -7.04
C THR A 70 -39.68 2.58 -6.31
N ILE A 71 -38.82 2.82 -5.34
CA ILE A 71 -38.73 4.07 -4.58
C ILE A 71 -37.64 4.91 -5.24
N HIS A 72 -37.92 6.17 -5.49
CA HIS A 72 -36.92 7.16 -5.94
C HIS A 72 -37.19 8.48 -5.22
N ASN A 73 -36.19 9.00 -4.48
CA ASN A 73 -36.35 10.22 -3.63
C ASN A 73 -37.68 10.14 -2.86
N THR A 74 -37.91 9.05 -2.14
CA THR A 74 -39.05 8.93 -1.22
C THR A 74 -40.41 8.84 -1.93
N ASN A 75 -40.53 8.90 -3.25
CA ASN A 75 -41.84 8.61 -3.91
C ASN A 75 -41.84 7.20 -4.53
N LEU A 76 -43.04 6.65 -4.68
CA LEU A 76 -43.24 5.25 -5.13
C LEU A 76 -43.65 5.27 -6.60
N PHE A 77 -42.86 4.61 -7.42
CA PHE A 77 -43.08 4.49 -8.88
C PHE A 77 -43.51 3.07 -9.21
N VAL A 78 -44.69 2.98 -9.85
CA VAL A 78 -45.39 1.70 -10.13
C VAL A 78 -45.62 1.55 -11.64
N LEU A 79 -45.28 0.38 -12.15
CA LEU A 79 -45.56 -0.12 -13.50
C LEU A 79 -46.82 -0.99 -13.44
N PHE A 80 -47.91 -0.61 -14.12
CA PHE A 80 -49.16 -1.40 -14.24
C PHE A 80 -49.39 -1.87 -15.68
N LYS A 81 -49.84 -3.10 -15.86
CA LYS A 81 -50.26 -3.67 -17.17
C LYS A 81 -51.60 -4.37 -16.96
N SER A 82 -52.30 -4.60 -18.06
CA SER A 82 -53.72 -5.01 -18.13
C SER A 82 -53.83 -6.42 -18.74
N ARG A 83 -54.67 -7.26 -18.15
CA ARG A 83 -55.02 -8.61 -18.66
C ARG A 83 -55.93 -8.50 -19.89
N ASP A 84 -56.49 -7.30 -20.15
CA ASP A 84 -57.48 -7.08 -21.23
C ASP A 84 -56.77 -6.58 -22.49
N VAL A 85 -55.47 -6.33 -22.41
CA VAL A 85 -54.71 -5.70 -23.54
C VAL A 85 -54.79 -6.57 -24.79
N LYS A 86 -55.09 -5.94 -25.92
CA LYS A 86 -55.10 -6.60 -27.24
C LYS A 86 -54.39 -5.67 -28.23
N VAL A 87 -53.26 -6.15 -28.75
CA VAL A 87 -52.45 -5.47 -29.80
C VAL A 87 -52.67 -6.21 -31.12
N LYS A 88 -52.38 -5.54 -32.23
CA LYS A 88 -52.58 -6.03 -33.62
C LYS A 88 -51.36 -5.68 -34.45
N TYR A 89 -51.10 -6.44 -35.51
CA TYR A 89 -50.14 -6.06 -36.56
C TYR A 89 -50.87 -6.20 -37.89
N GLU A 90 -51.03 -5.09 -38.60
CA GLU A 90 -51.52 -5.06 -40.00
C GLU A 90 -50.32 -4.69 -40.88
N SER A 91 -49.85 -5.60 -41.72
CA SER A 91 -48.61 -5.43 -42.54
C SER A 91 -48.75 -4.27 -43.53
N SER A 92 -49.96 -3.86 -43.91
CA SER A 92 -50.19 -2.77 -44.90
C SER A 92 -50.54 -1.47 -44.15
N GLY A 93 -50.90 -0.41 -44.89
CA GLY A 93 -50.92 0.96 -44.34
C GLY A 93 -49.55 1.30 -43.78
N SER A 94 -49.50 2.02 -42.65
CA SER A 94 -48.24 2.14 -41.87
C SER A 94 -48.44 2.63 -40.43
N ASN A 95 -49.62 2.56 -39.81
CA ASN A 95 -49.66 2.64 -38.32
C ASN A 95 -49.89 1.21 -37.81
N ASN A 96 -48.93 0.37 -38.20
CA ASN A 96 -48.98 -1.10 -38.35
C ASN A 96 -49.29 -1.76 -37.00
N ILE A 97 -48.54 -1.40 -35.97
CA ILE A 97 -48.82 -1.84 -34.57
C ILE A 97 -49.82 -0.84 -33.99
N SER A 98 -50.93 -1.32 -33.41
CA SER A 98 -51.93 -0.50 -32.69
C SER A 98 -52.67 -1.37 -31.65
N PHE A 99 -53.31 -0.73 -30.68
CA PHE A 99 -54.24 -1.42 -29.74
C PHE A 99 -55.56 -1.71 -30.46
N ASP A 100 -56.28 -2.71 -29.99
CA ASP A 100 -57.62 -3.12 -30.50
C ASP A 100 -58.71 -2.41 -29.70
N SER A 101 -59.12 -1.23 -30.21
CA SER A 101 -60.19 -0.33 -29.69
C SER A 101 -61.54 -1.06 -29.59
N THR A 102 -61.94 -1.76 -30.66
CA THR A 102 -63.19 -2.59 -30.70
C THR A 102 -63.20 -3.51 -29.47
N SER A 103 -64.38 -3.72 -28.88
CA SER A 103 -64.60 -4.42 -27.58
C SER A 103 -64.06 -3.54 -26.45
N GLN A 104 -63.05 -4.01 -25.70
CA GLN A 104 -62.40 -3.26 -24.60
C GLN A 104 -61.01 -3.88 -24.35
N GLY A 105 -60.05 -3.59 -25.25
CA GLY A 105 -58.63 -3.99 -25.17
C GLY A 105 -57.65 -2.85 -25.48
N GLU A 106 -58.15 -1.59 -25.59
CA GLU A 106 -57.34 -0.34 -25.60
C GLU A 106 -56.89 -0.10 -24.16
N LYS A 107 -55.85 -0.80 -23.70
CA LYS A 107 -55.47 -0.90 -22.27
C LYS A 107 -53.93 -0.87 -22.18
N PRO A 108 -53.36 0.26 -22.60
CA PRO A 108 -51.91 0.44 -22.58
C PRO A 108 -51.42 0.35 -21.13
N SER A 109 -50.15 0.00 -20.94
CA SER A 109 -49.54 -0.11 -19.59
C SER A 109 -49.03 1.28 -19.14
N TYR A 110 -49.11 1.57 -17.85
CA TYR A 110 -48.85 2.90 -17.24
C TYR A 110 -47.70 2.76 -16.25
N VAL A 111 -46.88 3.81 -16.13
CA VAL A 111 -46.04 4.00 -14.93
C VAL A 111 -46.73 5.09 -14.13
N VAL A 112 -46.74 5.00 -12.80
CA VAL A 112 -47.39 6.06 -11.98
C VAL A 112 -46.48 6.45 -10.83
N GLU A 113 -46.31 7.75 -10.61
CA GLU A 113 -45.60 8.29 -9.43
C GLU A 113 -46.62 8.64 -8.33
N PHE A 114 -46.45 7.99 -7.18
CA PHE A 114 -47.18 8.23 -5.91
C PHE A 114 -46.25 8.92 -4.91
N THR A 115 -46.79 9.88 -4.17
CA THR A 115 -46.09 10.46 -2.99
C THR A 115 -46.90 10.20 -1.71
N ASN A 116 -46.20 10.11 -0.58
CA ASN A 116 -46.85 9.92 0.73
C ASN A 116 -47.28 11.30 1.19
N SER A 117 -48.58 11.57 1.28
CA SER A 117 -49.07 12.96 1.56
C SER A 117 -49.04 13.25 3.07
N THR A 118 -49.33 12.29 3.97
CA THR A 118 -49.35 12.48 5.45
C THR A 118 -47.94 12.35 6.03
N ASN A 119 -47.65 13.07 7.12
CA ASN A 119 -46.43 12.87 7.95
C ASN A 119 -46.74 11.94 9.11
N ILE A 120 -48.01 11.53 9.31
CA ILE A 120 -48.34 10.45 10.30
C ILE A 120 -49.07 9.35 9.53
N GLY A 121 -48.52 8.15 9.52
CA GLY A 121 -49.02 7.04 8.68
C GLY A 121 -48.69 7.25 7.22
N ILE A 122 -49.42 6.55 6.35
CA ILE A 122 -49.18 6.37 4.89
C ILE A 122 -50.49 6.71 4.14
N LYS A 123 -50.57 7.86 3.47
CA LYS A 123 -51.71 8.10 2.54
C LYS A 123 -51.10 8.31 1.15
N TRP A 124 -50.99 7.25 0.37
CA TRP A 124 -50.48 7.37 -1.02
C TRP A 124 -51.50 8.19 -1.78
N THR A 125 -51.01 9.20 -2.50
CA THR A 125 -51.80 10.04 -3.43
C THR A 125 -51.03 10.15 -4.77
N MET A 126 -51.76 10.22 -5.88
CA MET A 126 -51.19 10.11 -7.25
C MET A 126 -50.63 11.47 -7.70
N VAL A 127 -49.44 11.45 -8.32
CA VAL A 127 -48.65 12.66 -8.70
C VAL A 127 -48.63 12.79 -10.22
N LYS A 128 -48.00 11.81 -10.89
CA LYS A 128 -47.87 11.79 -12.37
C LYS A 128 -48.18 10.38 -12.87
N LYS A 129 -48.84 10.32 -14.04
CA LYS A 129 -49.34 9.09 -14.70
C LYS A 129 -48.86 9.10 -16.15
N TYR A 130 -48.05 8.15 -16.58
CA TYR A 130 -47.49 8.09 -17.96
C TYR A 130 -47.99 6.84 -18.73
N GLN A 131 -48.66 7.00 -19.88
CA GLN A 131 -49.12 5.88 -20.75
C GLN A 131 -47.92 5.36 -21.54
N LEU A 132 -47.74 4.05 -21.67
CA LEU A 132 -46.67 3.44 -22.52
C LEU A 132 -47.28 3.02 -23.87
N ASP A 133 -47.15 3.88 -24.87
CA ASP A 133 -47.76 3.69 -26.20
C ASP A 133 -47.00 2.61 -26.97
N VAL A 134 -47.54 2.25 -28.14
CA VAL A 134 -47.05 1.18 -29.04
C VAL A 134 -46.01 1.82 -29.93
N PRO A 135 -44.98 1.05 -30.34
CA PRO A 135 -43.98 1.59 -31.25
C PRO A 135 -44.55 2.15 -32.56
N ASN A 136 -44.13 3.38 -32.94
CA ASN A 136 -43.99 3.76 -34.36
C ASN A 136 -43.40 2.57 -35.14
N VAL A 137 -43.71 2.44 -36.43
CA VAL A 137 -43.12 1.45 -37.34
C VAL A 137 -42.75 2.18 -38.63
N SER A 138 -41.47 2.29 -38.92
CA SER A 138 -41.00 2.88 -40.19
C SER A 138 -41.43 1.96 -41.37
N SER A 139 -41.28 2.45 -42.59
CA SER A 139 -41.41 1.65 -43.83
C SER A 139 -40.37 0.52 -43.79
N ASP A 140 -39.10 0.89 -43.60
CA ASP A 140 -37.96 -0.07 -43.63
C ASP A 140 -38.28 -1.18 -42.64
N MET A 141 -38.72 -0.80 -41.44
CA MET A 141 -39.06 -1.74 -40.32
C MET A 141 -40.20 -2.70 -40.73
N ASN A 142 -41.33 -2.15 -41.19
CA ASN A 142 -42.57 -2.90 -41.55
C ASN A 142 -42.29 -3.91 -42.67
N GLN A 143 -41.27 -3.69 -43.50
CA GLN A 143 -40.87 -4.67 -44.54
C GLN A 143 -40.22 -5.89 -43.86
N VAL A 144 -39.45 -5.70 -42.79
CA VAL A 144 -38.90 -6.84 -42.00
C VAL A 144 -40.06 -7.51 -41.25
N LEU A 145 -40.91 -6.71 -40.63
CA LEU A 145 -42.00 -7.17 -39.72
C LEU A 145 -43.00 -8.01 -40.51
N LYS A 146 -43.31 -7.61 -41.74
CA LYS A 146 -44.18 -8.34 -42.71
C LYS A 146 -44.00 -9.85 -42.54
N ASN A 147 -42.73 -10.29 -42.56
CA ASN A 147 -42.34 -11.71 -42.62
C ASN A 147 -41.51 -12.07 -41.38
N LEU A 148 -41.54 -11.24 -40.35
CA LEU A 148 -40.89 -11.59 -39.08
C LEU A 148 -41.69 -12.76 -38.49
N ILE A 149 -40.95 -13.79 -38.04
CA ILE A 149 -41.54 -14.99 -37.42
C ILE A 149 -40.85 -15.27 -36.07
N LEU A 150 -41.63 -15.67 -35.06
CA LEU A 150 -41.15 -15.79 -33.67
C LEU A 150 -41.47 -17.19 -33.05
N GLU A 151 -40.45 -17.85 -32.49
CA GLU A 151 -40.53 -19.13 -31.74
C GLU A 151 -41.45 -19.03 -30.53
N GLN A 152 -42.17 -20.11 -30.25
CA GLN A 152 -43.07 -20.27 -29.06
C GLN A 152 -42.24 -20.24 -27.79
N PRO A 153 -42.70 -19.49 -26.79
CA PRO A 153 -41.91 -19.24 -25.59
C PRO A 153 -41.46 -20.50 -24.83
N LEU A 154 -40.23 -20.45 -24.30
CA LEU A 154 -39.69 -21.57 -23.52
C LEU A 154 -40.43 -21.56 -22.19
N THR A 155 -40.71 -22.71 -21.62
CA THR A 155 -41.31 -22.82 -20.27
C THR A 155 -40.50 -23.81 -19.45
N LYS A 156 -40.77 -23.76 -18.14
CA LYS A 156 -40.47 -24.80 -17.11
C LYS A 156 -40.35 -26.20 -17.71
N TYR A 157 -41.31 -26.55 -18.56
CA TYR A 157 -41.60 -27.94 -19.00
C TYR A 157 -41.07 -28.20 -20.42
N THR A 158 -40.38 -27.25 -21.06
CA THR A 158 -39.73 -27.44 -22.39
C THR A 158 -38.51 -28.36 -22.23
N LEU A 159 -38.39 -29.41 -23.06
CA LEU A 159 -37.27 -30.40 -22.98
C LEU A 159 -36.19 -30.08 -24.02
N ASN A 160 -34.96 -30.46 -23.71
CA ASN A 160 -33.82 -30.47 -24.67
C ASN A 160 -34.37 -30.92 -26.02
N SER A 161 -35.20 -31.96 -26.02
CA SER A 161 -35.72 -32.57 -27.26
C SER A 161 -36.87 -31.73 -27.84
N SER A 162 -37.55 -30.90 -27.05
CA SER A 162 -38.61 -29.99 -27.56
C SER A 162 -37.94 -28.92 -28.42
N LEU A 163 -36.75 -28.48 -28.03
CA LEU A 163 -36.03 -27.31 -28.65
C LEU A 163 -35.47 -27.76 -30.01
N ALA A 164 -34.61 -28.79 -29.97
CA ALA A 164 -34.01 -29.55 -31.08
C ALA A 164 -34.84 -29.46 -32.37
N LYS A 165 -34.18 -29.11 -33.48
CA LYS A 165 -34.86 -28.90 -34.81
C LYS A 165 -34.09 -29.69 -35.87
N GLU A 166 -34.78 -30.06 -36.93
CA GLU A 166 -34.24 -31.00 -37.97
C GLU A 166 -33.05 -30.31 -38.67
N LYS A 167 -31.95 -31.04 -38.84
CA LYS A 167 -30.70 -30.51 -39.40
C LYS A 167 -30.88 -30.10 -40.86
N GLY A 168 -30.44 -28.90 -41.20
CA GLY A 168 -30.59 -28.33 -42.56
C GLY A 168 -29.49 -28.81 -43.49
N LYS A 169 -29.44 -28.21 -44.68
CA LYS A 169 -28.49 -28.54 -45.78
C LYS A 169 -27.06 -28.21 -45.36
N THR A 170 -26.11 -29.01 -45.86
CA THR A 170 -24.65 -28.76 -45.75
C THR A 170 -24.25 -27.60 -46.71
N GLN A 171 -23.14 -26.94 -46.37
CA GLN A 171 -22.65 -25.74 -47.09
C GLN A 171 -22.48 -26.17 -48.54
N ARG A 172 -21.98 -27.38 -48.75
CA ARG A 172 -21.61 -27.88 -50.09
C ARG A 172 -22.84 -28.40 -50.87
N GLU A 173 -23.97 -28.69 -50.20
CA GLU A 173 -25.27 -29.00 -50.86
C GLU A 173 -25.90 -27.69 -51.37
N VAL A 174 -25.91 -26.67 -50.52
CA VAL A 174 -26.48 -25.32 -50.79
C VAL A 174 -25.94 -24.76 -52.11
N HIS A 175 -24.64 -24.97 -52.33
CA HIS A 175 -23.82 -24.30 -53.35
C HIS A 175 -23.71 -25.19 -54.59
N LEU A 176 -22.97 -26.30 -54.46
CA LEU A 176 -22.69 -27.25 -55.58
C LEU A 176 -23.94 -28.10 -55.84
N GLY A 177 -24.52 -28.68 -54.78
CA GLY A 177 -25.83 -29.37 -54.85
C GLY A 177 -25.76 -30.87 -54.56
N SER A 178 -26.82 -31.57 -54.99
CA SER A 178 -26.88 -33.04 -55.16
C SER A 178 -25.91 -33.43 -56.28
N GLY A 179 -24.87 -34.16 -55.89
CA GLY A 179 -23.50 -34.06 -56.38
C GLY A 179 -22.51 -34.20 -55.22
N GLN A 180 -21.24 -33.84 -55.44
CA GLN A 180 -20.11 -34.52 -54.76
C GLN A 180 -19.17 -33.51 -54.10
N ALA A 181 -18.45 -34.00 -53.08
CA ALA A 181 -17.33 -33.34 -52.35
C ALA A 181 -16.00 -33.87 -52.90
N ASN A 182 -16.03 -34.59 -54.03
CA ASN A 182 -14.86 -34.83 -54.88
C ASN A 182 -14.54 -33.57 -55.72
N GLN A 183 -15.53 -32.66 -55.87
CA GLN A 183 -15.41 -31.38 -56.62
C GLN A 183 -15.36 -30.19 -55.65
N TRP A 184 -15.37 -30.45 -54.33
CA TRP A 184 -15.41 -29.39 -53.27
C TRP A 184 -14.20 -28.47 -53.41
N THR A 185 -13.05 -29.02 -53.80
CA THR A 185 -11.76 -28.27 -53.85
C THR A 185 -11.62 -27.59 -55.23
N SER A 186 -12.26 -28.10 -56.29
CA SER A 186 -12.30 -27.49 -57.65
C SER A 186 -13.19 -26.24 -57.69
N GLN A 187 -14.17 -26.15 -56.75
CA GLN A 187 -15.42 -25.34 -56.90
C GLN A 187 -15.50 -24.21 -55.88
N ARG A 188 -14.90 -24.36 -54.69
CA ARG A 188 -15.16 -23.49 -53.51
C ARG A 188 -14.62 -22.07 -53.75
N ASN A 189 -13.73 -21.89 -54.73
CA ASN A 189 -13.22 -20.56 -55.16
C ASN A 189 -14.31 -19.82 -55.94
N GLN A 190 -15.14 -20.54 -56.73
CA GLN A 190 -16.23 -19.96 -57.58
C GLN A 190 -17.47 -19.65 -56.73
N HIS A 191 -17.43 -19.79 -55.40
CA HIS A 191 -18.53 -19.42 -54.45
C HIS A 191 -17.98 -18.71 -53.21
N ASP A 192 -16.75 -18.16 -53.33
CA ASP A 192 -16.05 -17.32 -52.31
C ASP A 192 -15.83 -18.13 -51.03
N LEU A 193 -15.64 -19.45 -51.16
CA LEU A 193 -15.35 -20.38 -50.05
C LEU A 193 -13.93 -20.92 -50.20
N ASN A 194 -12.96 -20.05 -50.48
CA ASN A 194 -11.54 -20.46 -50.72
C ASN A 194 -11.00 -21.09 -49.41
N ASN A 195 -10.36 -22.26 -49.52
CA ASN A 195 -9.63 -22.96 -48.41
C ASN A 195 -10.59 -23.43 -47.31
N ASN A 196 -11.90 -23.42 -47.56
CA ASN A 196 -12.93 -23.85 -46.58
C ASN A 196 -12.84 -25.36 -46.45
N PRO A 197 -12.45 -25.89 -45.27
CA PRO A 197 -12.35 -27.34 -45.08
C PRO A 197 -13.65 -28.04 -44.63
N SER A 198 -14.80 -27.38 -44.77
CA SER A 198 -16.07 -27.72 -44.08
C SER A 198 -17.23 -27.80 -45.08
N PRO A 199 -17.17 -28.76 -46.04
CA PRO A 199 -18.27 -28.97 -46.99
C PRO A 199 -19.54 -29.46 -46.28
N ASN A 200 -19.37 -30.09 -45.10
CA ASN A 200 -20.39 -30.73 -44.27
C ASN A 200 -20.76 -29.87 -43.03
N ALA A 201 -20.28 -28.61 -42.95
CA ALA A 201 -20.76 -27.64 -41.96
C ALA A 201 -22.25 -27.43 -42.23
N SER A 202 -23.03 -27.23 -41.17
CA SER A 202 -24.48 -27.05 -41.27
C SER A 202 -24.79 -25.58 -41.60
N THR A 203 -25.71 -25.35 -42.53
CA THR A 203 -26.27 -24.04 -42.92
C THR A 203 -27.49 -23.72 -42.06
N GLY A 204 -28.08 -24.71 -41.39
CA GLY A 204 -28.89 -24.39 -40.19
C GLY A 204 -29.88 -25.48 -39.89
N PHE A 205 -31.16 -25.12 -39.81
CA PHE A 205 -32.22 -26.01 -39.29
C PHE A 205 -33.57 -25.75 -39.98
N LYS A 206 -34.38 -26.81 -40.09
CA LYS A 206 -35.65 -26.86 -40.86
C LYS A 206 -36.79 -26.28 -40.04
N LEU A 207 -37.72 -25.56 -40.69
CA LEU A 207 -38.86 -24.92 -40.01
C LEU A 207 -40.17 -25.63 -40.43
N THR A 208 -40.07 -26.82 -41.02
CA THR A 208 -41.21 -27.72 -41.37
C THR A 208 -41.61 -28.59 -40.15
N THR A 209 -40.65 -28.95 -39.28
CA THR A 209 -40.87 -29.58 -37.96
C THR A 209 -40.31 -28.67 -36.86
N GLY A 210 -41.02 -28.61 -35.70
CA GLY A 210 -40.55 -28.32 -34.34
C GLY A 210 -41.39 -27.30 -33.57
N ASN A 211 -40.75 -26.63 -32.61
CA ASN A 211 -41.38 -25.47 -31.94
C ASN A 211 -42.08 -24.61 -32.98
N ALA A 212 -43.30 -24.18 -32.71
CA ALA A 212 -44.09 -23.31 -33.62
C ALA A 212 -43.36 -21.98 -33.78
N TYR A 213 -43.15 -21.52 -35.00
CA TYR A 213 -42.78 -20.11 -35.29
C TYR A 213 -44.02 -19.44 -35.86
N ARG A 214 -44.25 -18.18 -35.49
CA ARG A 214 -45.49 -17.44 -35.85
C ARG A 214 -45.17 -15.97 -36.10
N LYS A 215 -45.87 -15.38 -37.08
CA LYS A 215 -45.85 -13.93 -37.38
C LYS A 215 -46.49 -13.17 -36.21
N LEU A 216 -46.40 -11.83 -36.24
CA LEU A 216 -46.90 -10.94 -35.17
C LEU A 216 -48.43 -11.06 -35.05
N SER A 217 -49.13 -11.43 -36.14
CA SER A 217 -50.61 -11.37 -36.24
C SER A 217 -51.23 -12.73 -35.89
N GLU A 218 -50.37 -13.76 -35.74
CA GLU A 218 -50.77 -15.17 -35.45
C GLU A 218 -50.71 -15.44 -33.94
N SER A 219 -51.04 -16.66 -33.51
CA SER A 219 -51.06 -17.12 -32.10
C SER A 219 -50.17 -18.38 -31.94
N TRP A 220 -49.28 -18.41 -30.95
CA TRP A 220 -48.59 -19.66 -30.53
C TRP A 220 -49.61 -20.69 -30.01
N PRO A 221 -49.25 -22.00 -30.06
CA PRO A 221 -50.10 -23.06 -29.52
C PRO A 221 -49.85 -23.34 -28.04
N ILE A 222 -50.79 -24.05 -27.43
CA ILE A 222 -50.61 -24.47 -26.01
C ILE A 222 -49.78 -25.75 -25.95
N TYR A 223 -49.60 -26.44 -27.10
CA TYR A 223 -48.88 -27.74 -27.21
C TYR A 223 -47.42 -27.48 -27.63
N GLU A 224 -46.47 -28.17 -27.00
CA GLU A 224 -45.02 -28.16 -27.30
C GLU A 224 -44.67 -29.58 -27.73
N PRO A 225 -43.88 -29.80 -28.81
CA PRO A 225 -43.50 -31.16 -29.16
C PRO A 225 -42.48 -31.75 -28.18
N ILE A 226 -42.57 -33.05 -27.86
CA ILE A 226 -41.57 -33.75 -27.00
C ILE A 226 -40.27 -33.94 -27.83
N ASP A 227 -40.39 -34.40 -29.09
CA ASP A 227 -39.23 -34.48 -30.03
C ASP A 227 -39.46 -33.51 -31.20
N GLY A 228 -38.90 -32.30 -31.19
CA GLY A 228 -39.21 -31.25 -32.20
C GLY A 228 -38.62 -31.55 -33.58
N THR A 229 -37.53 -32.32 -33.59
CA THR A 229 -36.96 -33.13 -34.70
C THR A 229 -38.03 -33.91 -35.48
N LYS A 230 -39.12 -34.35 -34.85
CA LYS A 230 -40.21 -35.13 -35.50
C LYS A 230 -41.57 -34.41 -35.42
N GLN A 231 -41.91 -33.84 -34.26
CA GLN A 231 -43.33 -33.63 -33.82
C GLN A 231 -43.79 -32.18 -34.00
N GLY A 232 -42.95 -31.23 -34.31
CA GLY A 232 -43.56 -29.91 -34.46
C GLY A 232 -44.08 -29.72 -35.88
N LYS A 233 -44.72 -28.59 -36.18
CA LYS A 233 -44.87 -28.09 -37.58
C LYS A 233 -43.94 -26.88 -37.84
N GLY A 234 -43.09 -26.47 -36.89
CA GLY A 234 -42.27 -25.26 -37.01
C GLY A 234 -43.12 -24.06 -37.45
N LYS A 235 -42.74 -23.41 -38.55
CA LYS A 235 -43.40 -22.22 -39.15
C LYS A 235 -44.53 -22.61 -40.08
N ASP A 236 -44.79 -23.90 -40.23
CA ASP A 236 -45.89 -24.46 -41.06
C ASP A 236 -47.22 -24.23 -40.34
N SER A 237 -47.50 -22.97 -39.95
CA SER A 237 -48.83 -22.38 -39.63
C SER A 237 -49.97 -23.22 -40.23
N SER A 238 -50.08 -23.20 -41.56
CA SER A 238 -51.22 -23.76 -42.31
C SER A 238 -51.34 -25.27 -42.04
N GLY A 239 -50.19 -25.97 -42.03
CA GLY A 239 -50.07 -27.41 -41.74
C GLY A 239 -50.46 -27.74 -40.32
N TRP A 240 -50.03 -26.93 -39.35
CA TRP A 240 -50.40 -27.14 -37.93
C TRP A 240 -51.92 -27.29 -37.81
N SER A 241 -52.69 -26.36 -38.40
CA SER A 241 -54.11 -26.11 -38.02
C SER A 241 -55.06 -27.04 -38.77
N SER A 242 -54.62 -27.65 -39.87
CA SER A 242 -55.48 -28.55 -40.67
C SER A 242 -55.10 -30.02 -40.44
N THR A 243 -53.83 -30.30 -40.09
CA THR A 243 -53.33 -31.66 -39.71
C THR A 243 -53.02 -31.69 -38.21
N GLU A 244 -51.84 -31.18 -37.82
CA GLU A 244 -51.11 -31.72 -36.66
C GLU A 244 -51.71 -31.19 -35.36
N GLU A 245 -52.61 -30.20 -35.40
CA GLU A 245 -53.19 -29.59 -34.17
C GLU A 245 -54.19 -30.55 -33.52
N ASN A 246 -54.90 -31.38 -34.30
CA ASN A 246 -55.93 -32.34 -33.81
C ASN A 246 -55.23 -33.50 -33.08
N GLU A 247 -54.05 -33.87 -33.61
CA GLU A 247 -53.14 -34.92 -33.07
C GLU A 247 -52.68 -34.49 -31.68
N ALA A 248 -51.96 -33.36 -31.62
CA ALA A 248 -51.55 -32.68 -30.37
C ALA A 248 -52.71 -32.66 -29.38
N LYS A 249 -53.88 -32.18 -29.81
CA LYS A 249 -55.09 -32.03 -28.93
C LYS A 249 -55.50 -33.43 -28.40
N ASN A 250 -55.61 -34.45 -29.27
CA ASN A 250 -56.09 -35.80 -28.83
C ASN A 250 -55.04 -36.46 -27.91
N ASP A 251 -53.75 -36.31 -28.23
CA ASP A 251 -52.58 -36.79 -27.42
C ASP A 251 -52.45 -36.09 -26.05
N ALA A 252 -52.75 -34.78 -25.97
CA ALA A 252 -52.42 -33.90 -24.81
C ALA A 252 -53.60 -33.00 -24.43
N PRO A 253 -54.79 -33.57 -24.14
CA PRO A 253 -55.98 -32.77 -23.93
C PRO A 253 -55.88 -31.94 -22.66
N SER A 254 -56.26 -30.66 -22.68
CA SER A 254 -56.31 -29.83 -21.44
C SER A 254 -57.05 -30.62 -20.35
N VAL A 255 -56.67 -30.48 -19.08
CA VAL A 255 -57.42 -31.10 -17.95
C VAL A 255 -58.89 -30.64 -18.03
N SER A 256 -59.81 -31.35 -17.38
CA SER A 256 -61.25 -31.02 -17.27
C SER A 256 -61.89 -31.95 -16.22
N GLY A 257 -61.84 -31.55 -14.94
CA GLY A 257 -62.10 -32.42 -13.77
C GLY A 257 -63.55 -32.36 -13.29
N SER A 261 -60.42 -36.06 -17.79
CA SER A 261 -60.01 -36.37 -19.19
C SER A 261 -58.82 -37.34 -19.21
N SER A 262 -57.61 -36.81 -18.94
CA SER A 262 -56.31 -37.53 -18.85
C SER A 262 -56.00 -38.28 -20.16
N GLY A 263 -54.83 -38.05 -20.74
CA GLY A 263 -54.34 -38.68 -21.97
C GLY A 263 -52.88 -39.08 -21.84
N THR A 264 -52.24 -39.38 -22.98
CA THR A 264 -51.01 -40.21 -23.06
C THR A 264 -49.73 -39.37 -23.13
N PHE A 265 -49.78 -38.16 -23.69
CA PHE A 265 -48.60 -37.26 -23.78
C PHE A 265 -47.40 -38.05 -24.31
N ASN A 266 -47.58 -38.67 -25.47
CA ASN A 266 -46.57 -39.51 -26.17
C ASN A 266 -45.71 -38.62 -27.06
N LYS A 267 -46.31 -37.56 -27.61
CA LYS A 267 -45.72 -36.76 -28.72
C LYS A 267 -45.70 -35.27 -28.39
N TYR A 268 -46.52 -34.80 -27.43
CA TYR A 268 -46.74 -33.36 -27.12
C TYR A 268 -47.05 -33.11 -25.64
N LEU A 269 -46.28 -32.23 -25.00
CA LEU A 269 -46.67 -31.63 -23.72
C LEU A 269 -47.77 -30.61 -24.00
N ASN A 270 -48.60 -30.34 -22.98
CA ASN A 270 -49.62 -29.27 -22.97
C ASN A 270 -49.27 -28.35 -21.80
N THR A 271 -48.73 -27.17 -22.11
CA THR A 271 -48.08 -26.22 -21.18
C THR A 271 -48.98 -24.99 -20.95
N LYS A 272 -50.27 -25.05 -21.25
CA LYS A 272 -51.20 -23.89 -21.12
C LYS A 272 -51.03 -23.17 -19.77
N GLN A 273 -51.04 -23.89 -18.65
CA GLN A 273 -50.99 -23.25 -17.31
C GLN A 273 -49.59 -22.70 -17.10
N ALA A 274 -48.54 -23.42 -17.50
CA ALA A 274 -47.13 -22.95 -17.44
C ALA A 274 -47.00 -21.64 -18.23
N LEU A 275 -47.66 -21.56 -19.39
CA LEU A 275 -47.85 -20.35 -20.27
C LEU A 275 -48.54 -19.18 -19.52
N GLU A 276 -49.74 -19.39 -18.95
CA GLU A 276 -50.44 -18.36 -18.11
C GLU A 276 -49.47 -17.82 -17.05
N SER A 277 -48.78 -18.72 -16.36
CA SER A 277 -47.76 -18.47 -15.31
C SER A 277 -46.74 -17.43 -15.76
N ILE A 278 -46.16 -17.58 -16.94
CA ILE A 278 -45.08 -16.65 -17.41
C ILE A 278 -45.66 -15.40 -18.07
N GLY A 279 -46.95 -15.11 -17.95
CA GLY A 279 -47.58 -13.89 -18.47
C GLY A 279 -48.11 -13.98 -19.89
N ILE A 280 -48.27 -15.18 -20.49
CA ILE A 280 -49.06 -15.34 -21.76
C ILE A 280 -50.56 -15.17 -21.47
N LEU A 281 -51.25 -14.35 -22.28
CA LEU A 281 -52.70 -14.01 -22.17
C LEU A 281 -53.54 -14.80 -23.17
N PHE A 282 -54.85 -14.91 -22.92
CA PHE A 282 -55.78 -15.94 -23.44
C PHE A 282 -57.19 -15.37 -23.55
N ASP A 283 -57.81 -15.59 -24.71
CA ASP A 283 -59.29 -15.63 -24.92
C ASP A 283 -59.68 -17.11 -24.83
N ASP A 284 -60.22 -17.52 -23.68
CA ASP A 284 -60.54 -18.93 -23.32
C ASP A 284 -59.24 -19.76 -23.38
N GLN A 285 -59.16 -20.77 -24.26
CA GLN A 285 -58.06 -21.78 -24.35
C GLN A 285 -57.01 -21.38 -25.40
N THR A 286 -57.23 -20.31 -26.19
CA THR A 286 -56.31 -19.83 -27.26
C THR A 286 -55.48 -18.66 -26.75
N PRO A 287 -54.12 -18.69 -26.82
CA PRO A 287 -53.32 -17.50 -26.54
C PRO A 287 -53.65 -16.40 -27.56
N ARG A 288 -53.49 -15.14 -27.15
CA ARG A 288 -53.63 -13.95 -28.03
C ARG A 288 -52.41 -13.91 -28.94
N ASN A 289 -52.46 -13.02 -29.93
CA ASN A 289 -51.42 -12.88 -30.96
C ASN A 289 -50.06 -12.56 -30.31
N VAL A 290 -48.99 -12.77 -31.06
CA VAL A 290 -47.57 -12.65 -30.65
C VAL A 290 -47.26 -11.20 -30.24
N ILE A 291 -47.70 -10.25 -31.06
CA ILE A 291 -47.48 -8.81 -30.87
C ILE A 291 -48.04 -8.42 -29.49
N THR A 292 -49.17 -9.02 -29.10
CA THR A 292 -49.82 -8.77 -27.78
C THR A 292 -48.94 -9.33 -26.68
N GLN A 293 -48.51 -10.57 -26.81
CA GLN A 293 -47.64 -11.19 -25.78
C GLN A 293 -46.33 -10.41 -25.78
N LEU A 294 -45.86 -9.92 -26.91
CA LEU A 294 -44.62 -9.08 -26.94
C LEU A 294 -44.82 -7.81 -26.11
N TYR A 295 -45.91 -7.06 -26.35
CA TYR A 295 -46.21 -5.81 -25.62
C TYR A 295 -46.35 -6.11 -24.11
N TYR A 296 -47.20 -7.06 -23.75
CA TYR A 296 -47.52 -7.42 -22.34
C TYR A 296 -46.23 -7.79 -21.62
N ALA A 297 -45.29 -8.51 -22.24
CA ALA A 297 -44.01 -8.89 -21.59
C ALA A 297 -43.12 -7.65 -21.53
N SER A 298 -43.13 -6.86 -22.61
CA SER A 298 -42.25 -5.67 -22.78
C SER A 298 -42.42 -4.72 -21.58
N THR A 299 -43.62 -4.64 -20.95
CA THR A 299 -43.91 -3.69 -19.84
C THR A 299 -43.85 -4.46 -18.52
N SER A 300 -42.68 -4.97 -18.14
CA SER A 300 -42.57 -5.88 -16.96
C SER A 300 -41.71 -5.26 -15.85
N LYS A 301 -40.63 -4.51 -16.16
CA LYS A 301 -39.65 -3.98 -15.18
C LYS A 301 -39.45 -2.47 -15.34
N LEU A 302 -39.13 -1.77 -14.26
CA LEU A 302 -38.94 -0.28 -14.34
C LEU A 302 -37.73 0.18 -13.52
N ALA A 303 -37.26 1.37 -13.84
CA ALA A 303 -36.16 2.03 -13.11
C ALA A 303 -36.37 3.52 -13.31
N VAL A 304 -35.90 4.33 -12.35
CA VAL A 304 -36.21 5.79 -12.24
C VAL A 304 -34.91 6.54 -11.89
N THR A 305 -34.65 7.59 -12.67
CA THR A 305 -33.51 8.54 -12.48
C THR A 305 -34.13 9.93 -12.26
N ASN A 306 -33.31 10.94 -11.95
CA ASN A 306 -33.81 12.33 -11.84
C ASN A 306 -34.61 12.68 -13.11
N ASN A 307 -34.15 12.29 -14.30
CA ASN A 307 -34.76 12.73 -15.58
C ASN A 307 -35.71 11.69 -16.19
N HIS A 308 -35.51 10.39 -15.93
CA HIS A 308 -36.23 9.36 -16.72
C HIS A 308 -36.87 8.24 -15.90
N ILE A 309 -37.92 7.70 -16.52
CA ILE A 309 -38.46 6.34 -16.31
C ILE A 309 -38.11 5.50 -17.54
N VAL A 310 -37.39 4.41 -17.31
CA VAL A 310 -37.12 3.34 -18.31
C VAL A 310 -37.88 2.06 -17.94
N VAL A 311 -38.50 1.46 -18.95
CA VAL A 311 -39.37 0.25 -18.88
C VAL A 311 -38.90 -0.78 -19.92
N MET A 312 -38.62 -1.97 -19.43
CA MET A 312 -38.08 -3.12 -20.16
C MET A 312 -38.91 -4.38 -19.86
N GLY A 313 -38.64 -5.45 -20.60
CA GLY A 313 -39.43 -6.70 -20.62
C GLY A 313 -38.89 -7.69 -19.62
N ASN A 314 -39.55 -8.84 -19.54
CA ASN A 314 -39.25 -9.87 -18.54
C ASN A 314 -38.20 -10.85 -19.12
N SER A 315 -37.83 -11.89 -18.38
CA SER A 315 -36.77 -12.90 -18.69
C SER A 315 -37.38 -14.05 -19.48
N PHE A 316 -38.72 -14.03 -19.59
CA PHE A 316 -39.57 -15.10 -20.18
C PHE A 316 -39.70 -14.96 -21.70
N LEU A 317 -40.24 -13.88 -22.28
CA LEU A 317 -40.28 -13.62 -23.75
C LEU A 317 -39.12 -12.70 -24.13
N PRO A 318 -38.61 -12.82 -25.39
CA PRO A 318 -37.82 -11.75 -25.98
C PRO A 318 -38.67 -10.48 -26.01
N SER A 319 -38.02 -9.34 -25.82
CA SER A 319 -38.56 -7.97 -25.95
C SER A 319 -37.85 -7.32 -27.12
N MET A 320 -38.61 -6.55 -27.90
CA MET A 320 -38.05 -5.92 -29.14
C MET A 320 -38.05 -4.40 -28.94
N TRP A 321 -38.51 -3.91 -27.81
CA TRP A 321 -38.50 -2.45 -27.59
C TRP A 321 -38.49 -2.17 -26.11
N TYR A 322 -37.97 -1.01 -25.74
CA TYR A 322 -37.95 -0.46 -24.38
C TYR A 322 -38.36 1.02 -24.43
N TRP A 323 -38.82 1.53 -23.29
CA TRP A 323 -39.31 2.90 -23.11
C TRP A 323 -38.27 3.73 -22.36
N VAL A 324 -37.94 4.90 -22.92
CA VAL A 324 -37.40 6.07 -22.18
C VAL A 324 -38.49 7.14 -22.18
N VAL A 325 -39.14 7.23 -21.03
CA VAL A 325 -40.08 8.31 -20.65
C VAL A 325 -39.27 9.42 -19.98
N GLU A 326 -39.41 10.62 -20.52
CA GLU A 326 -38.98 11.90 -19.92
C GLU A 326 -39.95 12.24 -18.78
N ARG A 327 -39.48 12.24 -17.52
CA ARG A 327 -40.33 12.57 -16.35
C ARG A 327 -40.97 13.95 -16.52
N SER A 328 -40.44 14.81 -17.40
CA SER A 328 -41.05 16.11 -17.72
C SER A 328 -42.32 15.92 -18.56
N ALA A 329 -42.53 14.76 -19.20
CA ALA A 329 -43.63 14.49 -20.16
C ALA A 329 -44.97 15.06 -19.68
N GLN A 330 -45.59 15.94 -20.47
CA GLN A 330 -46.96 16.51 -20.26
C GLN A 330 -47.95 15.39 -19.89
N GLU A 331 -49.05 15.78 -19.24
CA GLU A 331 -49.82 14.94 -18.29
C GLU A 331 -50.48 13.77 -19.03
N ASN A 332 -50.84 13.97 -20.29
CA ASN A 332 -51.82 13.16 -21.05
C ASN A 332 -51.20 12.77 -22.42
N ALA A 333 -49.88 12.53 -22.44
CA ALA A 333 -49.05 12.30 -23.63
C ALA A 333 -49.01 10.80 -23.96
N SER A 334 -48.29 10.38 -25.01
CA SER A 334 -48.13 8.94 -25.33
C SER A 334 -46.65 8.63 -25.53
N ASN A 335 -45.97 8.15 -24.48
CA ASN A 335 -44.50 7.97 -24.51
C ASN A 335 -44.20 6.77 -25.42
N LYS A 336 -43.15 6.92 -26.24
CA LYS A 336 -42.87 6.01 -27.37
C LYS A 336 -41.67 5.13 -27.01
N PRO A 337 -41.77 3.85 -27.40
CA PRO A 337 -40.68 2.90 -27.20
C PRO A 337 -39.66 3.01 -28.34
N THR A 338 -38.40 2.78 -28.00
CA THR A 338 -37.21 2.69 -28.87
C THR A 338 -37.04 1.21 -29.20
N TRP A 339 -36.89 0.85 -30.48
CA TRP A 339 -36.54 -0.52 -30.97
C TRP A 339 -35.08 -0.85 -30.62
N PHE A 340 -34.81 -2.11 -30.27
CA PHE A 340 -33.45 -2.64 -30.02
C PHE A 340 -32.72 -2.79 -31.35
N ALA A 341 -33.47 -3.02 -32.43
CA ALA A 341 -32.93 -3.07 -33.82
C ALA A 341 -32.37 -1.70 -34.19
N ASN A 342 -32.80 -0.63 -33.50
CA ASN A 342 -32.28 0.74 -33.71
C ASN A 342 -31.29 1.11 -32.60
N THR A 343 -30.93 0.16 -31.70
CA THR A 343 -30.04 0.44 -30.55
C THR A 343 -28.72 -0.30 -30.71
N ASN A 344 -27.70 0.31 -31.32
CA ASN A 344 -26.34 -0.28 -31.38
C ASN A 344 -25.81 -0.39 -29.96
N LEU A 345 -25.33 -1.56 -29.56
CA LEU A 345 -24.47 -1.80 -28.38
C LEU A 345 -23.00 -1.96 -28.81
N ASP A 346 -22.06 -1.65 -27.91
CA ASP A 346 -20.67 -2.17 -27.98
C ASP A 346 -20.68 -3.58 -27.36
N TRP A 347 -20.44 -4.60 -28.17
CA TRP A 347 -20.29 -6.02 -27.81
C TRP A 347 -18.84 -6.34 -27.40
N GLY A 348 -17.96 -5.35 -27.21
CA GLY A 348 -16.60 -5.56 -26.67
C GLY A 348 -15.51 -5.26 -27.69
N GLU A 349 -15.82 -5.52 -28.97
CA GLU A 349 -14.98 -5.39 -30.18
C GLU A 349 -15.93 -5.37 -31.39
N ASP A 350 -15.58 -4.72 -32.51
CA ASP A 350 -16.52 -4.54 -33.66
C ASP A 350 -16.90 -5.90 -34.23
N LYS A 351 -15.91 -6.80 -34.25
CA LYS A 351 -16.05 -8.18 -34.80
C LYS A 351 -17.26 -8.84 -34.13
N GLN A 352 -17.33 -8.78 -32.80
CA GLN A 352 -18.40 -9.44 -32.01
C GLN A 352 -19.76 -8.88 -32.49
N LYS A 353 -19.82 -7.61 -32.87
CA LYS A 353 -21.06 -7.05 -33.47
C LYS A 353 -21.32 -7.73 -34.81
N GLN A 354 -20.28 -7.79 -35.64
CA GLN A 354 -20.38 -8.32 -37.04
C GLN A 354 -20.90 -9.76 -37.00
N PHE A 355 -20.43 -10.54 -36.01
CA PHE A 355 -20.77 -11.98 -35.89
C PHE A 355 -22.28 -12.11 -35.81
N VAL A 356 -22.86 -11.31 -34.94
CA VAL A 356 -24.30 -11.27 -34.62
C VAL A 356 -25.06 -10.73 -35.83
N GLU A 357 -24.55 -9.69 -36.48
CA GLU A 357 -25.26 -8.98 -37.57
C GLU A 357 -25.18 -9.80 -38.86
N ASN A 358 -24.04 -10.43 -39.10
CA ASN A 358 -23.85 -11.32 -40.28
C ASN A 358 -24.92 -12.42 -40.22
N GLN A 359 -25.13 -13.01 -39.05
CA GLN A 359 -26.05 -14.17 -38.96
C GLN A 359 -27.51 -13.70 -38.86
N LEU A 360 -27.81 -12.39 -38.73
CA LEU A 360 -29.20 -11.88 -38.67
C LEU A 360 -29.95 -12.17 -39.99
N GLY A 361 -29.27 -12.01 -41.14
CA GLY A 361 -29.76 -12.41 -42.49
C GLY A 361 -28.80 -12.06 -43.63
N TYR A 362 -29.22 -12.33 -44.88
CA TYR A 362 -28.51 -12.01 -46.15
C TYR A 362 -28.67 -10.52 -46.50
N LYS A 363 -27.57 -9.76 -46.58
CA LYS A 363 -27.51 -8.37 -47.15
C LYS A 363 -27.19 -8.42 -48.65
N GLU A 364 -27.86 -7.61 -49.50
CA GLU A 364 -27.50 -7.50 -50.97
C GLU A 364 -28.16 -6.27 -51.61
N THR A 365 -27.45 -5.60 -52.52
CA THR A 365 -28.02 -4.57 -53.41
C THR A 365 -28.73 -5.28 -54.57
N THR A 366 -28.39 -6.56 -54.80
CA THR A 366 -28.79 -7.33 -56.00
C THR A 366 -30.17 -7.98 -55.81
N SER A 367 -30.62 -8.26 -54.58
CA SER A 367 -31.90 -9.01 -54.34
C SER A 367 -33.09 -8.05 -54.12
N THR A 368 -34.28 -8.64 -54.15
CA THR A 368 -35.62 -8.06 -54.46
C THR A 368 -36.61 -8.60 -53.44
N ASN A 369 -37.21 -7.75 -52.61
CA ASN A 369 -38.30 -8.22 -51.70
C ASN A 369 -37.74 -9.14 -50.61
N SER A 370 -36.43 -9.46 -50.62
CA SER A 370 -35.72 -10.36 -49.64
C SER A 370 -35.29 -9.60 -48.38
N HIS A 371 -36.23 -9.15 -47.54
CA HIS A 371 -35.98 -8.19 -46.42
C HIS A 371 -35.86 -8.88 -45.05
N ASN A 372 -34.78 -8.54 -44.34
CA ASN A 372 -34.48 -8.99 -42.95
C ASN A 372 -33.78 -7.86 -42.19
N PHE A 373 -33.58 -8.00 -40.87
CA PHE A 373 -32.98 -6.94 -40.02
C PHE A 373 -31.61 -6.55 -40.60
N HIS A 374 -30.85 -7.53 -41.08
CA HIS A 374 -29.48 -7.28 -41.63
C HIS A 374 -29.56 -6.55 -42.96
N SER A 375 -30.46 -6.97 -43.86
CA SER A 375 -30.60 -6.40 -45.24
C SER A 375 -31.09 -4.94 -45.18
N LYS A 376 -31.71 -4.52 -44.08
CA LYS A 376 -32.24 -3.14 -43.94
C LYS A 376 -31.42 -2.39 -42.89
N SER A 377 -30.25 -2.93 -42.51
CA SER A 377 -29.17 -2.24 -41.76
C SER A 377 -29.64 -1.93 -40.32
N PHE A 378 -30.46 -2.82 -39.77
CA PHE A 378 -30.77 -2.91 -38.30
C PHE A 378 -29.73 -3.81 -37.65
N THR A 379 -29.67 -3.76 -36.34
CA THR A 379 -28.77 -4.58 -35.49
C THR A 379 -29.62 -5.57 -34.67
N GLN A 380 -28.99 -6.31 -33.74
CA GLN A 380 -29.63 -7.37 -32.90
C GLN A 380 -31.01 -6.89 -32.47
N PRO A 381 -32.12 -7.55 -32.89
CA PRO A 381 -33.45 -6.99 -32.68
C PRO A 381 -34.15 -7.32 -31.36
N ALA A 382 -33.64 -8.25 -30.55
CA ALA A 382 -34.42 -8.79 -29.41
C ALA A 382 -33.52 -9.29 -28.27
N TYR A 383 -33.85 -8.92 -27.05
CA TYR A 383 -33.14 -9.42 -25.83
C TYR A 383 -34.12 -10.14 -24.91
N LEU A 384 -33.62 -11.13 -24.20
CA LEU A 384 -34.30 -11.71 -22.99
C LEU A 384 -33.72 -10.97 -21.79
N ILE A 385 -34.42 -9.94 -21.34
CA ILE A 385 -33.86 -8.93 -20.39
C ILE A 385 -33.95 -9.49 -18.96
N SER A 386 -32.84 -9.35 -18.23
CA SER A 386 -32.69 -9.86 -16.85
C SER A 386 -33.50 -8.98 -15.89
N GLY A 387 -33.59 -7.71 -16.24
CA GLY A 387 -34.16 -6.65 -15.40
C GLY A 387 -33.38 -5.35 -15.53
N ILE A 388 -33.66 -4.37 -14.67
CA ILE A 388 -33.15 -3.00 -14.93
C ILE A 388 -33.13 -2.27 -13.60
N ASP A 389 -32.11 -1.44 -13.37
CA ASP A 389 -31.98 -0.65 -12.11
C ASP A 389 -31.34 0.72 -12.39
N SER A 390 -31.34 1.62 -11.40
CA SER A 390 -30.68 2.95 -11.45
C SER A 390 -29.69 3.05 -10.29
N VAL A 391 -28.50 3.59 -10.52
CA VAL A 391 -27.52 4.03 -9.50
C VAL A 391 -27.08 5.42 -9.91
N ASN A 392 -27.10 6.39 -9.00
CA ASN A 392 -26.75 7.79 -9.36
C ASN A 392 -27.71 8.14 -10.51
N ASP A 393 -27.28 8.61 -11.67
CA ASP A 393 -28.31 8.91 -12.69
C ASP A 393 -28.08 7.98 -13.88
N GLN A 394 -27.91 6.71 -13.56
CA GLN A 394 -27.46 5.71 -14.55
C GLN A 394 -28.44 4.54 -14.51
N ILE A 395 -28.82 4.04 -15.68
CA ILE A 395 -29.61 2.81 -15.88
C ILE A 395 -28.59 1.71 -16.12
N ILE A 396 -28.59 0.68 -15.27
CA ILE A 396 -27.92 -0.61 -15.57
C ILE A 396 -29.00 -1.58 -16.08
N PHE A 397 -28.68 -2.28 -17.17
CA PHE A 397 -29.40 -3.47 -17.64
C PHE A 397 -28.40 -4.58 -17.95
N SER A 398 -28.95 -5.76 -18.18
CA SER A 398 -28.26 -6.99 -18.61
C SER A 398 -29.33 -7.89 -19.24
N GLY A 399 -28.88 -8.95 -19.90
CA GLY A 399 -29.77 -10.00 -20.42
C GLY A 399 -29.08 -10.90 -21.42
N PHE A 400 -29.85 -11.75 -22.09
CA PHE A 400 -29.34 -12.70 -23.09
C PHE A 400 -29.76 -12.19 -24.46
N LYS A 401 -28.81 -12.16 -25.38
CA LYS A 401 -29.07 -12.06 -26.84
C LYS A 401 -30.05 -13.18 -27.19
N ALA A 402 -31.28 -12.79 -27.55
CA ALA A 402 -32.27 -13.69 -28.16
C ALA A 402 -31.82 -14.03 -29.58
N GLY A 403 -31.58 -15.30 -29.86
CA GLY A 403 -31.25 -15.78 -31.21
C GLY A 403 -32.11 -15.10 -32.26
N SER A 404 -31.45 -14.45 -33.22
CA SER A 404 -32.08 -14.01 -34.47
C SER A 404 -31.19 -14.36 -35.68
N VAL A 405 -31.85 -15.04 -36.63
CA VAL A 405 -31.25 -15.48 -37.90
C VAL A 405 -32.26 -15.25 -39.05
N GLY A 406 -31.71 -15.20 -40.28
CA GLY A 406 -32.44 -15.30 -41.54
C GLY A 406 -33.02 -16.69 -41.73
N TYR A 407 -34.07 -16.76 -42.56
CA TYR A 407 -34.72 -18.03 -42.99
C TYR A 407 -35.29 -17.84 -44.40
N ASP A 408 -35.09 -18.85 -45.25
CA ASP A 408 -35.54 -18.89 -46.66
C ASP A 408 -37.06 -19.17 -46.67
N SER A 409 -37.88 -18.13 -46.88
CA SER A 409 -39.36 -18.23 -47.02
C SER A 409 -39.74 -18.39 -48.50
N SER A 410 -38.78 -18.71 -49.37
CA SER A 410 -38.97 -18.95 -50.82
C SER A 410 -40.12 -19.92 -51.11
N SER A 411 -40.65 -19.82 -52.33
CA SER A 411 -41.77 -20.63 -52.89
C SER A 411 -41.44 -21.07 -54.33
N SER A 412 -41.67 -22.35 -54.67
CA SER A 412 -41.69 -22.88 -56.06
C SER A 412 -41.86 -24.40 -56.06
N SER A 418 -36.12 -24.04 -57.31
CA SER A 418 -36.11 -25.36 -56.61
C SER A 418 -35.35 -25.21 -55.27
N SER A 419 -35.35 -23.99 -54.71
CA SER A 419 -34.52 -23.47 -53.58
C SER A 419 -34.16 -24.61 -52.60
N SER A 420 -32.86 -24.89 -52.44
CA SER A 420 -32.33 -26.04 -51.66
C SER A 420 -32.58 -25.83 -50.16
N THR A 421 -32.42 -24.59 -49.67
CA THR A 421 -32.61 -24.21 -48.24
C THR A 421 -34.05 -23.77 -47.98
N LYS A 422 -35.03 -24.21 -48.75
CA LYS A 422 -36.43 -23.73 -48.61
C LYS A 422 -36.91 -24.10 -47.21
N ASP A 423 -37.73 -23.24 -46.59
CA ASP A 423 -38.32 -23.51 -45.25
C ASP A 423 -37.21 -23.77 -44.21
N GLN A 424 -35.96 -23.37 -44.50
CA GLN A 424 -34.80 -23.62 -43.59
C GLN A 424 -34.33 -22.29 -42.99
N ALA A 425 -34.03 -22.33 -41.70
CA ALA A 425 -33.30 -21.27 -40.97
C ALA A 425 -31.82 -21.36 -41.38
N LEU A 426 -31.17 -20.20 -41.43
CA LEU A 426 -29.75 -20.07 -41.88
C LEU A 426 -28.92 -19.63 -40.66
N ALA A 427 -28.31 -20.63 -40.03
CA ALA A 427 -27.62 -20.53 -38.74
C ALA A 427 -26.42 -21.47 -38.74
N TRP A 428 -25.37 -21.10 -38.01
CA TRP A 428 -24.12 -21.88 -37.90
C TRP A 428 -23.41 -21.55 -36.57
N SER A 429 -22.78 -22.56 -35.97
CA SER A 429 -21.76 -22.38 -34.91
C SER A 429 -20.78 -21.30 -35.35
N THR A 430 -20.35 -20.48 -34.42
CA THR A 430 -19.41 -19.37 -34.64
C THR A 430 -18.29 -19.55 -33.62
N THR A 431 -18.02 -20.79 -33.24
CA THR A 431 -17.15 -21.11 -32.09
C THR A 431 -15.72 -21.06 -32.59
N THR A 432 -14.85 -20.39 -31.82
CA THR A 432 -13.41 -20.10 -32.11
C THR A 432 -12.67 -21.41 -32.40
N SER A 433 -11.83 -21.45 -33.44
CA SER A 433 -11.04 -22.63 -33.86
C SER A 433 -10.07 -23.05 -32.74
N LEU A 434 -9.48 -24.26 -32.84
CA LEU A 434 -8.49 -24.79 -31.89
C LEU A 434 -7.16 -24.02 -31.92
N ASP A 435 -6.64 -23.72 -33.12
CA ASP A 435 -5.33 -23.05 -33.29
C ASP A 435 -5.31 -21.59 -32.84
N SER A 436 -6.46 -21.03 -32.45
CA SER A 436 -6.57 -19.62 -32.11
C SER A 436 -5.52 -19.28 -31.06
N LYS A 437 -4.68 -18.28 -31.36
CA LYS A 437 -3.81 -17.68 -30.35
C LYS A 437 -4.70 -17.35 -29.15
N THR A 438 -4.28 -17.75 -27.96
CA THR A 438 -5.14 -17.70 -26.77
C THR A 438 -5.22 -16.26 -26.25
N GLY A 439 -5.75 -16.01 -25.04
CA GLY A 439 -5.97 -14.62 -24.57
C GLY A 439 -7.28 -14.08 -25.14
N TYR A 440 -8.12 -13.42 -24.32
CA TYR A 440 -9.57 -13.21 -24.59
C TYR A 440 -9.75 -12.51 -25.94
N LYS A 441 -9.13 -11.33 -26.11
CA LYS A 441 -9.20 -10.43 -27.29
C LYS A 441 -9.12 -11.23 -28.59
N ASP A 442 -8.07 -12.04 -28.68
CA ASP A 442 -7.83 -12.95 -29.83
C ASP A 442 -9.04 -13.86 -29.98
N LEU A 443 -9.54 -14.44 -28.87
CA LEU A 443 -10.57 -15.51 -28.91
C LEU A 443 -11.84 -14.96 -29.56
N VAL A 444 -12.25 -13.78 -29.10
CA VAL A 444 -13.56 -13.18 -29.49
C VAL A 444 -13.40 -12.41 -30.81
N THR A 445 -12.17 -12.10 -31.26
CA THR A 445 -11.94 -11.48 -32.60
C THR A 445 -11.40 -12.51 -33.62
N ASN A 446 -11.42 -13.80 -33.30
CA ASN A 446 -11.00 -14.85 -34.25
C ASN A 446 -11.96 -14.81 -35.43
N ASP A 447 -11.44 -14.91 -36.66
CA ASP A 447 -12.21 -14.74 -37.92
C ASP A 447 -13.11 -15.98 -38.15
N THR A 448 -13.08 -17.00 -37.26
CA THR A 448 -13.74 -18.32 -37.44
C THR A 448 -15.28 -18.19 -37.44
N GLY A 449 -15.92 -18.61 -38.53
CA GLY A 449 -17.38 -18.62 -38.72
C GLY A 449 -17.98 -17.24 -38.98
N LEU A 450 -17.19 -16.23 -39.38
CA LEU A 450 -17.59 -14.79 -39.35
C LEU A 450 -18.73 -14.53 -40.35
N ASN A 451 -18.65 -15.06 -41.57
CA ASN A 451 -19.59 -14.71 -42.67
C ASN A 451 -20.43 -15.96 -43.08
N GLY A 452 -20.11 -17.13 -42.51
CA GLY A 452 -20.82 -18.39 -42.84
C GLY A 452 -20.30 -19.62 -42.09
N PRO A 453 -20.98 -20.78 -42.29
CA PRO A 453 -20.57 -22.07 -41.73
C PRO A 453 -19.09 -22.45 -41.90
N ILE A 454 -18.54 -23.14 -40.89
CA ILE A 454 -17.14 -23.60 -40.78
C ILE A 454 -17.03 -24.79 -39.82
N ASN A 455 -18.06 -25.06 -38.99
CA ASN A 455 -18.00 -25.99 -37.85
C ASN A 455 -18.97 -27.19 -38.04
N GLY A 456 -18.57 -28.36 -37.59
CA GLY A 456 -19.28 -29.62 -37.78
C GLY A 456 -18.61 -30.74 -37.01
N SER A 457 -17.84 -31.59 -37.70
CA SER A 457 -17.05 -32.69 -37.09
C SER A 457 -15.74 -32.92 -37.83
N PHE A 458 -14.65 -33.09 -37.07
CA PHE A 458 -13.27 -33.21 -37.55
C PHE A 458 -12.53 -34.30 -36.80
N SER A 459 -11.97 -35.26 -37.53
CA SER A 459 -11.12 -36.33 -37.01
C SER A 459 -9.72 -36.21 -37.62
N ILE A 460 -8.98 -35.22 -37.13
CA ILE A 460 -7.52 -35.10 -37.26
C ILE A 460 -6.87 -36.29 -36.59
N GLN A 461 -5.87 -36.92 -37.24
CA GLN A 461 -5.07 -38.05 -36.71
C GLN A 461 -5.96 -39.12 -36.05
N ASP A 462 -6.30 -39.00 -34.76
CA ASP A 462 -7.31 -39.76 -34.00
C ASP A 462 -7.86 -38.95 -32.81
N THR A 463 -8.04 -37.63 -32.97
CA THR A 463 -8.44 -36.69 -31.90
C THR A 463 -9.68 -35.89 -32.31
N PHE A 464 -10.89 -36.42 -32.05
CA PHE A 464 -12.16 -35.83 -32.51
C PHE A 464 -12.34 -34.38 -32.01
N SER A 465 -12.90 -33.51 -32.84
CA SER A 465 -13.29 -32.16 -32.49
C SER A 465 -14.45 -31.68 -33.37
N PHE A 466 -15.38 -30.89 -32.82
CA PHE A 466 -16.44 -30.25 -33.61
C PHE A 466 -16.02 -28.92 -34.26
N VAL A 467 -15.01 -28.29 -33.67
CA VAL A 467 -14.51 -26.92 -33.99
C VAL A 467 -13.36 -27.08 -34.99
N VAL A 468 -13.26 -26.18 -35.97
CA VAL A 468 -12.19 -26.20 -37.02
C VAL A 468 -10.86 -26.18 -36.30
N PRO A 469 -9.90 -27.05 -36.69
CA PRO A 469 -8.61 -27.15 -36.02
C PRO A 469 -7.70 -25.93 -36.25
N TYR A 470 -7.97 -25.15 -37.30
CA TYR A 470 -7.18 -23.99 -37.70
C TYR A 470 -8.02 -22.90 -38.38
N SER A 471 -7.66 -21.64 -38.19
CA SER A 471 -8.32 -20.45 -38.81
C SER A 471 -7.32 -19.32 -39.02
N THR A 479 -0.64 -24.34 -47.22
CA THR A 479 -1.60 -23.19 -47.15
C THR A 479 -1.47 -22.38 -48.45
N THR A 480 -2.56 -22.24 -49.22
CA THR A 480 -2.66 -21.50 -50.51
C THR A 480 -2.85 -20.00 -50.23
N GLY A 481 -3.65 -19.70 -49.20
CA GLY A 481 -3.91 -18.38 -48.59
C GLY A 481 -4.80 -18.53 -47.36
N PRO A 482 -5.51 -17.48 -46.88
CA PRO A 482 -6.32 -17.58 -45.68
C PRO A 482 -7.73 -18.11 -45.95
N ILE A 483 -8.34 -18.74 -44.92
CA ILE A 483 -9.66 -19.45 -44.96
C ILE A 483 -10.78 -18.42 -45.16
N LYS A 484 -11.68 -18.67 -46.12
CA LYS A 484 -12.84 -17.79 -46.43
C LYS A 484 -14.14 -18.49 -45.97
N THR A 485 -15.00 -17.74 -45.27
CA THR A 485 -16.39 -18.14 -44.94
C THR A 485 -17.36 -17.25 -45.74
N ALA A 486 -18.50 -17.82 -46.12
CA ALA A 486 -19.55 -17.20 -46.95
C ALA A 486 -20.93 -17.60 -46.41
N TYR A 487 -21.92 -16.71 -46.61
CA TYR A 487 -23.35 -16.87 -46.26
C TYR A 487 -24.03 -17.88 -47.19
N PRO A 488 -24.68 -18.93 -46.63
CA PRO A 488 -25.17 -20.05 -47.42
C PRO A 488 -26.45 -19.68 -48.20
N VAL A 489 -26.29 -18.80 -49.18
CA VAL A 489 -27.25 -18.53 -50.28
C VAL A 489 -26.43 -18.57 -51.57
N LYS A 490 -26.59 -19.61 -52.39
CA LYS A 490 -25.80 -19.87 -53.63
C LYS A 490 -25.87 -18.66 -54.56
N LYS A 491 -24.73 -18.23 -55.12
CA LYS A 491 -24.57 -17.08 -56.06
C LYS A 491 -25.69 -17.00 -57.12
N ASP A 492 -26.20 -18.12 -57.65
CA ASP A 492 -27.22 -18.20 -58.74
C ASP A 492 -28.57 -17.64 -58.30
N GLN A 493 -28.99 -18.03 -57.10
CA GLN A 493 -30.32 -17.70 -56.53
C GLN A 493 -30.21 -16.35 -55.78
N LYS A 494 -29.05 -15.69 -55.77
CA LYS A 494 -28.78 -14.42 -55.00
C LYS A 494 -29.83 -13.33 -55.31
N SER A 495 -30.32 -13.27 -56.56
CA SER A 495 -31.32 -12.29 -57.05
C SER A 495 -32.74 -12.72 -56.62
N THR A 496 -33.08 -14.01 -56.82
CA THR A 496 -34.47 -14.54 -56.75
C THR A 496 -34.82 -15.03 -55.33
N VAL A 497 -33.91 -14.97 -54.34
CA VAL A 497 -34.08 -15.68 -53.03
C VAL A 497 -34.84 -14.75 -52.07
N LYS A 498 -35.51 -15.34 -51.07
CA LYS A 498 -36.33 -14.61 -50.07
C LYS A 498 -35.86 -14.95 -48.64
N ILE A 499 -34.90 -14.20 -48.10
CA ILE A 499 -34.38 -14.45 -46.73
C ILE A 499 -34.98 -13.42 -45.78
N ASN A 500 -35.86 -13.92 -44.92
CA ASN A 500 -36.62 -13.12 -43.91
C ASN A 500 -36.07 -13.43 -42.51
N SER A 501 -36.38 -12.56 -41.56
CA SER A 501 -35.81 -12.63 -40.18
C SER A 501 -36.76 -13.44 -39.28
N LEU A 502 -36.20 -14.25 -38.37
CA LEU A 502 -36.94 -14.83 -37.22
C LEU A 502 -36.25 -14.52 -35.89
N ILE A 503 -36.99 -14.72 -34.80
CA ILE A 503 -36.47 -14.62 -33.39
C ILE A 503 -36.84 -15.90 -32.64
N ASN A 504 -35.85 -16.46 -31.94
CA ASN A 504 -35.97 -17.65 -31.05
C ASN A 504 -36.55 -17.25 -29.65
N ALA A 505 -36.85 -18.24 -28.83
CA ALA A 505 -37.52 -18.10 -27.52
C ALA A 505 -36.45 -18.13 -26.43
N THR A 506 -35.19 -18.22 -26.89
CA THR A 506 -33.99 -18.58 -26.09
C THR A 506 -32.76 -17.90 -26.66
N PRO A 507 -31.60 -18.00 -25.94
CA PRO A 507 -30.33 -17.45 -26.38
C PRO A 507 -29.51 -18.23 -27.43
N LEU A 508 -30.00 -19.38 -27.91
CA LEU A 508 -29.39 -20.16 -29.03
C LEU A 508 -29.86 -19.58 -30.37
N ASN A 509 -28.90 -19.29 -31.25
CA ASN A 509 -29.10 -19.02 -32.70
C ASN A 509 -29.48 -20.33 -33.36
N SER A 510 -28.69 -21.36 -33.06
CA SER A 510 -28.61 -22.61 -33.86
C SER A 510 -29.23 -23.80 -33.10
N TYR A 511 -30.38 -24.32 -33.60
CA TYR A 511 -31.16 -25.45 -33.02
C TYR A 511 -30.81 -26.79 -33.70
N GLY A 512 -29.89 -26.76 -34.65
CA GLY A 512 -29.56 -27.95 -35.44
C GLY A 512 -29.11 -29.12 -34.59
N ASP A 513 -29.74 -30.27 -34.79
CA ASP A 513 -29.56 -31.47 -33.94
C ASP A 513 -28.23 -32.17 -34.27
N GLU A 514 -27.12 -31.43 -34.27
CA GLU A 514 -25.74 -32.00 -34.35
C GLU A 514 -24.98 -31.69 -33.04
N GLY A 515 -23.95 -32.50 -32.76
CA GLY A 515 -23.07 -32.47 -31.58
C GLY A 515 -22.46 -31.12 -31.27
N ILE A 516 -22.19 -30.26 -32.26
CA ILE A 516 -21.58 -28.92 -32.03
C ILE A 516 -22.58 -28.05 -31.27
N GLY A 517 -23.87 -28.15 -31.62
CA GLY A 517 -24.97 -27.46 -30.92
C GLY A 517 -24.96 -27.72 -29.42
N VAL A 518 -24.85 -28.99 -28.98
CA VAL A 518 -24.80 -29.33 -27.53
C VAL A 518 -23.58 -28.63 -26.92
N PHE A 519 -22.40 -28.85 -27.51
CA PHE A 519 -21.12 -28.33 -26.99
C PHE A 519 -21.17 -26.80 -26.93
N ASP A 520 -21.77 -26.15 -27.94
CA ASP A 520 -21.92 -24.68 -27.99
C ASP A 520 -22.75 -24.28 -26.76
N ALA A 521 -23.86 -24.98 -26.51
CA ALA A 521 -24.89 -24.57 -25.51
C ALA A 521 -24.36 -24.86 -24.10
N LEU A 522 -23.50 -25.85 -23.93
CA LEU A 522 -23.07 -26.35 -22.60
C LEU A 522 -21.66 -25.86 -22.24
N GLY A 523 -20.94 -25.20 -23.14
CA GLY A 523 -19.63 -24.63 -22.81
C GLY A 523 -18.54 -25.69 -22.81
N LEU A 524 -18.59 -26.61 -23.78
CA LEU A 524 -17.80 -27.87 -23.75
C LEU A 524 -16.74 -27.93 -24.85
N ASN A 525 -16.64 -26.94 -25.75
CA ASN A 525 -15.56 -26.85 -26.78
C ASN A 525 -14.30 -26.34 -26.06
N TYR A 526 -13.17 -27.04 -26.15
CA TYR A 526 -11.90 -26.69 -25.51
C TYR A 526 -10.73 -26.86 -26.50
N ASN A 527 -9.74 -25.96 -26.44
CA ASN A 527 -8.48 -26.15 -27.15
C ASN A 527 -7.63 -27.28 -26.52
N PHE A 528 -6.60 -27.73 -27.23
CA PHE A 528 -5.67 -28.78 -26.78
C PHE A 528 -4.26 -28.25 -26.43
N LYS A 529 -4.10 -26.95 -26.16
CA LYS A 529 -2.84 -26.34 -25.73
C LYS A 529 -2.56 -26.58 -24.24
N SER A 530 -1.38 -26.14 -23.80
CA SER A 530 -0.90 -26.17 -22.41
C SER A 530 -1.69 -25.24 -21.44
N ASN A 531 -2.98 -25.00 -21.68
CA ASN A 531 -3.87 -24.32 -20.70
C ASN A 531 -5.33 -24.79 -20.85
N GLN A 532 -5.77 -25.22 -22.04
CA GLN A 532 -7.16 -25.62 -22.32
C GLN A 532 -8.17 -24.51 -22.01
N GLU A 533 -7.95 -23.29 -22.48
CA GLU A 533 -8.94 -22.19 -22.34
C GLU A 533 -10.13 -22.52 -23.25
N ARG A 534 -11.35 -22.29 -22.76
CA ARG A 534 -12.59 -22.80 -23.42
C ARG A 534 -12.89 -21.89 -24.61
N LEU A 535 -13.25 -22.50 -25.74
CA LEU A 535 -13.50 -21.80 -27.02
C LEU A 535 -14.92 -21.23 -27.06
N PRO A 536 -15.07 -19.89 -27.05
CA PRO A 536 -16.37 -19.23 -27.06
C PRO A 536 -17.10 -19.25 -28.40
N SER A 537 -18.44 -19.23 -28.38
CA SER A 537 -19.28 -18.77 -29.53
C SER A 537 -19.46 -17.27 -29.39
N ARG A 538 -19.88 -16.58 -30.46
CA ARG A 538 -20.26 -15.15 -30.39
C ARG A 538 -21.69 -14.96 -30.92
N THR A 539 -22.41 -16.06 -31.19
CA THR A 539 -23.84 -16.03 -31.59
C THR A 539 -24.76 -16.85 -30.67
N ASP A 540 -24.26 -17.84 -29.95
CA ASP A 540 -25.11 -18.74 -29.13
C ASP A 540 -24.81 -18.46 -27.66
N GLN A 541 -25.83 -18.15 -26.88
CA GLN A 541 -25.65 -18.12 -25.40
C GLN A 541 -24.90 -16.81 -25.08
N ILE A 542 -25.21 -15.72 -25.79
CA ILE A 542 -24.48 -14.43 -25.62
C ILE A 542 -25.17 -13.53 -24.60
N PHE A 543 -24.54 -13.32 -23.44
CA PHE A 543 -25.00 -12.37 -22.40
C PHE A 543 -24.48 -10.98 -22.73
N VAL A 544 -25.29 -9.99 -22.36
CA VAL A 544 -25.21 -8.56 -22.75
C VAL A 544 -25.55 -7.74 -21.50
N TYR A 545 -24.71 -6.78 -21.13
CA TYR A 545 -24.97 -5.85 -20.03
C TYR A 545 -24.43 -4.49 -20.42
N GLY A 546 -24.87 -3.46 -19.71
CA GLY A 546 -24.22 -2.13 -19.83
C GLY A 546 -24.65 -1.19 -18.74
N ILE A 547 -24.09 0.01 -18.77
CA ILE A 547 -24.54 1.18 -17.95
C ILE A 547 -24.87 2.30 -18.95
N VAL A 548 -26.08 2.86 -18.87
CA VAL A 548 -26.60 3.77 -19.92
C VAL A 548 -26.71 5.19 -19.33
N SER A 549 -26.02 6.18 -19.92
CA SER A 549 -25.98 7.57 -19.38
C SER A 549 -27.27 8.31 -19.72
N PRO A 550 -27.59 9.45 -19.08
CA PRO A 550 -28.83 10.18 -19.40
C PRO A 550 -28.89 10.77 -20.83
N ASN A 551 -27.74 11.14 -21.40
CA ASN A 551 -27.65 11.53 -22.84
C ASN A 551 -28.02 10.35 -23.73
N GLU A 552 -27.69 9.12 -23.32
CA GLU A 552 -27.88 7.89 -24.13
C GLU A 552 -29.37 7.58 -24.19
N LEU A 553 -30.02 7.71 -23.04
CA LEU A 553 -31.50 7.59 -22.87
C LEU A 553 -32.15 8.71 -23.67
N ARG A 554 -31.44 9.82 -23.84
CA ARG A 554 -31.98 10.99 -24.59
C ARG A 554 -32.02 10.62 -26.07
N SER A 555 -30.98 9.96 -26.63
CA SER A 555 -31.01 9.51 -28.07
C SER A 555 -32.17 8.54 -28.25
N ALA A 556 -32.30 7.59 -27.31
CA ALA A 556 -33.28 6.50 -27.42
C ALA A 556 -34.66 7.13 -27.57
N LYS A 557 -34.95 8.15 -26.76
CA LYS A 557 -36.24 8.87 -26.82
C LYS A 557 -36.36 9.51 -28.22
N SER A 558 -35.23 10.02 -28.72
CA SER A 558 -35.08 10.61 -30.07
C SER A 558 -35.34 9.52 -31.13
N SER A 559 -34.80 8.31 -30.99
CA SER A 559 -35.06 7.21 -31.95
C SER A 559 -36.56 6.94 -32.01
N ALA A 560 -37.18 6.85 -30.84
CA ALA A 560 -38.61 6.51 -30.64
C ALA A 560 -39.54 7.64 -31.15
N ASP A 561 -39.08 8.89 -31.27
CA ASP A 561 -39.97 10.00 -31.71
C ASP A 561 -39.73 10.35 -33.20
N SER A 562 -38.54 10.00 -33.71
CA SER A 562 -38.11 10.08 -35.14
C SER A 562 -39.31 10.16 -36.07
N THR A 563 -39.44 11.26 -36.82
CA THR A 563 -40.36 11.36 -37.97
C THR A 563 -39.87 10.38 -39.03
N GLY A 564 -40.79 9.72 -39.73
CA GLY A 564 -40.52 9.12 -41.05
C GLY A 564 -39.62 7.89 -40.98
N SER A 565 -38.29 8.08 -40.92
CA SER A 565 -37.26 7.02 -41.04
C SER A 565 -36.75 6.59 -39.65
N ASP A 566 -36.02 5.47 -39.58
CA ASP A 566 -35.45 4.95 -38.30
C ASP A 566 -34.16 5.71 -37.99
N THR A 567 -34.20 6.53 -36.92
CA THR A 567 -33.08 7.17 -36.20
C THR A 567 -32.39 6.10 -35.35
N LYS A 568 -31.06 6.19 -35.13
CA LYS A 568 -30.32 5.14 -34.38
C LYS A 568 -29.68 5.73 -33.11
N VAL A 569 -29.43 4.84 -32.14
CA VAL A 569 -28.81 5.13 -30.83
C VAL A 569 -27.58 4.26 -30.66
N ASN A 570 -26.49 4.86 -30.21
CA ASN A 570 -25.27 4.13 -29.79
C ASN A 570 -25.28 4.07 -28.27
N TRP A 571 -25.28 2.90 -27.65
CA TRP A 571 -24.98 2.77 -26.20
C TRP A 571 -23.54 2.26 -26.10
N SER A 572 -22.57 3.12 -25.76
CA SER A 572 -21.12 2.81 -25.82
C SER A 572 -20.58 2.33 -24.48
N ASN A 573 -21.42 2.10 -23.45
CA ASN A 573 -20.95 1.61 -22.13
C ASN A 573 -21.52 0.21 -21.90
N THR A 574 -21.42 -0.65 -22.91
CA THR A 574 -22.01 -2.01 -22.90
C THR A 574 -20.90 -3.01 -23.17
N GLN A 575 -21.15 -4.28 -22.88
CA GLN A 575 -20.30 -5.45 -23.24
C GLN A 575 -21.18 -6.67 -23.55
N SER A 576 -20.61 -7.72 -24.13
CA SER A 576 -21.25 -9.04 -24.32
C SER A 576 -20.32 -10.10 -23.72
N ARG A 577 -20.84 -11.29 -23.48
CA ARG A 577 -20.04 -12.43 -22.96
C ARG A 577 -20.77 -13.73 -23.28
N TYR A 578 -20.06 -14.65 -23.89
CA TYR A 578 -20.42 -16.09 -23.96
C TYR A 578 -20.66 -16.61 -22.55
N LEU A 579 -21.91 -16.98 -22.24
CA LEU A 579 -22.34 -17.49 -20.92
C LEU A 579 -23.20 -18.73 -21.13
N PRO A 580 -22.58 -19.91 -21.38
CA PRO A 580 -23.36 -21.15 -21.49
C PRO A 580 -23.99 -21.62 -20.17
N VAL A 581 -24.98 -22.51 -20.29
CA VAL A 581 -25.58 -23.28 -19.16
C VAL A 581 -24.52 -24.29 -18.78
N PRO A 582 -24.42 -24.70 -17.50
CA PRO A 582 -23.35 -25.57 -17.03
C PRO A 582 -23.52 -27.00 -17.57
N TYR A 583 -22.43 -27.63 -17.97
CA TYR A 583 -22.48 -28.99 -18.50
C TYR A 583 -22.90 -30.03 -17.44
N ASN A 584 -22.60 -29.79 -16.16
CA ASN A 584 -23.02 -30.67 -15.06
C ASN A 584 -24.53 -30.57 -14.75
N TYR A 585 -25.30 -29.74 -15.46
CA TYR A 585 -26.79 -29.77 -15.41
C TYR A 585 -27.32 -30.77 -16.47
N SER A 586 -26.44 -31.58 -17.07
CA SER A 586 -26.73 -32.71 -17.96
C SER A 586 -25.94 -33.97 -17.56
N GLU A 587 -26.30 -35.10 -18.16
CA GLU A 587 -25.68 -36.41 -17.93
C GLU A 587 -25.17 -37.04 -19.23
N GLY A 588 -24.22 -37.99 -19.11
CA GLY A 588 -24.00 -39.05 -20.11
C GLY A 588 -23.56 -38.58 -21.50
N ILE A 589 -22.86 -37.44 -21.59
CA ILE A 589 -22.36 -36.85 -22.86
C ILE A 589 -21.15 -37.68 -23.33
N ILE A 590 -21.10 -38.07 -24.62
CA ILE A 590 -20.07 -38.96 -25.19
C ILE A 590 -18.80 -38.20 -25.59
N ASP A 591 -17.66 -38.85 -25.39
CA ASP A 591 -16.29 -38.43 -25.74
C ASP A 591 -15.30 -39.59 -25.40
N ALA A 592 -14.00 -39.39 -25.62
CA ALA A 592 -12.93 -40.37 -25.32
C ALA A 592 -13.21 -41.77 -25.89
N SER A 604 -22.65 -42.16 -33.10
CA SER A 604 -23.57 -41.80 -32.03
C SER A 604 -22.98 -40.74 -31.09
N VAL A 605 -22.67 -39.57 -31.65
CA VAL A 605 -22.38 -38.36 -30.87
C VAL A 605 -23.68 -37.82 -30.24
N THR A 606 -23.67 -37.33 -28.99
CA THR A 606 -24.94 -36.88 -28.35
C THR A 606 -25.35 -35.50 -28.89
N THR A 607 -26.61 -35.38 -29.26
CA THR A 607 -27.22 -34.15 -29.83
C THR A 607 -28.40 -33.72 -28.97
N PHE A 608 -29.14 -32.68 -29.35
CA PHE A 608 -30.18 -32.03 -28.51
C PHE A 608 -31.33 -33.03 -28.30
N SER A 609 -31.70 -33.78 -29.34
CA SER A 609 -32.85 -34.73 -29.32
C SER A 609 -32.59 -35.90 -28.35
N GLY A 610 -31.33 -36.08 -27.91
CA GLY A 610 -30.89 -37.19 -27.03
C GLY A 610 -30.16 -36.72 -25.79
N LEU A 611 -29.80 -35.44 -25.70
CA LEU A 611 -29.12 -34.92 -24.48
C LEU A 611 -30.07 -35.12 -23.29
N LYS A 612 -29.51 -35.62 -22.19
CA LYS A 612 -30.13 -35.99 -20.92
C LYS A 612 -30.05 -34.82 -19.94
N SER A 613 -31.17 -34.27 -19.49
CA SER A 613 -31.19 -33.23 -18.45
C SER A 613 -31.24 -33.83 -17.05
N ILE A 614 -30.44 -33.29 -16.14
CA ILE A 614 -30.57 -33.49 -14.69
C ILE A 614 -30.78 -32.14 -13.99
N ALA A 615 -31.37 -31.19 -14.70
CA ALA A 615 -31.40 -29.78 -14.32
C ALA A 615 -32.14 -29.59 -12.98
N PRO A 616 -31.43 -29.12 -11.94
CA PRO A 616 -32.01 -28.94 -10.62
C PRO A 616 -32.79 -27.64 -10.46
N ASP A 617 -32.74 -26.71 -11.43
CA ASP A 617 -33.16 -25.32 -11.14
C ASP A 617 -34.54 -25.02 -11.71
N GLY A 618 -35.39 -26.04 -11.84
CA GLY A 618 -36.84 -25.87 -12.09
C GLY A 618 -37.18 -25.88 -13.57
N PHE A 619 -36.15 -26.07 -14.41
CA PHE A 619 -36.31 -26.23 -15.87
C PHE A 619 -36.11 -27.68 -16.31
N ALA A 620 -37.01 -28.20 -17.15
CA ALA A 620 -36.83 -29.49 -17.83
C ALA A 620 -35.52 -29.44 -18.63
N ASN A 621 -35.41 -28.45 -19.52
CA ASN A 621 -34.29 -28.31 -20.48
C ASN A 621 -33.00 -28.01 -19.72
N SER A 622 -31.83 -28.41 -20.27
CA SER A 622 -30.48 -28.15 -19.71
C SER A 622 -29.54 -27.56 -20.78
N ILE A 623 -30.09 -26.72 -21.68
CA ILE A 623 -29.39 -26.12 -22.87
C ILE A 623 -29.64 -24.61 -23.04
N ALA A 624 -30.76 -24.04 -22.59
CA ALA A 624 -31.09 -22.62 -22.81
C ALA A 624 -30.83 -21.81 -21.52
N ASN A 625 -29.91 -20.86 -21.53
CA ASN A 625 -29.58 -20.10 -20.31
C ASN A 625 -30.74 -19.17 -20.05
N PHE A 626 -30.81 -18.69 -18.81
CA PHE A 626 -31.87 -17.81 -18.27
C PHE A 626 -31.19 -16.88 -17.28
N SER A 627 -31.81 -15.77 -17.00
CA SER A 627 -31.26 -14.81 -16.04
C SER A 627 -32.43 -14.03 -15.46
N VAL A 628 -32.30 -13.53 -14.24
CA VAL A 628 -33.45 -12.86 -13.56
C VAL A 628 -32.91 -11.95 -12.45
N GLY A 629 -33.67 -10.91 -12.11
CA GLY A 629 -33.44 -10.00 -10.97
C GLY A 629 -32.09 -9.30 -10.99
N LEU A 630 -31.82 -8.54 -12.03
CA LEU A 630 -30.66 -7.64 -12.01
C LEU A 630 -30.99 -6.60 -10.94
N LYS A 631 -30.02 -6.25 -10.11
CA LYS A 631 -30.14 -5.24 -9.03
C LYS A 631 -28.77 -4.63 -8.79
N ALA A 632 -28.71 -3.31 -8.63
CA ALA A 632 -27.49 -2.54 -8.35
C ALA A 632 -27.44 -2.18 -6.88
N GLY A 633 -26.25 -1.76 -6.42
CA GLY A 633 -26.08 -1.29 -5.04
C GLY A 633 -24.76 -0.61 -4.81
N ILE A 634 -24.78 0.47 -4.01
CA ILE A 634 -23.58 1.22 -3.55
C ILE A 634 -22.90 0.41 -2.44
N ASP A 635 -21.61 0.12 -2.61
CA ASP A 635 -20.76 -0.47 -1.55
C ASP A 635 -20.85 0.50 -0.37
N PRO A 636 -21.14 0.05 0.86
CA PRO A 636 -20.95 0.93 2.02
C PRO A 636 -19.49 1.06 2.49
N ASN A 637 -18.58 0.30 1.88
CA ASN A 637 -17.19 0.22 2.38
C ASN A 637 -16.49 1.47 1.91
N PRO A 638 -15.96 2.30 2.81
CA PRO A 638 -15.30 3.53 2.42
C PRO A 638 -14.28 3.31 1.29
N VAL A 639 -14.19 4.30 0.43
CA VAL A 639 -13.18 4.40 -0.67
C VAL A 639 -12.23 5.55 -0.28
N MET A 640 -10.99 5.57 -0.76
CA MET A 640 -10.00 6.65 -0.44
C MET A 640 -10.58 8.03 -0.83
N SER A 641 -10.45 9.04 0.04
CA SER A 641 -11.01 10.41 -0.14
C SER A 641 -10.59 11.00 -1.49
N GLY A 642 -11.47 11.78 -2.12
CA GLY A 642 -11.26 12.32 -3.48
C GLY A 642 -11.54 11.31 -4.57
N LYS A 643 -12.00 10.11 -4.21
CA LYS A 643 -12.59 9.08 -5.11
C LYS A 643 -14.07 8.93 -4.75
N LYS A 644 -14.94 8.58 -5.70
CA LYS A 644 -16.40 8.52 -5.44
C LYS A 644 -16.76 7.09 -5.05
N ALA A 645 -17.79 6.95 -4.22
CA ALA A 645 -18.39 5.69 -3.74
C ALA A 645 -18.50 4.67 -4.89
N ASN A 646 -18.17 3.40 -4.60
CA ASN A 646 -18.22 2.23 -5.52
C ASN A 646 -19.66 1.74 -5.63
N TYR A 647 -20.01 1.18 -6.78
CA TYR A 647 -21.32 0.52 -6.95
C TYR A 647 -21.12 -0.65 -7.90
N GLY A 648 -21.90 -1.70 -7.65
CA GLY A 648 -22.01 -2.81 -8.62
C GLY A 648 -23.45 -3.16 -8.91
N ALA A 649 -23.62 -4.21 -9.69
CA ALA A 649 -24.88 -4.95 -9.77
C ALA A 649 -24.59 -6.45 -9.80
N VAL A 650 -25.65 -7.22 -9.57
CA VAL A 650 -25.63 -8.70 -9.68
C VAL A 650 -26.94 -9.13 -10.35
N VAL A 651 -26.90 -10.34 -10.89
CA VAL A 651 -28.03 -10.95 -11.64
C VAL A 651 -27.81 -12.47 -11.55
N LEU A 652 -28.90 -13.21 -11.43
CA LEU A 652 -28.83 -14.68 -11.37
C LEU A 652 -28.99 -15.22 -12.79
N THR A 653 -28.15 -16.18 -13.15
CA THR A 653 -28.22 -17.00 -14.37
C THR A 653 -28.14 -18.47 -13.95
N ARG A 654 -28.49 -19.39 -14.85
CA ARG A 654 -28.55 -20.82 -14.53
C ARG A 654 -27.15 -21.25 -14.10
N GLY A 655 -26.96 -21.63 -12.83
CA GLY A 655 -25.71 -22.25 -12.36
C GLY A 655 -24.77 -21.27 -11.67
N GLY A 656 -25.14 -19.99 -11.55
CA GLY A 656 -24.22 -18.98 -10.99
C GLY A 656 -24.80 -17.57 -10.90
N VAL A 657 -24.18 -16.75 -10.03
CA VAL A 657 -24.41 -15.29 -9.94
C VAL A 657 -23.40 -14.55 -10.84
N VAL A 658 -23.85 -13.50 -11.53
CA VAL A 658 -22.88 -12.62 -12.23
C VAL A 658 -22.83 -11.27 -11.52
N ARG A 659 -21.58 -10.82 -11.37
CA ARG A 659 -21.16 -9.49 -10.89
C ARG A 659 -20.90 -8.63 -12.14
N LEU A 660 -21.63 -7.51 -12.29
CA LEU A 660 -21.23 -6.36 -13.15
C LEU A 660 -20.46 -5.36 -12.25
N ASN A 661 -19.32 -4.90 -12.73
CA ASN A 661 -18.44 -3.91 -12.05
C ASN A 661 -18.34 -2.61 -12.84
N PHE A 662 -18.34 -1.49 -12.13
CA PHE A 662 -18.36 -0.12 -12.68
C PHE A 662 -17.19 0.66 -12.10
N ASN A 663 -16.80 1.74 -12.79
CA ASN A 663 -15.86 2.77 -12.31
C ASN A 663 -16.69 4.00 -11.97
N PRO A 664 -16.86 4.34 -10.67
CA PRO A 664 -17.78 5.41 -10.33
C PRO A 664 -17.22 6.73 -10.90
N GLY A 665 -15.91 6.79 -11.15
CA GLY A 665 -15.23 8.02 -11.59
C GLY A 665 -15.96 8.70 -12.75
N ASN A 666 -16.20 7.98 -13.85
CA ASN A 666 -16.76 8.48 -15.13
C ASN A 666 -17.97 7.60 -15.53
N ASP A 667 -18.50 6.85 -14.56
CA ASP A 667 -19.66 5.92 -14.72
C ASP A 667 -19.47 5.06 -15.96
N SER A 668 -18.34 4.33 -16.01
CA SER A 668 -17.93 3.38 -17.08
C SER A 668 -17.88 1.94 -16.54
N LEU A 669 -18.00 0.93 -17.40
CA LEU A 669 -17.53 -0.43 -17.11
C LEU A 669 -16.07 -0.36 -16.68
N LEU A 670 -15.73 -1.07 -15.61
CA LEU A 670 -14.33 -1.39 -15.22
C LEU A 670 -13.67 -2.05 -16.43
N SER A 671 -12.56 -1.46 -16.88
CA SER A 671 -11.61 -2.12 -17.79
C SER A 671 -10.24 -2.14 -17.11
N THR A 672 -9.31 -2.88 -17.72
CA THR A 672 -7.85 -2.90 -17.38
C THR A 672 -7.08 -2.83 -18.69
N THR A 673 -5.77 -2.59 -18.66
CA THR A 673 -4.97 -2.24 -19.87
C THR A 673 -4.86 -3.45 -20.79
N ASP A 674 -4.57 -4.63 -20.24
CA ASP A 674 -4.31 -5.88 -21.01
C ASP A 674 -5.60 -6.31 -21.69
N ASN A 675 -5.53 -6.80 -22.92
CA ASN A 675 -6.68 -7.37 -23.67
C ASN A 675 -6.64 -8.90 -23.55
N ASN A 676 -5.53 -9.45 -23.02
CA ASN A 676 -5.34 -10.89 -22.67
C ASN A 676 -6.38 -11.28 -21.59
N ILE A 677 -6.30 -10.73 -20.37
CA ILE A 677 -7.39 -10.84 -19.35
C ILE A 677 -8.67 -10.32 -20.00
N ALA A 678 -9.82 -10.86 -19.58
CA ALA A 678 -11.13 -10.68 -20.25
C ALA A 678 -11.89 -9.53 -19.58
N PRO A 679 -12.84 -8.88 -20.30
CA PRO A 679 -13.42 -7.63 -19.84
C PRO A 679 -13.83 -7.79 -18.38
N ILE A 680 -13.22 -6.95 -17.55
CA ILE A 680 -13.12 -7.03 -16.07
C ILE A 680 -14.40 -6.42 -15.49
N SER A 681 -15.36 -6.08 -16.37
CA SER A 681 -16.70 -5.60 -16.00
C SER A 681 -17.59 -6.75 -15.55
N PHE A 682 -17.21 -8.01 -15.83
CA PHE A 682 -18.01 -9.25 -15.63
C PHE A 682 -17.18 -10.31 -14.90
N SER A 683 -17.84 -11.00 -13.98
CA SER A 683 -17.35 -12.11 -13.13
C SER A 683 -18.54 -13.06 -12.90
N PHE A 684 -18.30 -14.38 -12.99
CA PHE A 684 -19.28 -15.48 -12.84
C PHE A 684 -18.80 -16.35 -11.68
N THR A 685 -19.64 -16.51 -10.65
CA THR A 685 -19.34 -17.38 -9.47
C THR A 685 -20.38 -18.50 -9.49
N PRO A 686 -19.97 -19.77 -9.68
CA PRO A 686 -20.92 -20.86 -9.82
C PRO A 686 -21.60 -21.16 -8.48
N PHE A 687 -22.91 -21.39 -8.54
CA PHE A 687 -23.76 -21.98 -7.47
C PHE A 687 -23.21 -23.32 -6.96
N THR A 688 -23.40 -23.60 -5.67
CA THR A 688 -23.29 -24.96 -5.13
C THR A 688 -24.61 -25.72 -5.31
N ALA A 689 -24.67 -26.99 -4.92
CA ALA A 689 -25.90 -27.79 -4.91
C ALA A 689 -27.11 -27.04 -4.31
N ALA A 690 -26.92 -26.37 -3.16
CA ALA A 690 -27.99 -25.66 -2.46
C ALA A 690 -28.60 -24.51 -3.28
N GLU A 691 -27.80 -23.75 -4.04
CA GLU A 691 -28.35 -22.59 -4.80
C GLU A 691 -28.90 -23.15 -6.11
N SER A 692 -28.24 -24.15 -6.67
CA SER A 692 -28.70 -24.84 -7.91
C SER A 692 -30.10 -25.45 -7.71
N ALA A 693 -30.43 -25.91 -6.50
CA ALA A 693 -31.71 -26.54 -6.19
C ALA A 693 -32.89 -25.56 -6.23
N VAL A 694 -32.64 -24.25 -6.05
CA VAL A 694 -33.71 -23.21 -6.08
C VAL A 694 -34.31 -23.14 -7.49
N ASP A 695 -35.63 -23.07 -7.56
CA ASP A 695 -36.38 -22.96 -8.82
C ASP A 695 -36.38 -21.50 -9.22
N LEU A 696 -35.57 -21.13 -10.22
CA LEU A 696 -35.33 -19.76 -10.70
C LEU A 696 -36.59 -19.21 -11.34
N THR A 697 -37.55 -20.05 -11.75
CA THR A 697 -38.80 -19.54 -12.38
C THR A 697 -39.76 -19.02 -11.32
N THR A 698 -39.42 -19.22 -10.03
CA THR A 698 -40.22 -18.73 -8.86
C THR A 698 -39.67 -17.41 -8.30
N PHE A 699 -38.65 -16.80 -8.92
CA PHE A 699 -38.11 -15.49 -8.46
C PHE A 699 -39.27 -14.54 -8.18
N LYS A 700 -39.32 -13.88 -7.02
CA LYS A 700 -40.44 -12.92 -6.74
C LYS A 700 -39.95 -11.49 -6.77
N GLU A 701 -38.73 -11.23 -6.33
CA GLU A 701 -38.29 -9.88 -5.93
C GLU A 701 -36.85 -9.97 -5.42
N VAL A 702 -36.09 -8.89 -5.57
CA VAL A 702 -34.70 -8.77 -5.09
C VAL A 702 -34.56 -7.40 -4.45
N THR A 703 -34.07 -7.34 -3.22
CA THR A 703 -33.79 -6.08 -2.49
C THR A 703 -32.29 -5.99 -2.30
N TYR A 704 -31.82 -4.75 -2.18
CA TYR A 704 -30.44 -4.48 -1.76
C TYR A 704 -30.53 -3.65 -0.53
N ASN A 705 -29.65 -3.88 0.44
CA ASN A 705 -29.59 -3.10 1.68
C ASN A 705 -28.23 -2.39 1.73
N GLN A 706 -28.22 -1.06 1.86
CA GLN A 706 -26.95 -0.31 1.71
C GLN A 706 -26.08 -0.47 2.96
N GLU A 707 -26.66 -0.75 4.13
CA GLU A 707 -25.84 -0.88 5.36
C GLU A 707 -25.03 -2.19 5.26
N SER A 708 -25.70 -3.31 4.94
CA SER A 708 -25.05 -4.65 4.89
C SER A 708 -24.23 -4.79 3.61
N GLY A 709 -24.55 -4.05 2.55
CA GLY A 709 -23.86 -4.23 1.25
C GLY A 709 -24.17 -5.59 0.62
N LEU A 710 -25.42 -6.07 0.84
CA LEU A 710 -25.93 -7.43 0.59
C LEU A 710 -27.25 -7.36 -0.19
N TRP A 711 -27.41 -8.24 -1.19
CA TRP A 711 -28.64 -8.43 -2.04
C TRP A 711 -29.45 -9.63 -1.52
N SER A 712 -30.77 -9.51 -1.43
CA SER A 712 -31.64 -10.61 -0.98
C SER A 712 -32.51 -11.04 -2.16
N TYR A 713 -32.44 -12.29 -2.58
CA TYR A 713 -33.27 -12.78 -3.72
C TYR A 713 -34.32 -13.67 -3.09
N ILE A 714 -35.58 -13.30 -3.26
CA ILE A 714 -36.78 -13.99 -2.70
C ILE A 714 -37.41 -14.83 -3.80
N PHE A 715 -37.52 -16.14 -3.57
CA PHE A 715 -38.27 -17.11 -4.40
C PHE A 715 -39.53 -17.56 -3.65
N ASP A 716 -40.68 -17.43 -4.29
CA ASP A 716 -42.01 -17.80 -3.77
C ASP A 716 -42.60 -18.95 -4.65
N SER A 717 -42.77 -20.15 -4.09
CA SER A 717 -43.20 -21.34 -4.86
C SER A 717 -44.69 -21.28 -5.19
N SER A 718 -45.40 -20.29 -4.67
CA SER A 718 -46.82 -20.05 -5.07
C SER A 718 -46.87 -19.58 -6.54
N LEU A 719 -45.75 -19.19 -7.10
CA LEU A 719 -45.68 -18.73 -8.50
C LEU A 719 -45.66 -19.94 -9.46
N LYS A 720 -45.41 -21.18 -8.99
CA LYS A 720 -45.32 -22.36 -9.89
C LYS A 720 -46.68 -22.46 -10.58
N PRO A 721 -46.78 -22.97 -11.83
CA PRO A 721 -48.08 -23.16 -12.48
C PRO A 721 -48.92 -24.24 -11.76
N SER A 722 -50.23 -24.27 -12.04
CA SER A 722 -51.17 -25.23 -11.41
C SER A 722 -50.88 -26.64 -11.89
N HIS A 723 -50.56 -26.78 -13.19
CA HIS A 723 -50.41 -28.08 -13.91
C HIS A 723 -49.14 -28.08 -14.79
N ASP A 724 -48.32 -29.14 -14.63
CA ASP A 724 -47.42 -29.84 -15.58
C ASP A 724 -47.77 -29.70 -17.06
N GLY A 725 -46.81 -30.08 -17.91
CA GLY A 725 -47.02 -30.34 -19.33
C GLY A 725 -47.79 -31.61 -19.60
N LYS A 726 -47.89 -32.51 -18.63
CA LYS A 726 -48.76 -33.71 -18.71
C LYS A 726 -50.09 -33.47 -17.95
N GLN A 727 -50.34 -32.23 -17.52
CA GLN A 727 -51.64 -31.78 -16.95
C GLN A 727 -51.87 -32.41 -15.59
N THR A 728 -50.77 -32.82 -14.92
CA THR A 728 -50.74 -33.36 -13.52
C THR A 728 -50.70 -32.19 -12.54
N PRO A 729 -51.70 -32.04 -11.64
CA PRO A 729 -51.62 -31.04 -10.56
C PRO A 729 -50.19 -30.91 -10.02
N VAL A 730 -49.70 -29.70 -9.82
CA VAL A 730 -48.33 -29.43 -9.30
C VAL A 730 -48.50 -29.27 -7.80
N THR A 731 -47.82 -30.05 -6.96
CA THR A 731 -48.09 -30.03 -5.48
C THR A 731 -46.92 -29.52 -4.63
N ASP A 732 -45.78 -29.12 -5.21
CA ASP A 732 -44.65 -28.53 -4.43
C ASP A 732 -44.72 -26.98 -4.54
N ASN A 733 -45.93 -26.43 -4.45
CA ASN A 733 -46.22 -25.00 -4.73
C ASN A 733 -46.38 -24.24 -3.41
N MET A 734 -45.77 -24.75 -2.35
CA MET A 734 -45.89 -24.21 -1.00
C MET A 734 -44.48 -23.81 -0.54
N GLY A 735 -44.29 -22.59 -0.10
CA GLY A 735 -43.01 -22.28 0.54
C GLY A 735 -42.29 -21.20 -0.20
N PHE A 736 -40.99 -21.12 -0.01
CA PHE A 736 -40.19 -19.99 -0.51
C PHE A 736 -38.77 -20.23 -0.06
N SER A 737 -37.86 -19.36 -0.52
CA SER A 737 -36.40 -19.50 -0.37
C SER A 737 -35.78 -18.13 -0.57
N VAL A 738 -34.69 -17.86 0.14
CA VAL A 738 -33.91 -16.60 0.05
C VAL A 738 -32.48 -16.94 -0.31
N ILE A 739 -31.96 -16.27 -1.34
CA ILE A 739 -30.52 -16.33 -1.72
C ILE A 739 -29.98 -14.94 -1.44
N THR A 740 -28.89 -14.92 -0.69
CA THR A 740 -28.14 -13.74 -0.24
C THR A 740 -26.88 -13.65 -1.08
N VAL A 741 -26.69 -12.53 -1.79
CA VAL A 741 -25.47 -12.29 -2.61
C VAL A 741 -24.65 -11.23 -1.89
N SER A 742 -23.35 -11.48 -1.81
CA SER A 742 -22.32 -10.57 -1.25
C SER A 742 -21.22 -10.37 -2.32
N ARG A 743 -20.41 -9.32 -2.17
CA ARG A 743 -19.22 -9.05 -3.03
C ARG A 743 -18.02 -9.84 -2.51
N THR A 744 -17.12 -10.23 -3.41
CA THR A 744 -15.83 -10.93 -3.15
C THR A 744 -14.77 -10.29 -4.03
N GLY A 745 -13.57 -10.11 -3.48
CA GLY A 745 -12.35 -9.72 -4.20
C GLY A 745 -11.83 -8.40 -3.67
N ILE A 746 -10.83 -7.85 -4.36
CA ILE A 746 -10.28 -6.51 -4.11
C ILE A 746 -11.03 -5.49 -4.97
N GLU A 747 -11.80 -4.63 -4.33
CA GLU A 747 -12.66 -3.57 -4.91
C GLU A 747 -11.80 -2.34 -5.26
N LEU A 748 -12.28 -1.53 -6.22
CA LEU A 748 -11.61 -0.31 -6.76
C LEU A 748 -11.53 0.77 -5.66
N ASN A 749 -10.31 1.25 -5.40
CA ASN A 749 -9.98 2.58 -4.78
C ASN A 749 -9.88 2.43 -3.27
N GLN A 750 -9.27 1.34 -2.80
CA GLN A 750 -9.05 1.07 -1.36
C GLN A 750 -7.88 1.93 -0.90
N ASP A 751 -6.80 1.92 -1.70
CA ASP A 751 -5.51 2.61 -1.45
C ASP A 751 -4.80 2.75 -2.80
N GLN A 752 -3.67 3.45 -2.86
CA GLN A 752 -3.04 3.82 -4.15
C GLN A 752 -3.07 2.62 -5.11
N ALA A 753 -3.00 1.38 -4.59
CA ALA A 753 -2.81 0.16 -5.42
C ALA A 753 -4.08 -0.17 -6.24
N THR A 754 -5.25 0.21 -5.75
CA THR A 754 -6.58 -0.27 -6.20
C THR A 754 -7.28 0.79 -7.04
N THR A 755 -6.54 1.80 -7.54
CA THR A 755 -6.93 2.72 -8.65
C THR A 755 -6.84 1.97 -9.99
N THR A 756 -5.73 1.23 -10.16
CA THR A 756 -5.47 0.14 -11.14
C THR A 756 -6.01 -1.21 -10.60
N LEU A 757 -6.72 -1.99 -11.43
CA LEU A 757 -7.17 -3.37 -11.13
C LEU A 757 -7.01 -4.22 -12.39
N ASP A 758 -6.39 -5.40 -12.28
CA ASP A 758 -6.28 -6.37 -13.41
C ASP A 758 -7.00 -7.68 -13.04
N VAL A 759 -7.77 -7.70 -11.94
CA VAL A 759 -8.64 -8.83 -11.52
C VAL A 759 -10.06 -8.32 -11.21
N ALA A 760 -11.05 -8.77 -11.97
CA ALA A 760 -12.49 -8.39 -11.85
C ALA A 760 -13.05 -8.75 -10.48
N PRO A 761 -13.59 -7.79 -9.71
CA PRO A 761 -14.39 -8.12 -8.54
C PRO A 761 -15.54 -9.04 -8.94
N SER A 762 -16.01 -9.92 -8.02
CA SER A 762 -17.11 -10.91 -8.27
C SER A 762 -18.08 -10.89 -7.10
N ALA A 763 -19.06 -11.79 -7.12
CA ALA A 763 -20.07 -11.97 -6.07
C ALA A 763 -20.15 -13.45 -5.71
N LEU A 764 -20.94 -13.74 -4.67
CA LEU A 764 -21.16 -15.10 -4.11
C LEU A 764 -22.61 -15.20 -3.67
N ALA A 765 -23.34 -16.13 -4.27
CA ALA A 765 -24.74 -16.45 -3.91
C ALA A 765 -24.72 -17.61 -2.91
N VAL A 766 -25.41 -17.43 -1.80
CA VAL A 766 -25.47 -18.45 -0.72
C VAL A 766 -26.96 -18.64 -0.49
N GLN A 767 -27.46 -19.86 -0.61
CA GLN A 767 -28.77 -20.19 0.04
C GLN A 767 -28.55 -20.12 1.55
N SER A 768 -29.21 -19.14 2.16
CA SER A 768 -28.94 -18.53 3.48
C SER A 768 -29.42 -19.42 4.65
N GLY A 769 -30.36 -20.37 4.42
CA GLY A 769 -31.11 -21.07 5.47
C GLY A 769 -32.57 -20.62 5.62
N ILE A 770 -32.92 -19.41 5.25
CA ILE A 770 -34.33 -18.93 5.23
C ILE A 770 -35.06 -19.60 4.06
N GLN A 771 -35.80 -20.66 4.34
CA GLN A 771 -36.60 -21.39 3.32
C GLN A 771 -37.73 -22.17 4.02
N SER A 772 -38.61 -22.72 3.20
CA SER A 772 -39.83 -23.42 3.64
C SER A 772 -40.47 -24.10 2.44
N THR A 773 -40.88 -25.35 2.66
CA THR A 773 -41.77 -26.11 1.80
C THR A 773 -43.18 -26.18 2.39
N THR A 774 -43.46 -25.47 3.50
CA THR A 774 -44.77 -25.56 4.19
C THR A 774 -45.52 -24.21 4.17
N GLN A 775 -44.87 -23.08 4.41
CA GLN A 775 -45.61 -21.81 4.73
C GLN A 775 -45.90 -21.08 3.41
N THR A 776 -46.92 -20.22 3.38
CA THR A 776 -47.17 -19.28 2.28
C THR A 776 -46.54 -17.94 2.63
N LEU A 777 -45.64 -17.44 1.81
CA LEU A 777 -44.91 -16.17 2.08
C LEU A 777 -45.83 -14.96 1.85
N THR A 778 -45.70 -13.98 2.71
CA THR A 778 -46.19 -12.60 2.60
C THR A 778 -44.97 -11.74 2.30
N GLY A 779 -43.93 -11.81 3.14
CA GLY A 779 -42.75 -10.96 2.98
C GLY A 779 -41.58 -11.38 3.84
N VAL A 780 -40.36 -11.03 3.41
CA VAL A 780 -39.08 -11.18 4.14
C VAL A 780 -38.52 -9.79 4.41
N LEU A 781 -38.32 -9.41 5.67
CA LEU A 781 -37.73 -8.09 6.02
C LEU A 781 -36.30 -8.33 6.49
N PRO A 782 -35.32 -7.97 5.66
CA PRO A 782 -33.91 -8.04 6.03
C PRO A 782 -33.53 -6.89 6.99
N LEU A 783 -33.90 -7.07 8.25
CA LEU A 783 -33.68 -6.11 9.37
C LEU A 783 -32.19 -5.77 9.46
N SER A 784 -31.34 -6.76 9.30
CA SER A 784 -29.89 -6.52 9.47
C SER A 784 -29.15 -7.74 8.94
N GLU A 785 -27.84 -7.60 8.84
CA GLU A 785 -26.96 -8.73 8.50
C GLU A 785 -27.25 -9.89 9.46
N GLU A 786 -27.47 -9.61 10.76
CA GLU A 786 -27.59 -10.65 11.80
C GLU A 786 -29.04 -11.19 11.81
N PHE A 787 -30.03 -10.53 11.21
CA PHE A 787 -31.45 -10.95 11.40
C PHE A 787 -32.34 -10.61 10.23
N SER A 788 -33.21 -11.55 9.87
CA SER A 788 -34.35 -11.39 8.95
C SER A 788 -35.65 -11.80 9.65
N ALA A 789 -36.73 -11.07 9.40
CA ALA A 789 -38.10 -11.39 9.80
C ALA A 789 -38.84 -11.94 8.60
N VAL A 790 -39.44 -13.09 8.75
CA VAL A 790 -40.29 -13.67 7.70
C VAL A 790 -41.74 -13.50 8.14
N ILE A 791 -42.61 -13.01 7.30
CA ILE A 791 -44.07 -13.01 7.57
C ILE A 791 -44.69 -14.04 6.64
N ALA A 792 -45.45 -14.97 7.17
CA ALA A 792 -46.06 -16.09 6.44
C ALA A 792 -47.40 -16.45 7.08
N LYS A 793 -48.21 -17.21 6.37
CA LYS A 793 -49.45 -17.82 6.92
C LYS A 793 -49.13 -19.31 6.99
N ASP A 794 -49.45 -19.98 8.10
CA ASP A 794 -49.39 -21.47 8.13
C ASP A 794 -50.65 -21.98 7.43
N SER A 795 -51.81 -21.69 8.02
CA SER A 795 -53.15 -21.82 7.41
C SER A 795 -53.50 -20.51 6.68
N ASP A 796 -54.02 -19.49 7.41
CA ASP A 796 -54.67 -18.27 6.82
C ASP A 796 -54.37 -16.98 7.61
N GLN A 797 -53.93 -17.05 8.88
CA GLN A 797 -53.45 -15.85 9.62
C GLN A 797 -51.93 -15.70 9.39
N ASN A 798 -51.41 -14.47 9.47
CA ASN A 798 -49.96 -14.13 9.35
C ASN A 798 -49.22 -14.46 10.65
N LYS A 799 -48.01 -15.02 10.54
CA LYS A 799 -47.09 -15.42 11.62
C LYS A 799 -45.72 -14.78 11.35
N ILE A 800 -44.98 -14.40 12.39
CA ILE A 800 -43.64 -13.76 12.32
C ILE A 800 -42.59 -14.74 12.83
N ASP A 801 -41.71 -15.16 11.96
CA ASP A 801 -40.51 -15.92 12.36
C ASP A 801 -39.33 -14.97 12.27
N ILE A 802 -38.40 -15.11 13.19
CA ILE A 802 -37.10 -14.41 13.14
C ILE A 802 -36.04 -15.48 12.84
N TYR A 803 -35.24 -15.23 11.83
CA TYR A 803 -34.08 -16.06 11.46
C TYR A 803 -32.86 -15.29 11.91
N LYS A 804 -31.95 -15.98 12.58
CA LYS A 804 -30.71 -15.39 13.11
C LYS A 804 -29.53 -15.96 12.32
N ASN A 805 -28.67 -15.10 11.81
CA ASN A 805 -27.44 -15.51 11.11
C ASN A 805 -26.45 -16.10 12.12
N ASN A 806 -26.03 -17.36 11.93
CA ASN A 806 -25.03 -18.06 12.72
C ASN A 806 -23.83 -18.38 11.82
N ASN A 807 -22.81 -17.53 11.84
CA ASN A 807 -21.58 -17.73 11.07
C ASN A 807 -21.86 -17.99 9.56
N GLY A 808 -22.75 -17.19 8.97
CA GLY A 808 -23.12 -17.27 7.55
C GLY A 808 -24.40 -18.08 7.24
N LEU A 809 -24.88 -18.91 8.17
CA LEU A 809 -26.10 -19.72 8.02
C LEU A 809 -27.21 -19.22 8.94
N PHE A 810 -28.32 -18.77 8.36
CA PHE A 810 -29.55 -18.33 9.07
C PHE A 810 -30.29 -19.56 9.57
N GLU A 811 -30.77 -19.52 10.81
CA GLU A 811 -31.57 -20.53 11.47
C GLU A 811 -32.72 -19.82 12.19
N ILE A 812 -33.89 -20.43 12.30
CA ILE A 812 -35.01 -19.84 13.07
C ILE A 812 -34.59 -19.69 14.54
N ASP A 813 -34.95 -18.61 15.19
CA ASP A 813 -34.85 -18.46 16.64
C ASP A 813 -36.29 -18.44 17.22
N THR A 814 -36.71 -19.53 17.83
CA THR A 814 -38.10 -19.70 18.21
C THR A 814 -38.40 -18.82 19.40
N GLN A 815 -37.52 -18.73 20.38
CA GLN A 815 -37.74 -17.79 21.52
C GLN A 815 -37.81 -16.34 21.02
N LEU A 816 -36.92 -15.86 20.17
CA LEU A 816 -36.97 -14.48 19.67
C LEU A 816 -38.21 -14.30 18.78
N SER A 817 -38.62 -15.32 18.04
CA SER A 817 -39.84 -15.30 17.18
C SER A 817 -41.05 -15.06 18.09
N ASN A 818 -41.13 -15.81 19.16
CA ASN A 818 -42.24 -15.68 20.11
C ASN A 818 -42.16 -14.32 20.80
N SER A 819 -40.96 -13.86 21.12
CA SER A 819 -40.77 -12.56 21.78
C SER A 819 -41.25 -11.47 20.83
N VAL A 820 -40.89 -11.53 19.55
CA VAL A 820 -41.24 -10.45 18.59
C VAL A 820 -42.71 -10.52 18.24
N ALA A 821 -43.27 -11.70 18.16
CA ALA A 821 -44.64 -11.92 17.71
C ALA A 821 -45.61 -11.56 18.81
N THR A 822 -45.13 -11.44 20.04
CA THR A 822 -45.99 -11.08 21.18
C THR A 822 -46.03 -9.57 21.24
N ASN A 823 -46.85 -8.97 20.36
CA ASN A 823 -46.98 -7.50 20.32
C ASN A 823 -48.31 -7.08 20.96
N ASN A 824 -49.22 -8.04 21.20
CA ASN A 824 -50.56 -7.80 21.83
C ASN A 824 -51.41 -6.85 20.98
N GLY A 825 -51.30 -6.91 19.64
CA GLY A 825 -52.02 -6.01 18.71
C GLY A 825 -51.35 -4.65 18.43
N GLY A 826 -50.38 -4.22 19.27
CA GLY A 826 -49.53 -3.04 19.04
C GLY A 826 -48.63 -3.26 17.84
N LEU A 827 -47.88 -2.23 17.46
CA LEU A 827 -46.95 -2.25 16.31
C LEU A 827 -45.65 -2.92 16.70
N ALA A 828 -45.35 -3.10 17.99
CA ALA A 828 -44.01 -3.56 18.41
C ALA A 828 -44.06 -4.57 19.57
N PRO A 829 -43.01 -5.36 19.79
CA PRO A 829 -43.05 -6.39 20.82
C PRO A 829 -43.22 -5.82 22.24
N SER A 830 -44.03 -6.52 23.03
CA SER A 830 -44.30 -6.17 24.41
C SER A 830 -42.98 -6.00 25.22
N TYR A 831 -43.03 -5.17 26.23
CA TYR A 831 -41.99 -5.10 27.26
C TYR A 831 -42.50 -5.77 28.53
N THR A 832 -41.76 -6.71 29.10
CA THR A 832 -42.05 -7.29 30.42
C THR A 832 -40.88 -7.10 31.34
N GLU A 833 -41.06 -6.57 32.54
CA GLU A 833 -39.95 -6.26 33.45
C GLU A 833 -39.13 -7.48 33.91
N ASN A 834 -39.68 -8.70 33.93
CA ASN A 834 -39.04 -9.83 34.65
C ASN A 834 -38.59 -10.84 33.59
N ARG A 835 -38.55 -10.42 32.34
CA ARG A 835 -38.32 -11.36 31.22
C ARG A 835 -37.26 -10.78 30.25
N VAL A 836 -36.34 -11.63 29.82
CA VAL A 836 -35.46 -11.28 28.70
C VAL A 836 -36.33 -11.42 27.45
N ASP A 837 -36.87 -10.32 26.95
CA ASP A 837 -37.78 -10.39 25.78
C ASP A 837 -37.05 -9.76 24.57
N ALA A 838 -37.77 -9.24 23.58
CA ALA A 838 -37.10 -8.64 22.41
C ALA A 838 -36.29 -7.45 22.89
N TRP A 839 -36.61 -6.87 24.05
CA TRP A 839 -35.93 -5.66 24.58
C TRP A 839 -34.92 -6.06 25.63
N GLY A 840 -34.50 -7.31 25.61
CA GLY A 840 -33.48 -7.68 26.59
C GLY A 840 -34.10 -7.65 27.93
N LYS A 841 -33.35 -7.38 28.99
CA LYS A 841 -33.92 -7.27 30.35
C LYS A 841 -33.18 -6.16 31.09
N VAL A 842 -33.90 -5.28 31.73
CA VAL A 842 -33.34 -4.11 32.44
C VAL A 842 -33.70 -4.25 33.90
N GLU A 843 -32.73 -4.36 34.79
CA GLU A 843 -32.96 -4.27 36.24
C GLU A 843 -32.38 -2.97 36.76
N PHE A 844 -33.18 -2.06 37.30
CA PHE A 844 -32.64 -0.84 37.91
C PHE A 844 -31.99 -1.15 39.27
N ALA A 845 -30.95 -0.40 39.61
CA ALA A 845 -30.46 -0.33 40.97
C ALA A 845 -31.55 0.22 41.91
N ASP A 846 -31.54 -0.21 43.17
CA ASP A 846 -32.36 0.43 44.20
C ASP A 846 -31.88 1.87 44.46
N ASN A 847 -32.77 2.76 44.90
CA ASN A 847 -32.42 4.16 45.20
C ASN A 847 -31.35 4.30 46.29
N SER A 848 -31.07 3.22 47.05
CA SER A 848 -30.08 3.22 48.15
C SER A 848 -28.64 3.26 47.60
N VAL A 849 -28.49 3.22 46.27
CA VAL A 849 -27.22 3.29 45.55
C VAL A 849 -26.60 4.70 45.67
N LEU A 850 -27.45 5.73 45.73
CA LEU A 850 -27.01 7.12 45.81
C LEU A 850 -26.30 7.41 47.14
N GLN A 851 -26.86 6.96 48.26
CA GLN A 851 -26.19 7.10 49.59
C GLN A 851 -24.89 6.30 49.61
N ALA A 852 -24.91 5.03 49.20
CA ALA A 852 -23.75 4.14 49.31
C ALA A 852 -22.52 4.64 48.55
N ARG A 853 -22.73 5.18 47.34
CA ARG A 853 -21.69 5.69 46.44
C ARG A 853 -21.41 7.20 46.59
N ASN A 854 -22.07 7.85 47.56
CA ASN A 854 -21.97 9.30 47.87
C ASN A 854 -22.42 10.23 46.72
N LEU A 855 -23.29 9.78 45.80
CA LEU A 855 -23.86 10.61 44.73
C LEU A 855 -24.83 11.70 45.24
N VAL A 856 -25.41 11.55 46.44
CA VAL A 856 -26.44 12.47 46.98
C VAL A 856 -25.94 13.92 47.10
N ASP A 857 -24.65 14.12 47.38
CA ASP A 857 -24.03 15.45 47.50
C ASP A 857 -23.77 16.15 46.15
N LYS A 858 -24.02 15.50 45.00
CA LYS A 858 -24.00 16.11 43.67
C LYS A 858 -25.38 16.67 43.29
N THR A 859 -25.42 17.73 42.48
CA THR A 859 -26.68 18.20 41.88
C THR A 859 -27.21 17.21 40.84
N VAL A 860 -28.52 17.22 40.63
CA VAL A 860 -29.20 16.40 39.60
C VAL A 860 -28.67 16.70 38.20
N ASP A 861 -28.20 17.92 37.97
CA ASP A 861 -27.75 18.46 36.64
C ASP A 861 -26.41 17.80 36.30
N GLU A 862 -25.45 17.75 37.23
CA GLU A 862 -24.23 16.98 37.05
C GLU A 862 -24.59 15.51 36.80
N ILE A 863 -25.39 14.86 37.65
CA ILE A 863 -25.81 13.46 37.44
C ILE A 863 -26.46 13.26 36.05
N ILE A 864 -27.17 14.28 35.55
CA ILE A 864 -27.91 14.22 34.25
C ILE A 864 -26.94 14.43 33.10
N ASN A 865 -25.79 15.10 33.31
CA ASN A 865 -24.74 15.32 32.26
C ASN A 865 -23.50 14.44 32.52
N THR A 866 -23.69 13.15 32.74
CA THR A 866 -22.64 12.19 33.16
C THR A 866 -23.17 10.80 32.88
N PRO A 867 -23.26 10.47 31.57
CA PRO A 867 -24.05 9.32 31.15
C PRO A 867 -23.39 8.06 31.71
N GLU A 868 -22.06 8.02 31.95
CA GLU A 868 -21.40 6.86 32.58
C GLU A 868 -21.88 6.62 34.02
N ILE A 869 -22.17 7.68 34.79
CA ILE A 869 -22.81 7.54 36.14
C ILE A 869 -24.18 6.87 35.94
N LEU A 870 -24.93 7.27 34.91
CA LEU A 870 -26.34 6.84 34.89
C LEU A 870 -26.50 5.53 34.11
N ASN A 871 -25.48 5.02 33.45
CA ASN A 871 -25.38 3.60 33.04
C ASN A 871 -25.22 2.71 34.29
N SER A 872 -24.74 3.24 35.43
CA SER A 872 -24.55 2.48 36.70
C SER A 872 -25.89 2.35 37.47
N PHE A 873 -26.98 2.92 36.94
CA PHE A 873 -28.32 2.82 37.53
C PHE A 873 -29.07 1.59 37.03
N PHE A 874 -28.54 0.80 36.08
CA PHE A 874 -29.23 -0.43 35.67
C PHE A 874 -28.21 -1.45 35.24
N ARG A 875 -28.62 -2.72 35.26
CA ARG A 875 -27.88 -3.88 34.71
C ARG A 875 -28.77 -4.46 33.60
N PHE A 876 -28.19 -4.67 32.42
CA PHE A 876 -28.92 -5.00 31.17
C PHE A 876 -28.53 -6.40 30.73
N THR A 877 -29.46 -7.24 30.32
CA THR A 877 -29.16 -8.61 29.84
C THR A 877 -29.60 -8.61 28.40
N PRO A 878 -28.69 -8.79 27.46
CA PRO A 878 -29.14 -8.68 26.08
C PRO A 878 -29.84 -9.98 25.71
N ALA A 879 -30.84 -9.86 24.85
CA ALA A 879 -31.52 -11.02 24.23
C ALA A 879 -30.67 -11.62 23.13
N PHE A 880 -29.89 -10.83 22.40
CA PHE A 880 -28.94 -11.31 21.35
C PHE A 880 -27.61 -10.59 21.58
N GLU A 881 -26.50 -11.23 21.21
CA GLU A 881 -25.13 -10.76 21.50
C GLU A 881 -24.99 -9.33 21.00
N ASP A 882 -24.40 -8.47 21.83
CA ASP A 882 -24.01 -7.09 21.39
C ASP A 882 -25.24 -6.20 21.13
N GLN A 883 -26.44 -6.59 21.56
CA GLN A 883 -27.61 -5.71 21.69
C GLN A 883 -27.31 -4.69 22.77
N LYS A 884 -27.60 -3.40 22.53
CA LYS A 884 -27.16 -2.35 23.46
C LYS A 884 -28.35 -1.56 24.00
N ALA A 885 -28.11 -0.89 25.12
CA ALA A 885 -29.13 -0.16 25.86
C ALA A 885 -28.45 0.95 26.65
N THR A 886 -29.10 2.11 26.74
CA THR A 886 -28.71 3.25 27.62
C THR A 886 -29.95 3.78 28.35
N LEU A 887 -29.75 4.53 29.43
CA LEU A 887 -30.84 5.26 30.07
C LEU A 887 -30.81 6.72 29.64
N VAL A 888 -31.95 7.21 29.21
CA VAL A 888 -32.27 8.64 28.97
C VAL A 888 -32.75 9.20 30.32
N ALA A 889 -32.17 10.29 30.81
CA ALA A 889 -32.55 10.93 32.08
C ALA A 889 -33.39 12.19 31.80
N THR A 890 -34.32 12.46 32.73
CA THR A 890 -35.26 13.59 32.74
C THR A 890 -35.30 14.14 34.15
N LYS A 891 -35.04 15.43 34.33
CA LYS A 891 -35.18 16.13 35.64
C LYS A 891 -36.67 16.12 36.05
N GLN A 892 -36.97 15.74 37.29
CA GLN A 892 -38.35 15.65 37.81
C GLN A 892 -38.60 16.68 38.90
N SER A 893 -37.59 16.94 39.72
CA SER A 893 -37.61 18.03 40.72
C SER A 893 -36.16 18.50 40.93
N ASP A 894 -35.94 19.51 41.78
CA ASP A 894 -34.58 19.94 42.18
C ASP A 894 -33.80 18.87 42.98
N THR A 895 -34.46 17.78 43.38
CA THR A 895 -33.92 16.72 44.26
C THR A 895 -34.16 15.31 43.68
N SER A 896 -34.72 15.17 42.48
CA SER A 896 -35.03 13.87 41.86
C SER A 896 -35.07 13.89 40.34
N LEU A 897 -34.88 12.71 39.74
CA LEU A 897 -34.86 12.47 38.30
C LEU A 897 -35.61 11.17 37.99
N SER A 898 -36.01 11.00 36.73
CA SER A 898 -36.49 9.72 36.19
C SER A 898 -35.63 9.28 35.01
N VAL A 899 -35.46 7.98 34.87
CA VAL A 899 -34.70 7.34 33.79
C VAL A 899 -35.54 6.27 33.07
N SER A 900 -35.38 6.19 31.74
CA SER A 900 -36.06 5.23 30.87
C SER A 900 -35.08 4.62 29.84
N PRO A 901 -35.14 3.30 29.53
CA PRO A 901 -34.13 2.70 28.68
C PRO A 901 -34.37 3.04 27.22
N ARG A 902 -33.27 3.17 26.49
CA ARG A 902 -33.16 3.27 25.02
C ARG A 902 -32.45 1.99 24.57
N ILE A 903 -33.11 1.13 23.79
CA ILE A 903 -32.69 -0.26 23.61
C ILE A 903 -32.62 -0.59 22.12
N GLN A 904 -31.59 -1.31 21.63
CA GLN A 904 -31.58 -1.69 20.20
C GLN A 904 -32.51 -2.87 20.00
N PHE A 905 -33.23 -2.82 18.89
CA PHE A 905 -33.99 -3.92 18.30
C PHE A 905 -33.07 -4.67 17.37
N LEU A 906 -33.66 -5.63 16.66
CA LEU A 906 -33.00 -6.56 15.73
C LEU A 906 -32.44 -5.80 14.53
N ASP A 907 -32.92 -4.62 14.27
CA ASP A 907 -32.55 -3.90 13.02
C ASP A 907 -31.37 -2.97 13.30
N GLY A 908 -30.76 -2.99 14.49
CA GLY A 908 -29.60 -2.16 14.83
C GLY A 908 -29.97 -0.76 15.31
N ASN A 909 -31.28 -0.46 15.39
CA ASN A 909 -31.79 0.88 15.72
C ASN A 909 -32.22 0.90 17.18
N PHE A 910 -32.11 2.05 17.81
CA PHE A 910 -32.50 2.28 19.20
C PHE A 910 -33.96 2.70 19.24
N TYR A 911 -34.75 2.18 20.18
CA TYR A 911 -36.13 2.63 20.43
C TYR A 911 -36.24 3.06 21.90
N ASP A 912 -37.13 4.03 22.14
CA ASP A 912 -37.41 4.61 23.49
C ASP A 912 -38.88 5.04 23.50
N LEU A 913 -39.31 5.72 24.55
CA LEU A 913 -40.75 6.12 24.73
C LEU A 913 -41.27 6.92 23.55
N ASN A 914 -40.43 7.76 22.92
CA ASN A 914 -40.89 8.71 21.87
C ASN A 914 -40.73 8.18 20.45
N SER A 915 -40.27 6.94 20.26
CA SER A 915 -40.04 6.42 18.90
C SER A 915 -41.31 6.41 18.06
N THR A 916 -41.15 6.69 16.77
CA THR A 916 -42.17 6.52 15.73
C THR A 916 -41.63 5.69 14.57
N ILE A 917 -42.57 5.12 13.82
CA ILE A 917 -42.46 4.65 12.43
C ILE A 917 -43.56 5.35 11.64
N ALA A 918 -43.19 6.00 10.53
CA ALA A 918 -44.15 6.67 9.65
C ALA A 918 -44.90 7.66 10.51
N GLY A 919 -44.26 8.17 11.56
CA GLY A 919 -44.81 9.30 12.34
C GLY A 919 -45.76 8.84 13.43
N VAL A 920 -46.01 7.54 13.51
CA VAL A 920 -47.01 6.94 14.46
C VAL A 920 -46.26 6.51 15.69
N PRO A 921 -46.58 7.03 16.88
CA PRO A 921 -45.84 6.65 18.08
C PRO A 921 -45.96 5.14 18.28
N LEU A 922 -44.89 4.45 18.59
CA LEU A 922 -44.96 2.99 18.81
C LEU A 922 -45.53 2.66 20.19
N ASN A 923 -45.25 3.46 21.21
CA ASN A 923 -45.81 3.24 22.57
C ASN A 923 -45.46 1.80 22.99
N ILE A 924 -44.19 1.51 22.99
CA ILE A 924 -43.65 0.15 23.24
C ILE A 924 -43.87 -0.18 24.72
N GLY A 925 -43.63 0.77 25.60
CA GLY A 925 -43.90 0.40 27.02
C GLY A 925 -42.65 0.25 27.86
N PHE A 926 -41.57 0.89 27.48
CA PHE A 926 -40.36 0.99 28.32
C PHE A 926 -40.74 1.60 29.65
N PRO A 927 -40.10 1.18 30.76
CA PRO A 927 -40.39 1.70 32.09
C PRO A 927 -39.86 3.13 32.28
N SER A 928 -40.37 3.82 33.31
CA SER A 928 -39.71 4.99 33.91
C SER A 928 -39.43 4.69 35.39
N ARG A 929 -38.15 4.79 35.81
CA ARG A 929 -37.71 4.57 37.20
C ARG A 929 -37.25 5.88 37.83
N VAL A 930 -37.65 6.16 39.07
CA VAL A 930 -37.33 7.41 39.79
C VAL A 930 -36.17 7.22 40.76
N PHE A 931 -35.20 8.13 40.71
CA PHE A 931 -34.11 8.27 41.67
C PHE A 931 -34.19 9.63 42.38
N ALA A 932 -34.06 9.65 43.71
CA ALA A 932 -34.39 10.83 44.52
C ALA A 932 -33.54 10.95 45.80
N GLY A 933 -33.37 12.19 46.27
CA GLY A 933 -32.68 12.55 47.52
C GLY A 933 -31.54 13.57 47.35
N PHE A 934 -31.20 13.93 46.11
CA PHE A 934 -30.07 14.82 45.77
C PHE A 934 -30.12 16.21 46.42
N ALA A 935 -28.96 16.72 46.83
CA ALA A 935 -28.75 18.02 47.50
C ALA A 935 -27.91 19.00 46.67
N ALA A 936 -27.87 20.27 47.07
CA ALA A 936 -27.06 21.31 46.44
C ALA A 936 -25.55 21.15 46.73
N LEU A 937 -24.68 21.50 45.79
CA LEU A 937 -23.21 21.45 45.95
C LEU A 937 -22.71 22.46 47.00
N PRO A 938 -21.57 22.15 47.68
CA PRO A 938 -20.93 22.98 48.74
C PRO A 938 -20.48 24.48 48.62
N ALA A 939 -21.13 25.27 47.79
CA ALA A 939 -20.83 26.72 47.68
C ALA A 939 -20.96 27.53 49.00
N TRP A 940 -21.66 26.97 49.98
CA TRP A 940 -21.99 27.53 51.28
C TRP A 940 -20.89 27.42 52.36
N VAL A 941 -19.85 26.59 52.20
CA VAL A 941 -18.94 26.20 53.30
C VAL A 941 -18.28 27.39 54.03
N ILE A 942 -17.73 28.36 53.29
CA ILE A 942 -17.05 29.53 53.88
C ILE A 942 -18.04 30.43 54.64
N PRO A 943 -19.13 30.94 54.03
CA PRO A 943 -20.18 31.67 54.75
C PRO A 943 -20.73 30.92 55.99
N VAL A 944 -20.94 29.61 55.90
CA VAL A 944 -21.50 28.82 57.01
C VAL A 944 -20.52 28.70 58.18
N SER A 945 -19.24 28.36 57.95
CA SER A 945 -18.27 28.19 59.03
C SER A 945 -17.82 29.53 59.67
N VAL A 946 -17.88 30.63 58.89
CA VAL A 946 -17.85 31.98 59.44
C VAL A 946 -19.06 32.23 60.33
N GLY A 947 -20.30 31.92 59.90
CA GLY A 947 -21.48 32.13 60.71
C GLY A 947 -21.42 31.40 62.04
N SER A 948 -20.99 30.16 61.94
CA SER A 948 -20.86 29.37 63.16
C SER A 948 -19.85 29.98 64.11
N SER A 949 -18.70 30.41 63.60
CA SER A 949 -17.67 31.05 64.43
C SER A 949 -18.20 32.33 65.07
N VAL A 950 -18.85 33.21 64.27
CA VAL A 950 -19.42 34.46 64.78
C VAL A 950 -20.50 34.14 65.82
N GLY A 951 -21.32 33.24 65.62
CA GLY A 951 -22.33 32.80 66.57
C GLY A 951 -21.74 32.36 67.90
N ILE A 952 -20.61 31.46 67.73
CA ILE A 952 -19.95 30.98 68.94
C ILE A 952 -19.36 32.17 69.70
N LEU A 953 -18.77 33.12 68.92
CA LEU A 953 -18.22 34.32 69.55
C LEU A 953 -19.31 35.14 70.22
N PHE A 954 -20.46 35.32 69.59
CA PHE A 954 -21.58 36.07 70.14
C PHE A 954 -22.11 35.39 71.40
N ILE A 955 -22.23 34.08 71.35
CA ILE A 955 -22.72 33.32 72.49
C ILE A 955 -21.75 33.48 73.66
N LEU A 956 -20.42 33.37 73.39
CA LEU A 956 -19.41 33.51 74.44
C LEU A 956 -19.44 34.92 75.02
N LEU A 957 -19.68 35.92 74.14
CA LEU A 957 -19.79 37.30 74.59
C LEU A 957 -21.01 37.50 75.47
N VAL A 958 -22.15 36.99 75.10
CA VAL A 958 -23.38 37.08 75.86
C VAL A 958 -23.23 36.36 77.19
N LEU A 959 -22.64 35.22 77.17
CA LEU A 959 -22.39 34.46 78.39
C LEU A 959 -21.47 35.22 79.33
N GLY A 960 -20.46 35.84 78.74
CA GLY A 960 -19.55 36.65 79.55
C GLY A 960 -20.24 37.83 80.20
N LEU A 961 -21.06 38.49 79.46
CA LEU A 961 -21.80 39.64 79.98
C LEU A 961 -22.90 39.21 80.93
N GLY A 962 -23.47 38.04 80.59
CA GLY A 962 -24.57 37.51 81.37
C GLY A 962 -24.14 37.06 82.76
N ILE A 963 -22.91 36.68 82.96
CA ILE A 963 -22.39 36.24 84.26
C ILE A 963 -21.60 37.37 84.91
N GLY A 964 -20.96 38.13 83.98
CA GLY A 964 -20.07 39.17 84.46
C GLY A 964 -20.81 40.34 85.08
N ILE A 965 -21.89 40.67 84.48
CA ILE A 965 -22.61 41.85 84.94
C ILE A 965 -23.22 41.58 86.31
N PRO A 966 -23.93 40.50 86.55
CA PRO A 966 -24.54 40.22 87.86
C PRO A 966 -23.49 39.97 88.95
N MET A 967 -22.36 39.38 88.59
CA MET A 967 -21.30 39.13 89.57
C MET A 967 -20.78 40.45 90.14
N TYR A 968 -20.70 41.43 89.31
CA TYR A 968 -20.28 42.77 89.74
C TYR A 968 -21.34 43.40 90.65
N ARG A 969 -22.59 43.18 90.30
CA ARG A 969 -23.69 43.74 91.08
C ARG A 969 -23.78 43.09 92.45
N VAL A 970 -23.49 41.85 92.53
CA VAL A 970 -23.55 41.12 93.78
C VAL A 970 -22.44 41.60 94.71
N ARG A 971 -21.29 41.85 94.11
CA ARG A 971 -20.17 42.36 94.89
C ARG A 971 -20.47 43.74 95.47
N LYS A 972 -21.08 44.58 94.64
CA LYS A 972 -21.43 45.93 95.09
C LYS A 972 -22.52 45.88 96.15
N LEU A 973 -23.48 45.02 95.99
CA LEU A 973 -24.56 44.87 96.96
C LEU A 973 -24.02 44.32 98.29
N GLN A 974 -23.20 43.37 98.17
CA GLN A 974 -22.60 42.79 99.36
C GLN A 974 -21.79 43.82 100.14
N ASP A 975 -20.96 44.54 99.40
CA ASP A 975 -20.13 45.56 100.04
C ASP A 975 -20.99 46.64 100.69
N ALA A 976 -21.98 47.08 99.98
CA ALA A 976 -22.86 48.12 100.50
C ALA A 976 -23.65 47.62 101.70
N SER A 977 -24.12 46.44 101.63
CA SER A 977 -24.93 45.86 102.69
C SER A 977 -24.12 45.68 103.97
N PHE A 978 -22.90 45.25 103.86
CA PHE A 978 -22.05 45.09 105.03
C PHE A 978 -21.75 46.45 105.67
N VAL A 979 -21.48 47.38 104.86
CA VAL A 979 -21.20 48.71 105.37
C VAL A 979 -22.40 49.25 106.13
N ASN A 980 -23.56 49.02 105.62
CA ASN A 980 -24.78 49.49 106.28
C ASN A 980 -24.98 48.79 107.63
N VAL A 981 -24.84 47.48 107.69
CA VAL A 981 -24.99 46.72 108.94
C VAL A 981 -23.94 47.18 109.95
N PHE A 982 -22.74 47.43 109.45
CA PHE A 982 -21.65 47.85 110.34
C PHE A 982 -21.93 49.23 110.91
N LYS A 983 -22.39 50.04 110.12
CA LYS A 983 -22.72 51.38 110.58
C LYS A 983 -23.80 51.35 111.65
N LYS A 984 -24.79 50.59 111.45
CA LYS A 984 -25.90 50.45 112.40
C LYS A 984 -25.41 49.87 113.72
N VAL A 985 -24.64 48.82 113.62
CA VAL A 985 -24.11 48.18 114.82
C VAL A 985 -23.18 49.16 115.55
N ASP A 986 -22.35 49.83 114.80
CA ASP A 986 -21.45 50.81 115.40
C ASP A 986 -22.23 51.91 116.10
N THR A 987 -23.29 52.43 115.43
CA THR A 987 -24.14 53.47 116.01
C THR A 987 -24.80 52.95 117.29
N LEU A 988 -25.33 51.75 117.26
CA LEU A 988 -25.94 51.14 118.44
C LEU A 988 -24.93 50.98 119.56
N THR A 989 -23.75 50.49 119.24
CA THR A 989 -22.69 50.31 120.22
C THR A 989 -22.33 51.64 120.89
N THR A 990 -22.18 52.65 120.07
CA THR A 990 -21.89 53.99 120.59
C THR A 990 -23.01 54.47 121.51
N ALA A 991 -24.25 54.25 121.08
CA ALA A 991 -25.40 54.64 121.89
C ALA A 991 -25.40 53.92 123.24
N VAL A 992 -25.17 52.63 123.19
CA VAL A 992 -25.09 51.85 124.42
C VAL A 992 -23.96 52.38 125.30
N GLY A 993 -22.83 52.71 124.76
CA GLY A 993 -21.72 53.30 125.49
C GLY A 993 -22.09 54.64 126.13
N SER A 994 -22.85 55.44 125.42
CA SER A 994 -23.29 56.74 125.95
C SER A 994 -24.19 56.55 127.16
N VAL A 995 -25.12 55.65 127.13
CA VAL A 995 -26.00 55.36 128.24
C VAL A 995 -25.17 54.88 129.43
N TYR A 996 -24.19 54.04 129.26
CA TYR A 996 -23.28 53.57 130.30
C TYR A 996 -22.60 54.73 131.00
N LYS A 997 -22.09 55.58 130.10
CA LYS A 997 -21.39 56.73 130.66
C LYS A 997 -22.34 57.59 131.49
N LYS A 998 -23.50 57.79 131.01
CA LYS A 998 -24.50 58.58 131.73
C LYS A 998 -24.87 57.93 133.06
N ILE A 999 -25.11 56.64 133.06
CA ILE A 999 -25.46 55.91 134.26
C ILE A 999 -24.34 56.04 135.30
N ILE A 1000 -23.13 55.94 134.96
CA ILE A 1000 -21.98 56.03 135.86
C ILE A 1000 -21.85 57.45 136.39
N THR A 1001 -22.09 58.39 135.50
CA THR A 1001 -21.95 59.80 135.90
C THR A 1001 -23.10 60.22 136.80
N GLN A 1002 -24.25 59.76 136.61
CA GLN A 1002 -25.43 60.16 137.38
C GLN A 1002 -25.52 59.38 138.69
N THR A 1003 -25.13 58.15 138.77
CA THR A 1003 -25.17 57.35 139.98
C THR A 1003 -23.97 57.66 140.87
N GLY A 1004 -22.97 58.03 140.37
CA GLY A 1004 -21.84 58.47 141.17
C GLY A 1004 -22.17 59.66 142.07
N VAL A 1005 -23.17 60.44 141.74
CA VAL A 1005 -23.56 61.58 142.56
C VAL A 1005 -24.49 61.13 143.68
N VAL A 1006 -25.16 59.97 143.69
CA VAL A 1006 -26.05 59.48 144.73
C VAL A 1006 -25.24 58.71 145.78
N LYS A 1007 -24.30 57.93 145.42
CA LYS A 1007 -23.44 57.31 146.42
C LYS A 1007 -22.83 58.36 147.34
N LYS A 1008 -22.80 59.53 146.89
CA LYS A 1008 -22.25 60.56 147.78
C LYS A 1008 -23.34 61.14 148.68
N ALA A 1009 -24.67 60.82 148.46
CA ALA A 1009 -25.74 61.41 149.25
C ALA A 1009 -25.81 60.79 150.63
N PRO A 1010 -25.72 59.42 150.86
CA PRO A 1010 -25.74 58.89 152.22
C PRO A 1010 -24.49 59.25 153.02
N SER A 1011 -23.44 59.17 152.29
CA SER A 1011 -22.23 59.59 152.99
C SER A 1011 -22.30 61.05 153.42
N ALA A 1012 -22.94 61.83 152.60
CA ALA A 1012 -23.12 63.22 153.03
C ALA A 1012 -24.08 63.31 154.21
N LEU A 1013 -25.14 62.50 154.14
CA LEU A 1013 -26.03 62.49 155.29
C LEU A 1013 -25.32 61.92 156.52
N LYS A 1014 -24.59 60.77 156.33
CA LYS A 1014 -23.75 60.26 157.42
C LYS A 1014 -22.76 61.32 157.88
N ALA A 1015 -22.27 61.94 156.99
CA ALA A 1015 -21.38 63.04 157.35
C ALA A 1015 -22.16 64.17 158.03
N ALA A 1016 -23.39 64.40 157.59
CA ALA A 1016 -24.20 65.42 158.24
C ALA A 1016 -24.66 64.97 159.63
N ASN A 1017 -24.60 63.76 159.98
CA ASN A 1017 -24.86 63.30 161.34
C ASN A 1017 -23.65 62.60 161.94
N PRO A 1018 -22.66 63.15 162.20
CA PRO A 1018 -21.43 62.62 162.80
C PRO A 1018 -21.70 61.70 163.99
N SER A 1019 -23.04 61.60 164.39
CA SER A 1019 -23.30 60.82 165.60
C SER A 1019 -23.56 59.36 165.27
N VAL A 1020 -23.51 59.07 163.95
CA VAL A 1020 -23.66 57.65 163.65
C VAL A 1020 -22.29 57.04 163.37
N LYS A 1021 -21.45 56.99 164.27
CA LYS A 1021 -20.30 56.08 164.33
C LYS A 1021 -20.24 55.19 163.10
N LYS A 1022 -19.92 56.00 161.96
CA LYS A 1022 -19.50 55.31 160.76
C LYS A 1022 -19.50 53.80 160.94
N PRO A 1023 -20.45 53.22 160.81
CA PRO A 1023 -20.26 51.78 160.83
C PRO A 1023 -18.98 51.34 160.12
N ALA A 1024 -18.01 51.36 160.64
CA ALA A 1024 -16.84 50.61 160.19
C ALA A 1024 -17.14 49.82 158.93
N ALA A 1025 -17.89 50.54 158.06
CA ALA A 1025 -18.07 49.95 156.74
C ALA A 1025 -16.73 49.58 156.12
N PHE A 1026 -16.23 49.04 156.33
CA PHE A 1026 -15.49 48.19 155.41
C PHE A 1026 -15.72 48.62 153.97
N LEU A 1027 -15.72 49.97 153.68
CA LEU A 1027 -15.72 50.62 152.37
C LEU A 1027 -14.50 50.19 151.56
N LYS A 1028 -14.29 48.93 151.13
CA LYS A 1028 -13.37 48.63 150.03
C LYS A 1028 -13.36 49.74 149.00
N PRO A 1029 -12.41 50.82 148.71
CA PRO A 1029 -12.23 51.85 147.68
C PRO A 1029 -12.92 51.52 146.36
N PRO A 1030 -13.66 52.22 145.69
CA PRO A 1030 -14.27 52.05 144.37
C PRO A 1030 -13.38 51.25 143.41
N VAL A 1031 -13.30 50.14 143.24
CA VAL A 1031 -12.70 49.37 142.15
C VAL A 1031 -12.58 50.25 140.91
N GLN A 1032 -11.61 51.12 140.54
CA GLN A 1032 -11.11 51.77 139.34
C GLN A 1032 -11.92 51.37 138.11
N PRO A 1033 -12.82 52.24 137.41
CA PRO A 1033 -13.50 51.97 136.13
C PRO A 1033 -12.74 50.98 135.25
N PRO A 1034 -13.12 49.80 134.96
CA PRO A 1034 -12.44 48.94 133.99
C PRO A 1034 -11.69 49.73 132.91
N SER A 1035 -10.57 50.17 132.82
CA SER A 1035 -9.63 50.58 131.79
C SER A 1035 -10.13 50.22 130.40
N LYS A 1036 -10.92 51.10 129.50
CA LYS A 1036 -11.18 51.13 128.08
C LYS A 1036 -11.00 49.73 127.46
N PRO A 1037 -11.93 49.01 127.37
CA PRO A 1037 -11.65 47.79 126.60
C PRO A 1037 -10.60 48.00 125.51
N GLU A 1038 -9.48 48.16 125.58
CA GLU A 1038 -8.39 48.07 124.62
C GLU A 1038 -8.68 47.04 123.54
N GLY A 1039 -9.90 46.91 123.01
CA GLY A 1039 -10.14 46.07 121.86
C GLY A 1039 -10.17 46.84 120.55
N GLU A 1040 -9.26 47.47 120.22
CA GLU A 1040 -8.92 47.83 118.84
C GLU A 1040 -9.97 47.31 117.86
N GLN A 1041 -11.01 47.69 117.71
CA GLN A 1041 -11.88 47.54 116.55
C GLN A 1041 -11.09 47.70 115.25
N LYS A 1042 -10.13 47.04 115.00
CA LYS A 1042 -9.54 47.01 113.65
C LYS A 1042 -10.63 46.99 112.58
N ALA A 1043 -11.31 47.96 112.46
CA ALA A 1043 -12.05 48.27 111.24
C ALA A 1043 -11.55 47.41 110.07
N VAL A 1044 -11.76 46.36 109.83
CA VAL A 1044 -11.55 45.58 108.63
C VAL A 1044 -11.92 46.41 107.39
N GLU A 1045 -11.19 47.32 107.01
CA GLU A 1045 -11.17 47.96 105.70
C GLU A 1045 -11.35 46.94 104.58
N VAL A 1046 -12.47 46.43 104.30
CA VAL A 1046 -12.76 45.68 103.09
C VAL A 1046 -12.34 46.49 101.86
N LYS A 1047 -11.08 46.84 101.49
CA LYS A 1047 -10.57 47.41 100.25
C LYS A 1047 -11.10 46.66 99.03
N SER A 1048 -12.29 46.86 98.58
CA SER A 1048 -12.78 46.49 97.25
C SER A 1048 -11.74 46.79 96.18
N GLU A 1049 -10.64 46.45 96.02
CA GLU A 1049 -9.72 46.55 94.90
C GLU A 1049 -10.46 46.39 93.57
N GLU A 1050 -11.22 47.16 93.08
CA GLU A 1050 -11.64 47.41 91.70
C GLU A 1050 -10.63 46.87 90.70
N THR A 1051 -10.31 45.77 90.65
CA THR A 1051 -9.58 45.20 89.52
C THR A 1051 -10.05 45.83 88.22
N LYS A 1052 -9.75 47.03 87.80
CA LYS A 1052 -9.73 47.56 86.44
C LYS A 1052 -9.49 46.45 85.42
N SER A 1053 -10.40 45.42 85.34
CA SER A 1053 -10.31 44.70 84.07
C SER A 1053 -9.90 45.62 82.93
N GLN B 59 0.51 -30.66 45.34
CA GLN B 59 0.23 -29.24 44.99
C GLN B 59 1.50 -28.52 44.53
N ALA B 60 2.46 -28.27 45.44
CA ALA B 60 3.72 -27.59 45.15
C ALA B 60 4.65 -28.37 44.19
N VAL B 61 5.56 -27.65 43.52
CA VAL B 61 6.46 -28.17 42.45
C VAL B 61 7.34 -29.34 42.92
N ASP B 62 7.44 -30.38 42.10
CA ASP B 62 8.39 -31.48 42.24
C ASP B 62 9.37 -31.50 41.04
N GLU B 63 10.67 -31.31 41.31
CA GLU B 63 11.72 -31.20 40.29
C GLU B 63 12.07 -32.53 39.61
N THR B 64 11.57 -33.68 40.10
CA THR B 64 11.89 -35.00 39.56
C THR B 64 11.18 -35.32 38.23
N LEU B 65 10.24 -34.48 37.78
CA LEU B 65 9.55 -34.62 36.49
C LEU B 65 10.10 -33.61 35.46
N THR B 66 10.45 -34.09 34.26
CA THR B 66 11.19 -33.36 33.22
C THR B 66 10.38 -33.26 31.89
N PRO B 67 10.46 -32.15 31.12
CA PRO B 67 9.63 -31.95 29.94
C PRO B 67 10.01 -32.83 28.73
N TRP B 68 9.01 -33.16 27.90
CA TRP B 68 9.11 -34.14 26.81
C TRP B 68 8.14 -33.81 25.66
N THR B 69 8.41 -34.37 24.48
CA THR B 69 7.60 -34.17 23.25
C THR B 69 6.95 -35.48 22.79
N TRP B 70 5.62 -35.54 22.64
CA TRP B 70 4.93 -36.73 22.10
C TRP B 70 5.11 -36.85 20.58
N ASN B 71 5.42 -38.03 20.06
CA ASN B 71 5.71 -38.24 18.64
C ASN B 71 4.52 -37.97 17.69
N ASN B 72 3.27 -38.09 18.19
CA ASN B 72 2.06 -38.07 17.37
C ASN B 72 1.54 -36.66 17.00
N ASN B 73 1.77 -35.67 17.85
CA ASN B 73 1.39 -34.26 17.63
C ASN B 73 2.56 -33.28 17.81
N ASN B 74 3.70 -33.74 18.34
CA ASN B 74 4.86 -32.93 18.71
C ASN B 74 4.56 -31.77 19.69
N PHE B 75 3.45 -31.84 20.43
CA PHE B 75 3.16 -30.89 21.51
C PHE B 75 4.14 -31.08 22.68
N SER B 76 4.45 -29.99 23.38
CA SER B 76 5.17 -30.03 24.65
C SER B 76 4.80 -28.87 25.58
N SER B 77 4.47 -27.69 25.02
CA SER B 77 3.90 -26.57 25.78
C SER B 77 2.90 -25.70 25.02
N LEU B 78 1.99 -25.05 25.77
CA LEU B 78 1.11 -23.98 25.32
C LEU B 78 1.58 -22.63 25.91
N LYS B 79 1.73 -21.61 25.05
CA LYS B 79 1.84 -20.21 25.48
C LYS B 79 0.46 -19.68 25.90
N ILE B 80 0.28 -19.31 27.16
CA ILE B 80 -0.93 -18.58 27.62
C ILE B 80 -0.84 -17.12 27.12
N THR B 81 -1.97 -16.54 26.74
CA THR B 81 -2.07 -15.16 26.21
C THR B 81 -3.22 -14.38 26.85
N GLY B 82 -3.21 -13.05 26.74
CA GLY B 82 -4.20 -12.16 27.34
C GLY B 82 -3.86 -11.75 28.78
N GLU B 83 -4.84 -11.86 29.67
CA GLU B 83 -4.84 -11.23 31.00
C GLU B 83 -3.74 -11.68 31.98
N ASN B 84 -3.20 -12.89 31.85
CA ASN B 84 -2.11 -13.41 32.70
C ASN B 84 -1.20 -14.38 31.91
N PRO B 85 -0.19 -13.91 31.16
CA PRO B 85 0.66 -14.75 30.30
C PRO B 85 1.59 -15.68 31.06
N GLY B 86 2.10 -16.71 30.37
CA GLY B 86 2.96 -17.77 30.91
C GLY B 86 2.93 -19.02 30.03
N SER B 87 3.24 -20.18 30.60
CA SER B 87 3.26 -21.46 29.87
C SER B 87 2.62 -22.61 30.66
N PHE B 88 1.93 -23.53 30.00
CA PHE B 88 1.70 -24.90 30.48
C PHE B 88 2.60 -25.85 29.69
N GLY B 89 3.17 -26.88 30.31
CA GLY B 89 3.92 -27.89 29.56
C GLY B 89 3.89 -29.29 30.16
N LEU B 90 3.96 -30.31 29.29
CA LEU B 90 3.97 -31.72 29.69
C LEU B 90 5.31 -32.07 30.36
N VAL B 91 5.28 -32.84 31.45
CA VAL B 91 6.47 -33.41 32.10
C VAL B 91 6.25 -34.89 32.48
N ARG B 92 7.34 -35.67 32.61
CA ARG B 92 7.32 -37.09 32.97
C ARG B 92 8.52 -37.47 33.85
N SER B 93 8.44 -38.58 34.58
CA SER B 93 9.54 -39.07 35.42
C SER B 93 10.75 -39.54 34.58
N GLN B 94 11.95 -39.30 35.09
CA GLN B 94 13.22 -39.50 34.35
C GLN B 94 13.71 -40.97 34.30
N ASN B 95 13.15 -41.86 35.11
CA ASN B 95 13.69 -43.20 35.40
C ASN B 95 13.78 -44.16 34.20
N ASP B 96 14.88 -44.90 34.12
CA ASP B 96 15.19 -45.91 33.10
C ASP B 96 14.66 -47.33 33.44
N ASN B 97 15.02 -48.33 32.63
CA ASN B 97 14.73 -49.76 32.85
C ASN B 97 13.23 -50.13 32.88
N LEU B 98 12.42 -49.47 32.04
CA LEU B 98 10.98 -49.72 31.91
C LEU B 98 10.67 -51.06 31.18
N ASN B 99 10.79 -52.17 31.91
CA ASN B 99 10.52 -53.53 31.42
C ASN B 99 9.01 -53.82 31.35
N ILE B 100 8.33 -53.34 30.29
CA ILE B 100 6.89 -53.61 30.06
C ILE B 100 6.66 -55.11 29.74
N SER B 101 7.62 -55.78 29.11
CA SER B 101 7.57 -57.22 28.78
C SER B 101 7.40 -58.16 29.99
N SER B 102 7.61 -57.65 31.22
CA SER B 102 7.29 -58.36 32.46
C SER B 102 5.79 -58.57 32.70
N VAL B 103 4.91 -57.80 32.03
CA VAL B 103 3.45 -58.00 32.04
C VAL B 103 3.09 -59.13 31.06
N THR B 104 3.22 -60.37 31.50
CA THR B 104 3.10 -61.58 30.66
C THR B 104 1.72 -61.72 30.02
N LYS B 105 1.67 -62.06 28.72
CA LYS B 105 0.45 -62.32 27.95
C LYS B 105 0.27 -63.81 27.68
N ASN B 106 -0.86 -64.39 28.12
CA ASN B 106 -1.23 -65.78 27.86
C ASN B 106 -1.87 -65.95 26.46
N SER B 107 -1.96 -67.17 25.94
CA SER B 107 -2.57 -67.48 24.63
C SER B 107 -4.10 -67.61 24.68
N SER B 108 -4.69 -67.83 25.86
CA SER B 108 -6.10 -68.21 26.05
C SER B 108 -7.08 -67.04 26.24
N ASP B 109 -6.63 -65.77 26.17
CA ASP B 109 -7.46 -64.58 26.46
C ASP B 109 -7.23 -63.39 25.50
N ASP B 110 -8.17 -62.44 25.50
CA ASP B 110 -8.16 -61.24 24.65
C ASP B 110 -7.25 -60.10 25.20
N ASN B 111 -7.12 -59.01 24.45
CA ASN B 111 -6.18 -57.91 24.74
C ASN B 111 -6.59 -57.02 25.94
N LEU B 112 -7.87 -56.93 26.31
CA LEU B 112 -8.36 -55.85 27.18
C LEU B 112 -7.78 -55.93 28.61
N LYS B 113 -7.79 -57.13 29.21
CA LYS B 113 -7.21 -57.35 30.55
C LYS B 113 -5.68 -57.17 30.58
N TYR B 114 -5.00 -57.49 29.49
CA TYR B 114 -3.57 -57.17 29.29
C TYR B 114 -3.34 -55.64 29.23
N LEU B 115 -4.09 -54.91 28.41
CA LEU B 115 -3.95 -53.45 28.32
C LEU B 115 -4.24 -52.75 29.67
N ASN B 116 -5.26 -53.21 30.41
CA ASN B 116 -5.53 -52.70 31.76
C ASN B 116 -4.39 -53.06 32.75
N ALA B 117 -3.79 -54.25 32.66
CA ALA B 117 -2.61 -54.60 33.45
C ALA B 117 -1.38 -53.74 33.09
N VAL B 118 -1.18 -53.40 31.82
CA VAL B 118 -0.13 -52.45 31.39
C VAL B 118 -0.39 -51.05 31.93
N GLU B 119 -1.61 -50.52 31.87
CA GLU B 119 -1.94 -49.22 32.50
C GLU B 119 -1.71 -49.26 34.03
N LYS B 120 -2.12 -50.33 34.73
CA LYS B 120 -1.85 -50.53 36.18
C LYS B 120 -0.36 -50.63 36.50
N TYR B 121 0.44 -51.23 35.63
CA TYR B 121 1.91 -51.29 35.75
C TYR B 121 2.54 -49.91 35.55
N LEU B 122 2.16 -49.20 34.49
CA LEU B 122 2.65 -47.84 34.20
C LEU B 122 2.25 -46.82 35.28
N ASP B 123 1.10 -46.98 35.94
CA ASP B 123 0.71 -46.21 37.13
C ASP B 123 1.69 -46.36 38.30
N GLY B 124 2.38 -47.50 38.42
CA GLY B 124 3.43 -47.73 39.41
C GLY B 124 4.82 -47.29 38.93
N GLN B 125 5.18 -47.59 37.68
CA GLN B 125 6.52 -47.39 37.15
C GLN B 125 6.85 -45.96 36.69
N GLN B 126 5.86 -45.10 36.40
CA GLN B 126 6.08 -43.73 35.90
C GLN B 126 5.10 -42.70 36.48
N ASN B 127 5.48 -41.42 36.45
CA ASN B 127 4.62 -40.28 36.78
C ASN B 127 4.62 -39.26 35.63
N PHE B 128 3.48 -38.60 35.42
CA PHE B 128 3.26 -37.58 34.37
C PHE B 128 2.46 -36.40 34.94
N ALA B 129 2.76 -35.17 34.48
CA ALA B 129 2.15 -33.95 35.01
C ALA B 129 2.14 -32.80 33.99
N ILE B 130 1.39 -31.72 34.29
CA ILE B 130 1.23 -30.54 33.42
C ILE B 130 1.43 -29.23 34.19
N ARG B 131 2.66 -28.99 34.67
CA ARG B 131 3.00 -27.80 35.46
C ARG B 131 2.79 -26.47 34.70
N ARG B 132 2.42 -25.41 35.43
CA ARG B 132 2.46 -24.03 34.93
C ARG B 132 3.85 -23.40 35.17
N TYR B 133 4.28 -22.55 34.24
CA TYR B 133 5.45 -21.68 34.33
C TYR B 133 5.05 -20.21 34.14
N ASP B 134 5.81 -19.29 34.74
CA ASP B 134 5.67 -17.84 34.49
C ASP B 134 6.22 -17.42 33.11
N ASN B 135 6.10 -16.13 32.78
CA ASN B 135 6.46 -15.58 31.47
C ASN B 135 7.97 -15.69 31.12
N ASN B 136 8.84 -15.97 32.10
CA ASN B 136 10.28 -16.23 31.92
C ASN B 136 10.65 -17.72 32.10
N GLY B 137 9.69 -18.61 32.37
CA GLY B 137 9.92 -20.06 32.49
C GLY B 137 10.17 -20.57 33.92
N ARG B 138 9.88 -19.81 34.97
CA ARG B 138 9.93 -20.30 36.38
C ARG B 138 8.68 -21.13 36.70
N ALA B 139 8.84 -22.35 37.19
CA ALA B 139 7.72 -23.23 37.56
C ALA B 139 6.89 -22.68 38.75
N LEU B 140 5.56 -22.88 38.74
CA LEU B 140 4.62 -22.34 39.73
C LEU B 140 3.91 -23.42 40.58
N TYR B 141 3.26 -24.40 39.94
CA TYR B 141 2.58 -25.52 40.61
C TYR B 141 2.51 -26.77 39.70
N ASP B 142 2.39 -27.95 40.31
CA ASP B 142 2.85 -29.22 39.70
C ASP B 142 1.84 -29.92 38.77
N ILE B 143 0.58 -30.04 39.19
CA ILE B 143 -0.53 -30.70 38.46
C ILE B 143 -0.19 -32.12 37.94
N ASN B 144 0.21 -33.02 38.85
CA ASN B 144 0.20 -34.46 38.57
C ASN B 144 -1.22 -35.01 38.75
N LEU B 145 -1.98 -35.10 37.65
CA LEU B 145 -3.43 -35.40 37.67
C LEU B 145 -3.80 -36.74 38.33
N ALA B 146 -2.87 -37.71 38.39
CA ALA B 146 -3.07 -38.97 39.11
C ALA B 146 -2.98 -38.84 40.65
N LYS B 147 -2.42 -37.74 41.17
CA LYS B 147 -1.98 -37.60 42.57
C LYS B 147 -2.42 -36.32 43.31
N MET B 148 -2.84 -35.25 42.61
CA MET B 148 -3.17 -33.96 43.26
C MET B 148 -4.28 -34.07 44.31
N GLU B 149 -4.14 -33.28 45.37
CA GLU B 149 -5.03 -33.22 46.53
C GLU B 149 -6.38 -32.54 46.23
N ASN B 150 -7.44 -32.98 46.92
CA ASN B 150 -8.80 -32.39 46.91
C ASN B 150 -9.31 -31.88 45.53
N PRO B 151 -9.35 -32.74 44.48
CA PRO B 151 -9.82 -32.34 43.16
C PRO B 151 -11.30 -31.93 43.17
N SER B 152 -11.66 -30.87 42.43
CA SER B 152 -13.01 -30.31 42.41
C SER B 152 -13.35 -29.68 41.05
N THR B 153 -14.64 -29.67 40.69
CA THR B 153 -15.17 -28.74 39.69
C THR B 153 -15.35 -27.33 40.28
N VAL B 154 -15.41 -26.30 39.44
CA VAL B 154 -15.68 -24.90 39.83
C VAL B 154 -17.19 -24.64 40.04
N GLN B 155 -17.52 -23.94 41.13
CA GLN B 155 -18.87 -23.52 41.50
C GLN B 155 -19.39 -22.38 40.60
N ARG B 156 -20.69 -22.37 40.28
CA ARG B 156 -21.32 -21.44 39.32
C ARG B 156 -22.40 -20.57 39.96
N GLY B 157 -22.57 -19.36 39.44
CA GLY B 157 -23.79 -18.56 39.62
C GLY B 157 -24.95 -19.05 38.75
N LEU B 158 -26.15 -18.51 38.98
CA LEU B 158 -27.37 -18.93 38.26
C LEU B 158 -27.36 -18.61 36.75
N ASN B 159 -26.53 -17.67 36.32
CA ASN B 159 -26.26 -17.36 34.90
C ASN B 159 -25.12 -18.18 34.26
N GLY B 160 -24.63 -19.22 34.95
CA GLY B 160 -23.59 -20.15 34.47
C GLY B 160 -22.15 -19.70 34.69
N GLU B 161 -21.90 -18.42 35.02
CA GLU B 161 -20.56 -17.89 35.27
C GLU B 161 -19.88 -18.55 36.48
N PRO B 162 -18.57 -18.87 36.42
CA PRO B 162 -17.81 -19.36 37.56
C PRO B 162 -17.61 -18.26 38.60
N ILE B 163 -17.83 -18.57 39.88
CA ILE B 163 -17.60 -17.59 40.96
C ILE B 163 -16.10 -17.45 41.23
N PHE B 164 -15.60 -16.22 41.21
CA PHE B 164 -14.16 -15.92 41.18
C PHE B 164 -13.81 -14.55 41.80
N ASP B 165 -12.62 -14.44 42.38
CA ASP B 165 -11.98 -13.19 42.82
C ASP B 165 -10.46 -13.40 42.80
N PRO B 166 -9.66 -12.69 41.98
CA PRO B 166 -8.28 -13.07 41.64
C PRO B 166 -7.37 -13.50 42.79
N PHE B 167 -7.39 -12.84 43.95
CA PHE B 167 -6.53 -13.22 45.09
C PHE B 167 -7.00 -14.50 45.80
N LYS B 168 -8.33 -14.71 45.92
CA LYS B 168 -8.94 -15.94 46.45
C LYS B 168 -8.89 -17.10 45.45
N GLY B 169 -9.02 -16.79 44.16
CA GLY B 169 -9.20 -17.77 43.08
C GLY B 169 -10.67 -18.13 42.86
N PHE B 170 -10.91 -19.31 42.29
CA PHE B 170 -12.25 -19.82 42.01
C PHE B 170 -12.92 -20.41 43.27
N GLY B 171 -14.26 -20.42 43.29
CA GLY B 171 -15.03 -21.23 44.24
C GLY B 171 -15.04 -22.69 43.81
N LEU B 172 -14.73 -23.61 44.73
CA LEU B 172 -14.69 -25.06 44.50
C LEU B 172 -15.88 -25.73 45.19
N THR B 173 -16.61 -26.59 44.49
CA THR B 173 -17.78 -27.31 45.04
C THR B 173 -17.40 -28.39 46.07
N GLY B 174 -16.14 -28.83 46.10
CA GLY B 174 -15.64 -29.85 47.03
C GLY B 174 -15.82 -31.29 46.53
N ASN B 175 -16.24 -31.49 45.27
CA ASN B 175 -16.41 -32.80 44.65
C ASN B 175 -15.85 -32.83 43.22
N ALA B 176 -15.20 -33.94 42.84
CA ALA B 176 -14.58 -34.09 41.53
C ALA B 176 -15.62 -34.15 40.38
N PRO B 177 -15.22 -33.86 39.13
CA PRO B 177 -16.06 -34.07 37.95
C PRO B 177 -16.55 -35.52 37.78
N THR B 178 -17.45 -35.74 36.83
CA THR B 178 -17.91 -37.09 36.45
C THR B 178 -16.75 -37.96 35.93
N ASP B 179 -16.87 -39.29 36.12
CA ASP B 179 -15.90 -40.31 35.67
C ASP B 179 -14.46 -40.16 36.22
N TRP B 180 -14.30 -39.48 37.37
CA TRP B 180 -12.98 -39.25 37.99
C TRP B 180 -12.21 -40.54 38.32
N ASN B 181 -12.93 -41.62 38.64
CA ASN B 181 -12.36 -42.94 38.94
C ASN B 181 -11.66 -43.62 37.74
N GLU B 182 -11.87 -43.15 36.50
CA GLU B 182 -11.16 -43.65 35.31
C GLU B 182 -10.40 -42.57 34.51
N ILE B 183 -10.63 -41.27 34.77
CA ILE B 183 -9.76 -40.21 34.19
C ILE B 183 -8.38 -40.17 34.87
N LYS B 184 -8.29 -40.51 36.16
CA LYS B 184 -7.04 -40.40 36.95
C LYS B 184 -5.88 -41.28 36.47
N GLY B 185 -6.13 -42.29 35.64
CA GLY B 185 -5.10 -43.10 34.99
C GLY B 185 -4.57 -42.56 33.65
N LYS B 186 -5.25 -41.58 33.05
CA LYS B 186 -4.93 -41.03 31.73
C LYS B 186 -3.82 -39.97 31.80
N VAL B 187 -3.07 -39.82 30.71
CA VAL B 187 -1.99 -38.83 30.56
C VAL B 187 -2.44 -37.70 29.63
N PRO B 188 -2.28 -36.41 30.02
CA PRO B 188 -2.57 -35.28 29.15
C PRO B 188 -1.50 -35.15 28.04
N VAL B 189 -1.92 -34.81 26.82
CA VAL B 189 -1.05 -34.80 25.62
C VAL B 189 -1.20 -33.57 24.73
N GLU B 190 -2.22 -32.72 24.94
CA GLU B 190 -2.32 -31.43 24.25
C GLU B 190 -3.17 -30.43 25.05
N VAL B 191 -2.83 -29.13 25.03
CA VAL B 191 -3.52 -28.07 25.79
C VAL B 191 -3.77 -26.84 24.91
N VAL B 192 -4.93 -26.20 25.03
CA VAL B 192 -5.32 -24.96 24.31
C VAL B 192 -6.16 -24.02 25.21
N GLN B 193 -6.31 -22.76 24.79
CA GLN B 193 -7.00 -21.68 25.55
C GLN B 193 -8.25 -21.17 24.80
N SER B 194 -9.31 -20.76 25.52
CA SER B 194 -10.49 -20.13 24.92
C SER B 194 -10.16 -18.77 24.26
N PRO B 195 -10.67 -18.47 23.04
CA PRO B 195 -10.40 -17.20 22.38
C PRO B 195 -11.19 -16.02 22.98
N HIS B 196 -12.35 -16.27 23.58
CA HIS B 196 -13.29 -15.22 24.04
C HIS B 196 -13.56 -15.22 25.56
N SER B 197 -13.28 -16.30 26.29
CA SER B 197 -13.58 -16.41 27.73
C SER B 197 -12.30 -16.31 28.59
N PRO B 198 -12.27 -15.48 29.65
CA PRO B 198 -11.07 -15.29 30.48
C PRO B 198 -10.80 -16.52 31.37
N ASN B 199 -9.52 -16.80 31.65
CA ASN B 199 -9.04 -17.88 32.52
C ASN B 199 -9.53 -19.31 32.16
N LEU B 200 -10.06 -19.54 30.95
CA LEU B 200 -10.69 -20.81 30.54
C LEU B 200 -9.81 -21.56 29.51
N TYR B 201 -9.50 -22.82 29.81
CA TYR B 201 -8.57 -23.66 29.06
C TYR B 201 -9.15 -25.06 28.81
N PHE B 202 -8.58 -25.77 27.83
CA PHE B 202 -8.97 -27.13 27.46
C PHE B 202 -7.75 -28.04 27.33
N VAL B 203 -7.85 -29.29 27.79
CA VAL B 203 -6.77 -30.30 27.71
C VAL B 203 -7.31 -31.64 27.23
N LEU B 204 -6.54 -32.31 26.39
CA LEU B 204 -6.78 -33.63 25.82
C LEU B 204 -5.92 -34.70 26.52
N LEU B 205 -6.54 -35.85 26.85
CA LEU B 205 -5.95 -36.95 27.61
C LEU B 205 -6.18 -38.31 26.93
N VAL B 206 -5.22 -39.23 27.08
CA VAL B 206 -5.21 -40.57 26.48
C VAL B 206 -4.70 -41.63 27.49
N PRO B 207 -4.97 -42.94 27.30
CA PRO B 207 -4.28 -44.01 28.03
C PRO B 207 -2.76 -43.97 27.79
N LYS B 208 -1.92 -44.34 28.77
CA LYS B 208 -0.45 -44.27 28.62
C LYS B 208 0.10 -45.21 27.54
N VAL B 209 -0.60 -46.29 27.17
CA VAL B 209 -0.24 -47.11 26.00
C VAL B 209 -0.19 -46.29 24.70
N ALA B 210 -0.95 -45.21 24.55
CA ALA B 210 -0.84 -44.32 23.39
C ALA B 210 0.52 -43.58 23.30
N LEU B 211 1.29 -43.52 24.40
CA LEU B 211 2.69 -43.13 24.39
C LEU B 211 3.60 -44.36 24.23
N GLU B 212 3.38 -45.39 25.05
CA GLU B 212 4.28 -46.54 25.20
C GLU B 212 4.12 -47.64 24.13
N TYR B 213 3.25 -47.47 23.13
CA TYR B 213 2.88 -48.47 22.11
C TYR B 213 4.08 -49.23 21.49
N HIS B 214 5.17 -48.54 21.13
CA HIS B 214 6.38 -49.18 20.58
C HIS B 214 7.26 -49.91 21.63
N ASN B 215 7.04 -49.65 22.92
CA ASN B 215 7.73 -50.30 24.04
C ASN B 215 6.97 -51.52 24.61
N LEU B 216 5.69 -51.72 24.25
CA LEU B 216 4.95 -52.97 24.49
C LEU B 216 5.59 -54.15 23.71
N ASN B 217 5.35 -55.38 24.17
CA ASN B 217 6.05 -56.58 23.69
C ASN B 217 5.64 -57.04 22.27
N ASN B 218 6.61 -57.53 21.49
CA ASN B 218 6.51 -57.63 20.04
C ASN B 218 5.54 -58.71 19.50
N GLN B 219 5.19 -59.75 20.28
CA GLN B 219 4.27 -60.80 19.81
C GLN B 219 2.79 -60.40 19.87
N VAL B 220 2.45 -59.28 20.53
CA VAL B 220 1.12 -58.66 20.50
C VAL B 220 1.09 -57.38 19.65
N VAL B 221 2.07 -56.47 19.79
CA VAL B 221 2.22 -55.31 18.89
C VAL B 221 3.02 -55.71 17.63
N LYS B 222 2.39 -56.53 16.78
CA LYS B 222 2.97 -57.09 15.55
C LYS B 222 2.91 -56.14 14.35
N GLU B 223 3.76 -56.39 13.35
CA GLU B 223 3.62 -55.86 11.99
C GLU B 223 2.42 -56.51 11.25
N SER B 224 1.87 -55.86 10.23
CA SER B 224 0.75 -56.40 9.44
C SER B 224 1.15 -57.57 8.51
N LEU B 225 2.45 -57.79 8.31
CA LEU B 225 3.06 -58.87 7.53
C LEU B 225 4.11 -59.61 8.38
N GLU B 226 4.21 -60.94 8.23
CA GLU B 226 5.20 -61.75 8.96
C GLU B 226 6.61 -61.68 8.34
N VAL B 227 7.65 -61.78 9.17
CA VAL B 227 9.04 -61.81 8.72
C VAL B 227 9.51 -63.19 8.20
N LYS B 228 8.90 -64.27 8.69
CA LYS B 228 9.25 -65.68 8.45
C LYS B 228 10.66 -66.12 8.89
N ALA B 229 10.85 -67.43 9.02
CA ALA B 229 12.12 -68.06 9.45
C ALA B 229 13.15 -68.26 8.32
N THR B 230 12.74 -68.14 7.05
CA THR B 230 13.58 -68.25 5.86
C THR B 230 14.46 -69.53 5.76
N GLN B 231 14.02 -70.65 6.36
CA GLN B 231 14.77 -71.90 6.42
C GLN B 231 15.08 -72.53 5.05
N SER B 232 14.20 -72.32 4.06
CA SER B 232 14.39 -72.73 2.66
C SER B 232 15.11 -71.66 1.80
N SER B 233 15.75 -70.67 2.42
CA SER B 233 16.17 -69.38 1.84
C SER B 233 14.98 -68.49 1.41
N PHE B 234 15.18 -67.17 1.43
CA PHE B 234 14.12 -66.19 1.17
C PHE B 234 13.78 -66.05 -0.33
N ASN B 235 12.49 -65.86 -0.64
CA ASN B 235 11.96 -65.61 -1.98
C ASN B 235 10.64 -64.80 -1.88
N PRO B 236 10.58 -63.56 -2.40
CA PRO B 236 9.41 -62.68 -2.25
C PRO B 236 8.19 -63.11 -3.07
N THR B 237 8.35 -64.05 -4.02
CA THR B 237 7.24 -64.57 -4.85
C THR B 237 6.36 -65.60 -4.14
N GLN B 238 6.80 -66.16 -3.01
CA GLN B 238 6.07 -67.25 -2.31
C GLN B 238 4.76 -66.80 -1.64
N ARG B 239 4.66 -65.52 -1.25
CA ARG B 239 3.46 -64.94 -0.62
C ARG B 239 2.40 -64.48 -1.64
N LEU B 240 2.77 -64.20 -2.88
CA LEU B 240 1.89 -63.60 -3.90
C LEU B 240 0.91 -64.62 -4.50
N GLN B 241 -0.40 -64.37 -4.40
CA GLN B 241 -1.41 -65.02 -5.25
C GLN B 241 -1.27 -64.45 -6.68
N LYS B 242 -0.99 -65.30 -7.68
CA LYS B 242 -0.40 -64.85 -8.97
C LYS B 242 -1.08 -65.37 -10.23
N ASP B 243 -1.70 -66.56 -10.19
CA ASP B 243 -2.20 -67.25 -11.38
C ASP B 243 -3.36 -66.49 -12.07
N SER B 244 -3.30 -66.37 -13.40
CA SER B 244 -4.30 -65.61 -14.17
C SER B 244 -5.56 -66.43 -14.52
N PRO B 245 -6.72 -65.76 -14.68
CA PRO B 245 -7.99 -66.41 -15.05
C PRO B 245 -8.03 -66.90 -16.51
N VAL B 246 -9.05 -67.70 -16.84
CA VAL B 246 -9.22 -68.36 -18.15
C VAL B 246 -10.70 -68.48 -18.55
N LYS B 247 -10.97 -68.62 -19.85
CA LYS B 247 -12.30 -68.91 -20.41
C LYS B 247 -12.85 -70.25 -19.88
N ASP B 248 -14.10 -70.24 -19.41
CA ASP B 248 -14.80 -71.39 -18.82
C ASP B 248 -15.11 -72.49 -19.85
N SER B 249 -14.53 -73.68 -19.65
CA SER B 249 -14.62 -74.85 -20.54
C SER B 249 -16.05 -75.37 -20.79
N SER B 250 -17.04 -74.93 -19.99
CA SER B 250 -18.44 -75.38 -20.09
C SER B 250 -19.44 -74.23 -20.22
N LYS B 251 -18.98 -72.98 -20.46
CA LYS B 251 -19.84 -71.76 -20.46
C LYS B 251 -19.39 -70.67 -21.45
N GLN B 252 -18.78 -71.06 -22.57
CA GLN B 252 -18.23 -70.15 -23.58
C GLN B 252 -19.28 -69.26 -24.28
N GLY B 253 -20.54 -69.72 -24.36
CA GLY B 253 -21.57 -69.12 -25.22
C GLY B 253 -22.32 -67.90 -24.68
N GLU B 254 -22.18 -67.55 -23.39
CA GLU B 254 -22.96 -66.47 -22.75
C GLU B 254 -22.42 -65.04 -23.02
N LYS B 255 -21.36 -64.91 -23.83
CA LYS B 255 -20.75 -63.64 -24.28
C LYS B 255 -21.77 -62.65 -24.88
N LEU B 256 -21.42 -61.37 -24.92
CA LEU B 256 -22.25 -60.32 -25.52
C LEU B 256 -22.57 -60.61 -27.00
N SER B 257 -23.81 -60.36 -27.41
CA SER B 257 -24.23 -60.55 -28.81
C SER B 257 -23.73 -59.42 -29.73
N GLU B 258 -23.28 -59.80 -30.92
CA GLU B 258 -22.94 -58.85 -31.98
C GLU B 258 -24.20 -58.16 -32.55
N THR B 259 -24.12 -56.87 -32.84
CA THR B 259 -25.24 -56.08 -33.40
C THR B 259 -25.58 -56.55 -34.82
N THR B 260 -26.70 -57.26 -34.98
CA THR B 260 -27.09 -57.91 -36.25
C THR B 260 -27.49 -56.92 -37.35
N ALA B 261 -28.10 -55.79 -36.99
CA ALA B 261 -28.33 -54.64 -37.86
C ALA B 261 -28.19 -53.33 -37.07
N SER B 262 -27.54 -52.32 -37.65
CA SER B 262 -27.20 -51.06 -37.00
C SER B 262 -27.88 -49.86 -37.67
N SER B 263 -28.54 -49.00 -36.91
CA SER B 263 -29.33 -47.86 -37.41
C SER B 263 -28.51 -46.85 -38.21
N MET B 264 -29.09 -46.31 -39.30
CA MET B 264 -28.38 -45.45 -40.25
C MET B 264 -27.96 -44.11 -39.65
N SER B 265 -28.83 -43.43 -38.90
CA SER B 265 -28.63 -42.08 -38.36
C SER B 265 -28.23 -41.03 -39.43
N SER B 266 -28.72 -41.20 -40.66
CA SER B 266 -28.34 -40.43 -41.87
C SER B 266 -26.87 -40.54 -42.29
N GLY B 267 -26.14 -41.56 -41.81
CA GLY B 267 -24.79 -41.91 -42.27
C GLY B 267 -24.78 -42.59 -43.65
N MET B 268 -23.57 -42.85 -44.18
CA MET B 268 -23.37 -43.32 -45.56
C MET B 268 -22.29 -44.41 -45.75
N ALA B 269 -21.17 -44.36 -45.03
CA ALA B 269 -20.05 -45.29 -45.24
C ALA B 269 -20.27 -46.69 -44.61
N THR B 270 -19.47 -47.67 -45.06
CA THR B 270 -19.60 -49.12 -44.74
C THR B 270 -18.22 -49.78 -44.63
N SER B 271 -18.11 -50.92 -43.93
CA SER B 271 -16.89 -51.74 -43.88
C SER B 271 -17.19 -53.24 -43.68
N THR B 272 -16.17 -54.08 -43.93
CA THR B 272 -16.24 -55.55 -43.82
C THR B 272 -16.09 -56.06 -42.37
N ARG B 273 -15.59 -55.24 -41.44
CA ARG B 273 -15.30 -55.62 -40.03
C ARG B 273 -16.56 -56.00 -39.25
N ALA B 274 -16.40 -56.88 -38.25
CA ALA B 274 -17.41 -57.22 -37.25
C ALA B 274 -17.94 -55.98 -36.47
N LYS B 275 -19.19 -56.05 -36.02
CA LYS B 275 -19.96 -54.93 -35.45
C LYS B 275 -19.74 -54.77 -33.93
N ALA B 276 -20.30 -53.71 -33.34
CA ALA B 276 -20.33 -53.50 -31.89
C ALA B 276 -21.15 -54.56 -31.14
N LEU B 277 -20.82 -54.77 -29.85
CA LEU B 277 -21.46 -55.77 -28.99
C LEU B 277 -22.52 -55.11 -28.09
N LYS B 278 -23.73 -55.66 -28.01
CA LYS B 278 -24.82 -55.10 -27.19
C LYS B 278 -24.67 -55.46 -25.71
N VAL B 279 -24.98 -54.52 -24.82
CA VAL B 279 -25.19 -54.69 -23.38
C VAL B 279 -26.58 -54.19 -23.01
N GLU B 280 -27.41 -55.03 -22.39
CA GLU B 280 -28.78 -54.68 -21.99
C GLU B 280 -29.09 -55.03 -20.54
N VAL B 281 -29.87 -54.17 -19.87
CA VAL B 281 -30.34 -54.37 -18.49
C VAL B 281 -31.79 -53.88 -18.37
N GLU B 282 -32.70 -54.72 -17.85
CA GLU B 282 -34.08 -54.32 -17.53
C GLU B 282 -34.71 -55.20 -16.42
N ARG B 283 -35.62 -54.61 -15.64
CA ARG B 283 -36.08 -55.11 -14.33
C ARG B 283 -37.02 -56.32 -14.38
N GLY B 284 -37.84 -56.46 -15.42
CA GLY B 284 -38.86 -57.50 -15.50
C GLY B 284 -39.94 -57.41 -14.40
N SER B 285 -40.60 -58.54 -14.11
CA SER B 285 -41.68 -58.67 -13.13
C SER B 285 -41.37 -59.58 -11.93
N GLN B 286 -40.26 -60.35 -11.98
CA GLN B 286 -39.93 -61.34 -10.95
C GLN B 286 -39.46 -60.69 -9.63
N SER B 287 -39.75 -61.33 -8.49
CA SER B 287 -39.53 -60.76 -7.15
C SER B 287 -38.06 -60.64 -6.72
N ASP B 288 -37.14 -61.39 -7.32
CA ASP B 288 -35.71 -61.42 -6.95
C ASP B 288 -34.74 -61.53 -8.14
N SER B 289 -35.21 -61.24 -9.36
CA SER B 289 -34.42 -61.35 -10.59
C SER B 289 -34.76 -60.23 -11.58
N LEU B 290 -33.76 -59.78 -12.34
CA LEU B 290 -33.97 -58.97 -13.54
C LEU B 290 -34.50 -59.83 -14.71
N LEU B 291 -34.89 -59.18 -15.82
CA LEU B 291 -35.19 -59.84 -17.09
C LEU B 291 -33.98 -59.86 -18.05
N LYS B 292 -33.11 -58.84 -17.97
CA LYS B 292 -31.74 -58.86 -18.54
C LYS B 292 -30.77 -58.12 -17.64
N ASN B 293 -29.49 -58.52 -17.67
CA ASN B 293 -28.41 -57.93 -16.87
C ASN B 293 -27.02 -58.23 -17.46
N ASP B 294 -26.74 -57.80 -18.70
CA ASP B 294 -25.53 -58.21 -19.44
C ASP B 294 -24.18 -57.77 -18.81
N PHE B 295 -24.16 -56.76 -17.93
CA PHE B 295 -22.94 -56.43 -17.16
C PHE B 295 -22.53 -57.53 -16.15
N ALA B 296 -23.45 -58.43 -15.75
CA ALA B 296 -23.19 -59.46 -14.74
C ALA B 296 -22.78 -60.83 -15.32
N LYS B 297 -22.54 -60.92 -16.64
CA LYS B 297 -22.02 -62.13 -17.30
C LYS B 297 -20.63 -62.51 -16.76
N LYS B 298 -20.29 -63.79 -16.77
CA LYS B 298 -19.08 -64.35 -16.15
C LYS B 298 -18.52 -65.56 -16.94
N PRO B 299 -18.09 -65.37 -18.20
CA PRO B 299 -17.47 -66.44 -19.00
C PRO B 299 -15.99 -66.70 -18.66
N LEU B 300 -15.31 -65.80 -17.94
CA LEU B 300 -13.99 -66.07 -17.32
C LEU B 300 -14.16 -66.69 -15.92
N LYS B 301 -13.22 -67.55 -15.52
CA LYS B 301 -13.10 -68.09 -14.15
C LYS B 301 -11.64 -68.21 -13.71
N HIS B 302 -11.40 -68.27 -12.40
CA HIS B 302 -10.07 -68.36 -11.80
C HIS B 302 -9.37 -69.71 -12.05
N LYS B 303 -8.03 -69.71 -11.99
CA LYS B 303 -7.18 -70.89 -12.14
C LYS B 303 -7.36 -71.89 -10.99
N ASN B 304 -7.18 -73.19 -11.26
CA ASN B 304 -6.97 -74.23 -10.25
C ASN B 304 -5.48 -74.64 -10.25
N SER B 305 -4.80 -74.46 -9.13
CA SER B 305 -3.38 -74.75 -8.91
C SER B 305 -3.18 -75.29 -7.49
N SER B 306 -3.50 -76.57 -7.28
CA SER B 306 -3.69 -77.18 -5.96
C SER B 306 -4.80 -76.47 -5.16
N GLY B 307 -5.96 -76.29 -5.81
CA GLY B 307 -7.08 -75.48 -5.33
C GLY B 307 -7.23 -74.15 -6.08
N GLU B 308 -8.40 -73.52 -5.96
CA GLU B 308 -8.74 -72.27 -6.66
C GLU B 308 -7.95 -71.05 -6.15
N VAL B 309 -7.41 -70.23 -7.05
CA VAL B 309 -6.80 -68.93 -6.70
C VAL B 309 -7.88 -67.86 -6.48
N LYS B 310 -7.89 -67.26 -5.28
CA LYS B 310 -8.78 -66.15 -4.88
C LYS B 310 -8.27 -65.49 -3.60
N LEU B 311 -8.78 -64.29 -3.27
CA LEU B 311 -8.58 -63.69 -1.95
C LEU B 311 -9.45 -64.43 -0.91
N GLU B 312 -8.80 -65.18 -0.01
CA GLU B 312 -9.43 -66.06 0.98
C GLU B 312 -8.56 -66.07 2.24
N ALA B 313 -8.80 -65.11 3.16
CA ALA B 313 -7.86 -64.76 4.23
C ALA B 313 -7.49 -65.93 5.15
N GLU B 314 -8.43 -66.79 5.52
CA GLU B 314 -8.18 -67.90 6.44
C GLU B 314 -7.20 -68.98 5.91
N LYS B 315 -6.95 -69.06 4.59
CA LYS B 315 -5.91 -69.94 4.01
C LYS B 315 -4.56 -69.26 3.73
N GLU B 316 -4.42 -67.98 4.05
CA GLU B 316 -3.18 -67.20 3.89
C GLU B 316 -2.63 -66.67 5.23
N PHE B 317 -3.50 -66.15 6.09
CA PHE B 317 -3.14 -65.57 7.40
C PHE B 317 -3.37 -66.57 8.54
N THR B 318 -2.36 -67.39 8.83
CA THR B 318 -2.40 -68.42 9.90
C THR B 318 -2.41 -67.84 11.32
N GLU B 319 -1.97 -66.59 11.50
CA GLU B 319 -2.03 -65.83 12.75
C GLU B 319 -2.35 -64.36 12.43
N ALA B 320 -3.56 -64.11 11.93
CA ALA B 320 -3.95 -62.84 11.33
C ALA B 320 -3.78 -61.62 12.27
N TRP B 321 -3.16 -60.55 11.74
CA TRP B 321 -3.00 -59.28 12.45
C TRP B 321 -4.35 -58.60 12.71
N LYS B 322 -4.55 -58.10 13.94
CA LYS B 322 -5.80 -57.51 14.44
C LYS B 322 -5.51 -56.29 15.34
N PRO B 323 -6.45 -55.33 15.46
CA PRO B 323 -6.35 -54.21 16.39
C PRO B 323 -6.07 -54.59 17.84
N LEU B 324 -5.42 -53.69 18.61
CA LEU B 324 -5.35 -53.79 20.07
C LEU B 324 -6.74 -53.76 20.70
N LEU B 325 -7.65 -52.89 20.25
CA LEU B 325 -9.08 -52.89 20.61
C LEU B 325 -9.95 -52.48 19.41
N THR B 326 -11.19 -53.00 19.38
CA THR B 326 -12.21 -52.68 18.37
C THR B 326 -12.92 -51.36 18.67
N THR B 327 -13.59 -50.76 17.69
CA THR B 327 -14.31 -49.49 17.89
C THR B 327 -15.44 -49.60 18.92
N ASP B 328 -16.11 -50.75 19.00
CA ASP B 328 -17.18 -51.03 19.99
C ASP B 328 -16.65 -51.37 21.39
N GLN B 329 -15.38 -51.77 21.52
CA GLN B 329 -14.70 -51.86 22.82
C GLN B 329 -14.32 -50.47 23.34
N ILE B 330 -13.62 -49.66 22.54
CA ILE B 330 -13.11 -48.34 22.95
C ILE B 330 -14.24 -47.38 23.36
N ALA B 331 -15.41 -47.49 22.72
CA ALA B 331 -16.59 -46.71 23.06
C ALA B 331 -17.19 -47.01 24.45
N ARG B 332 -17.15 -48.29 24.88
CA ARG B 332 -17.82 -48.78 26.11
C ARG B 332 -16.88 -48.96 27.30
N GLU B 333 -15.63 -49.33 27.06
CA GLU B 333 -14.57 -49.38 28.07
C GLU B 333 -14.00 -47.96 28.31
N LYS B 334 -14.69 -47.16 29.13
CA LYS B 334 -14.51 -45.70 29.23
C LYS B 334 -13.09 -45.25 29.64
N GLY B 335 -12.31 -46.15 30.25
CA GLY B 335 -10.89 -45.92 30.58
C GLY B 335 -9.94 -45.95 29.37
N MET B 336 -10.30 -46.63 28.27
CA MET B 336 -9.48 -46.76 27.06
C MET B 336 -9.76 -45.71 25.97
N GLY B 337 -10.91 -45.04 25.99
CA GLY B 337 -11.19 -43.90 25.12
C GLY B 337 -10.43 -42.63 25.53
N ALA B 338 -10.08 -41.78 24.57
CA ALA B 338 -9.54 -40.44 24.83
C ALA B 338 -10.60 -39.50 25.44
N THR B 339 -10.14 -38.48 26.17
CA THR B 339 -10.97 -37.54 26.92
C THR B 339 -10.50 -36.11 26.69
N VAL B 340 -11.42 -35.14 26.60
CA VAL B 340 -11.10 -33.70 26.72
C VAL B 340 -11.80 -33.16 27.95
N VAL B 341 -11.11 -32.30 28.71
CA VAL B 341 -11.73 -31.54 29.81
C VAL B 341 -11.49 -30.05 29.66
N SER B 342 -12.46 -29.24 30.09
CA SER B 342 -12.23 -27.82 30.35
C SER B 342 -11.70 -27.62 31.77
N PHE B 343 -10.89 -26.59 32.00
CA PHE B 343 -10.36 -26.24 33.31
C PHE B 343 -10.11 -24.74 33.44
N TYR B 344 -10.01 -24.28 34.69
CA TYR B 344 -9.78 -22.89 35.06
C TYR B 344 -8.47 -22.75 35.84
N ASP B 345 -7.72 -21.68 35.56
CA ASP B 345 -6.39 -21.45 36.12
C ASP B 345 -6.11 -19.95 36.36
N ALA B 346 -5.42 -19.63 37.45
CA ALA B 346 -4.84 -18.32 37.74
C ALA B 346 -3.51 -18.47 38.55
N PRO B 347 -2.41 -17.78 38.17
CA PRO B 347 -1.07 -18.09 38.65
C PRO B 347 -0.73 -17.74 40.11
N TYR B 348 -1.46 -16.79 40.73
CA TYR B 348 -1.10 -16.21 42.05
C TYR B 348 -2.25 -16.24 43.08
N SER B 349 -3.35 -16.94 42.78
CA SER B 349 -4.49 -17.12 43.69
C SER B 349 -4.22 -18.14 44.80
N GLU B 350 -5.01 -18.12 45.87
CA GLU B 350 -5.05 -19.22 46.85
C GLU B 350 -5.61 -20.51 46.21
N ASN B 351 -6.82 -20.46 45.62
CA ASN B 351 -7.41 -21.54 44.82
C ASN B 351 -6.98 -21.42 43.34
N HIS B 352 -5.71 -21.75 43.03
CA HIS B 352 -5.11 -21.45 41.72
C HIS B 352 -5.67 -22.26 40.53
N THR B 353 -6.14 -23.48 40.73
CA THR B 353 -6.64 -24.35 39.65
C THR B 353 -7.83 -25.21 40.08
N ALA B 354 -8.80 -25.41 39.17
CA ALA B 354 -9.93 -26.34 39.33
C ALA B 354 -10.56 -26.71 37.97
N PHE B 355 -11.31 -27.81 37.92
CA PHE B 355 -11.88 -28.35 36.67
C PHE B 355 -13.21 -27.69 36.28
N GLY B 356 -13.54 -27.74 34.98
CA GLY B 356 -14.86 -27.43 34.45
C GLY B 356 -15.68 -28.70 34.24
N LEU B 357 -15.74 -29.17 32.99
CA LEU B 357 -16.52 -30.33 32.52
C LEU B 357 -15.65 -31.36 31.77
N VAL B 358 -16.12 -32.60 31.70
CA VAL B 358 -15.44 -33.76 31.09
C VAL B 358 -16.24 -34.30 29.89
N ASP B 359 -15.57 -34.55 28.76
CA ASP B 359 -16.15 -35.21 27.57
C ASP B 359 -15.29 -36.36 27.03
N HIS B 360 -15.95 -37.47 26.69
CA HIS B 360 -15.35 -38.61 25.97
C HIS B 360 -15.25 -38.30 24.47
N ILE B 361 -14.08 -38.51 23.87
CA ILE B 361 -13.89 -38.45 22.42
C ILE B 361 -14.30 -39.81 21.83
N ASP B 362 -15.59 -40.11 21.94
CA ASP B 362 -16.19 -41.42 21.66
C ASP B 362 -16.10 -41.79 20.17
N PRO B 363 -15.45 -42.92 19.80
CA PRO B 363 -15.38 -43.38 18.40
C PRO B 363 -16.73 -43.44 17.68
N LYS B 364 -17.84 -43.79 18.37
CA LYS B 364 -19.16 -43.87 17.74
C LYS B 364 -19.65 -42.51 17.23
N LYS B 365 -19.25 -41.39 17.88
CA LYS B 365 -19.54 -40.02 17.40
C LYS B 365 -18.76 -39.63 16.14
N MET B 366 -17.78 -40.44 15.72
CA MET B 366 -17.12 -40.36 14.41
C MET B 366 -17.69 -41.42 13.43
N VAL B 367 -17.74 -42.70 13.83
CA VAL B 367 -18.13 -43.83 12.98
C VAL B 367 -19.59 -43.76 12.54
N GLU B 368 -20.53 -43.32 13.38
CA GLU B 368 -21.93 -43.09 12.98
C GLU B 368 -22.10 -41.85 12.07
N ASN B 369 -21.05 -41.05 11.88
CA ASN B 369 -21.00 -39.94 10.92
C ASN B 369 -20.21 -40.28 9.64
N TYR B 370 -19.76 -41.52 9.47
CA TYR B 370 -19.28 -42.00 8.18
C TYR B 370 -20.42 -42.02 7.13
N PRO B 371 -20.15 -41.66 5.85
CA PRO B 371 -21.11 -41.78 4.75
C PRO B 371 -21.74 -43.18 4.60
N PRO B 372 -22.99 -43.30 4.09
CA PRO B 372 -23.69 -44.58 3.95
C PRO B 372 -22.92 -45.68 3.20
N SER B 373 -22.15 -45.34 2.16
CA SER B 373 -21.32 -46.29 1.41
C SER B 373 -20.22 -46.96 2.25
N TRP B 374 -19.78 -46.34 3.35
CA TRP B 374 -18.75 -46.88 4.25
C TRP B 374 -19.26 -48.07 5.08
N LYS B 375 -20.57 -48.36 5.03
CA LYS B 375 -21.15 -49.63 5.50
C LYS B 375 -20.80 -50.81 4.57
N THR B 376 -20.41 -50.56 3.33
CA THR B 376 -20.09 -51.57 2.29
C THR B 376 -18.81 -51.20 1.51
N PRO B 377 -17.63 -51.15 2.16
CA PRO B 377 -16.36 -50.74 1.53
C PRO B 377 -15.84 -51.70 0.44
N LYS B 378 -16.40 -52.91 0.34
CA LYS B 378 -16.20 -53.89 -0.75
C LYS B 378 -17.05 -53.61 -2.01
N TRP B 379 -17.85 -52.54 -2.04
CA TRP B 379 -18.71 -52.16 -3.17
C TRP B 379 -18.54 -50.68 -3.56
N ASN B 380 -18.83 -50.33 -4.81
CA ASN B 380 -18.73 -48.97 -5.35
C ASN B 380 -19.81 -48.69 -6.40
N HIS B 381 -20.00 -47.43 -6.83
CA HIS B 381 -21.12 -47.07 -7.71
C HIS B 381 -21.07 -47.67 -9.13
N HIS B 382 -19.93 -48.15 -9.61
CA HIS B 382 -19.82 -48.93 -10.86
C HIS B 382 -20.24 -50.39 -10.70
N GLY B 383 -20.08 -50.96 -9.50
CA GLY B 383 -20.68 -52.23 -9.10
C GLY B 383 -20.16 -53.46 -9.86
N ILE B 384 -21.09 -54.29 -10.36
CA ILE B 384 -20.88 -55.68 -10.81
C ILE B 384 -19.71 -55.89 -11.78
N TRP B 385 -19.55 -55.08 -12.83
CA TRP B 385 -18.49 -55.31 -13.81
C TRP B 385 -17.10 -54.99 -13.22
N ASP B 386 -17.02 -53.92 -12.42
CA ASP B 386 -15.79 -53.46 -11.78
C ASP B 386 -15.37 -54.41 -10.64
N TYR B 387 -16.34 -54.86 -9.85
CA TYR B 387 -16.16 -55.92 -8.84
C TYR B 387 -15.56 -57.18 -9.45
N ASN B 388 -16.13 -57.68 -10.55
CA ASN B 388 -15.62 -58.86 -11.25
C ASN B 388 -14.24 -58.60 -11.87
N ALA B 389 -14.01 -57.48 -12.56
CA ALA B 389 -12.71 -57.17 -13.15
C ALA B 389 -11.58 -57.08 -12.10
N ARG B 390 -11.85 -56.47 -10.94
CA ARG B 390 -10.89 -56.43 -9.82
C ARG B 390 -10.64 -57.82 -9.22
N ASN B 391 -11.69 -58.61 -8.97
CA ASN B 391 -11.53 -59.96 -8.42
C ASN B 391 -10.80 -60.91 -9.41
N LEU B 392 -11.03 -60.78 -10.71
CA LEU B 392 -10.31 -61.52 -11.75
C LEU B 392 -8.81 -61.18 -11.77
N LEU B 393 -8.45 -59.92 -11.55
CA LEU B 393 -7.05 -59.46 -11.39
C LEU B 393 -6.50 -59.65 -9.95
N LEU B 394 -7.24 -60.32 -9.06
CA LEU B 394 -6.87 -60.56 -7.66
C LEU B 394 -6.62 -59.27 -6.84
N GLN B 395 -7.36 -58.19 -7.14
CA GLN B 395 -7.28 -56.89 -6.47
C GLN B 395 -8.36 -56.71 -5.38
N THR B 396 -8.19 -55.69 -4.53
CA THR B 396 -9.24 -55.16 -3.65
C THR B 396 -10.46 -54.69 -4.45
N THR B 397 -11.64 -55.23 -4.15
CA THR B 397 -12.94 -54.73 -4.63
C THR B 397 -13.46 -53.55 -3.80
N GLY B 398 -14.37 -52.74 -4.38
CA GLY B 398 -15.00 -51.60 -3.72
C GLY B 398 -14.16 -50.33 -3.75
N PHE B 399 -13.82 -49.78 -2.57
CA PHE B 399 -12.99 -48.58 -2.43
C PHE B 399 -12.15 -48.51 -1.13
N PHE B 400 -12.30 -49.44 -0.17
CA PHE B 400 -11.60 -49.32 1.12
C PHE B 400 -11.34 -50.66 1.88
N ASN B 401 -11.36 -51.83 1.23
CA ASN B 401 -11.29 -53.12 1.95
C ASN B 401 -9.96 -53.35 2.73
N PRO B 402 -9.96 -54.23 3.75
CA PRO B 402 -8.82 -54.41 4.64
C PRO B 402 -7.59 -55.11 4.04
N ARG B 403 -7.65 -55.70 2.83
CA ARG B 403 -6.46 -56.31 2.18
C ARG B 403 -5.34 -55.30 1.97
N ARG B 404 -5.68 -54.05 1.60
CA ARG B 404 -4.77 -52.89 1.60
C ARG B 404 -4.80 -52.10 2.92
N HIS B 405 -5.97 -51.94 3.55
CA HIS B 405 -6.19 -50.95 4.63
C HIS B 405 -6.70 -51.57 5.96
N PRO B 406 -5.99 -52.53 6.58
CA PRO B 406 -6.51 -53.26 7.74
C PRO B 406 -6.68 -52.41 9.01
N GLU B 407 -6.10 -51.20 9.06
CA GLU B 407 -6.04 -50.34 10.24
C GLU B 407 -7.41 -49.81 10.69
N TRP B 408 -8.38 -49.72 9.77
CA TRP B 408 -9.75 -49.24 10.03
C TRP B 408 -10.79 -50.34 10.26
N PHE B 409 -10.39 -51.62 10.36
CA PHE B 409 -11.32 -52.75 10.49
C PHE B 409 -11.11 -53.51 11.81
N ASP B 410 -12.20 -53.78 12.54
CA ASP B 410 -12.16 -54.44 13.87
C ASP B 410 -11.56 -55.86 13.87
N GLU B 411 -11.63 -56.57 12.74
CA GLU B 411 -11.04 -57.91 12.56
C GLU B 411 -9.74 -57.89 11.73
N GLY B 412 -9.21 -56.73 11.38
CA GLY B 412 -7.91 -56.58 10.71
C GLY B 412 -7.77 -57.44 9.44
N GLN B 413 -6.68 -58.22 9.35
CA GLN B 413 -6.40 -59.10 8.22
C GLN B 413 -7.37 -60.29 8.09
N ALA B 414 -8.12 -60.66 9.14
CA ALA B 414 -9.01 -61.84 9.11
C ALA B 414 -10.22 -61.69 8.16
N LYS B 415 -10.50 -60.47 7.67
CA LYS B 415 -11.53 -60.16 6.65
C LYS B 415 -10.95 -59.62 5.33
N ALA B 416 -9.68 -59.89 5.04
CA ALA B 416 -8.96 -59.44 3.84
C ALA B 416 -9.39 -60.19 2.56
N ASP B 417 -10.66 -60.07 2.18
CA ASP B 417 -11.30 -60.82 1.10
C ASP B 417 -12.37 -60.00 0.36
N ASN B 418 -12.72 -60.43 -0.86
CA ASN B 418 -13.76 -59.80 -1.68
C ASN B 418 -15.18 -60.37 -1.46
N THR B 419 -15.37 -61.32 -0.53
CA THR B 419 -16.65 -62.03 -0.37
C THR B 419 -17.75 -61.17 0.27
N SER B 420 -19.00 -61.45 -0.09
CA SER B 420 -20.23 -60.85 0.48
C SER B 420 -20.16 -59.32 0.67
N PRO B 421 -20.13 -58.54 -0.43
CA PRO B 421 -19.84 -57.10 -0.40
C PRO B 421 -21.01 -56.20 0.08
N GLY B 422 -22.02 -56.76 0.75
CA GLY B 422 -23.30 -56.08 0.99
C GLY B 422 -24.28 -56.15 -0.19
N PHE B 423 -23.91 -56.88 -1.24
CA PHE B 423 -24.71 -57.10 -2.46
C PHE B 423 -24.67 -58.58 -2.85
N LYS B 424 -25.77 -59.07 -3.44
CA LYS B 424 -25.93 -60.44 -3.95
C LYS B 424 -25.09 -60.63 -5.22
N VAL B 425 -24.03 -61.44 -5.16
CA VAL B 425 -23.11 -61.72 -6.28
C VAL B 425 -22.60 -63.17 -6.25
N GLY B 426 -22.31 -63.74 -7.42
CA GLY B 426 -21.74 -65.09 -7.55
C GLY B 426 -22.77 -66.24 -7.58
N ASP B 427 -24.06 -65.97 -7.78
CA ASP B 427 -25.08 -67.01 -7.98
C ASP B 427 -25.05 -67.58 -9.42
N THR B 428 -25.85 -68.61 -9.71
CA THR B 428 -25.80 -69.36 -10.98
C THR B 428 -26.39 -68.64 -12.21
N ASP B 429 -26.92 -67.42 -12.06
CA ASP B 429 -27.61 -66.68 -13.12
C ASP B 429 -27.29 -65.17 -13.05
N HIS B 430 -26.87 -64.58 -14.17
CA HIS B 430 -26.52 -63.15 -14.24
C HIS B 430 -27.71 -62.24 -13.91
N LYS B 431 -28.96 -62.71 -14.10
CA LYS B 431 -30.18 -61.98 -13.74
C LYS B 431 -30.50 -62.01 -12.25
N LYS B 432 -29.93 -62.99 -11.51
CA LYS B 432 -30.12 -63.21 -10.06
C LYS B 432 -29.14 -62.39 -9.22
N ASP B 433 -27.91 -62.19 -9.69
CA ASP B 433 -26.96 -61.25 -9.10
C ASP B 433 -27.44 -59.78 -9.19
N GLY B 434 -26.93 -58.91 -8.32
CA GLY B 434 -27.09 -57.45 -8.42
C GLY B 434 -28.27 -56.86 -7.62
N PHE B 435 -28.38 -57.23 -6.34
CA PHE B 435 -29.36 -56.69 -5.38
C PHE B 435 -28.69 -56.38 -4.01
N LYS B 436 -29.10 -55.30 -3.35
CA LYS B 436 -28.66 -54.92 -1.99
C LYS B 436 -29.03 -56.00 -0.95
N LYS B 437 -28.13 -56.26 0.02
CA LYS B 437 -28.35 -57.15 1.18
C LYS B 437 -27.55 -56.69 2.43
N ASN B 438 -27.51 -57.54 3.46
CA ASN B 438 -26.72 -57.29 4.68
C ASN B 438 -25.20 -57.28 4.41
N SER B 439 -24.46 -56.37 5.06
CA SER B 439 -23.00 -56.22 4.90
C SER B 439 -22.20 -57.21 5.76
N SER B 440 -21.01 -57.62 5.28
CA SER B 440 -20.09 -58.48 6.03
C SER B 440 -19.06 -57.73 6.89
N SER B 441 -18.70 -56.48 6.56
CA SER B 441 -17.74 -55.67 7.32
C SER B 441 -17.80 -54.18 6.96
N PRO B 442 -18.32 -53.29 7.83
CA PRO B 442 -18.26 -51.84 7.63
C PRO B 442 -16.90 -51.25 8.02
N ILE B 443 -16.60 -50.01 7.60
CA ILE B 443 -15.45 -49.25 8.11
C ILE B 443 -15.71 -48.88 9.59
N ALA B 444 -14.69 -49.01 10.44
CA ALA B 444 -14.74 -48.75 11.87
C ALA B 444 -13.73 -47.66 12.30
N LEU B 445 -13.43 -47.55 13.59
CA LEU B 445 -12.28 -46.77 14.10
C LEU B 445 -11.56 -47.51 15.24
N PRO B 446 -10.84 -48.61 14.93
CA PRO B 446 -10.09 -49.39 15.92
C PRO B 446 -8.91 -48.61 16.52
N PHE B 447 -8.31 -49.15 17.58
CA PHE B 447 -7.29 -48.49 18.41
C PHE B 447 -6.19 -47.76 17.63
N GLU B 448 -5.60 -48.39 16.62
CA GLU B 448 -4.47 -47.85 15.86
C GLU B 448 -4.86 -46.61 15.04
N ALA B 449 -5.94 -46.70 14.26
CA ALA B 449 -6.48 -45.55 13.54
C ALA B 449 -7.04 -44.49 14.50
N TYR B 450 -7.64 -44.90 15.61
CA TYR B 450 -8.23 -43.99 16.59
C TYR B 450 -7.21 -42.98 17.14
N PHE B 451 -6.05 -43.43 17.66
CA PHE B 451 -5.04 -42.50 18.17
C PHE B 451 -4.28 -41.73 17.08
N ALA B 452 -4.28 -42.21 15.83
CA ALA B 452 -3.85 -41.37 14.70
C ALA B 452 -4.87 -40.24 14.40
N ASN B 453 -6.16 -40.45 14.68
CA ASN B 453 -7.19 -39.40 14.63
C ASN B 453 -7.25 -38.52 15.91
N ILE B 454 -6.28 -38.61 16.83
CA ILE B 454 -6.20 -37.81 18.07
C ILE B 454 -4.98 -36.88 18.02
N GLY B 455 -5.10 -35.67 18.59
CA GLY B 455 -4.08 -34.60 18.54
C GLY B 455 -4.42 -33.45 17.58
N ASN B 456 -3.58 -32.43 17.57
CA ASN B 456 -3.71 -31.18 16.80
C ASN B 456 -5.03 -30.44 17.09
N MET B 457 -5.07 -29.76 18.23
CA MET B 457 -6.21 -28.99 18.71
C MET B 457 -6.20 -27.52 18.24
N VAL B 458 -7.40 -26.91 18.19
CA VAL B 458 -7.61 -25.46 18.05
C VAL B 458 -8.95 -25.08 18.70
N ALA B 459 -9.13 -23.83 19.12
CA ALA B 459 -10.39 -23.33 19.70
C ALA B 459 -10.96 -22.16 18.87
N ILE B 460 -12.28 -22.17 18.64
CA ILE B 460 -12.99 -21.15 17.86
C ILE B 460 -14.37 -20.88 18.50
N GLY B 461 -14.65 -19.64 18.87
CA GLY B 461 -15.86 -19.27 19.60
C GLY B 461 -16.03 -20.11 20.89
N ASN B 462 -17.26 -20.56 21.15
CA ASN B 462 -17.58 -21.48 22.27
C ASN B 462 -17.35 -22.97 21.89
N SER B 463 -16.27 -23.28 21.17
CA SER B 463 -15.94 -24.65 20.73
C SER B 463 -14.44 -24.91 20.59
N VAL B 464 -14.06 -26.19 20.59
CA VAL B 464 -12.67 -26.68 20.47
C VAL B 464 -12.63 -27.95 19.61
N PHE B 465 -11.51 -28.22 18.96
CA PHE B 465 -11.39 -29.21 17.88
C PHE B 465 -10.21 -30.16 18.09
N ILE B 466 -10.21 -31.29 17.37
CA ILE B 466 -9.11 -32.26 17.30
C ILE B 466 -8.96 -32.73 15.84
N PHE B 467 -7.91 -32.27 15.13
CA PHE B 467 -7.67 -32.59 13.72
C PHE B 467 -6.87 -33.90 13.51
N GLY B 468 -6.52 -34.62 14.57
CA GLY B 468 -5.73 -35.84 14.49
C GLY B 468 -4.24 -35.58 14.31
N GLY B 469 -3.43 -36.60 14.58
CA GLY B 469 -1.97 -36.51 14.60
C GLY B 469 -1.30 -36.78 13.24
N ASN B 470 0.00 -37.04 13.27
CA ASN B 470 0.75 -37.60 12.14
C ASN B 470 0.67 -39.15 12.06
N GLY B 471 0.16 -39.81 13.11
CA GLY B 471 0.04 -41.27 13.21
C GLY B 471 1.21 -41.98 13.91
N HIS B 472 2.29 -41.28 14.28
CA HIS B 472 3.42 -41.89 15.02
C HIS B 472 3.09 -42.37 16.45
N ALA B 473 1.86 -42.16 16.96
CA ALA B 473 1.37 -42.92 18.12
C ALA B 473 1.33 -44.45 17.87
N THR B 474 0.90 -44.86 16.67
CA THR B 474 0.40 -46.22 16.40
C THR B 474 0.90 -46.84 15.08
N LYS B 475 1.63 -46.08 14.25
CA LYS B 475 2.29 -46.56 13.03
C LYS B 475 3.29 -47.70 13.32
N MET B 476 3.39 -48.65 12.41
CA MET B 476 4.39 -49.72 12.37
C MET B 476 4.97 -49.82 10.95
N PHE B 477 6.05 -50.57 10.71
CA PHE B 477 6.76 -50.52 9.42
C PHE B 477 5.94 -51.03 8.21
N THR B 478 4.89 -51.84 8.43
CA THR B 478 3.91 -52.23 7.39
C THR B 478 2.47 -51.83 7.72
N THR B 479 2.26 -50.81 8.57
CA THR B 479 0.92 -50.41 9.05
C THR B 479 0.81 -48.87 9.11
N ASN B 480 -0.15 -48.26 8.41
CA ASN B 480 -0.23 -46.81 8.17
C ASN B 480 -1.55 -46.17 8.66
N PRO B 481 -1.79 -46.05 9.98
CA PRO B 481 -2.90 -45.28 10.52
C PRO B 481 -2.65 -43.77 10.34
N LEU B 482 -3.71 -42.99 10.08
CA LEU B 482 -3.68 -41.55 9.78
C LEU B 482 -4.86 -40.80 10.42
N SER B 483 -4.78 -39.47 10.48
CA SER B 483 -5.98 -38.65 10.71
C SER B 483 -6.92 -38.76 9.51
N ILE B 484 -8.14 -39.27 9.72
CA ILE B 484 -9.20 -39.43 8.72
C ILE B 484 -10.25 -38.31 8.79
N GLY B 485 -10.19 -37.44 9.80
CA GLY B 485 -11.09 -36.29 9.92
C GLY B 485 -10.83 -35.38 11.12
N VAL B 486 -11.91 -34.77 11.63
CA VAL B 486 -11.86 -33.78 12.73
C VAL B 486 -12.95 -34.09 13.76
N PHE B 487 -12.61 -34.05 15.05
CA PHE B 487 -13.61 -33.94 16.13
C PHE B 487 -13.85 -32.48 16.53
N ARG B 488 -15.05 -32.16 17.01
CA ARG B 488 -15.40 -30.90 17.67
C ARG B 488 -16.11 -31.16 19.00
N ILE B 489 -15.76 -30.36 20.01
CA ILE B 489 -16.43 -30.27 21.30
C ILE B 489 -16.99 -28.85 21.44
N LYS B 490 -18.27 -28.71 21.78
CA LYS B 490 -19.02 -27.45 21.80
C LYS B 490 -19.64 -27.21 23.18
N TYR B 491 -19.75 -25.96 23.61
CA TYR B 491 -20.25 -25.58 24.93
C TYR B 491 -21.52 -24.73 24.85
N THR B 492 -22.44 -24.94 25.79
CA THR B 492 -23.83 -24.43 25.76
C THR B 492 -24.32 -23.99 27.15
N ASP B 493 -25.40 -23.21 27.18
CA ASP B 493 -25.98 -22.60 28.39
C ASP B 493 -24.92 -21.80 29.19
N ASN B 494 -24.18 -20.94 28.50
CA ASN B 494 -23.06 -20.15 29.03
C ASN B 494 -22.01 -21.03 29.75
N PHE B 495 -21.48 -22.02 29.03
CA PHE B 495 -20.54 -23.03 29.54
C PHE B 495 -21.05 -23.86 30.74
N SER B 496 -22.38 -24.00 30.91
CA SER B 496 -22.96 -24.91 31.91
C SER B 496 -23.06 -26.36 31.40
N LYS B 497 -23.05 -26.57 30.08
CA LYS B 497 -23.23 -27.86 29.39
C LYS B 497 -22.30 -27.98 28.17
N SER B 498 -22.15 -29.20 27.64
CA SER B 498 -21.29 -29.48 26.48
C SER B 498 -21.83 -30.60 25.57
N SER B 499 -21.28 -30.69 24.36
CA SER B 499 -21.61 -31.67 23.30
C SER B 499 -20.36 -32.05 22.51
N VAL B 500 -20.33 -33.23 21.89
CA VAL B 500 -19.17 -33.78 21.16
C VAL B 500 -19.58 -34.49 19.86
N THR B 501 -18.75 -34.35 18.83
CA THR B 501 -18.99 -34.89 17.48
C THR B 501 -17.69 -35.02 16.67
N GLY B 502 -17.72 -35.68 15.52
CA GLY B 502 -16.66 -35.62 14.52
C GLY B 502 -17.14 -36.01 13.12
N TRP B 503 -16.36 -35.64 12.10
CA TRP B 503 -16.69 -35.90 10.68
C TRP B 503 -15.42 -36.21 9.86
N PRO B 504 -15.50 -37.07 8.83
CA PRO B 504 -14.35 -37.40 7.97
C PRO B 504 -13.98 -36.27 6.98
N TYR B 505 -12.71 -36.17 6.59
CA TYR B 505 -12.26 -35.19 5.58
C TYR B 505 -12.94 -35.40 4.22
N ALA B 506 -13.45 -36.61 3.92
CA ALA B 506 -14.08 -36.96 2.65
C ALA B 506 -15.28 -36.07 2.28
N VAL B 507 -16.10 -35.69 3.26
CA VAL B 507 -17.21 -34.75 3.07
C VAL B 507 -16.77 -33.28 3.25
N LEU B 508 -15.89 -32.98 4.20
CA LEU B 508 -15.37 -31.62 4.43
C LEU B 508 -14.55 -31.06 3.24
N PHE B 509 -13.84 -31.90 2.49
CA PHE B 509 -13.09 -31.51 1.28
C PHE B 509 -13.92 -31.54 -0.01
N GLY B 510 -15.23 -31.82 0.06
CA GLY B 510 -16.07 -32.04 -1.13
C GLY B 510 -16.23 -30.82 -2.06
N GLY B 511 -15.96 -29.61 -1.58
CA GLY B 511 -15.99 -28.37 -2.35
C GLY B 511 -14.70 -27.99 -3.09
N LEU B 512 -13.63 -28.81 -3.03
CA LEU B 512 -12.37 -28.51 -3.72
C LEU B 512 -12.55 -28.41 -5.25
N ILE B 513 -11.97 -27.38 -5.86
CA ILE B 513 -12.02 -27.09 -7.30
C ILE B 513 -10.71 -26.43 -7.78
N ASN B 514 -10.41 -26.52 -9.07
CA ASN B 514 -9.17 -26.00 -9.67
C ASN B 514 -8.87 -24.50 -9.39
N PRO B 515 -9.86 -23.58 -9.30
CA PRO B 515 -9.61 -22.19 -8.88
C PRO B 515 -9.01 -21.98 -7.48
N GLN B 516 -9.11 -22.96 -6.57
CA GLN B 516 -8.74 -22.80 -5.15
C GLN B 516 -7.24 -23.06 -4.83
N THR B 517 -6.39 -23.30 -5.84
CA THR B 517 -4.94 -23.48 -5.69
C THR B 517 -4.13 -22.68 -6.72
N ASN B 518 -3.00 -22.10 -6.30
CA ASN B 518 -2.01 -21.45 -7.18
C ASN B 518 -0.94 -22.42 -7.71
N GLY B 519 -0.95 -23.69 -7.29
CA GLY B 519 -0.10 -24.76 -7.83
C GLY B 519 -0.65 -25.38 -9.12
N LEU B 520 -0.19 -26.60 -9.44
CA LEU B 520 -0.67 -27.37 -10.59
C LEU B 520 -2.17 -27.77 -10.46
N LYS B 521 -2.81 -28.02 -11.61
CA LYS B 521 -4.24 -28.35 -11.73
C LYS B 521 -4.48 -29.86 -11.95
N ASP B 522 -5.73 -30.29 -11.82
CA ASP B 522 -6.22 -31.65 -12.12
C ASP B 522 -5.65 -32.78 -11.23
N LEU B 523 -5.29 -32.48 -9.98
CA LEU B 523 -4.81 -33.50 -9.01
C LEU B 523 -5.93 -34.49 -8.60
N PRO B 524 -5.59 -35.72 -8.12
CA PRO B 524 -6.54 -36.80 -7.83
C PRO B 524 -7.29 -36.61 -6.50
N LEU B 525 -7.92 -35.44 -6.34
CA LEU B 525 -8.56 -34.96 -5.12
C LEU B 525 -10.09 -34.78 -5.28
N GLY B 526 -10.64 -35.12 -6.44
CA GLY B 526 -12.06 -34.97 -6.79
C GLY B 526 -12.97 -36.06 -6.21
N THR B 527 -14.28 -35.77 -6.17
CA THR B 527 -15.32 -36.62 -5.58
C THR B 527 -16.70 -36.36 -6.23
N ASN B 528 -17.72 -37.16 -5.87
CA ASN B 528 -19.10 -37.09 -6.38
C ASN B 528 -20.14 -37.36 -5.29
N ARG B 529 -21.42 -37.61 -5.64
CA ARG B 529 -22.52 -37.89 -4.69
C ARG B 529 -22.29 -39.10 -3.75
N TRP B 530 -21.38 -40.01 -4.10
CA TRP B 530 -20.91 -41.09 -3.21
C TRP B 530 -19.48 -40.81 -2.74
N PHE B 531 -19.26 -40.79 -1.42
CA PHE B 531 -17.96 -40.47 -0.80
C PHE B 531 -17.00 -41.69 -0.80
N GLU B 532 -16.77 -42.26 -1.99
CA GLU B 532 -15.87 -43.39 -2.25
C GLU B 532 -14.38 -42.97 -2.36
N TYR B 533 -14.10 -41.69 -2.65
CA TYR B 533 -12.79 -41.08 -2.38
C TYR B 533 -12.68 -40.77 -0.88
N VAL B 534 -11.60 -41.26 -0.24
CA VAL B 534 -11.40 -41.17 1.22
C VAL B 534 -10.05 -40.51 1.54
N PRO B 535 -9.96 -39.16 1.55
CA PRO B 535 -8.75 -38.44 1.94
C PRO B 535 -8.45 -38.61 3.44
N ARG B 536 -7.17 -38.83 3.75
CA ARG B 536 -6.63 -38.90 5.11
C ARG B 536 -5.20 -38.35 5.15
N MET B 537 -4.76 -37.89 6.31
CA MET B 537 -3.59 -37.05 6.47
C MET B 537 -2.71 -37.46 7.64
N ALA B 538 -1.41 -37.24 7.48
CA ALA B 538 -0.54 -36.99 8.63
C ALA B 538 -0.54 -35.47 8.87
N VAL B 539 -0.99 -35.02 10.02
CA VAL B 539 -1.30 -33.60 10.24
C VAL B 539 -0.17 -32.90 10.99
N SER B 540 0.33 -31.81 10.41
CA SER B 540 1.38 -30.94 11.00
C SER B 540 0.81 -29.97 12.05
N GLY B 541 -0.43 -29.52 11.86
CA GLY B 541 -1.19 -28.76 12.84
C GLY B 541 -2.24 -27.83 12.24
N VAL B 542 -2.92 -27.11 13.12
CA VAL B 542 -3.84 -26.01 12.75
C VAL B 542 -3.51 -24.78 13.60
N LYS B 543 -3.34 -23.62 12.96
CA LYS B 543 -2.96 -22.35 13.62
C LYS B 543 -3.54 -21.11 12.90
N TRP B 544 -3.57 -19.98 13.60
CA TRP B 544 -3.93 -18.67 13.06
C TRP B 544 -2.73 -17.99 12.37
N VAL B 545 -2.78 -17.83 11.05
CA VAL B 545 -1.85 -17.02 10.25
C VAL B 545 -2.44 -15.61 10.09
N GLY B 546 -2.08 -14.70 10.99
CA GLY B 546 -2.74 -13.40 11.10
C GLY B 546 -4.25 -13.55 11.37
N ASN B 547 -5.08 -13.07 10.45
CA ASN B 547 -6.54 -13.21 10.52
C ASN B 547 -7.10 -14.56 10.02
N GLN B 548 -6.28 -15.40 9.36
CA GLN B 548 -6.73 -16.61 8.64
C GLN B 548 -6.41 -17.90 9.42
N LEU B 549 -7.39 -18.80 9.59
CA LEU B 549 -7.16 -20.13 10.15
C LEU B 549 -6.62 -21.11 9.08
N VAL B 550 -5.48 -21.74 9.35
CA VAL B 550 -4.73 -22.55 8.39
C VAL B 550 -4.43 -23.96 8.92
N LEU B 551 -4.53 -24.96 8.05
CA LEU B 551 -4.18 -26.37 8.26
C LEU B 551 -2.94 -26.73 7.44
N ALA B 552 -2.09 -27.63 7.95
CA ALA B 552 -0.95 -28.18 7.22
C ALA B 552 -0.69 -29.67 7.52
N GLY B 553 -0.02 -30.37 6.61
CA GLY B 553 0.38 -31.77 6.75
C GLY B 553 0.78 -32.44 5.42
N THR B 554 0.68 -33.76 5.39
CA THR B 554 0.76 -34.57 4.15
C THR B 554 -0.52 -35.38 3.99
N LEU B 555 -0.95 -35.58 2.74
CA LEU B 555 -2.29 -36.04 2.34
C LEU B 555 -2.24 -37.23 1.37
N THR B 556 -3.20 -38.14 1.47
CA THR B 556 -3.48 -39.17 0.44
C THR B 556 -4.28 -38.60 -0.74
N MET B 557 -3.74 -38.67 -1.96
CA MET B 557 -4.52 -38.63 -3.21
C MET B 557 -5.34 -39.92 -3.40
N GLY B 558 -6.15 -40.01 -4.46
CA GLY B 558 -6.55 -41.30 -5.03
C GLY B 558 -5.36 -42.11 -5.58
N ASP B 559 -5.49 -43.43 -5.69
CA ASP B 559 -4.43 -44.34 -6.17
C ASP B 559 -4.11 -44.12 -7.67
N THR B 560 -2.98 -43.48 -7.95
CA THR B 560 -2.47 -43.23 -9.30
C THR B 560 -1.73 -44.44 -9.92
N ALA B 561 -1.39 -45.47 -9.15
CA ALA B 561 -0.56 -46.59 -9.62
C ALA B 561 -1.37 -47.68 -10.38
N THR B 562 -2.70 -47.70 -10.24
CA THR B 562 -3.57 -48.78 -10.79
C THR B 562 -4.73 -48.26 -11.66
N VAL B 563 -4.70 -47.01 -12.11
CA VAL B 563 -5.66 -46.47 -13.10
C VAL B 563 -5.52 -47.15 -14.47
N PRO B 564 -4.30 -47.35 -15.04
CA PRO B 564 -4.11 -48.32 -16.11
C PRO B 564 -4.33 -49.76 -15.63
N ARG B 565 -4.92 -50.63 -16.47
CA ARG B 565 -5.36 -51.99 -16.07
C ARG B 565 -4.90 -53.07 -17.05
N LEU B 566 -4.50 -54.24 -16.52
CA LEU B 566 -3.92 -55.35 -17.29
C LEU B 566 -4.94 -56.05 -18.21
N LYS B 567 -4.46 -56.64 -19.32
CA LYS B 567 -5.16 -57.74 -20.01
C LYS B 567 -5.18 -58.99 -19.13
N TYR B 568 -6.28 -59.76 -19.17
CA TYR B 568 -6.61 -60.79 -18.18
C TYR B 568 -5.59 -61.94 -18.00
N ASP B 569 -4.85 -62.35 -19.03
CA ASP B 569 -4.00 -63.54 -18.96
C ASP B 569 -2.54 -63.29 -18.52
N GLN B 570 -2.01 -62.06 -18.67
CA GLN B 570 -0.57 -61.78 -18.60
C GLN B 570 0.03 -61.54 -17.21
N LEU B 571 -0.64 -61.88 -16.11
CA LEU B 571 -0.17 -61.57 -14.73
C LEU B 571 1.21 -62.20 -14.41
N GLU B 572 1.51 -63.38 -14.95
CA GLU B 572 2.78 -64.10 -14.72
C GLU B 572 4.04 -63.39 -15.23
N LYS B 573 3.89 -62.39 -16.11
CA LYS B 573 4.96 -61.50 -16.59
C LYS B 573 4.81 -60.04 -16.11
N HIS B 574 3.97 -59.78 -15.10
CA HIS B 574 3.69 -58.44 -14.51
C HIS B 574 3.60 -58.48 -12.96
N LEU B 575 4.44 -59.27 -12.29
CA LEU B 575 4.30 -59.59 -10.85
C LEU B 575 4.28 -58.36 -9.92
N ASN B 576 5.11 -57.34 -10.16
CA ASN B 576 5.08 -56.11 -9.34
C ASN B 576 3.75 -55.34 -9.46
N LEU B 577 3.17 -55.25 -10.65
CA LEU B 577 1.93 -54.49 -10.89
C LEU B 577 0.71 -55.11 -10.19
N VAL B 578 0.64 -56.45 -10.10
CA VAL B 578 -0.36 -57.13 -9.25
C VAL B 578 0.00 -57.06 -7.76
N ALA B 579 1.27 -57.26 -7.36
CA ALA B 579 1.69 -57.17 -5.96
C ALA B 579 1.41 -55.78 -5.32
N GLN B 580 1.55 -54.70 -6.11
CA GLN B 580 1.22 -53.33 -5.70
C GLN B 580 -0.29 -53.12 -5.46
N GLY B 581 -1.15 -53.94 -6.06
CA GLY B 581 -2.60 -53.95 -5.78
C GLY B 581 -3.02 -54.91 -4.66
N GLN B 582 -2.21 -55.93 -4.38
CA GLN B 582 -2.47 -57.02 -3.41
C GLN B 582 -2.25 -56.66 -1.93
N GLY B 583 -1.76 -55.47 -1.62
CA GLY B 583 -1.29 -55.11 -0.26
C GLY B 583 0.06 -55.74 0.13
N LEU B 584 0.67 -56.53 -0.76
CA LEU B 584 1.98 -57.16 -0.57
C LEU B 584 3.13 -56.15 -0.75
N LEU B 585 2.97 -55.22 -1.69
CA LEU B 585 3.83 -54.06 -1.92
C LEU B 585 3.03 -52.78 -1.64
N ARG B 586 3.34 -52.08 -0.54
CA ARG B 586 2.60 -50.91 -0.05
C ARG B 586 3.17 -49.60 -0.61
N GLU B 587 3.28 -49.52 -1.93
CA GLU B 587 3.90 -48.39 -2.65
C GLU B 587 2.87 -47.63 -3.49
N ASP B 588 2.92 -46.30 -3.46
CA ASP B 588 1.97 -45.39 -4.12
C ASP B 588 2.55 -44.74 -5.40
N LEU B 589 3.86 -44.83 -5.65
CA LEU B 589 4.49 -44.31 -6.88
C LEU B 589 3.98 -45.04 -8.15
N GLN B 590 3.81 -44.26 -9.22
CA GLN B 590 3.46 -44.74 -10.56
C GLN B 590 4.64 -45.47 -11.23
N ILE B 591 4.40 -46.64 -11.84
CA ILE B 591 5.45 -47.50 -12.43
C ILE B 591 5.16 -47.80 -13.92
N PHE B 592 6.17 -47.65 -14.77
CA PHE B 592 6.08 -47.82 -16.23
C PHE B 592 5.86 -49.30 -16.63
N THR B 593 4.68 -49.62 -17.13
CA THR B 593 4.23 -50.99 -17.44
C THR B 593 3.35 -51.12 -18.71
N PRO B 594 3.43 -50.25 -19.74
CA PRO B 594 2.35 -50.11 -20.74
C PRO B 594 2.08 -51.34 -21.62
N TYR B 595 3.07 -52.18 -21.87
CA TYR B 595 2.97 -53.29 -22.82
C TYR B 595 1.89 -54.34 -22.48
N GLY B 596 1.47 -54.44 -21.21
CA GLY B 596 0.45 -55.38 -20.73
C GLY B 596 -0.95 -54.80 -20.47
N TRP B 597 -1.16 -53.49 -20.64
CA TRP B 597 -2.46 -52.87 -20.36
C TRP B 597 -3.50 -53.20 -21.46
N ALA B 598 -4.77 -53.23 -21.09
CA ALA B 598 -5.91 -53.29 -22.00
C ALA B 598 -6.21 -51.93 -22.68
N ASN B 599 -7.07 -51.92 -23.70
CA ASN B 599 -7.42 -50.75 -24.51
C ASN B 599 -8.11 -49.61 -23.72
N ARG B 600 -9.00 -49.96 -22.78
CA ARG B 600 -9.61 -49.04 -21.80
C ARG B 600 -9.74 -49.72 -20.43
N PRO B 601 -9.59 -49.00 -19.30
CA PRO B 601 -9.89 -49.51 -17.96
C PRO B 601 -11.33 -49.98 -17.72
N ASP B 602 -12.30 -49.58 -18.56
CA ASP B 602 -13.74 -49.69 -18.29
C ASP B 602 -14.54 -50.61 -19.25
N ILE B 603 -13.87 -51.49 -20.01
CA ILE B 603 -14.56 -52.53 -20.80
C ILE B 603 -15.12 -53.63 -19.88
N PRO B 604 -16.42 -54.00 -19.97
CA PRO B 604 -17.02 -55.00 -19.09
C PRO B 604 -16.53 -56.44 -19.41
N VAL B 605 -16.48 -57.28 -18.37
CA VAL B 605 -15.88 -58.63 -18.43
C VAL B 605 -16.54 -59.59 -19.42
N GLY B 606 -17.80 -59.38 -19.80
CA GLY B 606 -18.49 -60.17 -20.83
C GLY B 606 -17.98 -59.92 -22.26
N ALA B 607 -17.29 -58.80 -22.49
CA ALA B 607 -16.81 -58.38 -23.81
C ALA B 607 -15.38 -58.88 -24.14
N TRP B 608 -14.57 -59.28 -23.16
CA TRP B 608 -13.12 -59.48 -23.35
C TRP B 608 -12.75 -60.62 -24.33
N LEU B 609 -13.48 -61.75 -24.29
CA LEU B 609 -13.15 -63.03 -24.96
C LEU B 609 -13.42 -63.07 -26.48
N GLN B 610 -13.27 -61.93 -27.17
CA GLN B 610 -13.54 -61.77 -28.61
C GLN B 610 -12.33 -62.03 -29.54
N ASP B 611 -11.12 -62.23 -29.00
CA ASP B 611 -9.93 -62.65 -29.77
C ASP B 611 -8.91 -63.37 -28.86
N GLU B 612 -9.23 -64.59 -28.44
CA GLU B 612 -8.34 -65.42 -27.60
C GLU B 612 -7.03 -65.83 -28.31
N MET B 613 -7.02 -65.89 -29.64
CA MET B 613 -5.82 -66.17 -30.43
C MET B 613 -4.94 -64.93 -30.64
N GLY B 614 -5.51 -63.72 -30.56
CA GLY B 614 -4.87 -62.48 -30.98
C GLY B 614 -4.78 -62.30 -32.51
N SER B 615 -5.41 -63.17 -33.30
CA SER B 615 -5.22 -63.25 -34.77
C SER B 615 -5.92 -62.13 -35.54
N LYS B 616 -6.82 -61.38 -34.91
CA LYS B 616 -7.46 -60.16 -35.44
C LYS B 616 -6.96 -58.88 -34.76
N PHE B 617 -5.94 -58.96 -33.91
CA PHE B 617 -5.52 -57.87 -33.02
C PHE B 617 -6.70 -57.29 -32.23
N GLY B 618 -7.57 -58.17 -31.71
CA GLY B 618 -8.69 -57.89 -30.80
C GLY B 618 -9.48 -56.60 -31.07
N PRO B 619 -10.29 -56.52 -32.15
CA PRO B 619 -10.94 -55.28 -32.57
C PRO B 619 -11.69 -54.52 -31.47
N HIS B 620 -12.32 -55.22 -30.51
CA HIS B 620 -13.04 -54.59 -29.38
C HIS B 620 -12.19 -54.44 -28.10
N TYR B 621 -11.09 -55.19 -27.98
CA TYR B 621 -10.28 -55.34 -26.75
C TYR B 621 -8.92 -56.01 -27.08
N PHE B 622 -7.82 -55.29 -26.88
CA PHE B 622 -6.43 -55.73 -27.17
C PHE B 622 -5.38 -54.96 -26.35
N LEU B 623 -4.09 -55.30 -26.53
CA LEU B 623 -2.97 -54.70 -25.82
C LEU B 623 -2.71 -53.23 -26.22
N ASN B 624 -2.43 -52.38 -25.24
CA ASN B 624 -2.15 -50.95 -25.39
C ASN B 624 -0.75 -50.66 -26.00
N ASN B 625 -0.59 -50.80 -27.31
CA ASN B 625 0.54 -50.26 -28.06
C ASN B 625 0.09 -48.98 -28.81
N PRO B 626 0.81 -47.84 -28.72
CA PRO B 626 0.29 -46.57 -29.22
C PRO B 626 0.33 -46.44 -30.76
N ASP B 627 1.24 -47.14 -31.42
CA ASP B 627 1.45 -47.00 -32.88
C ASP B 627 0.35 -47.67 -33.73
N ILE B 628 -0.30 -48.71 -33.21
CA ILE B 628 -1.26 -49.56 -33.95
C ILE B 628 -2.73 -49.32 -33.54
N GLN B 629 -3.05 -48.12 -33.04
CA GLN B 629 -4.43 -47.66 -32.83
C GLN B 629 -5.20 -47.62 -34.16
N ASP B 630 -6.49 -47.97 -34.15
CA ASP B 630 -7.33 -47.87 -35.36
C ASP B 630 -7.49 -46.41 -35.80
N ASN B 631 -7.26 -46.11 -37.08
CA ASN B 631 -7.45 -44.75 -37.57
C ASN B 631 -8.93 -44.41 -37.84
N VAL B 632 -9.53 -43.47 -37.10
CA VAL B 632 -10.89 -42.96 -37.41
C VAL B 632 -10.98 -42.19 -38.73
N ASN B 633 -9.84 -41.70 -39.25
CA ASN B 633 -9.68 -40.99 -40.53
C ASN B 633 -10.81 -39.95 -40.75
N ASN B 634 -11.82 -40.23 -41.58
CA ASN B 634 -13.18 -39.67 -41.43
C ASN B 634 -14.23 -40.60 -42.08
N ASP B 635 -13.86 -41.36 -43.11
CA ASP B 635 -14.69 -42.42 -43.68
C ASP B 635 -14.92 -43.59 -42.69
N THR B 636 -13.99 -43.83 -41.76
CA THR B 636 -14.01 -45.00 -40.87
C THR B 636 -15.12 -44.95 -39.80
N VAL B 637 -15.49 -43.76 -39.32
CA VAL B 637 -16.32 -43.63 -38.10
C VAL B 637 -17.68 -44.31 -38.22
N GLU B 638 -18.28 -44.35 -39.41
CA GLU B 638 -19.63 -44.91 -39.64
C GLU B 638 -19.74 -46.40 -39.30
N ALA B 639 -18.65 -47.15 -39.45
CA ALA B 639 -18.61 -48.57 -39.08
C ALA B 639 -18.31 -48.81 -37.59
N LEU B 640 -17.53 -47.93 -36.95
CA LEU B 640 -16.92 -48.18 -35.63
C LEU B 640 -17.59 -47.41 -34.47
N ILE B 641 -18.32 -46.31 -34.73
CA ILE B 641 -19.02 -45.53 -33.70
C ILE B 641 -20.25 -44.75 -34.21
N SER B 642 -20.18 -44.16 -35.40
CA SER B 642 -21.21 -43.28 -36.01
C SER B 642 -22.42 -44.05 -36.58
N SER B 643 -23.05 -44.87 -35.73
CA SER B 643 -24.28 -45.63 -35.98
C SER B 643 -24.89 -46.21 -34.68
N TYR B 644 -24.06 -46.67 -33.74
CA TYR B 644 -24.46 -47.39 -32.53
C TYR B 644 -25.08 -46.47 -31.44
N LYS B 645 -26.31 -46.02 -31.64
CA LYS B 645 -27.08 -45.22 -30.67
C LYS B 645 -27.57 -46.06 -29.48
N ASN B 646 -27.39 -45.53 -28.27
CA ASN B 646 -27.84 -46.11 -27.00
C ASN B 646 -29.32 -45.78 -26.68
N THR B 647 -29.90 -46.49 -25.71
CA THR B 647 -31.28 -46.30 -25.23
C THR B 647 -31.37 -46.46 -23.71
N ASP B 648 -32.55 -46.19 -23.14
CA ASP B 648 -32.86 -46.41 -21.71
C ASP B 648 -32.76 -47.89 -21.24
N LYS B 649 -32.46 -48.85 -22.13
CA LYS B 649 -32.07 -50.22 -21.74
C LYS B 649 -30.94 -50.87 -22.56
N LEU B 650 -30.35 -50.17 -23.54
CA LEU B 650 -29.34 -50.71 -24.48
C LEU B 650 -28.10 -49.80 -24.54
N LYS B 651 -26.90 -50.37 -24.39
CA LYS B 651 -25.59 -49.71 -24.56
C LYS B 651 -24.63 -50.63 -25.33
N HIS B 652 -23.53 -50.11 -25.87
CA HIS B 652 -22.65 -50.82 -26.80
C HIS B 652 -21.17 -50.84 -26.38
N VAL B 653 -20.45 -51.90 -26.76
CA VAL B 653 -18.97 -51.95 -26.75
C VAL B 653 -18.46 -51.93 -28.20
N TYR B 654 -17.67 -50.92 -28.54
CA TYR B 654 -17.27 -50.62 -29.92
C TYR B 654 -16.18 -51.56 -30.47
N PRO B 655 -16.17 -51.86 -31.78
CA PRO B 655 -15.11 -52.62 -32.47
C PRO B 655 -13.88 -51.74 -32.80
N TYR B 656 -13.47 -50.88 -31.87
CA TYR B 656 -12.39 -49.90 -32.04
C TYR B 656 -11.19 -50.12 -31.10
N ARG B 657 -9.97 -50.21 -31.66
CA ARG B 657 -8.69 -50.36 -30.94
C ARG B 657 -8.21 -49.06 -30.26
N TYR B 658 -8.83 -48.67 -29.14
CA TYR B 658 -8.32 -47.58 -28.28
C TYR B 658 -6.91 -47.83 -27.75
N SER B 659 -6.07 -46.78 -27.63
CA SER B 659 -4.73 -46.87 -27.04
C SER B 659 -4.17 -45.52 -26.54
N GLY B 660 -3.30 -45.53 -25.53
CA GLY B 660 -2.56 -44.34 -25.06
C GLY B 660 -1.72 -44.58 -23.78
N LEU B 661 -0.66 -43.80 -23.60
CA LEU B 661 0.27 -43.89 -22.46
C LEU B 661 -0.28 -43.25 -21.15
N TYR B 662 0.52 -43.30 -20.09
CA TYR B 662 0.12 -43.08 -18.69
C TYR B 662 -0.65 -41.77 -18.45
N ALA B 663 -0.27 -40.67 -19.09
CA ALA B 663 -0.98 -39.39 -18.94
C ALA B 663 -2.40 -39.43 -19.52
N TRP B 664 -2.61 -40.04 -20.69
CA TRP B 664 -3.93 -40.26 -21.29
C TRP B 664 -4.81 -41.18 -20.44
N GLN B 665 -4.23 -42.20 -19.79
CA GLN B 665 -4.96 -43.05 -18.84
C GLN B 665 -5.51 -42.23 -17.65
N LEU B 666 -4.64 -41.48 -16.98
CA LEU B 666 -5.03 -40.64 -15.83
C LEU B 666 -5.98 -39.51 -16.24
N PHE B 667 -5.76 -38.85 -17.38
CA PHE B 667 -6.62 -37.77 -17.86
C PHE B 667 -8.07 -38.21 -18.08
N ASN B 668 -8.31 -39.47 -18.43
CA ASN B 668 -9.64 -40.04 -18.64
C ASN B 668 -10.26 -40.67 -17.36
N TRP B 669 -9.49 -41.41 -16.55
CA TRP B 669 -10.07 -42.25 -15.46
C TRP B 669 -9.53 -41.96 -14.04
N SER B 670 -8.67 -40.96 -13.83
CA SER B 670 -8.33 -40.47 -12.48
C SER B 670 -9.47 -39.64 -11.86
N ASN B 671 -9.57 -39.57 -10.52
CA ASN B 671 -10.51 -38.68 -9.82
C ASN B 671 -10.01 -37.22 -9.80
N LYS B 672 -9.72 -36.66 -10.98
CA LYS B 672 -9.18 -35.30 -11.15
C LYS B 672 -10.12 -34.21 -10.63
N LEU B 673 -9.55 -33.14 -10.07
CA LEU B 673 -10.26 -31.87 -9.83
C LEU B 673 -10.78 -31.25 -11.15
N THR B 674 -11.81 -30.42 -11.03
CA THR B 674 -12.45 -29.67 -12.12
C THR B 674 -12.92 -28.30 -11.61
N ASN B 675 -13.63 -27.51 -12.43
CA ASN B 675 -14.10 -26.16 -12.05
C ASN B 675 -15.39 -26.13 -11.22
N THR B 676 -16.14 -27.22 -11.07
CA THR B 676 -17.38 -27.31 -10.28
C THR B 676 -17.38 -28.55 -9.36
N PRO B 677 -17.97 -28.46 -8.14
CA PRO B 677 -17.87 -29.51 -7.14
C PRO B 677 -18.74 -30.74 -7.46
N LEU B 678 -18.45 -31.87 -6.81
CA LEU B 678 -19.17 -33.15 -6.94
C LEU B 678 -19.19 -33.76 -8.36
N SER B 679 -18.27 -33.35 -9.25
CA SER B 679 -18.29 -33.67 -10.68
C SER B 679 -17.63 -35.00 -11.08
N ALA B 680 -16.68 -35.51 -10.28
CA ALA B 680 -15.79 -36.61 -10.69
C ALA B 680 -16.47 -37.99 -10.68
N ASN B 681 -17.03 -38.42 -11.82
CA ASN B 681 -17.73 -39.71 -11.95
C ASN B 681 -16.80 -40.94 -11.83
N PHE B 682 -15.50 -40.82 -12.05
CA PHE B 682 -14.53 -41.91 -11.92
C PHE B 682 -13.65 -41.76 -10.69
N VAL B 683 -13.60 -42.81 -9.85
CA VAL B 683 -12.67 -42.98 -8.74
C VAL B 683 -12.13 -44.42 -8.77
N ASN B 684 -10.81 -44.58 -8.63
CA ASN B 684 -10.13 -45.87 -8.73
C ASN B 684 -10.10 -46.64 -7.39
N GLU B 685 -9.25 -46.18 -6.46
CA GLU B 685 -8.93 -46.79 -5.16
C GLU B 685 -8.22 -45.72 -4.31
N ASN B 686 -7.98 -45.94 -3.01
CA ASN B 686 -7.39 -44.95 -2.10
C ASN B 686 -5.95 -45.34 -1.68
N SER B 687 -5.07 -44.34 -1.47
CA SER B 687 -3.61 -44.50 -1.27
C SER B 687 -3.23 -45.38 -0.06
N TYR B 688 -2.07 -46.04 -0.07
CA TYR B 688 -1.53 -46.71 1.13
C TYR B 688 -1.11 -45.69 2.19
N ALA B 689 -0.32 -44.68 1.80
CA ALA B 689 0.28 -43.69 2.67
C ALA B 689 0.09 -42.27 2.08
N PRO B 690 0.35 -41.19 2.85
CA PRO B 690 0.33 -39.83 2.31
C PRO B 690 1.33 -39.69 1.14
N ASN B 691 0.87 -39.19 0.01
CA ASN B 691 1.66 -39.06 -1.23
C ASN B 691 1.64 -37.62 -1.79
N SER B 692 1.07 -36.67 -1.06
CA SER B 692 1.04 -35.24 -1.38
C SER B 692 1.45 -34.39 -0.17
N LEU B 693 2.14 -33.27 -0.37
CA LEU B 693 2.09 -32.15 0.57
C LEU B 693 0.65 -31.59 0.63
N PHE B 694 0.25 -30.95 1.72
CA PHE B 694 -1.01 -30.22 1.77
C PHE B 694 -1.00 -29.10 2.83
N ALA B 695 -1.45 -27.90 2.45
CA ALA B 695 -1.84 -26.85 3.39
C ALA B 695 -3.06 -26.10 2.86
N ALA B 696 -3.90 -25.55 3.74
CA ALA B 696 -5.18 -24.96 3.37
C ALA B 696 -5.62 -23.82 4.28
N ILE B 697 -6.44 -22.90 3.75
CA ILE B 697 -7.15 -21.87 4.50
C ILE B 697 -8.59 -22.34 4.73
N LEU B 698 -9.07 -22.25 5.96
CA LEU B 698 -10.38 -22.73 6.38
C LEU B 698 -11.34 -21.58 6.69
N ASN B 699 -12.64 -21.79 6.45
CA ASN B 699 -13.74 -20.98 6.98
C ASN B 699 -13.93 -21.26 8.49
N GLU B 700 -13.26 -20.49 9.35
CA GLU B 700 -13.35 -20.62 10.81
C GLU B 700 -14.77 -20.34 11.33
N ASP B 701 -15.48 -19.45 10.64
CA ASP B 701 -16.88 -19.17 10.87
C ASP B 701 -17.74 -20.41 10.55
N LEU B 702 -17.67 -20.98 9.34
CA LEU B 702 -18.47 -22.15 8.99
C LEU B 702 -18.15 -23.38 9.87
N LEU B 703 -16.88 -23.61 10.23
CA LEU B 703 -16.48 -24.63 11.21
C LEU B 703 -17.13 -24.42 12.59
N THR B 704 -17.44 -23.17 12.95
CA THR B 704 -18.20 -22.83 14.17
C THR B 704 -19.72 -22.94 13.97
N GLY B 705 -20.23 -22.58 12.79
CA GLY B 705 -21.67 -22.54 12.47
C GLY B 705 -22.34 -23.88 12.14
N LEU B 706 -21.61 -24.84 11.57
CA LEU B 706 -22.15 -26.15 11.20
C LEU B 706 -22.71 -26.91 12.42
N SER B 707 -23.83 -27.62 12.22
CA SER B 707 -24.51 -28.43 13.24
C SER B 707 -23.65 -29.60 13.71
N ASP B 708 -23.86 -30.09 14.95
CA ASP B 708 -23.10 -31.23 15.48
C ASP B 708 -23.30 -32.52 14.68
N LYS B 709 -24.55 -32.84 14.29
CA LYS B 709 -24.90 -34.08 13.62
C LYS B 709 -25.08 -33.87 12.11
N ILE B 710 -24.26 -34.57 11.32
CA ILE B 710 -24.46 -34.71 9.89
C ILE B 710 -25.55 -35.76 9.60
N PHE B 711 -26.48 -35.42 8.72
CA PHE B 711 -27.52 -36.31 8.22
C PHE B 711 -27.33 -36.49 6.70
N TYR B 712 -26.98 -37.72 6.32
CA TYR B 712 -27.03 -38.23 4.95
C TYR B 712 -28.45 -38.74 4.63
N GLY B 713 -28.67 -39.24 3.40
CA GLY B 713 -29.94 -39.86 3.02
C GLY B 713 -29.81 -40.76 1.79
N LYS B 714 -30.94 -41.13 1.19
CA LYS B 714 -31.00 -41.98 -0.02
C LYS B 714 -30.25 -41.37 -1.21
N GLU B 715 -30.03 -40.06 -1.24
CA GLU B 715 -29.17 -39.41 -2.25
C GLU B 715 -27.69 -39.85 -2.18
N ASN B 716 -27.22 -40.45 -1.07
CA ASN B 716 -25.86 -40.99 -0.93
C ASN B 716 -25.79 -42.54 -0.91
N GLU B 717 -26.90 -43.24 -1.15
CA GLU B 717 -26.94 -44.71 -1.25
C GLU B 717 -26.55 -45.21 -2.65
N PHE B 718 -25.90 -46.38 -2.73
CA PHE B 718 -25.71 -47.10 -4.00
C PHE B 718 -27.05 -47.64 -4.53
N ALA B 719 -27.15 -47.90 -5.84
CA ALA B 719 -28.37 -48.40 -6.48
C ALA B 719 -28.83 -49.74 -5.88
N GLU B 720 -30.12 -49.87 -5.55
CA GLU B 720 -30.66 -51.05 -4.85
C GLU B 720 -30.68 -52.32 -5.71
N ASN B 721 -30.84 -52.16 -7.02
CA ASN B 721 -30.71 -53.22 -8.04
C ASN B 721 -30.21 -52.65 -9.38
N GLU B 722 -29.70 -53.51 -10.26
CA GLU B 722 -28.98 -53.07 -11.47
C GLU B 722 -29.82 -52.30 -12.51
N ALA B 723 -31.15 -52.38 -12.49
CA ALA B 723 -31.96 -51.53 -13.37
C ALA B 723 -31.83 -50.04 -13.00
N ASP B 724 -31.70 -49.74 -11.70
CA ASP B 724 -31.38 -48.40 -11.20
C ASP B 724 -29.90 -48.05 -11.39
N ARG B 725 -29.01 -49.04 -11.59
CA ARG B 725 -27.58 -48.82 -11.93
C ARG B 725 -27.39 -48.49 -13.42
N PHE B 726 -28.22 -49.03 -14.32
CA PHE B 726 -28.10 -48.77 -15.76
C PHE B 726 -28.46 -47.31 -16.13
N ASN B 727 -29.53 -46.76 -15.53
CA ASN B 727 -29.96 -45.37 -15.65
C ASN B 727 -29.63 -44.54 -14.38
N GLN B 728 -28.45 -44.78 -13.81
CA GLN B 728 -27.97 -44.21 -12.54
C GLN B 728 -27.80 -42.69 -12.58
N LEU B 729 -28.46 -42.00 -11.63
CA LEU B 729 -28.40 -40.54 -11.50
C LEU B 729 -27.01 -40.08 -10.98
N LEU B 730 -26.34 -39.19 -11.70
CA LEU B 730 -25.00 -38.68 -11.39
C LEU B 730 -24.98 -37.69 -10.21
N SER B 731 -26.06 -36.91 -10.03
CA SER B 731 -26.20 -35.91 -8.97
C SER B 731 -27.66 -35.70 -8.55
N LEU B 732 -27.89 -35.25 -7.31
CA LEU B 732 -29.22 -35.01 -6.72
C LEU B 732 -29.19 -33.80 -5.77
N ASN B 733 -30.33 -33.13 -5.61
CA ASN B 733 -30.54 -32.14 -4.56
C ASN B 733 -30.63 -32.82 -3.18
N PRO B 734 -30.15 -32.20 -2.09
CA PRO B 734 -30.37 -32.69 -0.73
C PRO B 734 -31.86 -32.88 -0.40
N ASN B 735 -32.23 -33.96 0.28
CA ASN B 735 -33.60 -34.18 0.75
C ASN B 735 -33.97 -33.21 1.92
N PRO B 736 -35.27 -32.92 2.16
CA PRO B 736 -35.69 -31.94 3.17
C PRO B 736 -35.16 -32.16 4.60
N ASN B 737 -34.90 -33.40 5.00
CA ASN B 737 -34.38 -33.75 6.33
C ASN B 737 -32.83 -33.77 6.43
N THR B 738 -32.11 -33.76 5.31
CA THR B 738 -30.65 -33.99 5.26
C THR B 738 -29.86 -32.67 5.27
N ASN B 739 -28.58 -32.71 5.65
CA ASN B 739 -27.75 -31.49 5.79
C ASN B 739 -26.30 -31.63 5.30
N TRP B 740 -25.90 -32.79 4.79
CA TRP B 740 -24.53 -33.11 4.35
C TRP B 740 -23.91 -32.07 3.39
N ALA B 741 -24.71 -31.46 2.52
CA ALA B 741 -24.25 -30.46 1.55
C ALA B 741 -23.73 -29.16 2.18
N ARG B 742 -24.06 -28.87 3.45
CA ARG B 742 -23.55 -27.69 4.18
C ARG B 742 -22.05 -27.81 4.50
N TYR B 743 -21.57 -29.02 4.74
CA TYR B 743 -20.19 -29.30 5.19
C TYR B 743 -19.15 -29.22 4.07
N LEU B 744 -19.57 -29.21 2.79
CA LEU B 744 -18.67 -29.25 1.62
C LEU B 744 -17.69 -28.06 1.53
N ASN B 745 -18.03 -26.91 2.12
CA ASN B 745 -17.38 -25.61 1.86
C ASN B 745 -16.49 -25.10 3.01
N VAL B 746 -16.01 -25.96 3.93
CA VAL B 746 -15.14 -25.50 5.03
C VAL B 746 -13.73 -25.05 4.56
N VAL B 747 -13.29 -25.40 3.35
CA VAL B 747 -12.01 -24.95 2.76
C VAL B 747 -12.22 -23.76 1.82
N GLN B 748 -11.46 -22.68 2.01
CA GLN B 748 -11.39 -21.55 1.07
C GLN B 748 -10.38 -21.77 -0.06
N ARG B 749 -9.15 -22.17 0.31
CA ARG B 749 -7.96 -22.26 -0.56
C ARG B 749 -7.05 -23.38 -0.10
N PHE B 750 -6.26 -23.94 -1.01
CA PHE B 750 -5.27 -24.98 -0.70
C PHE B 750 -3.98 -24.84 -1.55
N THR B 751 -2.91 -25.47 -1.10
CA THR B 751 -1.60 -25.48 -1.78
C THR B 751 -0.87 -26.81 -1.60
N THR B 752 0.01 -27.14 -2.54
CA THR B 752 0.51 -28.51 -2.78
C THR B 752 2.01 -28.55 -3.18
N GLY B 753 2.65 -27.40 -3.36
CA GLY B 753 4.02 -27.28 -3.87
C GLY B 753 4.31 -25.89 -4.46
N PRO B 754 5.43 -25.71 -5.18
CA PRO B 754 5.77 -24.46 -5.87
C PRO B 754 4.67 -23.92 -6.79
N ASN B 755 4.57 -22.59 -6.90
CA ASN B 755 3.66 -21.89 -7.82
C ASN B 755 4.22 -21.88 -9.28
N LEU B 756 4.48 -23.08 -9.84
CA LEU B 756 5.10 -23.28 -11.16
C LEU B 756 4.20 -24.12 -12.08
N ASP B 757 4.27 -23.90 -13.39
CA ASP B 757 3.42 -24.57 -14.40
C ASP B 757 4.22 -25.39 -15.43
N SER B 758 3.64 -26.51 -15.87
CA SER B 758 4.24 -27.43 -16.85
C SER B 758 5.64 -27.92 -16.43
N SER B 759 6.51 -28.26 -17.40
CA SER B 759 7.87 -28.81 -17.22
C SER B 759 8.79 -27.96 -16.32
N THR B 760 8.46 -26.69 -16.12
CA THR B 760 9.07 -25.79 -15.14
C THR B 760 9.10 -26.40 -13.73
N PHE B 761 8.05 -27.16 -13.37
CA PHE B 761 7.96 -27.86 -12.10
C PHE B 761 8.95 -29.04 -12.01
N ASP B 762 9.14 -29.79 -13.11
CA ASP B 762 10.21 -30.78 -13.21
C ASP B 762 11.61 -30.14 -13.13
N GLN B 763 11.75 -28.89 -13.55
CA GLN B 763 13.00 -28.14 -13.38
C GLN B 763 13.30 -27.83 -11.90
N PHE B 764 12.29 -27.49 -11.10
CA PHE B 764 12.45 -27.34 -9.64
C PHE B 764 12.82 -28.68 -8.97
N LEU B 765 12.16 -29.78 -9.36
CA LEU B 765 12.49 -31.13 -8.92
C LEU B 765 13.98 -31.49 -9.17
N ASP B 766 14.53 -31.08 -10.31
CA ASP B 766 15.96 -31.22 -10.62
C ASP B 766 16.87 -30.23 -9.85
N PHE B 767 16.36 -29.09 -9.37
CA PHE B 767 17.19 -28.06 -8.74
C PHE B 767 17.55 -28.37 -7.27
N LEU B 768 16.65 -28.98 -6.50
CA LEU B 768 16.87 -29.23 -5.07
C LEU B 768 17.92 -30.34 -4.80
N PRO B 769 18.75 -30.23 -3.75
CA PRO B 769 19.80 -31.21 -3.43
C PRO B 769 19.24 -32.49 -2.77
N TRP B 770 19.79 -33.66 -3.11
CA TRP B 770 19.53 -34.91 -2.39
C TRP B 770 20.26 -34.95 -1.05
N ILE B 771 19.52 -35.15 0.06
CA ILE B 771 20.05 -35.00 1.42
C ILE B 771 21.15 -36.02 1.79
N GLY B 772 21.24 -37.13 1.06
CA GLY B 772 22.28 -38.15 1.26
C GLY B 772 23.69 -37.74 0.80
N ASN B 773 23.82 -36.68 -0.02
CA ASN B 773 25.13 -36.24 -0.56
C ASN B 773 25.25 -34.73 -0.89
N GLY B 774 24.18 -33.94 -0.74
CA GLY B 774 24.17 -32.48 -1.00
C GLY B 774 24.25 -32.08 -2.49
N LYS B 775 23.99 -33.02 -3.42
CA LYS B 775 24.12 -32.83 -4.88
C LYS B 775 22.74 -32.65 -5.53
N PRO B 776 22.52 -31.67 -6.43
CA PRO B 776 21.24 -31.47 -7.11
C PRO B 776 21.02 -32.49 -8.24
N PHE B 777 19.80 -32.99 -8.41
CA PHE B 777 19.48 -34.01 -9.44
C PHE B 777 19.67 -33.53 -10.90
N SER B 778 19.77 -32.22 -11.12
CA SER B 778 20.16 -31.56 -12.39
C SER B 778 21.58 -31.88 -12.87
N ASN B 779 22.49 -32.37 -12.02
CA ASN B 779 23.85 -32.84 -12.36
C ASN B 779 24.83 -31.82 -13.00
N SER B 780 24.39 -30.61 -13.39
CA SER B 780 25.23 -29.65 -14.12
C SER B 780 26.46 -29.08 -13.37
N PRO B 781 26.52 -28.92 -12.03
CA PRO B 781 27.73 -28.43 -11.34
C PRO B 781 28.78 -29.56 -11.14
N SER B 782 29.18 -30.20 -12.24
CA SER B 782 30.18 -31.28 -12.32
C SER B 782 30.15 -32.28 -11.16
N SER B 789 33.39 -33.97 -22.69
CA SER B 789 32.65 -35.13 -23.20
C SER B 789 32.31 -36.11 -22.08
N SER B 790 31.37 -37.03 -22.34
CA SER B 790 31.00 -38.16 -21.45
C SER B 790 30.48 -37.78 -20.05
N THR B 791 29.92 -36.58 -19.89
CA THR B 791 29.28 -36.13 -18.63
C THR B 791 27.90 -36.77 -18.41
N PRO B 792 27.47 -36.95 -17.14
CA PRO B 792 26.18 -37.57 -16.80
C PRO B 792 24.97 -36.67 -17.12
N LEU B 793 23.78 -37.28 -17.09
CA LEU B 793 22.50 -36.65 -17.47
C LEU B 793 21.57 -36.46 -16.25
N PRO B 794 20.67 -35.45 -16.27
CA PRO B 794 19.68 -35.21 -15.22
C PRO B 794 18.56 -36.27 -15.19
N THR B 795 17.75 -36.32 -14.13
CA THR B 795 16.68 -37.35 -13.98
C THR B 795 15.26 -36.84 -14.22
N PHE B 796 14.85 -35.66 -13.72
CA PHE B 796 13.45 -35.23 -13.81
C PHE B 796 13.13 -34.44 -15.08
N SER B 797 13.89 -33.40 -15.42
CA SER B 797 13.65 -32.57 -16.61
C SER B 797 14.24 -33.19 -17.90
N ASN B 798 13.75 -32.73 -19.06
CA ASN B 798 14.15 -33.22 -20.38
C ASN B 798 15.20 -32.31 -21.08
N ILE B 799 15.52 -31.16 -20.50
CA ILE B 799 16.46 -30.18 -21.07
C ILE B 799 17.88 -30.78 -21.15
N ASN B 800 18.52 -30.66 -22.32
CA ASN B 800 19.82 -31.27 -22.65
C ASN B 800 19.86 -32.82 -22.60
N VAL B 801 18.72 -33.51 -22.65
CA VAL B 801 18.65 -34.99 -22.68
C VAL B 801 18.36 -35.45 -24.11
N GLY B 802 19.20 -36.35 -24.65
CA GLY B 802 19.14 -36.76 -26.05
C GLY B 802 19.63 -35.65 -26.99
N VAL B 803 18.77 -35.22 -27.92
CA VAL B 803 19.08 -34.17 -28.92
C VAL B 803 17.84 -33.31 -29.21
N LYS B 804 18.04 -32.07 -29.68
CA LYS B 804 16.96 -31.21 -30.21
C LYS B 804 16.52 -31.67 -31.60
N SER B 805 15.22 -31.61 -31.88
CA SER B 805 14.69 -31.59 -33.24
C SER B 805 13.35 -30.85 -33.33
N MET B 806 12.99 -30.37 -34.52
CA MET B 806 11.72 -29.67 -34.74
C MET B 806 10.54 -30.65 -34.78
N ILE B 807 9.44 -30.32 -34.09
CA ILE B 807 8.22 -31.16 -34.05
C ILE B 807 7.33 -31.07 -35.31
N THR B 808 7.80 -30.47 -36.41
CA THR B 808 7.00 -30.19 -37.61
C THR B 808 6.42 -31.43 -38.31
N GLN B 809 7.00 -32.61 -38.12
CA GLN B 809 6.53 -33.88 -38.71
C GLN B 809 5.52 -34.64 -37.83
N HIS B 810 5.23 -34.20 -36.60
CA HIS B 810 4.33 -34.91 -35.67
C HIS B 810 2.84 -34.71 -35.96
N LEU B 811 2.05 -35.78 -35.78
CA LEU B 811 0.58 -35.80 -35.74
C LEU B 811 -0.09 -35.02 -36.90
N ASN B 812 -0.57 -33.80 -36.64
CA ASN B 812 -1.31 -32.99 -37.61
C ASN B 812 -0.42 -32.21 -38.60
N LYS B 813 0.90 -32.10 -38.34
CA LYS B 813 1.89 -31.33 -39.12
C LYS B 813 1.52 -29.86 -39.34
N GLU B 814 0.80 -29.25 -38.40
CA GLU B 814 0.25 -27.89 -38.49
C GLU B 814 0.39 -27.09 -37.18
N ASN B 815 0.20 -25.76 -37.24
CA ASN B 815 0.28 -24.79 -36.13
C ASN B 815 1.66 -24.61 -35.45
N THR B 816 2.54 -25.61 -35.52
CA THR B 816 3.85 -25.65 -34.84
C THR B 816 4.74 -24.43 -35.08
N ARG B 817 4.69 -23.82 -36.28
CA ARG B 817 5.53 -22.67 -36.66
C ARG B 817 5.23 -21.38 -35.89
N TRP B 818 4.04 -21.25 -35.28
CA TRP B 818 3.57 -19.97 -34.69
C TRP B 818 2.80 -20.09 -33.37
N VAL B 819 2.27 -21.26 -33.01
CA VAL B 819 1.40 -21.45 -31.82
C VAL B 819 1.88 -22.59 -30.91
N PHE B 820 3.20 -22.70 -30.71
CA PHE B 820 3.84 -23.70 -29.83
C PHE B 820 5.07 -23.14 -29.10
N ILE B 821 5.99 -22.50 -29.85
CA ILE B 821 7.22 -21.87 -29.35
C ILE B 821 7.22 -20.40 -29.81
N PRO B 822 7.73 -19.43 -29.03
CA PRO B 822 7.86 -18.01 -29.42
C PRO B 822 8.77 -17.70 -30.63
N ASN B 823 9.11 -18.69 -31.46
CA ASN B 823 10.25 -18.65 -32.38
C ASN B 823 9.99 -19.46 -33.67
N PHE B 824 10.77 -19.20 -34.73
CA PHE B 824 10.56 -19.73 -36.08
C PHE B 824 10.84 -21.24 -36.24
N SER B 825 11.66 -21.84 -35.35
CA SER B 825 12.00 -23.27 -35.34
C SER B 825 11.34 -23.99 -34.13
N PRO B 826 10.41 -24.94 -34.34
CA PRO B 826 9.66 -25.63 -33.27
C PRO B 826 10.47 -26.68 -32.47
N ASP B 827 11.61 -26.29 -31.89
CA ASP B 827 12.53 -27.22 -31.22
C ASP B 827 11.95 -27.83 -29.92
N ILE B 828 12.04 -29.16 -29.77
CA ILE B 828 11.88 -29.88 -28.49
C ILE B 828 13.01 -30.92 -28.33
N TRP B 829 13.54 -31.09 -27.12
CA TRP B 829 14.49 -32.17 -26.77
C TRP B 829 13.79 -33.53 -26.76
N THR B 830 14.28 -34.49 -27.57
CA THR B 830 13.60 -35.79 -27.75
C THR B 830 13.69 -36.76 -26.56
N GLY B 831 14.50 -36.46 -25.53
CA GLY B 831 14.61 -37.25 -24.30
C GLY B 831 15.42 -38.54 -24.42
N ALA B 832 15.54 -39.26 -23.29
CA ALA B 832 16.27 -40.52 -23.20
C ALA B 832 15.49 -41.67 -23.88
N GLY B 833 16.19 -42.51 -24.67
CA GLY B 833 15.59 -43.61 -25.43
C GLY B 833 14.61 -43.14 -26.51
N TYR B 834 15.10 -42.91 -27.74
CA TYR B 834 14.31 -42.34 -28.83
C TYR B 834 14.57 -43.03 -30.18
N ARG B 835 13.63 -42.88 -31.12
CA ARG B 835 13.62 -43.51 -32.46
C ARG B 835 13.69 -42.50 -33.60
N VAL B 836 14.61 -42.72 -34.53
CA VAL B 836 14.85 -41.98 -35.78
C VAL B 836 15.42 -42.92 -36.86
N GLN B 837 15.24 -42.61 -38.15
CA GLN B 837 15.87 -43.38 -39.24
C GLN B 837 17.39 -43.16 -39.32
N SER B 838 17.86 -41.94 -39.02
CA SER B 838 19.27 -41.54 -39.02
C SER B 838 19.46 -40.26 -38.17
N ALA B 839 20.70 -39.91 -37.85
CA ALA B 839 21.03 -38.65 -37.17
C ALA B 839 20.69 -37.40 -38.00
N ASN B 840 20.56 -37.51 -39.32
CA ASN B 840 20.08 -36.45 -40.21
C ASN B 840 18.53 -36.36 -40.23
N GLN B 841 17.84 -37.51 -40.31
CA GLN B 841 16.37 -37.60 -40.33
C GLN B 841 15.77 -37.51 -38.90
N LYS B 842 16.15 -36.46 -38.16
CA LYS B 842 15.92 -36.31 -36.70
C LYS B 842 14.50 -35.88 -36.29
N ASN B 843 13.63 -35.53 -37.23
CA ASN B 843 12.26 -35.06 -36.98
C ASN B 843 11.20 -36.11 -37.40
N GLY B 844 10.38 -36.54 -36.44
CA GLY B 844 9.31 -37.53 -36.64
C GLY B 844 9.80 -38.96 -36.93
N ILE B 845 8.84 -39.88 -37.11
CA ILE B 845 9.05 -41.22 -37.67
C ILE B 845 7.77 -41.61 -38.45
N PRO B 846 7.84 -42.29 -39.61
CA PRO B 846 6.67 -42.83 -40.30
C PRO B 846 6.15 -44.10 -39.61
N PHE B 847 5.02 -44.65 -40.10
CA PHE B 847 4.47 -45.94 -39.65
C PHE B 847 5.29 -47.15 -40.17
N GLU B 848 6.59 -47.18 -39.87
CA GLU B 848 7.49 -48.29 -40.24
C GLU B 848 7.55 -49.40 -39.16
N GLN B 849 7.30 -49.10 -37.89
CA GLN B 849 7.22 -50.10 -36.81
C GLN B 849 5.83 -50.78 -36.75
N VAL B 850 5.45 -51.45 -37.85
CA VAL B 850 4.42 -52.50 -37.85
C VAL B 850 4.87 -53.69 -37.00
N LYS B 851 3.93 -54.35 -36.31
CA LYS B 851 4.24 -55.40 -35.31
C LYS B 851 3.39 -56.66 -35.51
N PRO B 852 3.94 -57.87 -35.36
CA PRO B 852 3.18 -59.11 -35.45
C PRO B 852 2.42 -59.41 -34.15
N SER B 853 1.38 -60.24 -34.21
CA SER B 853 0.65 -60.70 -33.02
C SER B 853 1.37 -61.86 -32.32
N ASN B 854 1.74 -62.90 -33.07
CA ASN B 854 2.65 -63.98 -32.66
C ASN B 854 3.83 -64.05 -33.66
N ASN B 855 4.05 -65.19 -34.32
CA ASN B 855 4.85 -65.29 -35.56
C ASN B 855 4.01 -65.08 -36.84
N SER B 856 2.70 -64.81 -36.71
CA SER B 856 1.69 -64.79 -37.76
C SER B 856 1.70 -63.53 -38.67
N THR B 857 2.89 -63.08 -39.08
CA THR B 857 3.18 -61.87 -39.90
C THR B 857 2.72 -60.54 -39.25
N PRO B 858 3.15 -59.36 -39.77
CA PRO B 858 2.83 -58.04 -39.21
C PRO B 858 1.33 -57.66 -39.15
N PHE B 859 1.05 -56.41 -38.73
CA PHE B 859 -0.27 -55.84 -38.50
C PHE B 859 -1.23 -55.79 -39.73
N ASP B 860 -0.73 -56.14 -40.92
CA ASP B 860 -1.51 -56.30 -42.16
C ASP B 860 -2.25 -55.02 -42.62
N PRO B 861 -1.52 -53.93 -42.93
CA PRO B 861 -2.11 -52.73 -43.56
C PRO B 861 -2.55 -53.01 -45.01
N ASN B 862 -3.51 -52.22 -45.52
CA ASN B 862 -4.22 -52.45 -46.79
C ASN B 862 -5.04 -53.76 -46.85
N SER B 863 -5.27 -54.41 -45.70
CA SER B 863 -6.14 -55.57 -45.56
C SER B 863 -7.58 -55.16 -45.25
N ASP B 864 -8.58 -56.00 -45.57
CA ASP B 864 -9.99 -55.63 -45.52
C ASP B 864 -10.55 -55.41 -44.09
N ASP B 865 -9.88 -55.88 -43.04
CA ASP B 865 -10.18 -55.53 -41.64
C ASP B 865 -9.67 -54.12 -41.24
N ASN B 866 -8.77 -53.54 -42.05
CA ASN B 866 -8.07 -52.27 -41.86
C ASN B 866 -8.36 -51.30 -43.04
N LYS B 867 -9.53 -51.43 -43.67
CA LYS B 867 -10.05 -50.65 -44.81
C LYS B 867 -11.55 -50.38 -44.65
N VAL B 868 -12.06 -49.39 -45.38
CA VAL B 868 -13.50 -49.04 -45.48
C VAL B 868 -13.89 -48.67 -46.91
N THR B 869 -15.19 -48.75 -47.24
CA THR B 869 -15.73 -48.55 -48.61
C THR B 869 -16.88 -47.52 -48.63
N PRO B 870 -16.57 -46.21 -48.52
CA PRO B 870 -17.53 -45.13 -48.70
C PRO B 870 -18.00 -44.98 -50.15
N SER B 871 -19.01 -44.14 -50.37
CA SER B 871 -19.54 -43.80 -51.71
C SER B 871 -18.46 -43.18 -52.62
N GLY B 872 -18.48 -43.55 -53.91
CA GLY B 872 -17.44 -43.21 -54.89
C GLY B 872 -16.35 -44.29 -55.05
N GLY B 873 -16.29 -45.28 -54.16
CA GLY B 873 -15.39 -46.43 -54.27
C GLY B 873 -13.91 -46.18 -53.90
N SER B 874 -13.53 -44.95 -53.55
CA SER B 874 -12.21 -44.63 -53.00
C SER B 874 -11.99 -45.30 -51.64
N SER B 875 -10.78 -45.79 -51.36
CA SER B 875 -10.44 -46.45 -50.10
C SER B 875 -8.97 -46.24 -49.72
N LYS B 876 -8.64 -46.27 -48.42
CA LYS B 876 -7.29 -46.05 -47.87
C LYS B 876 -7.06 -46.82 -46.56
N PRO B 877 -5.83 -47.19 -46.19
CA PRO B 877 -5.55 -48.00 -45.00
C PRO B 877 -5.73 -47.20 -43.70
N THR B 878 -6.33 -47.81 -42.69
CA THR B 878 -6.67 -47.15 -41.40
C THR B 878 -5.47 -47.13 -40.43
N THR B 879 -4.43 -46.34 -40.72
CA THR B 879 -3.23 -46.19 -39.84
C THR B 879 -2.61 -44.77 -39.90
N TYR B 880 -1.74 -44.45 -38.94
CA TYR B 880 -1.04 -43.15 -38.79
C TYR B 880 -0.25 -42.71 -40.05
N PRO B 881 -0.18 -41.40 -40.34
CA PRO B 881 0.77 -40.85 -41.31
C PRO B 881 2.20 -40.74 -40.73
N ALA B 882 2.34 -40.24 -39.50
CA ALA B 882 3.62 -40.09 -38.78
C ALA B 882 3.39 -40.02 -37.25
N LEU B 883 4.41 -40.33 -36.45
CA LEU B 883 4.30 -40.57 -34.99
C LEU B 883 5.43 -39.88 -34.18
N PRO B 884 5.26 -39.66 -32.86
CA PRO B 884 6.30 -39.15 -31.96
C PRO B 884 7.56 -40.03 -31.83
N ASN B 885 8.67 -39.37 -31.45
CA ASN B 885 10.02 -39.95 -31.44
C ASN B 885 10.41 -40.71 -30.16
N SER B 886 9.62 -40.70 -29.08
CA SER B 886 9.93 -41.49 -27.87
C SER B 886 8.68 -41.84 -27.05
N ILE B 887 8.71 -43.01 -26.41
CA ILE B 887 7.64 -43.56 -25.55
C ILE B 887 8.11 -43.76 -24.09
N SER B 888 9.36 -43.42 -23.75
CA SER B 888 9.96 -43.70 -22.43
C SER B 888 9.29 -42.91 -21.29
N PRO B 889 9.34 -43.38 -20.03
CA PRO B 889 8.62 -42.76 -18.91
C PRO B 889 9.08 -41.33 -18.57
N THR B 890 10.25 -40.92 -19.06
CA THR B 890 10.74 -39.54 -18.94
C THR B 890 10.04 -38.57 -19.89
N SER B 891 9.22 -39.05 -20.84
CA SER B 891 8.64 -38.22 -21.94
C SER B 891 7.77 -37.07 -21.45
N ASP B 892 7.80 -35.96 -22.21
CA ASP B 892 7.26 -34.64 -21.83
C ASP B 892 6.63 -33.92 -23.04
N TRP B 893 6.02 -34.69 -23.95
CA TRP B 893 5.49 -34.17 -25.22
C TRP B 893 4.34 -33.18 -25.04
N ILE B 894 4.48 -31.97 -25.61
CA ILE B 894 3.47 -30.91 -25.56
C ILE B 894 2.26 -31.24 -26.47
N ASN B 895 2.52 -31.82 -27.64
CA ASN B 895 1.53 -32.10 -28.69
C ASN B 895 0.78 -33.44 -28.56
N ALA B 896 1.25 -34.38 -27.72
CA ALA B 896 0.81 -35.79 -27.78
C ALA B 896 0.51 -36.37 -26.39
N LEU B 897 -0.71 -36.14 -25.89
CA LEU B 897 -1.20 -36.69 -24.62
C LEU B 897 -1.13 -38.23 -24.57
N THR B 898 -1.31 -38.89 -25.71
CA THR B 898 -1.21 -40.36 -25.86
C THR B 898 0.21 -40.91 -25.85
N PHE B 899 1.26 -40.07 -25.89
CA PHE B 899 2.68 -40.47 -25.79
C PHE B 899 3.45 -39.81 -24.63
N THR B 900 2.96 -38.72 -24.04
CA THR B 900 3.54 -38.14 -22.83
C THR B 900 3.28 -39.02 -21.59
N ASN B 901 4.26 -39.12 -20.69
CA ASN B 901 4.19 -39.96 -19.49
C ASN B 901 4.16 -39.15 -18.17
N LYS B 902 4.83 -37.99 -18.12
CA LYS B 902 4.74 -37.03 -17.01
C LYS B 902 3.29 -36.56 -16.78
N ASN B 903 2.91 -36.35 -15.53
CA ASN B 903 1.60 -35.85 -15.14
C ASN B 903 1.66 -35.08 -13.80
N ASN B 904 0.71 -34.16 -13.57
CA ASN B 904 0.70 -33.31 -12.36
C ASN B 904 0.62 -34.08 -11.03
N PRO B 905 -0.18 -35.17 -10.91
CA PRO B 905 -0.09 -36.07 -9.75
C PRO B 905 1.34 -36.57 -9.53
N GLN B 906 1.98 -37.15 -10.55
CA GLN B 906 3.34 -37.66 -10.42
C GLN B 906 4.32 -36.55 -10.02
N ARG B 907 4.19 -35.34 -10.56
CA ARG B 907 5.01 -34.18 -10.15
C ARG B 907 4.90 -33.90 -8.65
N ASN B 908 3.70 -33.93 -8.09
CA ASN B 908 3.47 -33.74 -6.66
C ASN B 908 3.92 -34.95 -5.82
N GLN B 909 3.73 -36.18 -6.31
CA GLN B 909 4.22 -37.40 -5.66
C GLN B 909 5.75 -37.43 -5.57
N LEU B 910 6.43 -37.11 -6.68
CA LEU B 910 7.87 -37.01 -6.77
C LEU B 910 8.41 -35.86 -5.92
N LEU B 911 7.73 -34.71 -5.86
CA LEU B 911 8.14 -33.61 -4.97
C LEU B 911 8.27 -34.09 -3.53
N LEU B 912 7.22 -34.69 -2.99
CA LEU B 912 7.23 -35.19 -1.62
C LEU B 912 8.31 -36.28 -1.41
N ARG B 913 8.31 -37.32 -2.25
CA ARG B 913 9.22 -38.47 -2.04
C ARG B 913 10.68 -38.17 -2.37
N SER B 914 10.99 -37.18 -3.20
CA SER B 914 12.36 -36.70 -3.42
C SER B 914 12.84 -35.79 -2.28
N LEU B 915 11.97 -35.04 -1.60
CA LEU B 915 12.31 -34.36 -0.34
C LEU B 915 12.69 -35.39 0.73
N LEU B 916 11.85 -36.40 1.01
CA LEU B 916 12.21 -37.48 1.95
C LEU B 916 13.37 -38.36 1.44
N GLY B 917 13.70 -38.31 0.15
CA GLY B 917 14.86 -38.97 -0.45
C GLY B 917 14.69 -40.47 -0.70
N THR B 918 13.45 -40.96 -0.83
CA THR B 918 13.10 -42.40 -0.85
C THR B 918 12.40 -42.84 -2.15
N ILE B 919 12.75 -42.23 -3.28
CA ILE B 919 12.42 -42.77 -4.62
C ILE B 919 13.22 -44.06 -4.86
N PRO B 920 12.61 -45.18 -5.27
CA PRO B 920 13.33 -46.43 -5.52
C PRO B 920 14.09 -46.40 -6.86
N VAL B 921 15.07 -47.28 -7.00
CA VAL B 921 15.87 -47.47 -8.23
C VAL B 921 15.82 -48.92 -8.69
N LEU B 922 15.85 -49.15 -10.00
CA LEU B 922 15.79 -50.48 -10.62
C LEU B 922 17.21 -51.02 -10.83
N ILE B 923 17.44 -52.29 -10.48
CA ILE B 923 18.77 -52.93 -10.41
C ILE B 923 18.78 -54.30 -11.10
N ASN B 924 19.86 -54.59 -11.85
CA ASN B 924 20.25 -55.96 -12.26
C ASN B 924 21.42 -56.52 -11.43
N LYS B 925 22.29 -55.64 -10.89
CA LYS B 925 23.66 -55.96 -10.49
C LYS B 925 24.03 -55.34 -9.15
N SER B 926 24.61 -56.13 -8.23
CA SER B 926 25.06 -55.67 -6.92
C SER B 926 26.60 -55.57 -6.81
N GLY B 927 27.12 -55.05 -5.70
CA GLY B 927 28.56 -54.97 -5.44
C GLY B 927 29.27 -56.30 -5.15
N ASP B 928 28.53 -57.42 -5.05
CA ASP B 928 29.06 -58.76 -4.74
C ASP B 928 29.99 -59.33 -5.83
N SER B 929 30.79 -60.33 -5.48
CA SER B 929 31.80 -60.93 -6.38
C SER B 929 31.19 -61.44 -7.69
N ASN B 930 31.77 -61.04 -8.82
CA ASN B 930 31.30 -61.26 -10.21
C ASN B 930 29.89 -60.73 -10.55
N ASP B 931 29.23 -59.97 -9.65
CA ASP B 931 27.89 -59.41 -9.87
C ASP B 931 27.89 -57.91 -10.25
N GLN B 932 29.06 -57.29 -10.30
CA GLN B 932 29.30 -55.83 -10.34
C GLN B 932 28.89 -55.12 -11.65
N PHE B 933 28.55 -53.82 -11.52
CA PHE B 933 28.30 -52.87 -12.61
C PHE B 933 29.21 -51.65 -12.50
N ASN B 934 29.78 -51.17 -13.61
CA ASN B 934 30.86 -50.16 -13.60
C ASN B 934 30.42 -48.74 -14.01
N LYS B 935 31.01 -47.73 -13.34
CA LYS B 935 30.93 -46.30 -13.71
C LYS B 935 31.48 -46.00 -15.12
N ASP B 936 32.51 -46.75 -15.54
CA ASP B 936 33.24 -46.56 -16.79
C ASP B 936 33.31 -47.85 -17.63
N SER B 937 33.43 -47.69 -18.95
CA SER B 937 33.44 -48.80 -19.95
C SER B 937 32.18 -49.69 -19.99
N GLU B 938 31.07 -49.24 -19.40
CA GLU B 938 29.81 -50.00 -19.29
C GLU B 938 28.53 -49.13 -19.34
N GLN B 939 28.68 -47.80 -19.37
CA GLN B 939 27.63 -46.78 -19.49
C GLN B 939 28.05 -45.71 -20.51
N LYS B 940 27.17 -45.35 -21.45
CA LYS B 940 27.47 -44.37 -22.52
C LYS B 940 26.45 -43.23 -22.56
N TRP B 941 26.67 -42.20 -21.73
CA TRP B 941 25.80 -41.01 -21.63
C TRP B 941 25.63 -40.25 -22.96
N ASP B 942 26.62 -40.34 -23.86
CA ASP B 942 26.59 -39.71 -25.18
C ASP B 942 25.81 -40.49 -26.25
N LYS B 943 25.32 -41.70 -25.96
CA LYS B 943 24.70 -42.62 -26.95
C LYS B 943 23.39 -43.23 -26.44
N THR B 944 22.40 -42.38 -26.11
CA THR B 944 21.07 -42.81 -25.63
C THR B 944 20.23 -43.56 -26.70
N GLU B 945 20.68 -43.64 -27.95
CA GLU B 945 20.02 -44.38 -29.04
C GLU B 945 20.14 -45.92 -28.94
N THR B 946 21.04 -46.46 -28.10
CA THR B 946 21.36 -47.90 -28.06
C THR B 946 21.36 -48.47 -26.63
N ASN B 947 21.44 -49.80 -26.50
CA ASN B 947 21.46 -50.49 -25.21
C ASN B 947 22.61 -50.04 -24.28
N GLU B 948 23.71 -49.51 -24.83
CA GLU B 948 24.84 -48.97 -24.04
C GLU B 948 24.47 -47.73 -23.21
N GLY B 949 23.32 -47.10 -23.48
CA GLY B 949 22.73 -46.08 -22.62
C GLY B 949 21.96 -46.63 -21.39
N ASN B 950 21.75 -47.95 -21.31
CA ASN B 950 21.14 -48.67 -20.18
C ASN B 950 19.76 -48.18 -19.69
N LEU B 951 18.92 -47.58 -20.56
CA LEU B 951 17.53 -47.23 -20.22
C LEU B 951 16.66 -48.51 -20.10
N PRO B 952 15.98 -48.77 -18.96
CA PRO B 952 15.26 -50.03 -18.75
C PRO B 952 14.13 -50.33 -19.73
N GLY B 953 13.23 -49.36 -19.99
CA GLY B 953 12.04 -49.55 -20.83
C GLY B 953 10.90 -50.38 -20.19
N PHE B 954 11.09 -50.93 -18.99
CA PHE B 954 10.04 -51.59 -18.19
C PHE B 954 10.35 -51.49 -16.68
N GLY B 955 9.31 -51.41 -15.83
CA GLY B 955 9.46 -51.43 -14.36
C GLY B 955 10.05 -50.16 -13.72
N GLU B 956 10.31 -49.13 -14.51
CA GLU B 956 10.91 -47.85 -14.08
C GLU B 956 9.89 -46.89 -13.45
N VAL B 957 10.29 -46.08 -12.46
CA VAL B 957 9.40 -45.08 -11.84
C VAL B 957 9.01 -44.00 -12.85
N ASN B 958 7.73 -43.63 -12.91
CA ASN B 958 7.21 -42.74 -13.93
C ASN B 958 7.76 -41.29 -13.84
N GLY B 959 7.87 -40.60 -14.97
CA GLY B 959 8.30 -39.20 -15.08
C GLY B 959 9.83 -38.96 -15.09
N LEU B 960 10.60 -39.82 -14.41
CA LEU B 960 12.05 -39.64 -14.18
C LEU B 960 12.95 -40.53 -15.08
N TYR B 961 14.23 -40.72 -14.73
CA TYR B 961 15.18 -41.60 -15.43
C TYR B 961 16.14 -42.33 -14.45
N ASN B 962 16.12 -43.68 -14.45
CA ASN B 962 16.77 -44.53 -13.45
C ASN B 962 18.30 -44.38 -13.35
N ALA B 963 19.03 -44.39 -14.47
CA ALA B 963 20.49 -44.33 -14.45
C ALA B 963 21.02 -43.00 -13.87
N ALA B 964 20.33 -41.90 -14.16
CA ALA B 964 20.60 -40.61 -13.54
C ALA B 964 20.33 -40.63 -12.02
N LEU B 965 19.23 -41.24 -11.58
CA LEU B 965 18.95 -41.37 -10.15
C LEU B 965 20.01 -42.22 -9.43
N LEU B 966 20.42 -43.35 -10.02
CA LEU B 966 21.55 -44.16 -9.53
C LEU B 966 22.86 -43.37 -9.44
N HIS B 967 23.18 -42.51 -10.42
CA HIS B 967 24.35 -41.62 -10.36
C HIS B 967 24.23 -40.59 -9.22
N THR B 968 23.07 -39.96 -9.04
CA THR B 968 22.84 -38.99 -7.96
C THR B 968 22.88 -39.63 -6.57
N TYR B 969 22.42 -40.87 -6.43
CA TYR B 969 22.60 -41.67 -5.22
C TYR B 969 24.05 -42.15 -5.03
N GLY B 970 24.80 -42.28 -6.13
CA GLY B 970 26.18 -42.74 -6.14
C GLY B 970 26.33 -44.25 -5.98
N PHE B 971 25.34 -45.03 -6.45
CA PHE B 971 25.39 -46.50 -6.39
C PHE B 971 26.51 -47.10 -7.27
N PHE B 972 26.95 -46.36 -8.29
CA PHE B 972 28.19 -46.60 -9.04
C PHE B 972 29.03 -45.31 -9.10
N GLY B 973 30.36 -45.46 -9.05
CA GLY B 973 31.32 -44.36 -8.99
C GLY B 973 31.53 -43.79 -7.57
N THR B 974 32.61 -43.04 -7.39
CA THR B 974 33.05 -42.47 -6.09
C THR B 974 32.27 -41.22 -5.63
N ASN B 975 31.03 -41.03 -6.08
CA ASN B 975 30.24 -39.83 -5.80
C ASN B 975 29.80 -39.71 -4.33
N THR B 976 29.46 -40.84 -3.68
CA THR B 976 28.90 -40.89 -2.29
C THR B 976 29.84 -41.55 -1.28
N ASN B 977 30.88 -42.26 -1.74
CA ASN B 977 31.79 -43.08 -0.93
C ASN B 977 33.24 -43.03 -1.47
N SER B 978 34.21 -43.31 -0.61
CA SER B 978 35.65 -43.27 -0.92
C SER B 978 36.12 -44.33 -1.93
N THR B 979 35.29 -45.33 -2.25
CA THR B 979 35.53 -46.31 -3.32
C THR B 979 34.21 -46.72 -3.99
N ASP B 980 34.28 -47.13 -5.25
CA ASP B 980 33.13 -47.43 -6.13
C ASP B 980 32.28 -48.62 -5.61
N PRO B 981 31.00 -48.42 -5.22
CA PRO B 981 30.14 -49.52 -4.74
C PRO B 981 29.70 -50.52 -5.82
N LYS B 982 29.79 -50.15 -7.11
CA LYS B 982 29.49 -51.02 -8.28
C LYS B 982 28.08 -51.65 -8.34
N ILE B 983 27.05 -50.94 -7.87
CA ILE B 983 25.63 -51.37 -7.90
C ILE B 983 24.90 -50.66 -9.06
N GLY B 984 24.09 -51.36 -9.85
CA GLY B 984 23.37 -50.71 -10.95
C GLY B 984 22.53 -51.61 -11.88
N PHE B 985 22.29 -51.10 -13.09
CA PHE B 985 21.43 -51.67 -14.12
C PHE B 985 22.14 -51.67 -15.48
N LYS B 986 22.02 -52.76 -16.26
CA LYS B 986 22.60 -52.88 -17.61
C LYS B 986 21.65 -53.53 -18.61
N ALA B 987 21.58 -53.00 -19.83
CA ALA B 987 20.84 -53.60 -20.95
C ALA B 987 21.78 -54.41 -21.86
N ASP B 988 21.53 -55.73 -22.00
CA ASP B 988 22.34 -56.65 -22.80
C ASP B 988 21.55 -57.26 -23.97
N SER B 989 22.23 -57.50 -25.09
CA SER B 989 21.66 -58.14 -26.29
C SER B 989 21.97 -59.64 -26.44
N SER B 990 22.79 -60.22 -25.54
CA SER B 990 23.25 -61.61 -25.62
C SER B 990 22.34 -62.64 -24.93
N SER B 991 21.49 -62.24 -23.98
CA SER B 991 20.70 -63.18 -23.15
C SER B 991 19.46 -62.54 -22.49
N SER B 992 18.53 -63.39 -22.06
CA SER B 992 17.44 -63.03 -21.14
C SER B 992 17.97 -62.57 -19.79
N SER B 993 17.30 -61.62 -19.12
CA SER B 993 17.81 -60.94 -17.92
C SER B 993 16.73 -60.72 -16.84
N SER B 994 17.15 -60.48 -15.60
CA SER B 994 16.30 -60.29 -14.42
C SER B 994 16.66 -59.00 -13.66
N SER B 995 15.67 -58.38 -13.00
CA SER B 995 15.84 -57.14 -12.23
C SER B 995 14.84 -57.03 -11.06
N THR B 996 15.10 -56.10 -10.13
CA THR B 996 14.14 -55.66 -9.09
C THR B 996 14.36 -54.19 -8.74
N LEU B 997 13.32 -53.51 -8.25
CA LEU B 997 13.49 -52.27 -7.51
C LEU B 997 14.23 -52.53 -6.18
N VAL B 998 14.96 -51.53 -5.70
CA VAL B 998 15.54 -51.43 -4.35
C VAL B 998 15.39 -50.00 -3.83
N GLY B 999 15.47 -49.81 -2.50
CA GLY B 999 15.43 -48.49 -1.87
C GLY B 999 16.67 -47.64 -2.11
N SER B 1000 16.60 -46.35 -1.76
CA SER B 1000 17.69 -45.37 -1.95
C SER B 1000 18.83 -45.46 -0.93
N GLY B 1001 18.65 -46.22 0.16
CA GLY B 1001 19.52 -46.21 1.33
C GLY B 1001 18.98 -45.38 2.51
N LEU B 1002 17.92 -44.59 2.31
CA LEU B 1002 17.30 -43.73 3.34
C LEU B 1002 16.01 -44.37 3.92
N ASN B 1003 15.75 -44.12 5.21
CA ASN B 1003 14.63 -44.70 5.98
C ASN B 1003 13.54 -43.69 6.43
N TRP B 1004 13.57 -42.44 5.95
CA TRP B 1004 12.49 -41.46 6.17
C TRP B 1004 11.17 -41.85 5.47
N THR B 1005 10.04 -41.32 5.90
CA THR B 1005 8.71 -41.58 5.31
C THR B 1005 7.77 -40.36 5.42
N SER B 1006 6.74 -40.26 4.57
CA SER B 1006 5.86 -39.08 4.46
C SER B 1006 4.99 -38.78 5.70
N GLN B 1007 4.89 -39.70 6.66
CA GLN B 1007 4.29 -39.46 7.97
C GLN B 1007 5.23 -38.73 8.96
N ASP B 1008 6.50 -38.53 8.63
CA ASP B 1008 7.51 -37.83 9.45
C ASP B 1008 7.34 -36.30 9.44
N VAL B 1009 6.12 -35.81 9.70
CA VAL B 1009 5.79 -34.38 9.72
C VAL B 1009 5.63 -33.87 11.16
N GLY B 1010 6.28 -32.75 11.44
CA GLY B 1010 6.35 -32.12 12.76
C GLY B 1010 5.47 -30.86 12.89
N ASN B 1011 5.77 -30.02 13.88
CA ASN B 1011 4.97 -28.86 14.24
C ASN B 1011 4.77 -27.86 13.08
N LEU B 1012 3.53 -27.46 12.81
CA LEU B 1012 3.22 -26.21 12.12
C LEU B 1012 3.61 -25.02 13.01
N VAL B 1013 4.36 -24.07 12.46
CA VAL B 1013 4.75 -22.81 13.14
C VAL B 1013 4.50 -21.60 12.23
N VAL B 1014 4.00 -20.52 12.82
CA VAL B 1014 3.62 -19.28 12.13
C VAL B 1014 4.63 -18.17 12.45
N ILE B 1015 5.22 -17.56 11.43
CA ILE B 1015 6.35 -16.64 11.57
C ILE B 1015 5.91 -15.17 11.70
N ASN B 1016 4.90 -14.76 10.93
CA ASN B 1016 4.28 -13.43 10.98
C ASN B 1016 2.82 -13.47 10.45
N ASP B 1017 2.26 -12.32 10.04
CA ASP B 1017 0.88 -12.22 9.55
C ASP B 1017 0.57 -13.01 8.27
N THR B 1018 1.57 -13.49 7.51
CA THR B 1018 1.36 -14.21 6.23
C THR B 1018 2.25 -15.45 6.03
N SER B 1019 3.39 -15.57 6.72
CA SER B 1019 4.37 -16.66 6.52
C SER B 1019 4.28 -17.75 7.59
N PHE B 1020 4.31 -19.01 7.17
CA PHE B 1020 4.26 -20.19 8.05
C PHE B 1020 5.03 -21.38 7.44
N GLY B 1021 5.44 -22.33 8.27
CA GLY B 1021 6.20 -23.52 7.83
C GLY B 1021 6.13 -24.68 8.81
N PHE B 1022 6.77 -25.79 8.46
CA PHE B 1022 6.82 -26.99 9.31
C PHE B 1022 8.06 -27.87 9.05
N GLN B 1023 8.41 -28.70 10.04
CA GLN B 1023 9.39 -29.76 9.87
C GLN B 1023 8.79 -30.96 9.09
N LEU B 1024 9.53 -31.50 8.13
CA LEU B 1024 9.19 -32.71 7.38
C LEU B 1024 10.46 -33.56 7.19
N GLY B 1025 10.64 -34.57 8.05
CA GLY B 1025 11.88 -35.37 8.11
C GLY B 1025 13.12 -34.49 8.30
N GLY B 1026 14.12 -34.71 7.45
CA GLY B 1026 15.35 -33.92 7.41
C GLY B 1026 15.22 -32.48 6.90
N TRP B 1027 14.02 -31.99 6.57
CA TRP B 1027 13.77 -30.63 6.06
C TRP B 1027 12.91 -29.78 7.00
N PHE B 1028 13.11 -28.47 6.97
CA PHE B 1028 12.06 -27.50 7.30
C PHE B 1028 11.56 -26.83 6.00
N ILE B 1029 10.25 -26.76 5.79
CA ILE B 1029 9.60 -26.17 4.62
C ILE B 1029 8.75 -24.96 5.02
N THR B 1030 8.79 -23.89 4.22
CA THR B 1030 8.01 -22.66 4.46
C THR B 1030 7.14 -22.33 3.26
N PHE B 1031 5.87 -22.01 3.50
CA PHE B 1031 4.86 -21.65 2.49
C PHE B 1031 4.62 -20.13 2.48
N THR B 1032 5.71 -19.37 2.33
CA THR B 1032 5.81 -17.92 2.63
C THR B 1032 4.74 -17.04 1.96
N ASP B 1033 4.30 -17.38 0.74
CA ASP B 1033 3.45 -16.53 -0.10
C ASP B 1033 1.98 -17.00 -0.24
N PHE B 1034 1.57 -18.09 0.42
CA PHE B 1034 0.25 -18.70 0.21
C PHE B 1034 -0.94 -17.76 0.48
N ILE B 1035 -0.81 -16.87 1.47
CA ILE B 1035 -1.86 -15.90 1.85
C ILE B 1035 -1.93 -14.72 0.87
N ARG B 1036 -0.80 -14.34 0.24
CA ARG B 1036 -0.68 -13.20 -0.70
C ARG B 1036 0.27 -13.51 -1.87
N PRO B 1037 -0.15 -14.32 -2.86
CA PRO B 1037 0.67 -14.67 -4.02
C PRO B 1037 1.17 -13.47 -4.85
N ARG B 1038 2.25 -13.65 -5.59
CA ARG B 1038 2.87 -12.66 -6.49
C ARG B 1038 3.39 -13.33 -7.77
N THR B 1039 3.47 -12.58 -8.87
CA THR B 1039 4.12 -13.03 -10.12
C THR B 1039 5.65 -13.10 -9.92
N GLY B 1040 6.30 -14.08 -10.56
CA GLY B 1040 7.76 -14.26 -10.52
C GLY B 1040 8.34 -14.84 -9.22
N TYR B 1041 7.51 -15.18 -8.23
CA TYR B 1041 7.92 -15.86 -6.98
C TYR B 1041 7.44 -17.32 -6.97
N LEU B 1042 8.31 -18.27 -6.59
CA LEU B 1042 7.98 -19.70 -6.55
C LEU B 1042 7.13 -20.16 -5.34
N GLY B 1043 7.00 -19.34 -4.30
CA GLY B 1043 6.08 -19.58 -3.17
C GLY B 1043 6.55 -20.50 -2.04
N ILE B 1044 7.75 -21.11 -2.14
CA ILE B 1044 8.29 -22.11 -1.19
C ILE B 1044 9.73 -21.76 -0.77
N THR B 1045 10.10 -22.00 0.49
CA THR B 1045 11.52 -22.09 0.93
C THR B 1045 11.79 -23.39 1.67
N LEU B 1046 13.01 -23.93 1.58
CA LEU B 1046 13.43 -25.21 2.15
C LEU B 1046 14.84 -25.14 2.79
N SER B 1047 14.97 -25.71 3.99
CA SER B 1047 16.25 -25.87 4.69
C SER B 1047 16.51 -27.34 5.07
N SER B 1048 17.62 -27.92 4.63
CA SER B 1048 18.01 -29.31 4.90
C SER B 1048 18.96 -29.46 6.09
N LEU B 1049 18.74 -30.47 6.93
CA LEU B 1049 19.70 -30.99 7.89
C LEU B 1049 20.98 -31.49 7.18
N GLN B 1050 22.13 -31.50 7.88
CA GLN B 1050 23.43 -31.96 7.36
C GLN B 1050 23.98 -33.24 8.03
N ASP B 1051 23.61 -33.52 9.29
CA ASP B 1051 24.28 -34.56 10.09
C ASP B 1051 24.07 -35.99 9.57
N GLN B 1052 25.15 -36.59 9.08
CA GLN B 1052 25.16 -37.94 8.52
C GLN B 1052 24.72 -39.01 9.53
N THR B 1053 24.96 -38.81 10.83
CA THR B 1053 24.56 -39.76 11.89
C THR B 1053 23.04 -39.84 12.03
N ILE B 1054 22.33 -38.75 11.72
CA ILE B 1054 20.86 -38.70 11.67
C ILE B 1054 20.35 -39.22 10.31
N ILE B 1055 20.91 -38.71 9.21
CA ILE B 1055 20.40 -39.01 7.85
C ILE B 1055 20.54 -40.49 7.49
N TRP B 1056 21.60 -41.17 7.93
CA TRP B 1056 21.82 -42.61 7.72
C TRP B 1056 21.34 -43.49 8.90
N ALA B 1057 20.55 -42.98 9.85
CA ALA B 1057 19.94 -43.79 10.91
C ALA B 1057 18.89 -44.79 10.38
N ASP B 1058 18.51 -45.79 11.19
CA ASP B 1058 17.54 -46.84 10.81
C ASP B 1058 16.07 -46.51 11.12
N GLN B 1059 15.80 -45.61 12.07
CA GLN B 1059 14.46 -45.11 12.40
C GLN B 1059 14.52 -43.59 12.67
N PRO B 1060 14.88 -42.77 11.65
CA PRO B 1060 15.54 -41.47 11.85
C PRO B 1060 14.66 -40.42 12.56
N TRP B 1061 13.35 -40.39 12.32
CA TRP B 1061 12.44 -39.40 12.91
C TRP B 1061 12.38 -39.45 14.45
N THR B 1062 12.71 -40.58 15.07
CA THR B 1062 12.80 -40.70 16.53
C THR B 1062 13.86 -39.79 17.18
N SER B 1063 14.80 -39.25 16.39
CA SER B 1063 15.83 -38.29 16.85
C SER B 1063 15.37 -36.82 16.87
N PHE B 1064 14.25 -36.47 16.22
CA PHE B 1064 13.65 -35.13 16.25
C PHE B 1064 12.92 -34.89 17.58
N LYS B 1065 13.29 -33.84 18.32
CA LYS B 1065 12.73 -33.53 19.66
C LYS B 1065 11.68 -32.41 19.67
N GLY B 1066 11.40 -31.80 18.52
CA GLY B 1066 10.37 -30.75 18.35
C GLY B 1066 10.85 -29.54 17.55
N SER B 1067 9.91 -28.75 17.05
CA SER B 1067 10.15 -27.50 16.29
C SER B 1067 9.29 -26.35 16.82
N TYR B 1068 9.85 -25.14 16.84
CA TYR B 1068 9.27 -23.99 17.55
C TYR B 1068 9.62 -22.65 16.90
N LEU B 1069 8.77 -21.63 17.10
CA LEU B 1069 9.10 -20.23 16.80
C LEU B 1069 9.99 -19.64 17.90
N ASP B 1070 10.97 -18.82 17.53
CA ASP B 1070 11.89 -18.18 18.47
C ASP B 1070 11.87 -16.64 18.39
N SER B 1071 12.11 -15.98 19.53
CA SER B 1071 11.85 -14.54 19.72
C SER B 1071 12.87 -13.60 19.03
N ASP B 1072 13.93 -14.15 18.42
CA ASP B 1072 14.81 -13.45 17.48
C ASP B 1072 14.23 -13.38 16.05
N GLY B 1073 13.09 -14.04 15.77
CA GLY B 1073 12.35 -13.95 14.51
C GLY B 1073 12.54 -15.13 13.54
N THR B 1074 13.01 -16.29 14.00
CA THR B 1074 13.21 -17.49 13.16
C THR B 1074 12.54 -18.74 13.76
N PRO B 1075 12.10 -19.70 12.93
CA PRO B 1075 11.79 -21.05 13.41
C PRO B 1075 13.08 -21.83 13.68
N LYS B 1076 13.04 -22.71 14.68
CA LYS B 1076 14.14 -23.56 15.14
C LYS B 1076 13.64 -24.96 15.51
N SER B 1077 14.55 -25.93 15.62
CA SER B 1077 14.25 -27.33 15.97
C SER B 1077 15.35 -27.98 16.80
N LEU B 1078 15.04 -29.02 17.57
CA LEU B 1078 16.03 -29.78 18.37
C LEU B 1078 16.23 -31.22 17.86
N TRP B 1079 17.47 -31.70 17.98
CA TRP B 1079 17.90 -33.03 17.57
C TRP B 1079 18.83 -33.68 18.60
N ASP B 1080 18.81 -35.02 18.71
CA ASP B 1080 19.73 -35.78 19.58
C ASP B 1080 20.15 -37.13 18.96
N PRO B 1081 21.37 -37.24 18.41
CA PRO B 1081 21.94 -38.49 17.89
C PRO B 1081 22.04 -39.65 18.89
N THR B 1082 21.85 -39.42 20.20
CA THR B 1082 21.83 -40.48 21.21
C THR B 1082 20.42 -41.11 21.40
N ALA B 1083 19.38 -40.58 20.75
CA ALA B 1083 17.99 -41.01 20.93
C ALA B 1083 17.57 -42.25 20.08
N LEU B 1084 18.34 -42.63 19.07
CA LEU B 1084 18.04 -43.75 18.17
C LEU B 1084 18.08 -45.11 18.92
N LYS B 1085 17.33 -46.10 18.41
CA LYS B 1085 17.27 -47.49 18.93
C LYS B 1085 17.30 -48.52 17.80
N SER B 1086 17.67 -49.75 18.14
CA SER B 1086 17.69 -50.90 17.23
C SER B 1086 16.29 -51.32 16.75
N LEU B 1087 16.24 -52.10 15.66
CA LEU B 1087 15.02 -52.77 15.17
C LEU B 1087 14.46 -53.76 16.23
N PRO B 1088 13.19 -54.19 16.11
CA PRO B 1088 12.54 -55.11 17.06
C PRO B 1088 13.27 -56.43 17.37
N ASN B 1089 14.18 -56.88 16.50
CA ASN B 1089 15.13 -57.97 16.79
C ASN B 1089 16.49 -57.73 16.11
N SER B 1090 17.54 -58.36 16.64
CA SER B 1090 18.94 -58.24 16.16
C SER B 1090 19.36 -59.38 15.21
N SER B 1091 18.42 -60.01 14.50
CA SER B 1091 18.54 -61.25 13.69
C SER B 1091 18.82 -62.55 14.46
N THR B 1092 19.47 -62.45 15.63
CA THR B 1092 19.65 -63.43 16.73
C THR B 1092 20.23 -64.82 16.41
N THR B 1093 19.80 -65.50 15.35
CA THR B 1093 20.17 -66.90 15.03
C THR B 1093 20.14 -67.25 13.52
N TYR B 1094 19.57 -66.40 12.66
CA TYR B 1094 19.42 -66.69 11.22
C TYR B 1094 19.64 -65.48 10.30
N ASP B 1095 19.88 -65.74 9.01
CA ASP B 1095 20.11 -64.71 8.00
C ASP B 1095 18.81 -63.98 7.61
N THR B 1096 18.47 -62.90 8.31
CA THR B 1096 17.29 -62.07 8.05
C THR B 1096 17.47 -61.24 6.76
N ASN B 1097 17.08 -61.81 5.61
CA ASN B 1097 17.00 -61.08 4.35
C ASN B 1097 15.82 -60.08 4.29
N PRO B 1098 14.58 -60.44 4.69
CA PRO B 1098 13.46 -59.51 4.78
C PRO B 1098 13.37 -58.80 6.15
N THR B 1099 14.28 -57.88 6.46
CA THR B 1099 14.23 -57.13 7.74
C THR B 1099 13.13 -56.06 7.68
N LEU B 1100 12.00 -56.33 8.34
CA LEU B 1100 10.87 -55.39 8.43
C LEU B 1100 11.33 -54.06 9.06
N SER B 1101 11.26 -52.99 8.27
CA SER B 1101 11.86 -51.68 8.52
C SER B 1101 11.19 -50.63 7.62
N PRO B 1102 11.25 -49.31 7.92
CA PRO B 1102 10.31 -48.35 7.34
C PRO B 1102 10.48 -48.05 5.84
N SER B 1103 11.56 -48.52 5.21
CA SER B 1103 11.82 -48.39 3.76
C SER B 1103 11.86 -49.74 3.03
N PHE B 1104 11.62 -50.85 3.73
CA PHE B 1104 11.54 -52.21 3.15
C PHE B 1104 10.19 -52.46 2.45
N GLN B 1105 10.21 -53.17 1.32
CA GLN B 1105 9.04 -53.67 0.61
C GLN B 1105 9.33 -55.02 -0.06
N LEU B 1106 8.30 -55.85 -0.26
CA LEU B 1106 8.39 -57.14 -0.96
C LEU B 1106 8.37 -56.97 -2.48
N TYR B 1107 9.33 -56.20 -3.03
CA TYR B 1107 9.52 -56.05 -4.48
C TYR B 1107 9.73 -57.41 -5.15
N GLN B 1108 9.01 -57.66 -6.23
CA GLN B 1108 9.05 -58.92 -6.99
C GLN B 1108 10.12 -58.88 -8.09
N PRO B 1109 10.65 -60.03 -8.56
CA PRO B 1109 11.39 -60.10 -9.81
C PRO B 1109 10.62 -59.53 -11.01
N ASN B 1110 11.31 -58.79 -11.89
CA ASN B 1110 10.92 -58.58 -13.28
C ASN B 1110 11.89 -59.35 -14.19
N LYS B 1111 11.37 -60.16 -15.12
CA LYS B 1111 12.18 -60.90 -16.11
C LYS B 1111 11.93 -60.36 -17.53
N VAL B 1112 12.98 -60.14 -18.30
CA VAL B 1112 12.94 -59.37 -19.55
C VAL B 1112 13.80 -59.97 -20.66
N LYS B 1113 13.31 -59.91 -21.91
CA LYS B 1113 14.02 -60.43 -23.09
C LYS B 1113 15.24 -59.56 -23.46
N ALA B 1114 16.14 -60.13 -24.26
CA ALA B 1114 17.35 -59.44 -24.73
C ALA B 1114 17.02 -58.15 -25.52
N TYR B 1115 17.80 -57.10 -25.29
CA TYR B 1115 17.67 -55.81 -25.99
C TYR B 1115 18.25 -55.90 -27.41
N GLN B 1116 17.71 -55.13 -28.36
CA GLN B 1116 18.32 -55.02 -29.70
C GLN B 1116 19.62 -54.19 -29.65
N THR B 1117 20.69 -54.66 -30.31
CA THR B 1117 22.03 -54.03 -30.28
C THR B 1117 22.06 -52.61 -30.87
N THR B 1118 21.16 -52.32 -31.81
CA THR B 1118 20.96 -51.00 -32.45
C THR B 1118 19.46 -50.72 -32.61
N ASN B 1119 19.08 -49.44 -32.74
CA ASN B 1119 17.68 -48.99 -32.79
C ASN B 1119 16.84 -49.55 -31.61
N THR B 1120 17.42 -49.52 -30.41
CA THR B 1120 16.99 -50.32 -29.25
C THR B 1120 15.59 -49.97 -28.73
N TYR B 1121 15.18 -48.70 -28.85
CA TYR B 1121 13.96 -48.16 -28.23
C TYR B 1121 12.84 -47.86 -29.24
N ASN B 1122 12.93 -48.40 -30.47
CA ASN B 1122 11.94 -48.22 -31.53
C ASN B 1122 10.57 -48.89 -31.21
N LYS B 1123 10.57 -49.88 -30.30
CA LYS B 1123 9.40 -50.61 -29.79
C LYS B 1123 9.49 -50.74 -28.26
N LEU B 1124 8.37 -51.00 -27.59
CA LEU B 1124 8.35 -51.28 -26.15
C LEU B 1124 9.10 -52.58 -25.82
N ILE B 1125 9.84 -52.57 -24.71
CA ILE B 1125 10.61 -53.71 -24.21
C ILE B 1125 9.67 -54.80 -23.66
N GLU B 1126 9.95 -56.07 -23.95
CA GLU B 1126 9.03 -57.19 -23.68
C GLU B 1126 9.41 -58.02 -22.43
N PRO B 1127 8.53 -58.09 -21.41
CA PRO B 1127 8.72 -58.96 -20.25
C PRO B 1127 8.33 -60.42 -20.53
N VAL B 1128 8.80 -61.33 -19.67
CA VAL B 1128 8.58 -62.79 -19.74
C VAL B 1128 8.29 -63.36 -18.35
N ASP B 1129 7.80 -64.61 -18.30
CA ASP B 1129 7.41 -65.32 -17.06
C ASP B 1129 8.45 -65.19 -15.94
N ALA B 1130 8.10 -64.46 -14.88
CA ALA B 1130 8.96 -64.18 -13.73
C ALA B 1130 8.73 -65.13 -12.54
N THR B 1131 7.82 -66.11 -12.65
CA THR B 1131 7.35 -66.93 -11.51
C THR B 1131 8.40 -67.85 -10.87
N SER B 1132 9.52 -68.09 -11.56
CA SER B 1132 10.69 -68.84 -11.04
C SER B 1132 11.99 -68.01 -11.02
N ALA B 1133 11.95 -66.71 -11.38
CA ALA B 1133 13.13 -65.90 -11.66
C ALA B 1133 14.04 -65.62 -10.43
N ALA B 1134 13.51 -65.75 -9.21
CA ALA B 1134 14.22 -65.41 -7.96
C ALA B 1134 15.55 -66.16 -7.77
N THR B 1135 15.67 -67.39 -8.29
CA THR B 1135 16.88 -68.23 -8.16
C THR B 1135 18.13 -67.63 -8.83
N ASN B 1136 17.96 -66.77 -9.83
CA ASN B 1136 19.06 -66.15 -10.58
C ASN B 1136 19.58 -64.83 -9.97
N MET B 1137 18.98 -64.34 -8.87
CA MET B 1137 19.13 -62.95 -8.40
C MET B 1137 19.22 -62.81 -6.87
N THR B 1138 19.76 -63.83 -6.19
CA THR B 1138 19.85 -63.89 -4.71
C THR B 1138 20.60 -62.70 -4.10
N SER B 1139 21.62 -62.16 -4.77
CA SER B 1139 22.31 -60.94 -4.33
C SER B 1139 21.35 -59.74 -4.24
N LEU B 1140 20.44 -59.60 -5.20
CA LEU B 1140 19.45 -58.52 -5.22
C LEU B 1140 18.42 -58.68 -4.10
N LEU B 1141 18.00 -59.92 -3.83
CA LEU B 1141 17.10 -60.25 -2.71
C LEU B 1141 17.71 -59.91 -1.35
N LYS B 1142 19.02 -60.09 -1.16
CA LYS B 1142 19.73 -59.62 0.05
C LYS B 1142 19.81 -58.09 0.11
N LEU B 1143 20.02 -57.41 -1.03
CA LEU B 1143 20.05 -55.95 -1.15
C LEU B 1143 18.69 -55.25 -0.95
N LEU B 1144 17.56 -55.97 -0.81
CA LEU B 1144 16.25 -55.37 -0.50
C LEU B 1144 16.22 -54.64 0.86
N THR B 1145 16.91 -55.20 1.87
CA THR B 1145 17.00 -54.59 3.21
C THR B 1145 17.98 -53.41 3.22
N THR B 1146 17.53 -52.25 3.70
CA THR B 1146 18.31 -50.99 3.59
C THR B 1146 19.69 -51.09 4.26
N LYS B 1147 19.82 -51.82 5.37
CA LYS B 1147 21.10 -52.03 6.08
C LYS B 1147 22.17 -52.67 5.20
N ASN B 1148 21.78 -53.57 4.29
CA ASN B 1148 22.70 -54.18 3.33
C ASN B 1148 23.11 -53.21 2.21
N ILE B 1149 22.22 -52.29 1.79
CA ILE B 1149 22.57 -51.18 0.90
C ILE B 1149 23.61 -50.27 1.58
N LYS B 1150 23.31 -49.80 2.81
CA LYS B 1150 24.23 -48.97 3.62
C LYS B 1150 25.60 -49.62 3.82
N ALA B 1151 25.64 -50.93 4.09
CA ALA B 1151 26.90 -51.66 4.27
C ALA B 1151 27.79 -51.61 3.00
N LYS B 1152 27.21 -51.82 1.82
CA LYS B 1152 27.94 -51.74 0.53
C LYS B 1152 28.30 -50.30 0.14
N LEU B 1153 27.51 -49.30 0.54
CA LEU B 1153 27.84 -47.87 0.42
C LEU B 1153 28.83 -47.36 1.49
N GLY B 1154 29.26 -48.19 2.45
CA GLY B 1154 30.21 -47.81 3.52
C GLY B 1154 29.60 -47.00 4.68
N LYS B 1155 28.27 -46.85 4.73
CA LYS B 1155 27.51 -46.08 5.75
C LYS B 1155 26.98 -46.93 6.92
N GLY B 1156 27.07 -48.26 6.85
CA GLY B 1156 26.38 -49.19 7.75
C GLY B 1156 26.90 -49.29 9.19
N THR B 1157 28.12 -48.80 9.47
CA THR B 1157 28.80 -48.90 10.78
C THR B 1157 29.59 -47.61 11.11
N ALA B 1158 30.52 -47.67 12.06
CA ALA B 1158 31.35 -46.55 12.53
C ALA B 1158 32.19 -45.84 11.43
N SER B 1159 32.34 -46.46 10.24
CA SER B 1159 32.93 -45.82 9.05
C SER B 1159 32.18 -44.58 8.55
N SER B 1160 30.96 -44.32 9.03
CA SER B 1160 30.23 -43.06 8.81
C SER B 1160 30.91 -41.84 9.47
N GLN B 1161 31.66 -42.05 10.56
CA GLN B 1161 32.44 -41.03 11.31
C GLN B 1161 31.60 -39.80 11.73
N GLY B 1162 32.22 -38.62 11.90
CA GLY B 1162 31.59 -37.42 12.45
C GLY B 1162 31.46 -37.44 13.98
N ASN B 1163 30.54 -36.63 14.51
CA ASN B 1163 30.25 -36.54 15.94
C ASN B 1163 29.71 -37.86 16.52
N ASN B 1164 30.24 -38.29 17.68
CA ASN B 1164 29.74 -39.47 18.40
C ASN B 1164 28.45 -39.16 19.17
N ASN B 1165 28.41 -38.02 19.88
CA ASN B 1165 27.21 -37.39 20.41
C ASN B 1165 26.79 -36.22 19.49
N GLY B 1166 26.73 -34.98 19.98
CA GLY B 1166 26.50 -33.79 19.16
C GLY B 1166 25.03 -33.40 18.96
N GLY B 1167 24.15 -33.74 19.91
CA GLY B 1167 22.79 -33.18 19.95
C GLY B 1167 22.78 -31.66 20.15
N GLY B 1168 21.69 -31.00 19.78
CA GLY B 1168 21.60 -29.54 19.85
C GLY B 1168 20.48 -28.93 19.00
N VAL B 1169 20.73 -27.70 18.54
CA VAL B 1169 19.75 -26.78 17.93
C VAL B 1169 19.99 -26.64 16.42
N SER B 1170 18.91 -26.63 15.64
CA SER B 1170 18.91 -26.37 14.19
C SER B 1170 18.03 -25.16 13.84
N GLN B 1171 18.42 -24.36 12.84
CA GLN B 1171 17.75 -23.12 12.43
C GLN B 1171 17.63 -23.00 10.90
N THR B 1172 16.49 -22.52 10.39
CA THR B 1172 16.27 -22.31 8.94
C THR B 1172 17.17 -21.19 8.36
N ILE B 1173 17.40 -21.17 7.05
CA ILE B 1173 18.23 -20.14 6.39
C ILE B 1173 17.64 -18.72 6.55
N ASN B 1174 18.51 -17.71 6.50
CA ASN B 1174 18.11 -16.29 6.51
C ASN B 1174 17.25 -15.92 5.29
N THR B 1175 16.39 -14.89 5.43
CA THR B 1175 15.42 -14.49 4.40
C THR B 1175 15.22 -12.97 4.35
N ILE B 1176 14.90 -12.45 3.16
CA ILE B 1176 14.61 -11.05 2.83
C ILE B 1176 13.50 -11.00 1.76
N THR B 1177 12.90 -9.83 1.50
CA THR B 1177 11.81 -9.70 0.50
C THR B 1177 12.20 -10.18 -0.90
N THR B 1178 13.49 -10.14 -1.27
CA THR B 1178 14.02 -10.66 -2.53
C THR B 1178 14.09 -12.21 -2.58
N THR B 1179 14.13 -12.90 -1.44
CA THR B 1179 14.29 -14.37 -1.38
C THR B 1179 13.13 -15.08 -2.07
N GLY B 1180 13.44 -15.95 -3.03
CA GLY B 1180 12.45 -16.66 -3.85
C GLY B 1180 11.96 -15.89 -5.09
N ASN B 1181 12.42 -14.66 -5.33
CA ASN B 1181 12.21 -13.98 -6.61
C ASN B 1181 13.03 -14.67 -7.71
N ILE B 1182 12.35 -15.23 -8.71
CA ILE B 1182 12.93 -15.91 -9.87
C ILE B 1182 12.36 -15.37 -11.19
N SER B 1183 12.02 -14.06 -11.22
CA SER B 1183 11.34 -13.40 -12.35
C SER B 1183 12.07 -13.49 -13.71
N GLU B 1184 13.39 -13.64 -13.71
CA GLU B 1184 14.18 -13.85 -14.94
C GLU B 1184 14.13 -15.31 -15.46
N GLY B 1185 13.85 -16.28 -14.59
CA GLY B 1185 13.59 -17.67 -14.96
C GLY B 1185 12.12 -17.97 -15.31
N LEU B 1186 11.19 -17.14 -14.85
CA LEU B 1186 9.76 -17.15 -15.23
C LEU B 1186 9.52 -16.38 -16.54
N LYS B 1187 8.34 -16.62 -17.14
CA LYS B 1187 7.87 -16.13 -18.46
C LYS B 1187 8.78 -16.54 -19.63
N GLU B 1188 8.34 -16.24 -20.85
CA GLU B 1188 9.07 -16.55 -22.08
C GLU B 1188 8.88 -15.50 -23.19
N GLU B 1189 9.85 -15.43 -24.09
CA GLU B 1189 9.89 -14.58 -25.27
C GLU B 1189 10.80 -15.14 -26.41
N THR B 1190 11.45 -16.29 -26.22
CA THR B 1190 12.34 -16.92 -27.25
C THR B 1190 12.25 -18.44 -27.34
N SER B 1191 11.87 -19.14 -26.26
CA SER B 1191 12.08 -20.59 -26.07
C SER B 1191 10.96 -21.21 -25.21
N ILE B 1192 11.19 -22.36 -24.55
CA ILE B 1192 10.25 -23.02 -23.62
C ILE B 1192 10.63 -22.76 -22.15
N GLN B 1193 9.65 -22.43 -21.29
CA GLN B 1193 9.91 -21.84 -19.96
C GLN B 1193 10.85 -22.65 -19.05
N ALA B 1194 10.77 -23.99 -19.08
CA ALA B 1194 11.69 -24.85 -18.34
C ALA B 1194 13.15 -24.65 -18.75
N GLU B 1195 13.43 -24.38 -20.03
CA GLU B 1195 14.80 -24.22 -20.55
C GLU B 1195 15.43 -22.88 -20.12
N THR B 1196 14.67 -21.79 -20.13
CA THR B 1196 15.16 -20.51 -19.58
C THR B 1196 15.28 -20.56 -18.05
N LEU B 1197 14.38 -21.26 -17.34
CA LEU B 1197 14.59 -21.52 -15.91
C LEU B 1197 15.84 -22.38 -15.66
N LYS B 1198 16.13 -23.37 -16.52
CA LYS B 1198 17.35 -24.17 -16.46
C LYS B 1198 18.62 -23.31 -16.65
N LYS B 1199 18.64 -22.39 -17.62
CA LYS B 1199 19.70 -21.39 -17.77
C LYS B 1199 19.84 -20.50 -16.52
N PHE B 1200 18.72 -20.03 -15.96
CA PHE B 1200 18.70 -19.20 -14.75
C PHE B 1200 19.23 -19.96 -13.52
N PHE B 1201 18.92 -21.25 -13.39
CA PHE B 1201 19.44 -22.13 -12.33
C PHE B 1201 20.92 -22.49 -12.50
N ASP B 1202 21.42 -22.72 -13.72
CA ASP B 1202 22.80 -23.20 -13.96
C ASP B 1202 23.89 -22.28 -13.37
N SER B 1203 23.75 -20.96 -13.48
CA SER B 1203 24.68 -20.01 -12.87
C SER B 1203 24.50 -19.86 -11.34
N LYS B 1204 23.41 -20.39 -10.78
CA LYS B 1204 23.03 -20.28 -9.36
C LYS B 1204 23.15 -21.60 -8.58
N GLN B 1205 23.70 -22.66 -9.18
CA GLN B 1205 23.87 -23.98 -8.52
C GLN B 1205 24.71 -23.91 -7.23
N ASN B 1206 25.67 -22.99 -7.15
CA ASN B 1206 26.51 -22.74 -5.97
C ASN B 1206 25.97 -21.63 -5.04
N ASN B 1207 24.78 -21.09 -5.28
CA ASN B 1207 24.24 -19.89 -4.62
C ASN B 1207 22.71 -19.99 -4.37
N LYS B 1208 22.25 -21.16 -3.92
CA LYS B 1208 20.83 -21.53 -3.83
C LYS B 1208 20.01 -20.73 -2.80
N SER B 1209 20.65 -20.11 -1.81
CA SER B 1209 19.97 -19.42 -0.71
C SER B 1209 19.07 -18.27 -1.16
N GLU B 1210 19.39 -17.55 -2.23
CA GLU B 1210 18.50 -16.49 -2.76
C GLU B 1210 17.24 -17.05 -3.46
N ILE B 1211 17.27 -18.31 -3.90
CA ILE B 1211 16.10 -19.05 -4.38
C ILE B 1211 15.23 -19.54 -3.19
N GLY B 1212 15.72 -19.39 -1.95
CA GLY B 1212 15.09 -19.91 -0.74
C GLY B 1212 15.39 -21.39 -0.47
N ILE B 1213 16.42 -21.95 -1.11
CA ILE B 1213 16.81 -23.37 -1.00
C ILE B 1213 18.20 -23.48 -0.37
N GLY B 1214 18.39 -24.31 0.66
CA GLY B 1214 19.71 -24.48 1.29
C GLY B 1214 19.74 -25.46 2.47
N ASP B 1215 20.77 -25.34 3.30
CA ASP B 1215 20.97 -26.16 4.51
C ASP B 1215 20.72 -25.35 5.78
N SER B 1216 20.04 -25.94 6.77
CA SER B 1216 19.85 -25.33 8.09
C SER B 1216 21.17 -25.21 8.87
N THR B 1217 21.43 -24.06 9.49
CA THR B 1217 22.58 -23.91 10.40
C THR B 1217 22.32 -24.63 11.73
N PHE B 1218 23.38 -25.07 12.41
CA PHE B 1218 23.29 -25.96 13.57
C PHE B 1218 24.32 -25.59 14.66
N THR B 1219 23.96 -25.72 15.94
CA THR B 1219 24.88 -25.59 17.07
C THR B 1219 24.67 -26.72 18.09
N LYS B 1220 25.78 -27.25 18.63
CA LYS B 1220 25.79 -28.36 19.60
C LYS B 1220 25.46 -27.88 21.03
N MET B 1221 24.97 -28.81 21.86
CA MET B 1221 24.74 -28.64 23.29
C MET B 1221 25.30 -29.82 24.09
N ASP B 1222 25.63 -29.59 25.36
CA ASP B 1222 26.04 -30.64 26.31
C ASP B 1222 24.81 -31.39 26.89
N GLY B 1223 24.99 -32.66 27.26
CA GLY B 1223 23.94 -33.51 27.83
C GLY B 1223 22.83 -33.93 26.85
N LYS B 1224 21.76 -34.49 27.40
CA LYS B 1224 20.56 -34.98 26.68
C LYS B 1224 19.67 -33.83 26.19
N LEU B 1225 18.98 -33.98 25.06
CA LEU B 1225 17.83 -33.14 24.70
C LEU B 1225 16.53 -33.94 24.81
N THR B 1226 15.61 -33.51 25.68
CA THR B 1226 14.32 -34.23 25.91
C THR B 1226 13.13 -33.46 25.35
N GLY B 1227 13.14 -32.13 25.38
CA GLY B 1227 12.09 -31.27 24.83
C GLY B 1227 12.31 -29.79 25.13
N VAL B 1228 11.33 -28.95 24.77
CA VAL B 1228 11.34 -27.50 25.00
C VAL B 1228 10.02 -27.01 25.60
N VAL B 1229 10.05 -25.91 26.35
CA VAL B 1229 8.85 -25.15 26.72
C VAL B 1229 9.01 -23.67 26.33
N SER B 1230 7.92 -23.04 25.90
CA SER B 1230 7.94 -21.76 25.17
C SER B 1230 7.13 -20.65 25.84
N THR B 1231 7.61 -19.40 25.72
CA THR B 1231 6.97 -18.17 26.20
C THR B 1231 7.02 -17.10 25.09
N PRO B 1232 6.21 -16.02 25.15
CA PRO B 1232 6.29 -14.95 24.15
C PRO B 1232 7.62 -14.18 24.16
N LEU B 1233 8.43 -14.30 25.22
CA LEU B 1233 9.76 -13.66 25.31
C LEU B 1233 10.94 -14.62 25.08
N VAL B 1234 10.83 -15.90 25.48
CA VAL B 1234 11.97 -16.84 25.58
C VAL B 1234 11.56 -18.29 25.31
N ASN B 1235 12.51 -19.14 24.88
CA ASN B 1235 12.37 -20.59 24.80
C ASN B 1235 13.35 -21.30 25.75
N LEU B 1236 12.86 -22.27 26.52
CA LEU B 1236 13.60 -23.02 27.53
C LEU B 1236 13.85 -24.46 27.03
N ILE B 1237 15.08 -24.96 27.14
CA ILE B 1237 15.50 -26.29 26.68
C ILE B 1237 15.66 -27.21 27.90
N ASN B 1238 14.99 -28.37 27.89
CA ASN B 1238 14.79 -29.23 29.07
C ASN B 1238 14.17 -28.50 30.29
N GLY B 1239 13.58 -27.32 30.09
CA GLY B 1239 13.10 -26.42 31.14
C GLY B 1239 14.15 -25.45 31.73
N GLN B 1240 15.42 -25.53 31.31
CA GLN B 1240 16.48 -24.58 31.68
C GLN B 1240 16.64 -23.44 30.64
N GLY B 1241 17.26 -22.34 31.07
CA GLY B 1241 17.51 -21.14 30.24
C GLY B 1241 16.87 -19.84 30.74
N ALA B 1242 16.16 -19.87 31.88
CA ALA B 1242 15.52 -18.70 32.49
C ALA B 1242 16.55 -17.68 33.01
N THR B 1243 16.13 -16.42 33.16
CA THR B 1243 17.00 -15.27 33.52
C THR B 1243 16.34 -14.35 34.56
N SER B 1244 17.12 -13.45 35.15
CA SER B 1244 16.69 -12.52 36.22
C SER B 1244 15.74 -11.39 35.76
N ASP B 1245 15.46 -11.27 34.45
CA ASP B 1245 14.61 -10.22 33.86
C ASP B 1245 15.14 -8.79 34.18
N SER B 1246 16.44 -8.59 33.94
CA SER B 1246 17.24 -7.49 34.48
C SER B 1246 16.74 -6.08 34.16
N ASP B 1247 16.05 -5.89 33.03
CA ASP B 1247 15.43 -4.61 32.65
C ASP B 1247 14.26 -4.18 33.57
N THR B 1248 13.74 -5.08 34.40
CA THR B 1248 12.54 -4.85 35.24
C THR B 1248 12.79 -4.85 36.75
N GLU B 1249 14.04 -5.05 37.18
CA GLU B 1249 14.42 -5.18 38.61
C GLU B 1249 13.98 -4.01 39.51
N LYS B 1250 14.01 -2.78 38.96
CA LYS B 1250 13.85 -1.53 39.73
C LYS B 1250 12.38 -1.12 39.94
N ILE B 1251 11.42 -1.92 39.47
CA ILE B 1251 9.97 -1.65 39.55
C ILE B 1251 9.36 -2.51 40.67
N SER B 1252 8.64 -1.92 41.63
CA SER B 1252 8.04 -2.66 42.77
C SER B 1252 6.84 -1.93 43.39
N PHE B 1253 5.81 -2.66 43.82
CA PHE B 1253 4.73 -2.08 44.63
C PHE B 1253 5.23 -1.66 46.03
N LYS B 1254 4.69 -0.57 46.60
CA LYS B 1254 5.00 -0.15 47.97
C LYS B 1254 4.50 -1.19 49.00
N PRO B 1255 5.31 -1.55 50.02
CA PRO B 1255 4.88 -2.42 51.12
C PRO B 1255 3.92 -1.70 52.08
N GLY B 1256 3.15 -2.45 52.86
CA GLY B 1256 2.06 -1.90 53.69
C GLY B 1256 2.47 -0.87 54.74
N ASN B 1257 3.70 -0.94 55.27
CA ASN B 1257 4.24 0.05 56.21
C ASN B 1257 4.63 1.40 55.56
N GLN B 1258 4.65 1.48 54.22
CA GLN B 1258 4.94 2.72 53.46
C GLN B 1258 3.67 3.41 52.92
N ILE B 1259 2.47 2.97 53.32
CA ILE B 1259 1.19 3.54 52.87
C ILE B 1259 0.62 4.50 53.95
N ASP B 1260 0.36 5.75 53.56
CA ASP B 1260 -0.29 6.75 54.43
C ASP B 1260 -1.80 6.80 54.13
N PHE B 1261 -2.57 5.92 54.78
CA PHE B 1261 -3.94 5.56 54.37
C PHE B 1261 -4.90 6.75 54.17
N ASN B 1262 -4.78 7.81 54.97
CA ASN B 1262 -5.60 9.01 54.83
C ASN B 1262 -5.43 9.71 53.47
N ARG B 1263 -4.26 9.66 52.82
CA ARG B 1263 -4.02 10.27 51.50
C ARG B 1263 -4.71 9.49 50.39
N LEU B 1264 -4.70 8.15 50.49
CA LEU B 1264 -5.32 7.25 49.52
C LEU B 1264 -6.86 7.21 49.66
N PHE B 1265 -7.38 7.27 50.89
CA PHE B 1265 -8.77 6.92 51.22
C PHE B 1265 -9.58 8.04 51.90
N THR B 1266 -9.17 9.30 51.76
CA THR B 1266 -10.07 10.46 52.02
C THR B 1266 -11.22 10.53 51.01
N LEU B 1267 -11.05 9.93 49.83
CA LEU B 1267 -12.09 9.75 48.81
C LEU B 1267 -12.37 8.25 48.58
N PRO B 1268 -13.61 7.84 48.24
CA PRO B 1268 -13.92 6.47 47.83
C PRO B 1268 -13.05 5.99 46.66
N VAL B 1269 -12.82 4.67 46.55
CA VAL B 1269 -12.06 4.06 45.44
C VAL B 1269 -12.77 4.10 44.08
N THR B 1270 -14.04 4.51 44.06
CA THR B 1270 -14.97 4.49 42.91
C THR B 1270 -14.48 5.27 41.68
N GLU B 1271 -13.61 6.27 41.84
CA GLU B 1271 -13.16 7.18 40.77
C GLU B 1271 -11.64 7.27 40.60
N LEU B 1272 -10.87 6.30 41.15
CA LEU B 1272 -9.43 6.18 40.90
C LEU B 1272 -9.11 5.68 39.47
N PHE B 1273 -10.09 5.17 38.75
CA PHE B 1273 -9.96 4.56 37.41
C PHE B 1273 -11.07 5.05 36.46
N ASP B 1274 -10.82 4.95 35.15
CA ASP B 1274 -11.81 5.27 34.12
C ASP B 1274 -12.84 4.12 33.96
N PRO B 1275 -14.15 4.33 34.23
CA PRO B 1275 -15.18 3.30 34.11
C PRO B 1275 -15.27 2.61 32.74
N ASN B 1276 -14.77 3.23 31.68
CA ASN B 1276 -14.81 2.68 30.33
C ASN B 1276 -13.74 1.60 30.06
N THR B 1277 -12.69 1.51 30.90
CA THR B 1277 -11.52 0.65 30.63
C THR B 1277 -10.80 0.08 31.87
N MET B 1278 -11.14 0.55 33.08
CA MET B 1278 -10.65 0.04 34.39
C MET B 1278 -9.14 0.17 34.65
N PHE B 1279 -8.40 0.92 33.83
CA PHE B 1279 -7.06 1.39 34.19
C PHE B 1279 -7.14 2.57 35.18
N VAL B 1280 -6.30 2.52 36.21
CA VAL B 1280 -6.15 3.56 37.23
C VAL B 1280 -5.49 4.81 36.61
N TYR B 1281 -5.94 6.00 37.01
CA TYR B 1281 -5.37 7.27 36.50
C TYR B 1281 -3.90 7.49 36.92
N ASP B 1282 -3.12 8.18 36.08
CA ASP B 1282 -1.66 8.29 36.20
C ASP B 1282 -1.17 8.82 37.55
N GLN B 1283 -1.91 9.77 38.16
CA GLN B 1283 -1.55 10.41 39.43
C GLN B 1283 -1.40 9.43 40.61
N TYR B 1284 -2.08 8.28 40.57
CA TYR B 1284 -2.02 7.27 41.62
C TYR B 1284 -0.90 6.23 41.42
N VAL B 1285 -0.28 6.15 40.23
CA VAL B 1285 0.79 5.17 39.94
C VAL B 1285 2.02 5.36 40.85
N PRO B 1286 2.67 6.55 40.92
CA PRO B 1286 3.84 6.74 41.79
C PRO B 1286 3.51 6.72 43.30
N LEU B 1287 2.24 6.91 43.66
CA LEU B 1287 1.73 6.75 45.03
C LEU B 1287 1.65 5.26 45.46
N LEU B 1288 1.61 4.31 44.52
CA LEU B 1288 1.46 2.87 44.77
C LEU B 1288 2.67 2.03 44.32
N VAL B 1289 3.49 2.53 43.38
CA VAL B 1289 4.63 1.80 42.77
C VAL B 1289 5.92 2.64 42.84
N ASN B 1290 7.02 2.03 43.27
CA ASN B 1290 8.37 2.58 43.20
C ASN B 1290 9.00 2.35 41.82
N LEU B 1291 9.75 3.35 41.33
CA LEU B 1291 10.35 3.41 40.00
C LEU B 1291 11.74 4.09 40.09
N PRO B 1292 12.71 3.77 39.20
CA PRO B 1292 14.06 4.35 39.26
C PRO B 1292 14.11 5.82 38.83
N SER B 1293 15.23 6.50 39.11
CA SER B 1293 15.49 7.86 38.62
C SER B 1293 15.58 7.90 37.08
N GLY B 1294 15.05 8.97 36.47
CA GLY B 1294 15.02 9.15 35.02
C GLY B 1294 14.02 8.27 34.25
N PHE B 1295 13.15 7.53 34.93
CA PHE B 1295 12.18 6.61 34.33
C PHE B 1295 11.07 7.33 33.55
N ASP B 1296 10.65 6.76 32.42
CA ASP B 1296 9.53 7.26 31.62
C ASP B 1296 8.18 6.87 32.25
N GLN B 1297 7.57 7.79 33.01
CA GLN B 1297 6.35 7.50 33.78
C GLN B 1297 5.13 7.10 32.92
N ALA B 1298 5.10 7.44 31.63
CA ALA B 1298 4.04 7.02 30.70
C ALA B 1298 4.13 5.54 30.29
N SER B 1299 5.24 4.85 30.58
CA SER B 1299 5.49 3.45 30.14
C SER B 1299 4.82 2.36 30.99
N ILE B 1300 4.25 2.71 32.17
CA ILE B 1300 3.66 1.76 33.13
C ILE B 1300 2.32 2.28 33.68
N ARG B 1301 1.33 1.39 33.89
CA ARG B 1301 0.09 1.71 34.62
C ARG B 1301 -0.57 0.50 35.28
N LEU B 1302 -1.53 0.76 36.18
CA LEU B 1302 -2.26 -0.26 36.95
C LEU B 1302 -3.66 -0.53 36.36
N LYS B 1303 -4.03 -1.80 36.27
CA LYS B 1303 -5.35 -2.30 35.89
C LYS B 1303 -6.08 -2.83 37.12
N VAL B 1304 -7.32 -2.40 37.35
CA VAL B 1304 -8.18 -2.94 38.42
C VAL B 1304 -8.65 -4.34 38.03
N ILE B 1305 -8.58 -5.29 38.98
CA ILE B 1305 -8.95 -6.71 38.77
C ILE B 1305 -10.09 -7.20 39.68
N SER B 1306 -10.21 -6.65 40.90
CA SER B 1306 -11.43 -6.72 41.73
C SER B 1306 -11.42 -5.59 42.77
N TYR B 1307 -12.61 -5.19 43.26
CA TYR B 1307 -12.76 -4.11 44.25
C TYR B 1307 -14.11 -4.20 44.99
N SER B 1308 -14.24 -3.50 46.13
CA SER B 1308 -15.54 -3.23 46.75
C SER B 1308 -15.54 -1.91 47.53
N VAL B 1309 -16.43 -1.00 47.15
CA VAL B 1309 -16.46 0.39 47.65
C VAL B 1309 -16.91 0.47 49.10
N GLU B 1310 -17.78 -0.43 49.55
CA GLU B 1310 -18.27 -0.50 50.93
C GLU B 1310 -17.21 -1.00 51.93
N ASN B 1311 -16.19 -1.73 51.45
CA ASN B 1311 -15.03 -2.15 52.24
C ASN B 1311 -13.81 -1.22 51.98
N GLN B 1312 -13.98 -0.22 51.09
CA GLN B 1312 -12.97 0.73 50.66
C GLN B 1312 -11.68 0.05 50.15
N THR B 1313 -11.81 -1.10 49.49
CA THR B 1313 -10.68 -1.95 49.05
C THR B 1313 -10.59 -2.06 47.52
N LEU B 1314 -9.37 -1.94 47.00
CA LEU B 1314 -9.06 -1.92 45.57
C LEU B 1314 -7.93 -2.93 45.26
N GLY B 1315 -8.15 -3.84 44.31
CA GLY B 1315 -7.19 -4.85 43.87
C GLY B 1315 -6.74 -4.62 42.43
N VAL B 1316 -5.43 -4.71 42.19
CA VAL B 1316 -4.78 -4.23 40.96
C VAL B 1316 -3.70 -5.19 40.44
N ARG B 1317 -3.40 -5.07 39.15
CA ARG B 1317 -2.29 -5.71 38.42
C ARG B 1317 -1.56 -4.65 37.58
N LEU B 1318 -0.23 -4.71 37.47
CA LEU B 1318 0.56 -3.71 36.73
C LEU B 1318 1.01 -4.18 35.33
N GLU B 1319 0.98 -3.29 34.35
CA GLU B 1319 1.45 -3.53 32.98
C GLU B 1319 2.42 -2.45 32.50
N PHE B 1320 3.50 -2.88 31.85
CA PHE B 1320 4.67 -2.10 31.45
C PHE B 1320 5.02 -2.37 29.98
N LYS B 1321 5.51 -1.37 29.23
CA LYS B 1321 6.03 -1.53 27.87
C LYS B 1321 7.21 -2.51 27.83
N ASP B 1322 7.15 -3.55 27.00
CA ASP B 1322 8.29 -4.43 26.73
C ASP B 1322 9.39 -3.67 25.98
N PRO B 1323 10.63 -3.56 26.49
CA PRO B 1323 11.75 -2.94 25.75
C PRO B 1323 12.01 -3.55 24.36
N GLN B 1324 11.65 -4.82 24.14
CA GLN B 1324 11.88 -5.54 22.89
C GLN B 1324 10.69 -5.51 21.89
N THR B 1325 9.48 -5.14 22.34
CA THR B 1325 8.24 -5.36 21.55
C THR B 1325 7.27 -4.17 21.63
N GLN B 1326 6.50 -3.91 20.58
CA GLN B 1326 5.45 -2.88 20.51
C GLN B 1326 4.18 -3.26 21.32
N GLN B 1327 4.35 -3.84 22.52
CA GLN B 1327 3.28 -4.45 23.33
C GLN B 1327 3.58 -4.35 24.83
N PHE B 1328 2.55 -4.37 25.68
CA PHE B 1328 2.68 -4.38 27.14
C PHE B 1328 2.85 -5.80 27.72
N ILE B 1329 3.53 -5.91 28.87
CA ILE B 1329 3.76 -7.13 29.64
C ILE B 1329 3.58 -6.86 31.15
N PRO B 1330 3.25 -7.88 31.96
CA PRO B 1330 3.25 -7.75 33.41
C PRO B 1330 4.69 -7.71 33.96
N VAL B 1331 4.86 -7.15 35.16
CA VAL B 1331 6.15 -7.08 35.87
C VAL B 1331 6.14 -8.09 37.03
N LEU B 1332 6.57 -9.32 36.79
CA LEU B 1332 6.34 -10.45 37.69
C LEU B 1332 7.05 -10.33 39.05
N ASN B 1333 8.16 -9.59 39.13
CA ASN B 1333 8.91 -9.32 40.35
C ASN B 1333 8.33 -8.19 41.22
N ALA B 1334 7.19 -7.58 40.87
CA ALA B 1334 6.70 -6.36 41.52
C ALA B 1334 6.24 -6.52 42.99
N SER B 1335 5.95 -7.74 43.46
CA SER B 1335 5.57 -8.02 44.86
C SER B 1335 5.73 -9.51 45.21
N SER B 1336 5.60 -9.86 46.49
CA SER B 1336 5.46 -11.26 46.96
C SER B 1336 4.21 -11.96 46.41
N THR B 1337 3.17 -11.22 46.00
CA THR B 1337 2.00 -11.71 45.25
C THR B 1337 2.16 -11.51 43.74
N GLY B 1338 3.40 -11.44 43.24
CA GLY B 1338 3.71 -11.31 41.81
C GLY B 1338 3.32 -9.94 41.24
N PRO B 1339 2.78 -9.88 40.01
CA PRO B 1339 2.35 -8.64 39.37
C PRO B 1339 1.01 -8.08 39.93
N GLN B 1340 0.43 -8.69 40.96
CA GLN B 1340 -0.89 -8.35 41.53
C GLN B 1340 -0.78 -7.95 43.00
N THR B 1341 -1.55 -6.94 43.45
CA THR B 1341 -1.63 -6.48 44.85
C THR B 1341 -2.99 -5.87 45.21
N VAL B 1342 -3.27 -5.71 46.51
CA VAL B 1342 -4.46 -5.03 47.05
C VAL B 1342 -4.09 -3.86 47.98
N PHE B 1343 -4.93 -2.82 48.00
CA PHE B 1343 -4.82 -1.67 48.90
C PHE B 1343 -6.16 -1.31 49.57
N GLN B 1344 -6.10 -0.99 50.86
CA GLN B 1344 -7.26 -0.66 51.71
C GLN B 1344 -6.83 0.18 52.92
N PRO B 1345 -7.73 0.96 53.57
CA PRO B 1345 -7.38 1.82 54.70
C PRO B 1345 -7.20 1.11 56.05
N PHE B 1346 -7.36 -0.22 56.11
CA PHE B 1346 -7.53 -1.03 57.33
C PHE B 1346 -8.82 -0.74 58.14
N ASN B 1347 -9.13 0.54 58.40
CA ASN B 1347 -10.34 0.96 59.10
C ASN B 1347 -10.84 2.34 58.56
N GLN B 1348 -12.09 2.41 58.12
CA GLN B 1348 -12.65 3.60 57.48
C GLN B 1348 -13.16 4.88 58.21
N TRP B 1349 -12.94 6.03 57.58
CA TRP B 1349 -13.22 7.38 58.12
C TRP B 1349 -13.19 8.47 57.01
N ALA B 1350 -12.80 9.69 57.37
CA ALA B 1350 -12.43 10.84 56.53
C ALA B 1350 -13.52 11.51 55.67
N ASP B 1351 -14.68 10.88 55.47
CA ASP B 1351 -15.84 11.52 54.82
C ASP B 1351 -16.46 12.67 55.65
N TYR B 1352 -16.16 12.71 56.96
CA TYR B 1352 -16.93 13.48 57.95
C TYR B 1352 -16.53 14.95 58.14
N VAL B 1353 -15.59 15.51 57.38
CA VAL B 1353 -15.06 16.88 57.62
C VAL B 1353 -16.15 17.96 57.52
N LEU B 1354 -16.99 17.92 56.48
CA LEU B 1354 -18.08 18.88 56.29
C LEU B 1354 -19.13 18.82 57.43
N PRO B 1355 -19.63 17.65 57.87
CA PRO B 1355 -20.48 17.62 59.06
C PRO B 1355 -19.74 17.99 60.35
N LEU B 1356 -18.42 17.77 60.50
CA LEU B 1356 -17.66 18.16 61.68
C LEU B 1356 -17.70 19.67 61.88
N ILE B 1357 -17.61 20.43 60.77
CA ILE B 1357 -17.80 21.89 60.67
C ILE B 1357 -19.20 22.31 61.08
N VAL B 1358 -20.24 21.49 60.84
CA VAL B 1358 -21.59 21.76 61.36
C VAL B 1358 -21.72 21.40 62.84
N THR B 1359 -21.19 20.26 63.27
CA THR B 1359 -21.48 19.56 64.52
C THR B 1359 -20.70 20.19 65.68
N VAL B 1360 -19.50 20.55 65.43
CA VAL B 1360 -18.62 21.06 66.49
C VAL B 1360 -19.19 22.37 67.04
N PRO B 1361 -19.55 23.31 66.08
CA PRO B 1361 -20.11 24.56 66.61
C PRO B 1361 -21.45 24.35 67.33
N ILE B 1362 -22.20 23.44 66.97
CA ILE B 1362 -23.50 23.18 67.59
C ILE B 1362 -23.29 22.64 69.01
N VAL B 1363 -22.47 21.73 69.25
CA VAL B 1363 -22.15 21.17 70.55
C VAL B 1363 -21.59 22.26 71.46
N VAL B 1364 -20.69 23.08 70.86
CA VAL B 1364 -20.11 24.18 71.62
C VAL B 1364 -21.20 25.16 72.05
N ILE B 1365 -22.11 25.36 71.14
CA ILE B 1365 -23.21 26.27 71.45
C ILE B 1365 -24.07 25.68 72.56
N ILE B 1366 -24.41 24.44 72.46
CA ILE B 1366 -25.25 23.78 73.46
C ILE B 1366 -24.53 23.76 74.81
N LEU B 1367 -23.28 23.36 74.79
CA LEU B 1367 -22.50 23.30 76.01
C LEU B 1367 -22.34 24.70 76.62
N SER B 1368 -22.14 25.72 75.78
CA SER B 1368 -21.98 27.10 76.25
C SER B 1368 -23.27 27.61 76.88
N VAL B 1369 -24.42 27.32 76.18
CA VAL B 1369 -25.72 27.74 76.71
C VAL B 1369 -25.98 27.04 78.05
N THR B 1370 -25.77 25.80 78.17
CA THR B 1370 -25.94 25.04 79.40
C THR B 1370 -25.05 25.60 80.51
N LEU B 1371 -23.82 25.83 80.19
CA LEU B 1371 -22.88 26.43 81.14
C LEU B 1371 -23.37 27.80 81.60
N GLY B 1372 -23.92 28.55 80.61
CA GLY B 1372 -24.48 29.85 80.95
C GLY B 1372 -25.68 29.75 81.87
N LEU B 1373 -26.52 28.83 81.62
CA LEU B 1373 -27.72 28.66 82.44
C LEU B 1373 -27.37 28.12 83.82
N THR B 1374 -26.40 27.23 83.88
CA THR B 1374 -26.00 26.59 85.13
C THR B 1374 -25.27 27.58 86.05
N ILE B 1375 -24.65 28.50 85.53
CA ILE B 1375 -23.94 29.52 86.31
C ILE B 1375 -24.86 30.72 86.52
N GLY B 1376 -25.59 30.98 85.51
CA GLY B 1376 -26.44 32.18 85.52
C GLY B 1376 -27.62 32.07 86.47
N ILE B 1377 -28.21 30.89 86.53
CA ILE B 1377 -29.42 30.71 87.32
C ILE B 1377 -29.08 30.82 88.81
N PRO B 1378 -28.06 30.21 89.32
CA PRO B 1378 -27.69 30.31 90.73
C PRO B 1378 -27.16 31.68 91.11
N MET B 1379 -26.45 32.37 90.23
CA MET B 1379 -25.92 33.70 90.48
C MET B 1379 -27.05 34.68 90.81
N HIS B 1380 -28.21 34.53 90.05
CA HIS B 1380 -29.38 35.36 90.34
C HIS B 1380 -29.98 35.02 91.69
N ARG B 1381 -30.00 33.72 92.00
CA ARG B 1381 -30.54 33.26 93.28
C ARG B 1381 -29.65 33.71 94.44
N ASN B 1382 -28.32 33.71 94.23
CA ASN B 1382 -27.37 34.13 95.25
C ASN B 1382 -27.51 35.61 95.56
N LYS B 1383 -27.74 36.29 94.54
CA LYS B 1383 -27.93 37.72 94.72
C LYS B 1383 -29.16 38.01 95.57
N LYS B 1384 -30.19 37.31 95.22
CA LYS B 1384 -31.43 37.49 95.96
C LYS B 1384 -31.27 37.04 97.41
N ALA B 1385 -30.61 35.97 97.65
CA ALA B 1385 -30.38 35.46 99.00
C ALA B 1385 -29.51 36.41 99.81
N LEU B 1386 -28.51 36.92 99.16
CA LEU B 1386 -27.65 37.89 99.81
C LEU B 1386 -28.43 39.13 100.22
N GLN B 1387 -29.22 39.61 99.32
CA GLN B 1387 -30.04 40.78 99.61
C GLN B 1387 -31.02 40.49 100.75
N ALA B 1388 -31.65 39.41 100.65
CA ALA B 1388 -32.60 39.02 101.69
C ALA B 1388 -31.90 38.88 103.04
N GLY B 1389 -30.78 38.24 103.04
CA GLY B 1389 -29.99 38.10 104.25
C GLY B 1389 -29.61 39.44 104.86
N PHE B 1390 -29.24 40.40 104.03
CA PHE B 1390 -28.85 41.72 104.53
C PHE B 1390 -30.08 42.50 104.99
N ASP B 1391 -31.06 42.30 104.25
CA ASP B 1391 -32.30 42.94 104.67
C ASP B 1391 -32.74 42.43 106.04
N LEU B 1392 -32.69 41.17 106.21
CA LEU B 1392 -33.03 40.57 107.49
C LEU B 1392 -32.07 41.03 108.58
N SER B 1393 -30.75 41.10 108.32
CA SER B 1393 -29.77 41.61 109.27
C SER B 1393 -30.12 43.02 109.72
N ASN B 1394 -30.46 43.83 108.72
CA ASN B 1394 -30.83 45.20 109.04
C ASN B 1394 -32.08 45.26 109.92
N LYS B 1395 -33.03 44.45 109.63
CA LYS B 1395 -34.25 44.40 110.43
C LYS B 1395 -33.95 43.94 111.85
N LYS B 1396 -33.18 42.95 112.00
CA LYS B 1396 -32.82 42.43 113.32
C LYS B 1396 -32.08 43.48 114.15
N VAL B 1397 -31.19 44.18 113.49
CA VAL B 1397 -30.47 45.24 114.19
C VAL B 1397 -31.44 46.34 114.59
N ASP B 1398 -32.35 46.60 113.69
CA ASP B 1398 -33.38 47.59 114.02
C ASP B 1398 -34.18 47.16 115.25
N VAL B 1399 -34.60 45.89 115.29
CA VAL B 1399 -35.33 45.35 116.43
C VAL B 1399 -34.47 45.45 117.69
N LEU B 1400 -33.21 45.11 117.53
CA LEU B 1400 -32.28 45.22 118.65
C LEU B 1400 -32.16 46.67 119.12
N THR B 1401 -32.04 47.59 118.24
CA THR B 1401 -31.95 49.01 118.56
C THR B 1401 -33.17 49.48 119.33
N LYS B 1402 -34.36 49.04 118.84
CA LYS B 1402 -35.60 49.41 119.53
C LYS B 1402 -35.64 48.82 120.94
N ALA B 1403 -35.20 47.56 121.13
CA ALA B 1403 -35.18 46.89 122.43
C ALA B 1403 -34.23 47.61 123.39
N VAL B 1404 -32.99 47.83 122.87
CA VAL B 1404 -32.01 48.53 123.69
C VAL B 1404 -32.53 49.92 124.04
N GLY B 1405 -33.12 50.64 123.08
CA GLY B 1405 -33.71 51.95 123.32
C GLY B 1405 -34.80 51.93 124.37
N SER B 1406 -35.65 50.91 124.32
CA SER B 1406 -36.73 50.77 125.29
C SER B 1406 -36.19 50.56 126.69
N VAL B 1407 -35.21 49.69 126.82
CA VAL B 1407 -34.59 49.43 128.13
C VAL B 1407 -33.98 50.72 128.67
N PHE B 1408 -33.32 51.51 127.92
CA PHE B 1408 -32.67 52.75 128.33
C PHE B 1408 -33.70 53.80 128.74
N LYS B 1409 -34.72 53.81 127.82
CA LYS B 1409 -35.78 54.75 128.15
C LYS B 1409 -36.38 54.44 129.53
N GLU B 1410 -36.65 53.15 129.81
CA GLU B 1410 -37.21 52.75 131.09
C GLU B 1410 -36.23 53.02 132.23
N ILE B 1411 -34.92 52.72 132.05
CA ILE B 1411 -33.89 52.98 133.05
C ILE B 1411 -33.82 54.47 133.35
N ILE B 1412 -33.82 55.27 132.32
CA ILE B 1412 -33.76 56.72 132.47
C ILE B 1412 -35.00 57.22 133.21
N ASN B 1413 -36.16 56.73 132.80
CA ASN B 1413 -37.41 57.14 133.45
C ASN B 1413 -37.43 56.75 134.93
N ARG B 1414 -36.81 55.62 135.22
CA ARG B 1414 -36.81 55.13 136.60
C ARG B 1414 -35.70 55.77 137.41
N THR B 1415 -34.57 56.09 136.92
CA THR B 1415 -33.42 56.65 137.63
C THR B 1415 -33.50 58.17 137.64
N GLY B 1416 -34.40 58.90 136.94
CA GLY B 1416 -34.49 60.35 136.87
C GLY B 1416 -33.42 60.98 136.00
N ILE B 1417 -32.74 60.19 135.27
CA ILE B 1417 -31.73 60.72 134.36
C ILE B 1417 -32.40 61.23 133.09
N SER B 1418 -33.00 62.28 133.02
CA SER B 1418 -33.86 62.91 132.04
C SER B 1418 -33.10 63.19 130.74
N ASN B 1419 -32.09 62.49 130.39
CA ASN B 1419 -31.62 62.85 129.06
C ASN B 1419 -31.24 61.63 128.24
N ALA B 1420 -32.24 60.78 127.76
CA ALA B 1420 -32.03 59.65 126.85
C ALA B 1420 -31.06 60.04 125.74
N PRO B 1421 -30.11 59.45 125.44
CA PRO B 1421 -29.15 59.73 124.38
C PRO B 1421 -29.79 59.79 123.00
N LYS B 1422 -29.86 60.80 122.27
CA LYS B 1422 -30.36 61.11 120.94
C LYS B 1422 -29.73 60.18 119.89
N LYS B 1423 -28.76 59.42 120.27
CA LYS B 1423 -28.01 58.66 119.29
C LYS B 1423 -28.68 57.31 119.00
N LEU B 1424 -29.51 56.85 119.88
CA LEU B 1424 -30.18 55.57 119.64
C LEU B 1424 -31.20 55.70 118.51
N LYS B 1425 -31.69 56.86 118.34
CA LYS B 1425 -32.63 57.12 117.26
C LYS B 1425 -31.93 57.15 115.91
N GLN B 1426 -30.76 57.50 116.00
CA GLN B 1426 -30.01 57.62 114.76
C GLN B 1426 -29.54 56.26 114.26
N ALA B 1427 -29.44 55.27 115.10
CA ALA B 1427 -28.97 53.94 114.76
C ALA B 1427 -30.04 53.16 113.99
N THR B 1428 -31.12 53.61 114.08
CA THR B 1428 -32.18 52.93 113.34
C THR B 1428 -32.22 53.40 111.89
N PRO B 1429 -31.46 52.80 111.13
CA PRO B 1429 -31.52 53.25 109.73
C PRO B 1429 -32.96 53.33 109.21
N THR B 1430 -33.43 54.21 109.40
CA THR B 1430 -34.70 54.51 108.74
C THR B 1430 -34.54 54.45 107.22
N LYS B 1431 -33.53 53.74 106.70
CA LYS B 1431 -33.57 53.76 105.24
C LYS B 1431 -34.55 52.72 104.71
N PRO B 1432 -35.47 52.87 104.22
CA PRO B 1432 -36.44 52.01 103.55
C PRO B 1432 -35.79 51.00 102.61
N THR B 1433 -35.32 49.97 102.99
CA THR B 1433 -34.99 48.95 102.00
C THR B 1433 -35.42 49.41 100.60
N PRO B 1434 -34.69 50.05 99.82
CA PRO B 1434 -35.13 50.42 98.46
C PRO B 1434 -36.07 49.38 97.84
N LYS B 1435 -37.07 49.22 98.13
CA LYS B 1435 -38.07 48.47 97.39
C LYS B 1435 -37.73 48.45 95.90
N THR B 1436 -36.77 47.70 95.43
CA THR B 1436 -36.74 47.47 93.99
C THR B 1436 -38.11 47.73 93.37
N PRO B 1437 -38.40 48.85 92.94
CA PRO B 1437 -39.68 49.08 92.28
C PRO B 1437 -40.23 47.83 91.60
N PRO B 1438 -41.20 47.13 92.00
CA PRO B 1438 -41.82 46.04 91.23
C PRO B 1438 -41.65 46.22 89.72
N LYS B 1439 -40.75 45.51 88.94
CA LYS B 1439 -40.75 45.47 87.48
C LYS B 1439 -42.16 45.71 86.94
N PRO B 1440 -42.55 46.92 86.37
CA PRO B 1440 -43.87 47.12 85.76
C PRO B 1440 -44.42 45.85 85.10
N PRO B 1441 -45.52 45.17 85.49
CA PRO B 1441 -46.14 44.08 84.74
C PRO B 1441 -46.05 44.27 83.23
N VAL B 1442 -44.87 43.76 82.49
CA VAL B 1442 -44.89 43.71 81.03
C VAL B 1442 -46.28 43.32 80.54
N LYS B 1443 -47.13 44.19 80.48
CA LYS B 1443 -48.33 43.99 79.67
C LYS B 1443 -48.03 43.16 78.43
N GLN B 1444 -47.79 41.76 78.26
CA GLN B 1444 -47.98 41.02 77.01
C GLN B 1444 -49.11 41.61 76.19
N ALA C 25 32.76 2.99 20.25
CA ALA C 25 33.70 4.14 20.24
C ALA C 25 32.96 5.45 19.86
N ASN C 26 32.81 6.35 20.85
CA ASN C 26 32.22 7.71 20.74
C ASN C 26 33.25 8.70 20.13
N THR C 27 34.29 8.19 19.45
CA THR C 27 35.42 8.98 18.87
C THR C 27 35.52 8.83 17.33
N PHE C 28 36.41 9.62 16.72
CA PHE C 28 36.80 9.66 15.31
C PHE C 28 38.32 9.45 15.24
N LEU C 29 38.81 8.54 14.39
CA LEU C 29 40.27 8.36 14.28
C LEU C 29 40.76 9.24 13.14
N VAL C 30 41.86 9.93 13.35
CA VAL C 30 42.43 10.87 12.37
C VAL C 30 43.85 10.42 12.13
N LYS C 31 44.21 10.22 10.87
CA LYS C 31 45.59 9.89 10.47
C LYS C 31 46.32 11.22 10.41
N GLU C 32 47.18 11.53 11.37
CA GLU C 32 47.84 12.85 11.38
C GLU C 32 48.92 12.82 10.33
N ASP C 33 49.52 11.66 10.07
CA ASP C 33 50.63 11.52 9.08
C ASP C 33 50.74 10.05 8.69
N SER C 34 51.85 9.64 8.07
CA SER C 34 52.06 8.26 7.57
C SER C 34 52.13 7.21 8.72
N LYS C 35 52.21 7.58 10.00
CA LYS C 35 52.53 6.65 11.12
C LYS C 35 51.57 6.79 12.31
N ASN C 36 50.89 7.93 12.44
CA ASN C 36 50.26 8.34 13.71
C ASN C 36 48.74 8.41 13.57
N VAL C 37 48.02 7.75 14.45
CA VAL C 37 46.55 7.92 14.50
C VAL C 37 46.22 8.51 15.86
N THR C 38 45.47 9.61 15.83
CA THR C 38 44.97 10.31 17.05
C THR C 38 43.45 10.14 17.10
N ALA C 39 42.88 9.98 18.28
CA ALA C 39 41.43 9.88 18.49
C ALA C 39 40.88 11.25 18.84
N TYR C 40 39.79 11.67 18.21
CA TYR C 40 39.13 13.00 18.38
C TYR C 40 37.73 12.76 18.93
N THR C 41 37.29 13.68 19.78
CA THR C 41 35.93 13.75 20.35
C THR C 41 35.06 14.39 19.28
N PRO C 42 33.75 14.37 19.49
CA PRO C 42 32.83 15.17 18.67
C PRO C 42 33.04 16.68 18.75
N PHE C 43 33.84 17.15 19.70
CA PHE C 43 34.12 18.60 19.89
C PHE C 43 35.37 18.98 19.10
N ALA C 44 35.82 18.10 18.21
CA ALA C 44 36.99 18.29 17.32
C ALA C 44 38.26 18.57 18.14
N THR C 45 38.43 17.87 19.28
CA THR C 45 39.59 17.93 20.22
C THR C 45 40.21 16.55 20.35
N PRO C 46 41.55 16.47 20.39
CA PRO C 46 42.22 15.18 20.50
C PRO C 46 42.01 14.68 21.92
N ILE C 47 41.75 13.38 22.07
CA ILE C 47 41.84 12.67 23.36
C ILE C 47 43.31 12.55 23.76
N THR C 48 43.60 12.97 25.00
CA THR C 48 44.98 13.25 25.47
C THR C 48 45.74 11.94 25.48
N ASP C 49 46.98 11.93 25.01
CA ASP C 49 47.81 10.70 24.99
C ASP C 49 47.30 9.68 23.99
N SER C 50 46.27 9.97 23.19
CA SER C 50 45.68 8.96 22.29
C SER C 50 46.56 8.81 21.06
N LYS C 51 47.39 9.81 20.78
CA LYS C 51 48.14 9.88 19.51
C LYS C 51 49.23 8.81 19.55
N SER C 52 49.24 7.92 18.55
CA SER C 52 50.01 6.66 18.54
C SER C 52 50.62 6.40 17.17
N ASP C 53 51.95 6.21 17.17
CA ASP C 53 52.76 5.70 16.06
C ASP C 53 52.43 4.22 15.89
N LEU C 54 51.39 3.92 15.09
CA LEU C 54 51.00 2.52 14.77
C LEU C 54 52.12 1.75 14.05
N VAL C 55 53.03 2.41 13.33
CA VAL C 55 54.17 1.72 12.70
C VAL C 55 55.09 1.14 13.78
N SER C 56 55.45 1.97 14.75
CA SER C 56 56.40 1.62 15.82
C SER C 56 55.77 0.52 16.67
N LEU C 57 54.47 0.64 16.91
CA LEU C 57 53.68 -0.29 17.74
C LEU C 57 53.55 -1.64 17.02
N ALA C 58 53.63 -1.66 15.70
CA ALA C 58 53.53 -2.88 14.89
C ALA C 58 54.90 -3.58 14.85
N GLN C 59 55.89 -2.96 15.53
CA GLN C 59 57.32 -3.39 15.58
C GLN C 59 57.91 -3.40 14.16
N LEU C 60 57.32 -2.62 13.24
CA LEU C 60 57.82 -2.34 11.88
C LEU C 60 58.86 -1.21 11.92
N ASP C 61 59.79 -1.15 10.95
CA ASP C 61 60.88 -0.13 10.93
C ASP C 61 60.35 1.19 10.33
N SER C 62 61.14 2.24 10.44
CA SER C 62 60.75 3.63 10.08
C SER C 62 60.47 3.76 8.56
N SER C 63 60.82 2.77 7.73
CA SER C 63 60.45 2.79 6.29
C SER C 63 58.95 2.47 6.07
N TYR C 64 58.25 1.91 7.05
CA TYR C 64 56.82 1.54 6.85
C TYR C 64 55.90 2.76 7.05
N GLN C 65 54.79 2.77 6.30
CA GLN C 65 53.71 3.78 6.42
C GLN C 65 52.34 3.10 6.40
N ILE C 66 51.35 3.72 7.01
CA ILE C 66 49.93 3.28 6.94
C ILE C 66 49.42 3.49 5.52
N ALA C 67 48.86 2.46 4.88
CA ALA C 67 48.18 2.56 3.56
C ALA C 67 46.67 2.72 3.76
N ASP C 68 46.07 2.00 4.69
CA ASP C 68 44.59 1.93 4.82
C ASP C 68 44.38 1.36 6.22
N GLN C 69 43.21 1.68 6.77
CA GLN C 69 42.82 1.14 8.09
C GLN C 69 41.31 1.03 8.17
N THR C 70 40.85 0.22 9.11
CA THR C 70 39.41 -0.05 9.27
C THR C 70 39.15 -0.57 10.68
N ILE C 71 37.96 -0.28 11.17
CA ILE C 71 37.42 -0.76 12.46
C ILE C 71 36.56 -1.97 12.15
N HIS C 72 36.75 -3.05 12.89
CA HIS C 72 35.88 -4.23 12.85
C HIS C 72 35.66 -4.73 14.28
N ASN C 73 34.42 -4.81 14.74
CA ASN C 73 34.08 -5.17 16.15
C ASN C 73 35.02 -4.41 17.11
N THR C 74 35.10 -3.10 16.98
CA THR C 74 35.81 -2.24 17.95
C THR C 74 37.34 -2.43 17.92
N ASN C 75 37.94 -3.29 17.11
CA ASN C 75 39.43 -3.29 16.96
C ASN C 75 39.85 -2.61 15.63
N LEU C 76 41.07 -2.11 15.62
CA LEU C 76 41.61 -1.30 14.51
C LEU C 76 42.53 -2.18 13.68
N PHE C 77 42.20 -2.34 12.40
CA PHE C 77 42.98 -3.14 11.42
C PHE C 77 43.69 -2.20 10.46
N VAL C 78 45.02 -2.35 10.41
CA VAL C 78 45.94 -1.46 9.65
C VAL C 78 46.73 -2.28 8.62
N LEU C 79 46.76 -1.76 7.40
CA LEU C 79 47.59 -2.20 6.27
C LEU C 79 48.85 -1.32 6.23
N PHE C 80 50.05 -1.86 6.41
CA PHE C 80 51.35 -1.15 6.28
C PHE C 80 52.16 -1.68 5.10
N LYS C 81 52.80 -0.78 4.36
CA LYS C 81 53.75 -1.11 3.27
C LYS C 81 55.00 -0.26 3.45
N SER C 82 56.08 -0.67 2.82
CA SER C 82 57.46 -0.19 3.03
C SER C 82 57.97 0.52 1.76
N ARG C 83 58.64 1.65 1.93
CA ARG C 83 59.33 2.40 0.85
C ARG C 83 60.61 1.68 0.43
N ASP C 84 61.07 0.69 1.22
CA ASP C 84 62.35 -0.01 1.00
C ASP C 84 62.12 -1.31 0.21
N VAL C 85 60.85 -1.64 -0.05
CA VAL C 85 60.50 -2.96 -0.68
C VAL C 85 61.16 -3.07 -2.06
N LYS C 86 61.77 -4.22 -2.31
CA LYS C 86 62.37 -4.56 -3.62
C LYS C 86 61.97 -6.00 -3.95
N VAL C 87 61.20 -6.15 -5.03
CA VAL C 87 60.75 -7.45 -5.60
C VAL C 87 61.55 -7.68 -6.88
N LYS C 88 61.63 -8.95 -7.31
CA LYS C 88 62.39 -9.43 -8.48
C LYS C 88 61.53 -10.41 -9.28
N TYR C 89 61.79 -10.54 -10.57
CA TYR C 89 61.26 -11.65 -11.39
C TYR C 89 62.45 -12.28 -12.09
N GLU C 90 62.72 -13.55 -11.82
CA GLU C 90 63.69 -14.39 -12.56
C GLU C 90 62.86 -15.41 -13.36
N SER C 91 62.87 -15.31 -14.68
CA SER C 91 62.03 -16.15 -15.57
C SER C 91 62.37 -17.65 -15.46
N SER C 92 63.57 -18.01 -15.00
CA SER C 92 64.01 -19.43 -14.88
C SER C 92 63.88 -19.89 -13.42
N GLY C 93 64.35 -21.09 -13.10
CA GLY C 93 63.98 -21.79 -11.86
C GLY C 93 62.47 -21.90 -11.76
N SER C 94 61.90 -21.74 -10.56
CA SER C 94 60.44 -21.53 -10.42
C SER C 94 60.01 -20.94 -9.06
N ASN C 95 60.88 -20.32 -8.25
CA ASN C 95 60.35 -19.43 -7.18
C ASN C 95 60.55 -17.99 -7.66
N ASN C 96 59.92 -17.75 -8.82
CA ASN C 96 60.22 -16.72 -9.85
C ASN C 96 60.08 -15.31 -9.25
N ILE C 97 58.95 -15.04 -8.59
CA ILE C 97 58.74 -13.78 -7.83
C ILE C 97 59.31 -14.02 -6.43
N SER C 98 60.17 -13.12 -5.95
CA SER C 98 60.71 -13.13 -4.56
C SER C 98 61.12 -11.70 -4.14
N PHE C 99 61.26 -11.46 -2.85
CA PHE C 99 61.84 -10.21 -2.30
C PHE C 99 63.36 -10.24 -2.49
N ASP C 100 63.98 -9.07 -2.55
CA ASP C 100 65.45 -8.88 -2.68
C ASP C 100 66.05 -8.75 -1.27
N SER C 101 66.47 -9.89 -0.71
CA SER C 101 67.14 -10.09 0.62
C SER C 101 68.43 -9.27 0.70
N THR C 102 69.30 -9.36 -0.30
CA THR C 102 70.56 -8.56 -0.40
C THR C 102 70.23 -7.09 -0.16
N SER C 103 71.12 -6.36 0.53
CA SER C 103 70.92 -4.98 1.05
C SER C 103 69.88 -5.01 2.18
N GLN C 104 68.74 -4.34 2.01
CA GLN C 104 67.63 -4.30 2.99
C GLN C 104 66.34 -3.88 2.25
N GLY C 105 65.77 -4.82 1.47
CA GLY C 105 64.48 -4.69 0.75
C GLY C 105 63.55 -5.90 0.91
N GLU C 106 63.88 -6.84 1.82
CA GLU C 106 62.98 -7.92 2.32
C GLU C 106 62.00 -7.26 3.28
N LYS C 107 60.97 -6.60 2.76
CA LYS C 107 60.08 -5.67 3.51
C LYS C 107 58.64 -5.87 3.03
N PRO C 108 58.13 -7.08 3.25
CA PRO C 108 56.76 -7.41 2.85
C PRO C 108 55.77 -6.51 3.60
N SER C 109 54.59 -6.32 3.03
CA SER C 109 53.54 -5.48 3.64
C SER C 109 52.72 -6.31 4.64
N TYR C 110 52.27 -5.70 5.74
CA TYR C 110 51.62 -6.36 6.90
C TYR C 110 50.22 -5.80 7.06
N VAL C 111 49.29 -6.64 7.50
CA VAL C 111 48.03 -6.15 8.12
C VAL C 111 48.22 -6.37 9.62
N VAL C 112 47.75 -5.45 10.46
CA VAL C 112 47.90 -5.63 11.93
C VAL C 112 46.56 -5.33 12.62
N GLU C 113 46.16 -6.21 13.54
CA GLU C 113 45.00 -5.98 14.41
C GLU C 113 45.46 -5.38 15.76
N PHE C 114 44.97 -4.19 16.05
CA PHE C 114 45.13 -3.46 17.34
C PHE C 114 43.81 -3.49 18.10
N THR C 115 43.90 -3.66 19.42
CA THR C 115 42.74 -3.46 20.34
C THR C 115 43.03 -2.33 21.32
N ASN C 116 41.97 -1.64 21.78
CA ASN C 116 42.11 -0.57 22.77
C ASN C 116 42.14 -1.26 24.12
N SER C 117 43.27 -1.21 24.84
CA SER C 117 43.42 -2.00 26.08
C SER C 117 42.79 -1.27 27.28
N THR C 118 42.84 0.08 27.39
CA THR C 118 42.27 0.87 28.52
C THR C 118 40.78 1.12 28.30
N ASN C 119 40.01 1.23 29.39
CA ASN C 119 38.61 1.72 29.37
C ASN C 119 38.58 3.21 29.68
N ILE C 120 39.71 3.84 30.01
CA ILE C 120 39.80 5.33 30.12
C ILE C 120 40.90 5.79 29.17
N GLY C 121 40.56 6.61 28.18
CA GLY C 121 41.47 6.99 27.09
C GLY C 121 41.69 5.85 26.11
N ILE C 122 42.79 5.95 25.36
CA ILE C 122 43.13 5.12 24.17
C ILE C 122 44.57 4.58 24.37
N LYS C 123 44.76 3.30 24.68
CA LYS C 123 46.11 2.70 24.62
C LYS C 123 46.05 1.57 23.59
N TRP C 124 46.38 1.86 22.34
CA TRP C 124 46.41 0.80 21.30
C TRP C 124 47.53 -0.14 21.68
N THR C 125 47.23 -1.44 21.66
CA THR C 125 48.19 -2.55 21.86
C THR C 125 47.96 -3.59 20.75
N MET C 126 49.05 -4.24 20.32
CA MET C 126 49.06 -5.11 19.11
C MET C 126 48.54 -6.52 19.48
N VAL C 127 47.69 -7.08 18.59
CA VAL C 127 46.94 -8.35 18.83
C VAL C 127 47.48 -9.42 17.87
N LYS C 128 47.29 -9.21 16.58
CA LYS C 128 47.73 -10.14 15.51
C LYS C 128 48.38 -9.36 14.39
N LYS C 129 49.44 -9.94 13.81
CA LYS C 129 50.31 -9.35 12.76
C LYS C 129 50.41 -10.36 11.61
N TYR C 130 49.96 -10.03 10.41
CA TYR C 130 49.97 -10.96 9.23
C TYR C 130 50.87 -10.41 8.09
N GLN C 131 51.91 -11.17 7.67
CA GLN C 131 52.81 -10.80 6.54
C GLN C 131 52.07 -11.10 5.24
N LEU C 132 52.13 -10.20 4.23
CA LEU C 132 51.55 -10.46 2.88
C LEU C 132 52.66 -10.90 1.92
N ASP C 133 52.81 -12.21 1.76
CA ASP C 133 53.90 -12.81 0.97
C ASP C 133 53.63 -12.60 -0.54
N VAL C 134 54.62 -12.99 -1.34
CA VAL C 134 54.64 -12.82 -2.81
C VAL C 134 53.94 -14.02 -3.40
N PRO C 135 53.26 -13.87 -4.55
CA PRO C 135 52.60 -15.00 -5.18
C PRO C 135 53.56 -16.18 -5.49
N ASN C 136 53.15 -17.41 -5.12
CA ASN C 136 53.51 -18.62 -5.88
C ASN C 136 53.41 -18.31 -7.39
N VAL C 137 54.20 -18.98 -8.23
CA VAL C 137 54.14 -18.90 -9.70
C VAL C 137 54.19 -20.33 -10.23
N SER C 138 53.10 -20.79 -10.82
CA SER C 138 53.08 -22.12 -11.49
C SER C 138 54.03 -22.11 -12.70
N SER C 139 54.29 -23.27 -13.28
CA SER C 139 54.98 -23.43 -14.57
C SER C 139 54.16 -22.72 -15.65
N ASP C 140 52.87 -23.06 -15.76
CA ASP C 140 51.97 -22.53 -16.82
C ASP C 140 52.03 -21.01 -16.74
N MET C 141 51.94 -20.47 -15.51
CA MET C 141 51.95 -18.99 -15.24
C MET C 141 53.27 -18.36 -15.71
N ASN C 142 54.41 -18.90 -15.25
CA ASN C 142 55.77 -18.36 -15.51
C ASN C 142 56.08 -18.35 -17.02
N GLN C 143 55.43 -19.20 -17.82
CA GLN C 143 55.58 -19.18 -19.29
C GLN C 143 54.89 -17.92 -19.86
N VAL C 144 53.76 -17.51 -19.30
CA VAL C 144 53.10 -16.23 -19.70
C VAL C 144 53.97 -15.07 -19.19
N LEU C 145 54.42 -15.15 -17.94
CA LEU C 145 55.13 -14.06 -17.23
C LEU C 145 56.46 -13.77 -17.92
N LYS C 146 57.15 -14.81 -18.40
CA LYS C 146 58.41 -14.73 -19.18
C LYS C 146 58.37 -13.51 -20.10
N ASN C 147 57.28 -13.39 -20.86
CA ASN C 147 57.13 -12.41 -21.96
C ASN C 147 55.95 -11.47 -21.67
N LEU C 148 55.48 -11.44 -20.44
CA LEU C 148 54.46 -10.47 -20.03
C LEU C 148 55.12 -9.09 -20.09
N ILE C 149 54.41 -8.14 -20.71
CA ILE C 149 54.87 -6.74 -20.85
C ILE C 149 53.77 -5.78 -20.37
N LEU C 150 54.16 -4.72 -19.66
CA LEU C 150 53.20 -3.80 -18.97
C LEU C 150 53.45 -2.31 -19.34
N GLU C 151 52.38 -1.61 -19.76
CA GLU C 151 52.34 -0.16 -20.04
C GLU C 151 52.72 0.68 -18.82
N GLN C 152 53.42 1.79 -19.06
CA GLN C 152 53.82 2.80 -18.04
C GLN C 152 52.56 3.46 -17.45
N PRO C 153 52.52 3.59 -16.13
CA PRO C 153 51.31 4.04 -15.45
C PRO C 153 50.77 5.40 -15.91
N LEU C 154 49.45 5.53 -15.98
CA LEU C 154 48.80 6.79 -16.36
C LEU C 154 48.97 7.73 -15.18
N THR C 155 49.17 9.01 -15.42
CA THR C 155 49.22 10.04 -14.37
C THR C 155 48.30 11.19 -14.75
N LYS C 156 48.05 12.03 -13.75
CA LYS C 156 47.53 13.41 -13.83
C LYS C 156 47.82 14.08 -15.16
N TYR C 157 49.07 13.95 -15.62
CA TYR C 157 49.69 14.77 -16.69
C TYR C 157 49.77 13.99 -18.01
N THR C 158 49.24 12.75 -18.08
CA THR C 158 49.18 11.95 -19.34
C THR C 158 48.13 12.57 -20.28
N LEU C 159 48.46 12.81 -21.55
CA LEU C 159 47.54 13.45 -22.54
C LEU C 159 46.90 12.38 -23.44
N ASN C 160 45.70 12.67 -23.94
CA ASN C 160 45.01 11.90 -25.00
C ASN C 160 46.09 11.47 -25.99
N SER C 161 46.99 12.38 -26.35
CA SER C 161 48.02 12.14 -27.38
C SER C 161 49.18 11.31 -26.81
N SER C 162 49.39 11.29 -25.50
CA SER C 162 50.43 10.43 -24.87
C SER C 162 50.01 8.97 -25.02
N LEU C 163 48.70 8.71 -24.91
CA LEU C 163 48.13 7.32 -24.84
C LEU C 163 48.18 6.70 -26.26
N ALA C 164 47.51 7.38 -27.21
CA ALA C 164 47.49 7.16 -28.68
C ALA C 164 48.72 6.39 -29.18
N LYS C 165 48.49 5.32 -29.94
CA LYS C 165 49.58 4.43 -30.45
C LYS C 165 49.38 4.25 -31.95
N GLU C 166 50.47 3.94 -32.66
CA GLU C 166 50.48 3.91 -34.14
C GLU C 166 49.57 2.77 -34.62
N LYS C 167 48.71 3.04 -35.61
CA LYS C 167 47.70 2.10 -36.11
C LYS C 167 48.38 0.89 -36.76
N GLY C 168 47.94 -0.31 -36.39
CA GLY C 168 48.51 -1.58 -36.89
C GLY C 168 47.92 -1.97 -38.23
N LYS C 169 48.24 -3.19 -38.66
CA LYS C 169 47.84 -3.78 -39.97
C LYS C 169 46.32 -3.98 -40.01
N THR C 170 45.74 -3.85 -41.20
CA THR C 170 44.33 -4.19 -41.50
C THR C 170 44.17 -5.73 -41.56
N GLN C 171 42.93 -6.19 -41.31
CA GLN C 171 42.60 -7.63 -41.21
C GLN C 171 43.04 -8.25 -42.52
N ARG C 172 42.83 -7.53 -43.63
CA ARG C 172 43.06 -8.07 -44.98
C ARG C 172 44.55 -7.98 -45.39
N GLU C 173 45.37 -7.16 -44.71
CA GLU C 173 46.86 -7.15 -44.87
C GLU C 173 47.45 -8.36 -44.15
N VAL C 174 47.00 -8.60 -42.91
CA VAL C 174 47.45 -9.71 -42.03
C VAL C 174 47.38 -11.05 -42.76
N HIS C 175 46.29 -11.24 -43.51
CA HIS C 175 45.84 -12.52 -44.08
C HIS C 175 46.32 -12.64 -45.53
N LEU C 176 45.75 -11.83 -46.43
CA LEU C 176 46.04 -11.87 -47.89
C LEU C 176 47.39 -11.20 -48.15
N GLY C 177 47.60 -10.00 -47.59
CA GLY C 177 48.91 -9.31 -47.59
C GLY C 177 48.94 -8.02 -48.38
N SER C 178 50.16 -7.60 -48.74
CA SER C 178 50.48 -6.57 -49.76
C SER C 178 50.07 -7.14 -51.12
N GLY C 179 49.06 -6.49 -51.71
CA GLY C 179 47.96 -7.10 -52.49
C GLY C 179 46.64 -6.41 -52.15
N GLN C 180 45.52 -7.01 -52.54
CA GLN C 180 44.32 -6.24 -52.94
C GLN C 180 43.07 -6.72 -52.20
N ALA C 181 42.08 -5.81 -52.08
CA ALA C 181 40.70 -6.02 -51.59
C ALA C 181 39.76 -6.18 -52.78
N ASN C 182 40.30 -6.35 -54.00
CA ASN C 182 39.59 -6.88 -55.15
C ASN C 182 39.44 -8.41 -55.04
N GLN C 183 40.28 -9.04 -54.18
CA GLN C 183 40.29 -10.51 -53.92
C GLN C 183 39.73 -10.79 -52.51
N TRP C 184 39.27 -9.77 -51.78
CA TRP C 184 38.77 -9.90 -50.38
C TRP C 184 37.59 -10.87 -50.33
N THR C 185 36.76 -10.87 -51.37
CA THR C 185 35.50 -11.66 -51.40
C THR C 185 35.80 -13.08 -51.94
N SER C 186 36.85 -13.26 -52.75
CA SER C 186 37.32 -14.58 -53.27
C SER C 186 37.99 -15.41 -52.16
N GLN C 187 38.52 -14.74 -51.11
CA GLN C 187 39.61 -15.26 -50.24
C GLN C 187 39.15 -15.45 -48.79
N ARG C 188 38.17 -14.68 -48.32
CA ARG C 188 37.86 -14.54 -46.86
C ARG C 188 37.27 -15.86 -46.31
N ASN C 189 36.78 -16.74 -47.19
CA ASN C 189 36.32 -18.10 -46.81
C ASN C 189 37.52 -19.00 -46.47
N GLN C 190 38.66 -18.83 -47.16
CA GLN C 190 39.90 -19.64 -46.95
C GLN C 190 40.69 -19.15 -45.72
N HIS C 191 40.16 -18.20 -44.93
CA HIS C 191 40.76 -17.71 -43.65
C HIS C 191 39.69 -17.55 -42.56
N ASP C 192 38.55 -18.23 -42.75
CA ASP C 192 37.40 -18.33 -41.78
C ASP C 192 36.83 -16.92 -41.51
N LEU C 193 36.89 -16.05 -42.51
CA LEU C 193 36.32 -14.67 -42.47
C LEU C 193 35.13 -14.58 -43.44
N ASN C 194 34.24 -15.56 -43.43
CA ASN C 194 33.08 -15.62 -44.37
C ASN C 194 32.19 -14.40 -44.09
N ASN C 195 31.79 -13.67 -45.14
CA ASN C 195 30.80 -12.56 -45.12
C ASN C 195 31.32 -11.35 -44.33
N ASN C 196 32.61 -11.33 -44.01
CA ASN C 196 33.24 -10.22 -43.24
C ASN C 196 33.33 -9.00 -44.15
N PRO C 197 32.59 -7.92 -43.84
CA PRO C 197 32.60 -6.71 -44.67
C PRO C 197 33.71 -5.69 -44.34
N SER C 198 34.74 -6.11 -43.59
CA SER C 198 35.69 -5.22 -42.88
C SER C 198 37.14 -5.62 -43.18
N PRO C 199 37.57 -5.51 -44.46
CA PRO C 199 38.96 -5.78 -44.81
C PRO C 199 39.93 -4.76 -44.19
N ASN C 200 39.41 -3.57 -43.87
CA ASN C 200 40.12 -2.40 -43.33
C ASN C 200 39.88 -2.21 -41.81
N ALA C 201 39.25 -3.19 -41.14
CA ALA C 201 39.18 -3.20 -39.66
C ALA C 201 40.63 -3.31 -39.17
N SER C 202 40.92 -2.67 -38.04
CA SER C 202 42.27 -2.66 -37.45
C SER C 202 42.47 -3.93 -36.62
N THR C 203 43.64 -4.55 -36.76
CA THR C 203 44.12 -5.71 -35.96
C THR C 203 44.89 -5.22 -34.74
N GLY C 204 45.29 -3.96 -34.70
CA GLY C 204 45.54 -3.31 -33.41
C GLY C 204 46.48 -2.14 -33.52
N PHE C 205 47.59 -2.18 -32.77
CA PHE C 205 48.47 -1.00 -32.60
C PHE C 205 49.94 -1.44 -32.40
N LYS C 206 50.86 -0.58 -32.85
CA LYS C 206 52.32 -0.84 -32.94
C LYS C 206 52.99 -0.58 -31.59
N LEU C 207 53.98 -1.40 -31.23
CA LEU C 207 54.69 -1.28 -29.93
C LEU C 207 56.13 -0.81 -30.18
N THR C 208 56.43 -0.28 -31.39
CA THR C 208 57.72 0.34 -31.78
C THR C 208 57.74 1.83 -31.36
N THR C 209 56.58 2.52 -31.37
CA THR C 209 56.38 3.86 -30.78
C THR C 209 55.33 3.78 -29.68
N GLY C 210 55.54 4.58 -28.60
CA GLY C 210 54.55 5.16 -27.67
C GLY C 210 54.89 5.01 -26.19
N ASN C 211 53.85 5.00 -25.34
CA ASN C 211 54.03 4.65 -23.91
C ASN C 211 54.95 3.44 -23.82
N ALA C 212 55.92 3.47 -22.90
CA ALA C 212 56.87 2.37 -22.67
C ALA C 212 56.09 1.14 -22.18
N TYR C 213 56.29 -0.02 -22.81
CA TYR C 213 55.88 -1.32 -22.24
C TYR C 213 57.13 -2.00 -21.73
N ARG C 214 57.04 -2.69 -20.58
CA ARG C 214 58.22 -3.29 -19.91
C ARG C 214 57.83 -4.62 -19.24
N LYS C 215 58.77 -5.57 -19.27
CA LYS C 215 58.67 -6.87 -18.56
C LYS C 215 58.71 -6.61 -17.04
N LEU C 216 58.46 -7.64 -16.24
CA LEU C 216 58.41 -7.56 -14.76
C LEU C 216 59.78 -7.16 -14.20
N SER C 217 60.88 -7.47 -14.92
CA SER C 217 62.27 -7.34 -14.38
C SER C 217 62.87 -6.01 -14.80
N GLU C 218 62.18 -5.26 -15.67
CA GLU C 218 62.61 -3.94 -16.24
C GLU C 218 62.02 -2.79 -15.41
N SER C 219 62.33 -1.55 -15.77
CA SER C 219 61.87 -0.29 -15.12
C SER C 219 61.17 0.61 -16.14
N TRP C 220 59.98 1.14 -15.82
CA TRP C 220 59.35 2.25 -16.58
C TRP C 220 60.22 3.51 -16.53
N PRO C 221 60.09 4.41 -17.53
CA PRO C 221 60.80 5.69 -17.53
C PRO C 221 60.05 6.80 -16.79
N ILE C 222 60.77 7.88 -16.50
CA ILE C 222 60.13 9.06 -15.87
C ILE C 222 59.51 9.94 -16.97
N TYR C 223 59.87 9.71 -18.25
CA TYR C 223 59.42 10.52 -19.41
C TYR C 223 58.22 9.82 -20.06
N GLU C 224 57.20 10.60 -20.44
CA GLU C 224 55.97 10.19 -21.16
C GLU C 224 56.00 10.93 -22.50
N PRO C 225 55.72 10.30 -23.66
CA PRO C 225 55.68 11.05 -24.91
C PRO C 225 54.45 11.96 -25.00
N ILE C 226 54.58 13.17 -25.57
CA ILE C 226 53.43 14.08 -25.82
C ILE C 226 52.58 13.50 -26.97
N ASP C 227 53.22 13.07 -28.07
CA ASP C 227 52.54 12.36 -29.19
C ASP C 227 53.05 10.90 -29.28
N GLY C 228 52.37 9.92 -28.68
CA GLY C 228 52.90 8.54 -28.59
C GLY C 228 52.91 7.79 -29.93
N THR C 229 52.02 8.20 -30.84
CA THR C 229 52.02 8.03 -32.31
C THR C 229 53.41 8.29 -32.94
N LYS C 230 54.23 9.18 -32.38
CA LYS C 230 55.56 9.53 -32.94
C LYS C 230 56.69 9.24 -31.92
N GLN C 231 56.49 9.59 -30.64
CA GLN C 231 57.60 9.93 -29.69
C GLN C 231 57.91 8.79 -28.71
N GLY C 232 57.12 7.74 -28.63
CA GLY C 232 57.56 6.74 -27.66
C GLY C 232 58.54 5.77 -28.30
N LYS C 233 59.10 4.82 -27.54
CA LYS C 233 59.69 3.58 -28.12
C LYS C 233 58.78 2.37 -27.85
N GLY C 234 57.60 2.53 -27.26
CA GLY C 234 56.73 1.40 -26.87
C GLY C 234 57.52 0.35 -26.08
N LYS C 235 57.50 -0.90 -26.56
CA LYS C 235 58.17 -2.09 -25.95
C LYS C 235 59.62 -2.21 -26.42
N ASP C 236 60.08 -1.28 -27.25
CA ASP C 236 61.47 -1.22 -27.77
C ASP C 236 62.40 -0.74 -26.63
N SER C 237 62.33 -1.40 -25.47
CA SER C 237 63.35 -1.43 -24.38
C SER C 237 64.73 -1.01 -24.90
N SER C 238 65.32 -1.85 -25.74
CA SER C 238 66.74 -1.74 -26.19
C SER C 238 66.94 -0.40 -26.94
N GLY C 239 65.99 -0.04 -27.79
CA GLY C 239 65.94 1.22 -28.56
C GLY C 239 65.81 2.43 -27.67
N TRP C 240 64.95 2.38 -26.66
CA TRP C 240 64.77 3.49 -25.70
C TRP C 240 66.16 3.91 -25.16
N SER C 241 66.95 2.95 -24.68
CA SER C 241 68.08 3.22 -23.74
C SER C 241 69.36 3.59 -24.49
N SER C 242 69.45 3.28 -25.78
CA SER C 242 70.65 3.58 -26.58
C SER C 242 70.42 4.80 -27.50
N THR C 243 69.16 5.03 -27.92
CA THR C 243 68.73 6.22 -28.71
C THR C 243 67.88 7.14 -27.83
N GLU C 244 66.60 6.84 -27.70
CA GLU C 244 65.56 7.87 -27.52
C GLU C 244 65.53 8.38 -26.08
N GLU C 245 66.25 7.74 -25.13
CA GLU C 245 66.24 8.15 -23.69
C GLU C 245 67.04 9.45 -23.51
N ASN C 246 68.10 9.68 -24.31
CA ASN C 246 68.98 10.89 -24.21
C ASN C 246 68.21 12.11 -24.72
N GLU C 247 67.38 11.88 -25.75
CA GLU C 247 66.48 12.89 -26.39
C GLU C 247 65.47 13.37 -25.35
N ALA C 248 64.65 12.44 -24.85
CA ALA C 248 63.70 12.66 -23.73
C ALA C 248 64.40 13.45 -22.61
N LYS C 249 65.58 12.99 -22.17
CA LYS C 249 66.33 13.62 -21.04
C LYS C 249 66.69 15.07 -21.42
N ASN C 250 67.26 15.32 -22.63
CA ASN C 250 67.70 16.69 -23.00
C ASN C 250 66.48 17.61 -23.19
N ASP C 251 65.39 17.10 -23.79
CA ASP C 251 64.08 17.81 -23.99
C ASP C 251 63.36 18.12 -22.66
N ALA C 252 63.43 17.22 -21.66
CA ALA C 252 62.58 17.24 -20.45
C ALA C 252 63.40 16.99 -19.17
N PRO C 253 64.45 17.79 -18.90
CA PRO C 253 65.37 17.49 -17.80
C PRO C 253 64.68 17.65 -16.45
N SER C 254 64.87 16.73 -15.51
CA SER C 254 64.34 16.89 -14.12
C SER C 254 64.71 18.30 -13.62
N VAL C 255 63.87 18.94 -12.82
CA VAL C 255 64.21 20.24 -12.17
C VAL C 255 65.53 20.07 -11.39
N SER C 256 66.22 21.16 -11.08
CA SER C 256 67.46 21.20 -10.25
C SER C 256 67.78 22.67 -9.90
N GLY C 257 67.19 23.17 -8.81
CA GLY C 257 67.10 24.61 -8.47
C GLY C 257 68.24 25.10 -7.59
N SER C 261 67.55 24.56 -14.13
CA SER C 261 67.75 23.84 -15.43
C SER C 261 66.78 24.39 -16.49
N SER C 262 65.50 23.98 -16.42
CA SER C 262 64.37 24.37 -17.30
C SER C 262 64.69 24.07 -18.78
N GLY C 263 63.79 23.34 -19.46
CA GLY C 263 63.90 22.96 -20.87
C GLY C 263 62.56 23.12 -21.57
N THR C 264 62.44 22.53 -22.76
CA THR C 264 61.45 22.92 -23.80
C THR C 264 60.19 22.05 -23.80
N PHE C 265 60.29 20.78 -23.38
CA PHE C 265 59.13 19.85 -23.30
C PHE C 265 58.32 19.93 -24.61
N ASN C 266 59.01 19.70 -25.72
CA ASN C 266 58.46 19.73 -27.10
C ASN C 266 57.89 18.36 -27.45
N LYS C 267 58.51 17.31 -26.91
CA LYS C 267 58.29 15.91 -27.38
C LYS C 267 57.94 14.98 -26.20
N TYR C 268 58.27 15.36 -24.96
CA TYR C 268 58.17 14.50 -23.74
C TYR C 268 57.87 15.30 -22.47
N LEU C 269 56.79 14.93 -21.75
CA LEU C 269 56.59 15.35 -20.37
C LEU C 269 57.58 14.56 -19.49
N ASN C 270 57.91 15.12 -18.33
CA ASN C 270 58.71 14.49 -17.26
C ASN C 270 57.82 14.47 -16.01
N THR C 271 57.30 13.29 -15.66
CA THR C 271 56.22 13.07 -14.67
C THR C 271 56.79 12.42 -13.40
N LYS C 272 58.11 12.48 -13.16
CA LYS C 272 58.76 11.82 -12.00
C LYS C 272 58.00 12.11 -10.68
N GLN C 273 57.67 13.36 -10.39
CA GLN C 273 57.05 13.73 -9.10
C GLN C 273 55.60 13.23 -9.11
N ALA C 274 54.89 13.36 -10.23
CA ALA C 274 53.51 12.82 -10.41
C ALA C 274 53.52 11.31 -10.15
N LEU C 275 54.56 10.61 -10.63
CA LEU C 275 54.90 9.17 -10.39
C LEU C 275 55.09 8.86 -8.88
N GLU C 276 56.01 9.57 -8.18
CA GLU C 276 56.20 9.43 -6.71
C GLU C 276 54.84 9.54 -5.99
N SER C 277 54.06 10.56 -6.36
CA SER C 277 52.70 10.88 -5.88
C SER C 277 51.80 9.66 -5.89
N ILE C 278 51.72 8.92 -7.00
CA ILE C 278 50.79 7.77 -7.12
C ILE C 278 51.41 6.47 -6.55
N GLY C 279 52.52 6.54 -5.79
CA GLY C 279 53.12 5.37 -5.14
C GLY C 279 54.17 4.62 -5.96
N ILE C 280 54.70 5.18 -7.07
CA ILE C 280 55.91 4.61 -7.74
C ILE C 280 57.15 4.90 -6.88
N LEU C 281 57.99 3.87 -6.65
CA LEU C 281 59.23 3.90 -5.83
C LEU C 281 60.49 3.99 -6.70
N PHE C 282 61.60 4.44 -6.11
CA PHE C 282 62.79 5.02 -6.78
C PHE C 282 64.05 4.74 -5.97
N ASP C 283 65.09 4.26 -6.66
CA ASP C 283 66.53 4.39 -6.29
C ASP C 283 67.03 5.63 -7.03
N ASP C 284 67.16 6.75 -6.32
CA ASP C 284 67.50 8.10 -6.86
C ASP C 284 66.44 8.48 -7.90
N GLN C 285 66.83 8.68 -9.17
CA GLN C 285 65.99 9.22 -10.28
C GLN C 285 65.37 8.09 -11.12
N THR C 286 65.72 6.82 -10.89
CA THR C 286 65.21 5.63 -11.65
C THR C 286 64.11 4.94 -10.86
N PRO C 287 62.90 4.72 -11.43
CA PRO C 287 61.90 3.86 -10.78
C PRO C 287 62.44 2.43 -10.63
N ARG C 288 61.98 1.71 -9.61
CA ARG C 288 62.28 0.27 -9.39
C ARG C 288 61.50 -0.52 -10.44
N ASN C 289 61.80 -1.81 -10.51
CA ASN C 289 61.22 -2.74 -11.51
C ASN C 289 59.69 -2.77 -11.36
N VAL C 290 59.01 -3.25 -12.40
CA VAL C 290 57.54 -3.30 -12.57
C VAL C 290 56.92 -4.18 -11.47
N ILE C 291 57.51 -5.36 -11.26
CA ILE C 291 57.03 -6.36 -10.28
C ILE C 291 56.99 -5.69 -8.90
N THR C 292 57.94 -4.81 -8.60
CA THR C 292 58.02 -4.07 -7.32
C THR C 292 56.86 -3.08 -7.25
N GLN C 293 56.68 -2.30 -8.29
CA GLN C 293 55.59 -1.30 -8.32
C GLN C 293 54.27 -2.09 -8.30
N LEU C 294 54.21 -3.26 -8.93
CA LEU C 294 52.97 -4.10 -8.86
C LEU C 294 52.67 -4.50 -7.42
N TYR C 295 53.66 -5.05 -6.70
CA TYR C 295 53.50 -5.48 -5.30
C TYR C 295 53.10 -4.28 -4.42
N TYR C 296 53.88 -3.20 -4.47
CA TYR C 296 53.68 -1.99 -3.63
C TYR C 296 52.27 -1.45 -3.85
N ALA C 297 51.74 -1.44 -5.08
CA ALA C 297 50.36 -0.94 -5.36
C ALA C 297 49.37 -1.97 -4.85
N SER C 298 49.68 -3.26 -5.08
CA SER C 298 48.78 -4.38 -4.75
C SER C 298 48.37 -4.32 -3.26
N THR C 299 49.22 -3.81 -2.35
CA THR C 299 48.94 -3.78 -0.89
C THR C 299 48.49 -2.36 -0.51
N SER C 300 47.34 -1.91 -1.02
CA SER C 300 46.91 -0.49 -0.84
C SER C 300 45.62 -0.38 -0.02
N LYS C 301 44.65 -1.32 -0.14
CA LYS C 301 43.32 -1.25 0.51
C LYS C 301 42.99 -2.52 1.28
N LEU C 302 42.19 -2.42 2.35
CA LEU C 302 41.86 -3.63 3.16
C LEU C 302 40.38 -3.64 3.57
N ALA C 303 39.91 -4.80 3.94
CA ALA C 303 38.55 -5.01 4.45
C ALA C 303 38.62 -6.24 5.34
N VAL C 304 37.73 -6.32 6.33
CA VAL C 304 37.76 -7.31 7.45
C VAL C 304 36.34 -7.85 7.68
N THR C 305 36.25 -9.17 7.74
CA THR C 305 35.04 -9.95 8.07
C THR C 305 35.33 -10.76 9.33
N ASN C 306 34.34 -11.46 9.88
CA ASN C 306 34.56 -12.38 11.04
C ASN C 306 35.73 -13.31 10.70
N ASN C 307 35.80 -13.84 9.47
CA ASN C 307 36.78 -14.90 9.12
C ASN C 307 38.03 -14.35 8.39
N HIS C 308 37.91 -13.24 7.66
CA HIS C 308 39.01 -12.85 6.74
C HIS C 308 39.43 -11.39 6.80
N ILE C 309 40.70 -11.21 6.43
CA ILE C 309 41.29 -9.95 5.90
C ILE C 309 41.55 -10.16 4.41
N VAL C 310 40.95 -9.29 3.60
CA VAL C 310 41.21 -9.16 2.13
C VAL C 310 41.94 -7.84 1.86
N VAL C 311 42.97 -7.94 1.02
CA VAL C 311 43.89 -6.84 0.61
C VAL C 311 43.98 -6.80 -0.93
N MET C 312 43.72 -5.62 -1.46
CA MET C 312 43.64 -5.30 -2.89
C MET C 312 44.45 -4.03 -3.18
N GLY C 313 44.63 -3.73 -4.48
CA GLY C 313 45.51 -2.68 -4.99
C GLY C 313 44.77 -1.38 -5.15
N ASN C 314 45.49 -0.35 -5.59
CA ASN C 314 44.99 1.02 -5.68
C ASN C 314 44.38 1.24 -7.08
N SER C 315 43.89 2.43 -7.39
CA SER C 315 43.17 2.84 -8.63
C SER C 315 44.17 3.30 -9.68
N PHE C 316 45.43 3.43 -9.24
CA PHE C 316 46.58 4.00 -10.02
C PHE C 316 47.25 2.94 -10.90
N LEU C 317 47.82 1.84 -10.41
CA LEU C 317 48.38 0.71 -11.23
C LEU C 317 47.35 -0.40 -11.32
N PRO C 318 47.37 -1.19 -12.42
CA PRO C 318 46.73 -2.50 -12.43
C PRO C 318 47.35 -3.35 -11.33
N SER C 319 46.53 -4.20 -10.72
CA SER C 319 46.89 -5.23 -9.72
C SER C 319 46.60 -6.58 -10.36
N MET C 320 47.49 -7.54 -10.12
CA MET C 320 47.37 -8.88 -10.75
C MET C 320 47.09 -9.91 -9.64
N TRP C 321 47.02 -9.50 -8.40
CA TRP C 321 46.74 -10.46 -7.32
C TRP C 321 46.13 -9.73 -6.14
N TYR C 322 45.37 -10.46 -5.35
CA TYR C 322 44.75 -10.01 -4.08
C TYR C 322 44.96 -11.09 -3.02
N TRP C 323 44.88 -10.69 -1.75
CA TRP C 323 45.08 -11.55 -0.58
C TRP C 323 43.74 -11.86 0.08
N VAL C 324 43.50 -13.15 0.33
CA VAL C 324 42.57 -13.64 1.37
C VAL C 324 43.42 -14.29 2.47
N VAL C 325 43.57 -13.53 3.54
CA VAL C 325 44.15 -13.96 4.84
C VAL C 325 43.01 -14.49 5.69
N GLU C 326 43.19 -15.73 6.16
CA GLU C 326 42.40 -16.38 7.22
C GLU C 326 42.82 -15.76 8.56
N ARG C 327 41.91 -15.05 9.23
CA ARG C 327 42.21 -14.42 10.54
C ARG C 327 42.69 -15.48 11.55
N SER C 328 42.41 -16.76 11.31
CA SER C 328 42.92 -17.86 12.16
C SER C 328 44.43 -18.05 11.93
N ALA C 329 45.01 -17.55 10.84
CA ALA C 329 46.42 -17.79 10.42
C ALA C 329 47.39 -17.71 11.61
N GLN C 330 48.14 -18.78 11.87
CA GLN C 330 49.24 -18.88 12.87
C GLN C 330 50.16 -17.65 12.77
N GLU C 331 50.86 -17.36 13.87
CA GLU C 331 51.32 -15.99 14.26
C GLU C 331 52.37 -15.48 13.24
N ASN C 332 53.16 -16.38 12.66
CA ASN C 332 54.44 -16.09 11.98
C ASN C 332 54.44 -16.76 10.60
N ALA C 333 53.27 -16.79 9.94
CA ALA C 333 52.98 -17.51 8.66
C ALA C 333 53.28 -16.58 7.48
N SER C 334 53.06 -17.03 6.24
CA SER C 334 53.22 -16.18 5.03
C SER C 334 51.98 -16.29 4.16
N ASN C 335 51.02 -15.37 4.32
CA ASN C 335 49.70 -15.47 3.63
C ASN C 335 49.92 -15.20 2.14
N LYS C 336 49.26 -15.98 1.30
CA LYS C 336 49.56 -16.06 -0.15
C LYS C 336 48.43 -15.34 -0.90
N PRO C 337 48.83 -14.61 -1.95
CA PRO C 337 47.88 -13.94 -2.82
C PRO C 337 47.37 -14.89 -3.90
N THR C 338 46.11 -14.69 -4.29
CA THR C 338 45.36 -15.37 -5.36
C THR C 338 45.53 -14.47 -6.60
N TRP C 339 45.92 -15.04 -7.75
CA TRP C 339 45.95 -14.37 -9.08
C TRP C 339 44.53 -14.12 -9.60
N PHE C 340 44.32 -12.98 -10.26
CA PHE C 340 43.05 -12.64 -10.94
C PHE C 340 42.89 -13.47 -12.20
N ALA C 341 44.02 -13.87 -12.80
CA ALA C 341 44.06 -14.80 -13.96
C ALA C 341 43.50 -16.17 -13.55
N ASN C 342 43.49 -16.46 -12.25
CA ASN C 342 42.93 -17.72 -11.69
C ASN C 342 41.54 -17.43 -11.08
N THR C 343 41.00 -16.21 -11.21
CA THR C 343 39.71 -15.82 -10.58
C THR C 343 38.66 -15.56 -11.65
N ASN C 344 37.88 -16.56 -12.04
CA ASN C 344 36.72 -16.36 -12.96
C ASN C 344 35.72 -15.46 -12.27
N LEU C 345 35.27 -14.40 -12.94
CA LEU C 345 34.08 -13.59 -12.61
C LEU C 345 32.92 -13.97 -13.54
N ASP C 346 31.68 -13.78 -13.08
CA ASP C 346 30.50 -13.64 -13.97
C ASP C 346 30.46 -12.18 -14.45
N TRP C 347 30.68 -11.96 -15.74
CA TRP C 347 30.59 -10.67 -16.47
C TRP C 347 29.14 -10.40 -16.93
N GLY C 348 28.14 -11.15 -16.48
CA GLY C 348 26.71 -10.86 -16.75
C GLY C 348 26.06 -11.90 -17.65
N GLU C 349 26.86 -12.46 -18.57
CA GLU C 349 26.52 -13.47 -19.61
C GLU C 349 27.86 -14.10 -20.05
N ASP C 350 27.88 -15.36 -20.54
CA ASP C 350 29.15 -16.08 -20.84
C ASP C 350 29.87 -15.36 -21.97
N LYS C 351 29.10 -14.84 -22.92
CA LYS C 351 29.61 -14.12 -24.11
C LYS C 351 30.56 -13.01 -23.65
N GLN C 352 30.12 -12.21 -22.68
CA GLN C 352 30.89 -11.04 -22.17
C GLN C 352 32.24 -11.56 -21.65
N LYS C 353 32.28 -12.77 -21.07
CA LYS C 353 33.57 -13.37 -20.65
C LYS C 353 34.39 -13.67 -21.90
N GLN C 354 33.77 -14.31 -22.88
CA GLN C 354 34.45 -14.78 -24.12
C GLN C 354 35.10 -13.58 -24.83
N PHE C 355 34.40 -12.44 -24.83
CA PHE C 355 34.85 -11.22 -25.54
C PHE C 355 36.23 -10.84 -25.02
N VAL C 356 36.32 -10.81 -23.71
CA VAL C 356 37.52 -10.42 -22.93
C VAL C 356 38.59 -11.46 -23.13
N GLU C 357 38.24 -12.75 -23.08
CA GLU C 357 39.22 -13.88 -23.11
C GLU C 357 39.73 -14.09 -24.52
N ASN C 358 38.85 -13.93 -25.52
CA ASN C 358 39.25 -14.03 -26.94
C ASN C 358 40.33 -13.01 -27.21
N GLN C 359 40.18 -11.78 -26.72
CA GLN C 359 41.13 -10.71 -27.08
C GLN C 359 42.38 -10.76 -26.16
N LEU C 360 42.43 -11.63 -25.14
CA LEU C 360 43.62 -11.78 -24.24
C LEU C 360 44.83 -12.27 -25.05
N GLY C 361 44.63 -13.23 -25.98
CA GLY C 361 45.64 -13.70 -26.96
C GLY C 361 45.15 -14.86 -27.86
N TYR C 362 46.03 -15.37 -28.71
CA TYR C 362 45.82 -16.53 -29.63
C TYR C 362 45.90 -17.86 -28.86
N LYS C 363 44.81 -18.66 -28.84
CA LYS C 363 44.80 -20.08 -28.35
C LYS C 363 45.08 -21.05 -29.51
N GLU C 364 45.90 -22.09 -29.33
CA GLU C 364 46.12 -23.16 -30.36
C GLU C 364 46.80 -24.40 -29.77
N THR C 365 46.41 -25.59 -30.23
CA THR C 365 47.14 -26.86 -29.94
C THR C 365 48.31 -26.93 -30.93
N THR C 366 48.25 -26.17 -32.02
CA THR C 366 49.17 -26.29 -33.18
C THR C 366 50.45 -25.47 -32.96
N SER C 367 50.44 -24.40 -32.15
CA SER C 367 51.62 -23.49 -31.98
C SER C 367 52.49 -23.89 -30.79
N THR C 368 53.68 -23.28 -30.74
CA THR C 368 54.95 -23.71 -30.10
C THR C 368 55.55 -22.50 -29.38
N ASN C 369 55.68 -22.53 -28.07
CA ASN C 369 56.39 -21.44 -27.35
C ASN C 369 55.58 -20.12 -27.40
N SER C 370 54.42 -20.09 -28.09
CA SER C 370 53.53 -18.90 -28.28
C SER C 370 52.55 -18.73 -27.10
N HIS C 371 53.05 -18.41 -25.89
CA HIS C 371 52.27 -18.45 -24.62
C HIS C 371 51.73 -17.09 -24.18
N ASN C 372 50.44 -17.05 -23.88
CA ASN C 372 49.69 -15.87 -23.34
C ASN C 372 48.61 -16.36 -22.36
N PHE C 373 47.95 -15.45 -21.64
CA PHE C 373 46.95 -15.79 -20.61
C PHE C 373 45.86 -16.67 -21.25
N HIS C 374 45.46 -16.35 -22.49
CA HIS C 374 44.39 -17.10 -23.20
C HIS C 374 44.87 -18.48 -23.60
N SER C 375 46.08 -18.60 -24.15
CA SER C 375 46.65 -19.89 -24.66
C SER C 375 46.88 -20.87 -23.50
N LYS C 376 46.99 -20.40 -22.26
CA LYS C 376 47.24 -21.27 -21.10
C LYS C 376 46.00 -21.31 -20.21
N SER C 377 44.86 -20.83 -20.73
CA SER C 377 43.49 -21.05 -20.17
C SER C 377 43.33 -20.29 -18.84
N PHE C 378 44.00 -19.14 -18.73
CA PHE C 378 43.73 -18.09 -17.69
C PHE C 378 42.66 -17.14 -18.21
N THR C 379 42.11 -16.37 -17.31
CA THR C 379 41.07 -15.35 -17.60
C THR C 379 41.67 -13.94 -17.36
N GLN C 380 40.83 -12.89 -17.44
CA GLN C 380 41.24 -11.46 -17.32
C GLN C 380 42.29 -11.35 -16.20
N PRO C 381 43.55 -10.94 -16.50
CA PRO C 381 44.62 -11.02 -15.52
C PRO C 381 44.80 -9.83 -14.58
N ALA C 382 44.16 -8.68 -14.82
CA ALA C 382 44.51 -7.44 -14.11
C ALA C 382 43.32 -6.47 -13.99
N TYR C 383 43.12 -5.93 -12.80
CA TYR C 383 42.07 -4.89 -12.57
C TYR C 383 42.73 -3.61 -12.04
N LEU C 384 42.13 -2.47 -12.38
CA LEU C 384 42.36 -1.17 -11.69
C LEU C 384 41.28 -1.05 -10.61
N ILE C 385 41.62 -1.45 -9.39
CA ILE C 385 40.62 -1.69 -8.31
C ILE C 385 40.23 -0.35 -7.67
N SER C 386 38.92 -0.16 -7.50
CA SER C 386 38.34 1.10 -6.96
C SER C 386 38.60 1.15 -5.45
N GLY C 387 38.64 -0.02 -4.83
CA GLY C 387 38.71 -0.21 -3.38
C GLY C 387 37.88 -1.39 -2.93
N ILE C 388 37.68 -1.54 -1.62
CA ILE C 388 37.13 -2.82 -1.10
C ILE C 388 36.52 -2.54 0.25
N ASP C 389 35.38 -3.17 0.57
CA ASP C 389 34.69 -2.98 1.87
C ASP C 389 34.03 -4.30 2.32
N SER C 390 33.53 -4.35 3.56
CA SER C 390 32.78 -5.50 4.14
C SER C 390 31.42 -4.99 4.62
N VAL C 391 30.35 -5.72 4.37
CA VAL C 391 29.00 -5.55 4.99
C VAL C 391 28.57 -6.94 5.43
N ASN C 392 28.12 -7.09 6.67
CA ASN C 392 27.76 -8.44 7.20
C ASN C 392 29.02 -9.28 7.00
N ASP C 393 29.00 -10.43 6.37
CA ASP C 393 30.29 -11.16 6.25
C ASP C 393 30.64 -11.24 4.76
N GLN C 394 30.53 -10.10 4.10
CA GLN C 394 30.63 -10.04 2.63
C GLN C 394 31.67 -8.98 2.26
N ILE C 395 32.52 -9.29 1.29
CA ILE C 395 33.48 -8.37 0.67
C ILE C 395 32.77 -7.85 -0.57
N ILE C 396 32.60 -6.52 -0.66
CA ILE C 396 32.26 -5.83 -1.94
C ILE C 396 33.57 -5.26 -2.51
N PHE C 397 33.78 -5.47 -3.79
CA PHE C 397 34.78 -4.76 -4.62
C PHE C 397 34.13 -4.26 -5.91
N SER C 398 34.87 -3.43 -6.61
CA SER C 398 34.56 -2.89 -7.93
C SER C 398 35.89 -2.44 -8.54
N GLY C 399 35.87 -2.13 -9.84
CA GLY C 399 37.02 -1.51 -10.53
C GLY C 399 36.87 -1.57 -12.04
N PHE C 400 37.96 -1.25 -12.74
CA PHE C 400 37.99 -1.24 -14.21
C PHE C 400 38.82 -2.44 -14.65
N LYS C 401 38.29 -3.18 -15.62
CA LYS C 401 39.06 -4.14 -16.43
C LYS C 401 40.24 -3.37 -17.04
N ALA C 402 41.45 -3.70 -16.56
CA ALA C 402 42.72 -3.25 -17.18
C ALA C 402 42.88 -3.98 -18.53
N GLY C 403 42.93 -3.22 -19.62
CA GLY C 403 43.20 -3.76 -20.95
C GLY C 403 44.29 -4.82 -20.92
N SER C 404 43.95 -6.02 -21.39
CA SER C 404 44.95 -7.05 -21.72
C SER C 404 44.65 -7.69 -23.09
N VAL C 405 45.69 -7.67 -23.91
CA VAL C 405 45.68 -8.25 -25.28
C VAL C 405 47.00 -8.99 -25.54
N GLY C 406 46.96 -9.90 -26.54
CA GLY C 406 48.13 -10.52 -27.19
C GLY C 406 48.91 -9.49 -27.98
N TYR C 407 50.19 -9.80 -28.21
CA TYR C 407 51.12 -9.02 -29.06
C TYR C 407 52.14 -9.97 -29.69
N ASP C 408 52.41 -9.78 -30.98
CA ASP C 408 53.36 -10.58 -31.79
C ASP C 408 54.79 -10.14 -31.42
N SER C 409 55.49 -10.93 -30.58
CA SER C 409 56.90 -10.73 -30.20
C SER C 409 57.85 -11.48 -31.16
N SER C 410 57.33 -11.93 -32.30
CA SER C 410 58.08 -12.65 -33.37
C SER C 410 59.37 -11.92 -33.75
N SER C 411 60.30 -12.69 -34.32
CA SER C 411 61.64 -12.26 -34.81
C SER C 411 61.94 -12.89 -36.17
N SER C 412 62.46 -12.10 -37.14
CA SER C 412 63.06 -12.59 -38.41
C SER C 412 63.42 -11.40 -39.32
N SER C 418 58.58 -13.35 -42.05
CA SER C 418 58.47 -11.91 -42.42
C SER C 418 57.26 -11.29 -41.71
N SER C 419 56.89 -11.85 -40.54
CA SER C 419 55.63 -11.65 -39.75
C SER C 419 55.08 -10.23 -39.97
N SER C 420 53.87 -10.11 -40.52
CA SER C 420 53.24 -8.82 -40.92
C SER C 420 52.87 -7.99 -39.68
N THR C 421 52.38 -8.65 -38.62
CA THR C 421 51.97 -8.00 -37.33
C THR C 421 53.13 -7.93 -36.35
N LYS C 422 54.38 -7.95 -36.78
CA LYS C 422 55.55 -8.00 -35.88
C LYS C 422 55.52 -6.76 -34.98
N ASP C 423 55.91 -6.90 -33.72
CA ASP C 423 55.98 -5.75 -32.77
C ASP C 423 54.61 -5.06 -32.65
N GLN C 424 53.51 -5.74 -33.04
CA GLN C 424 52.14 -5.16 -33.02
C GLN C 424 51.32 -5.85 -31.94
N ALA C 425 50.56 -5.05 -31.20
CA ALA C 425 49.48 -5.51 -30.30
C ALA C 425 48.28 -5.91 -31.17
N LEU C 426 47.55 -6.93 -30.71
CA LEU C 426 46.41 -7.52 -31.45
C LEU C 426 45.13 -7.22 -30.66
N ALA C 427 44.46 -6.14 -31.09
CA ALA C 427 43.32 -5.51 -30.42
C ALA C 427 42.35 -4.98 -31.46
N TRP C 428 41.06 -4.97 -31.11
CA TRP C 428 39.98 -4.49 -32.00
C TRP C 428 38.80 -4.00 -31.16
N SER C 429 38.12 -2.95 -31.63
CA SER C 429 36.75 -2.57 -31.18
C SER C 429 35.88 -3.82 -31.15
N THR C 430 35.03 -3.91 -30.14
CA THR C 430 34.10 -5.04 -29.94
C THR C 430 32.72 -4.42 -29.77
N THR C 431 32.50 -3.28 -30.42
CA THR C 431 31.30 -2.44 -30.15
C THR C 431 30.17 -3.01 -31.00
N THR C 432 28.99 -3.17 -30.37
CA THR C 432 27.74 -3.79 -30.90
C THR C 432 27.35 -3.10 -32.21
N SER C 433 26.98 -3.86 -33.25
CA SER C 433 26.55 -3.35 -34.58
C SER C 433 25.31 -2.47 -34.45
N LEU C 434 24.96 -1.71 -35.52
CA LEU C 434 23.77 -0.85 -35.57
C LEU C 434 22.46 -1.66 -35.59
N ASP C 435 22.39 -2.73 -36.40
CA ASP C 435 21.17 -3.54 -36.57
C ASP C 435 20.78 -4.36 -35.34
N SER C 436 21.62 -4.36 -34.29
CA SER C 436 21.41 -5.20 -33.11
C SER C 436 20.01 -4.96 -32.59
N LYS C 437 19.22 -6.03 -32.45
CA LYS C 437 17.96 -5.97 -31.70
C LYS C 437 18.28 -5.33 -30.36
N THR C 438 17.50 -4.32 -29.97
CA THR C 438 17.83 -3.48 -28.82
C THR C 438 17.53 -4.23 -27.50
N GLY C 439 17.51 -3.57 -26.34
CA GLY C 439 17.37 -4.30 -25.06
C GLY C 439 18.71 -4.86 -24.61
N TYR C 440 19.08 -4.71 -23.32
CA TYR C 440 20.49 -4.82 -22.83
C TYR C 440 21.07 -6.18 -23.24
N LYS C 441 20.40 -7.28 -22.82
CA LYS C 441 20.80 -8.70 -23.01
C LYS C 441 21.32 -8.93 -24.44
N ASP C 442 20.51 -8.53 -25.40
CA ASP C 442 20.84 -8.61 -26.84
C ASP C 442 22.13 -7.82 -27.09
N LEU C 443 22.24 -6.62 -26.52
CA LEU C 443 23.33 -5.66 -26.86
C LEU C 443 24.66 -6.30 -26.47
N VAL C 444 24.73 -6.84 -25.25
CA VAL C 444 25.99 -7.35 -24.65
C VAL C 444 26.24 -8.79 -25.12
N THR C 445 25.25 -9.50 -25.67
CA THR C 445 25.45 -10.86 -26.27
C THR C 445 25.46 -10.81 -27.81
N ASN C 446 25.54 -9.63 -28.41
CA ASN C 446 25.65 -9.49 -29.88
C ASN C 446 26.98 -10.13 -30.30
N ASP C 447 26.97 -10.91 -31.38
CA ASP C 447 28.13 -11.72 -31.84
C ASP C 447 29.20 -10.80 -32.46
N THR C 448 28.98 -9.46 -32.52
CA THR C 448 29.82 -8.47 -33.25
C THR C 448 31.20 -8.34 -32.59
N GLY C 449 32.27 -8.62 -33.36
CA GLY C 449 33.68 -8.51 -32.96
C GLY C 449 34.15 -9.62 -32.03
N LEU C 450 33.44 -10.76 -31.93
CA LEU C 450 33.61 -11.77 -30.84
C LEU C 450 35.00 -12.43 -30.93
N ASN C 451 35.45 -12.82 -32.14
CA ASN C 451 36.68 -13.63 -32.30
C ASN C 451 37.76 -12.83 -33.06
N GLY C 452 37.42 -11.63 -33.56
CA GLY C 452 38.35 -10.78 -34.32
C GLY C 452 37.76 -9.45 -34.80
N PRO C 453 38.61 -8.59 -35.42
CA PRO C 453 38.18 -7.32 -36.01
C PRO C 453 36.95 -7.37 -36.92
N ILE C 454 36.16 -6.29 -36.87
CA ILE C 454 34.89 -6.09 -37.62
C ILE C 454 34.58 -4.58 -37.78
N ASN C 455 35.26 -3.70 -37.01
CA ASN C 455 34.89 -2.27 -36.85
C ASN C 455 36.01 -1.35 -37.38
N GLY C 456 35.62 -0.23 -37.98
CA GLY C 456 36.51 0.70 -38.65
C GLY C 456 35.75 1.95 -39.10
N SER C 457 35.42 2.04 -40.40
CA SER C 457 34.62 3.13 -40.97
C SER C 457 33.71 2.64 -42.11
N PHE C 458 32.46 3.09 -42.10
CA PHE C 458 31.39 2.66 -43.01
C PHE C 458 30.56 3.85 -43.47
N SER C 459 30.45 4.03 -44.78
CA SER C 459 29.62 5.04 -45.43
C SER C 459 28.55 4.35 -46.29
N ILE C 460 27.56 3.79 -45.59
CA ILE C 460 26.25 3.39 -46.14
C ILE C 460 25.56 4.63 -46.70
N GLN C 461 24.97 4.54 -47.90
CA GLN C 461 24.19 5.61 -48.56
C GLN C 461 24.88 6.98 -48.47
N ASP C 462 24.70 7.75 -47.41
CA ASP C 462 25.44 8.96 -47.01
C ASP C 462 25.39 9.19 -45.48
N THR C 463 25.45 8.11 -44.68
CA THR C 463 25.29 8.16 -43.21
C THR C 463 26.47 7.47 -42.52
N PHE C 464 27.55 8.21 -42.23
CA PHE C 464 28.81 7.66 -41.70
C PHE C 464 28.60 6.93 -40.37
N SER C 465 29.31 5.82 -40.17
CA SER C 465 29.36 5.08 -38.92
C SER C 465 30.69 4.34 -38.78
N PHE C 466 31.23 4.22 -37.57
CA PHE C 466 32.42 3.40 -37.30
C PHE C 466 32.10 1.92 -37.03
N VAL C 467 30.87 1.66 -36.61
CA VAL C 467 30.36 0.34 -36.13
C VAL C 467 29.70 -0.34 -37.33
N VAL C 468 29.86 -1.67 -37.45
CA VAL C 468 29.27 -2.47 -38.57
C VAL C 468 27.78 -2.23 -38.56
N PRO C 469 27.16 -1.97 -39.74
CA PRO C 469 25.74 -1.68 -39.83
C PRO C 469 24.84 -2.87 -39.53
N TYR C 470 25.37 -4.10 -39.65
CA TYR C 470 24.64 -5.35 -39.46
C TYR C 470 25.53 -6.48 -38.92
N SER C 471 24.96 -7.37 -38.11
CA SER C 471 25.65 -8.56 -37.52
C SER C 471 24.65 -9.70 -37.31
N THR C 479 22.29 -12.13 -48.52
CA THR C 479 22.98 -12.80 -47.38
C THR C 479 23.25 -14.27 -47.79
N THR C 480 24.53 -14.69 -47.81
CA THR C 480 25.01 -16.06 -48.17
C THR C 480 24.88 -16.99 -46.95
N GLY C 481 25.18 -16.44 -45.77
CA GLY C 481 25.01 -17.00 -44.41
C GLY C 481 25.40 -15.97 -43.36
N PRO C 482 25.72 -16.37 -42.10
CA PRO C 482 26.02 -15.40 -41.06
C PRO C 482 27.50 -14.96 -41.05
N ILE C 483 27.75 -13.74 -40.54
CA ILE C 483 29.06 -13.02 -40.53
C ILE C 483 30.03 -13.75 -39.59
N LYS C 484 31.24 -14.04 -40.07
CA LYS C 484 32.32 -14.71 -39.29
C LYS C 484 33.42 -13.71 -38.95
N THR C 485 33.85 -13.69 -37.69
CA THR C 485 35.05 -12.97 -37.21
C THR C 485 36.13 -14.01 -36.82
N ALA C 486 37.39 -13.64 -37.02
CA ALA C 486 38.58 -14.48 -36.79
C ALA C 486 39.70 -13.62 -36.18
N TYR C 487 40.56 -14.27 -35.38
CA TYR C 487 41.77 -13.71 -34.71
C TYR C 487 42.87 -13.43 -35.73
N PRO C 488 43.38 -12.18 -35.80
CA PRO C 488 44.29 -11.76 -36.86
C PRO C 488 45.71 -12.34 -36.68
N VAL C 489 45.81 -13.65 -36.84
CA VAL C 489 47.07 -14.42 -37.06
C VAL C 489 46.81 -15.32 -38.26
N LYS C 490 47.40 -15.03 -39.42
CA LYS C 490 47.19 -15.74 -40.71
C LYS C 490 47.44 -17.24 -40.53
N LYS C 491 46.55 -18.09 -41.05
CA LYS C 491 46.60 -19.59 -41.01
C LYS C 491 48.02 -20.15 -41.26
N ASP C 492 48.83 -19.56 -42.16
CA ASP C 492 50.19 -20.04 -42.57
C ASP C 492 51.20 -19.98 -41.41
N GLN C 493 51.18 -18.85 -40.70
CA GLN C 493 52.13 -18.54 -39.61
C GLN C 493 51.58 -19.10 -38.28
N LYS C 494 50.42 -19.78 -38.27
CA LYS C 494 49.72 -20.29 -37.05
C LYS C 494 50.65 -21.14 -36.18
N SER C 495 51.56 -21.91 -36.79
CA SER C 495 52.54 -22.81 -36.13
C SER C 495 53.73 -22.00 -35.60
N THR C 496 54.29 -21.10 -36.42
CA THR C 496 55.61 -20.44 -36.21
C THR C 496 55.46 -19.11 -35.44
N VAL C 497 54.25 -18.67 -35.06
CA VAL C 497 54.01 -17.28 -34.56
C VAL C 497 54.21 -17.25 -33.05
N LYS C 498 54.53 -16.07 -32.50
CA LYS C 498 54.81 -15.86 -31.05
C LYS C 498 53.89 -14.77 -30.49
N ILE C 499 52.70 -15.14 -30.00
CA ILE C 499 51.74 -14.14 -29.42
C ILE C 499 51.80 -14.24 -27.91
N ASN C 500 52.35 -13.18 -27.32
CA ASN C 500 52.56 -13.04 -25.85
C ASN C 500 51.57 -11.99 -25.30
N SER C 501 51.38 -11.99 -23.98
CA SER C 501 50.35 -11.16 -23.30
C SER C 501 50.98 -9.82 -22.87
N LEU C 502 50.23 -8.72 -22.99
CA LEU C 502 50.56 -7.44 -22.31
C LEU C 502 49.38 -6.93 -21.46
N ILE C 503 49.67 -5.98 -20.58
CA ILE C 503 48.65 -5.24 -19.76
C ILE C 503 48.87 -3.73 -19.94
N ASN C 504 47.78 -3.02 -20.20
CA ASN C 504 47.71 -1.53 -20.30
C ASN C 504 47.66 -0.86 -18.90
N ALA C 505 47.76 0.46 -18.87
CA ALA C 505 47.86 1.29 -17.64
C ALA C 505 46.47 1.84 -17.31
N THR C 506 45.51 1.43 -18.15
CA THR C 506 44.15 2.01 -18.28
C THR C 506 43.14 0.95 -18.69
N PRO C 507 41.83 1.30 -18.70
CA PRO C 507 40.75 0.42 -19.11
C PRO C 507 40.50 0.22 -20.62
N LEU C 508 41.28 0.86 -21.50
CA LEU C 508 41.25 0.65 -22.99
C LEU C 508 42.11 -0.57 -23.33
N ASN C 509 41.52 -1.49 -24.11
CA ASN C 509 42.21 -2.59 -24.82
C ASN C 509 42.98 -1.96 -25.97
N SER C 510 42.28 -1.12 -26.73
CA SER C 510 42.67 -0.68 -28.08
C SER C 510 43.11 0.79 -28.12
N TYR C 511 44.42 1.05 -28.35
CA TYR C 511 45.07 2.39 -28.39
C TYR C 511 45.18 2.92 -29.84
N GLY C 512 44.68 2.15 -30.81
CA GLY C 512 44.84 2.49 -32.23
C GLY C 512 44.26 3.86 -32.55
N ASP C 513 45.06 4.70 -33.20
CA ASP C 513 44.73 6.12 -33.46
C ASP C 513 43.73 6.24 -34.62
N GLU C 514 42.61 5.51 -34.55
CA GLU C 514 41.45 5.68 -35.48
C GLU C 514 40.23 6.16 -34.68
N GLY C 515 39.29 6.79 -35.39
CA GLY C 515 38.02 7.39 -34.91
C GLY C 515 37.17 6.46 -34.05
N ILE C 516 37.19 5.15 -34.28
CA ILE C 516 36.36 4.18 -33.48
C ILE C 516 36.88 4.16 -32.04
N GLY C 517 38.19 4.21 -31.87
CA GLY C 517 38.86 4.30 -30.55
C GLY C 517 38.32 5.46 -29.71
N VAL C 518 38.23 6.67 -30.27
CA VAL C 518 37.68 7.85 -29.52
C VAL C 518 36.24 7.51 -29.11
N PHE C 519 35.40 7.14 -30.09
CA PHE C 519 33.96 6.87 -29.87
C PHE C 519 33.78 5.75 -28.84
N ASP C 520 34.64 4.72 -28.88
CA ASP C 520 34.59 3.58 -27.92
C ASP C 520 34.84 4.20 -26.54
N ALA C 521 35.86 5.05 -26.39
CA ALA C 521 36.37 5.54 -25.09
C ALA C 521 35.39 6.57 -24.51
N LEU C 522 34.67 7.30 -25.36
CA LEU C 522 33.84 8.45 -24.93
C LEU C 522 32.35 8.10 -24.89
N GLY C 523 31.94 6.91 -25.35
CA GLY C 523 30.54 6.49 -25.24
C GLY C 523 29.68 7.13 -26.32
N LEU C 524 30.21 7.21 -27.54
CA LEU C 524 29.64 8.06 -28.62
C LEU C 524 29.09 7.25 -29.79
N ASN C 525 29.21 5.92 -29.80
CA ASN C 525 28.60 5.03 -30.83
C ASN C 525 27.09 4.90 -30.49
N TYR C 526 26.19 5.21 -31.43
CA TYR C 526 24.73 5.16 -31.22
C TYR C 526 24.06 4.48 -32.43
N ASN C 527 23.01 3.68 -32.18
CA ASN C 527 22.14 3.19 -33.25
C ASN C 527 21.28 4.31 -33.85
N PHE C 528 20.66 4.05 -35.00
CA PHE C 528 19.78 4.99 -35.72
C PHE C 528 18.28 4.58 -35.67
N LYS C 529 17.87 3.76 -34.70
CA LYS C 529 16.46 3.37 -34.50
C LYS C 529 15.68 4.45 -33.75
N SER C 530 14.37 4.22 -33.59
CA SER C 530 13.42 5.05 -32.85
C SER C 530 13.65 5.08 -31.32
N ASN C 531 14.90 4.95 -30.85
CA ASN C 531 15.25 5.20 -29.43
C ASN C 531 16.71 5.67 -29.29
N GLN C 532 17.62 5.31 -30.21
CA GLN C 532 19.04 5.66 -30.14
C GLN C 532 19.72 5.16 -28.85
N GLU C 533 19.52 3.90 -28.47
CA GLU C 533 20.24 3.30 -27.30
C GLU C 533 21.71 3.17 -27.69
N ARG C 534 22.63 3.49 -26.76
CA ARG C 534 24.07 3.64 -27.08
C ARG C 534 24.68 2.25 -27.18
N LEU C 535 25.51 2.05 -28.21
CA LEU C 535 26.13 0.73 -28.52
C LEU C 535 27.38 0.50 -27.67
N PRO C 536 27.33 -0.49 -26.75
CA PRO C 536 28.44 -0.80 -25.85
C PRO C 536 29.62 -1.52 -26.50
N SER C 537 30.84 -1.31 -25.98
CA SER C 537 31.98 -2.26 -26.16
C SER C 537 31.90 -3.28 -25.03
N ARG C 538 32.59 -4.42 -25.16
CA ARG C 538 32.73 -5.41 -24.05
C ARG C 538 34.21 -5.67 -23.76
N THR C 539 35.12 -4.89 -24.39
CA THR C 539 36.59 -4.96 -24.11
C THR C 539 37.19 -3.61 -23.67
N ASP C 540 36.58 -2.47 -24.01
CA ASP C 540 37.17 -1.14 -23.72
C ASP C 540 36.30 -0.47 -22.65
N GLN C 541 36.91 -0.05 -21.55
CA GLN C 541 36.18 0.83 -20.60
C GLN C 541 35.20 -0.07 -19.82
N ILE C 542 35.61 -1.29 -19.49
CA ILE C 542 34.70 -2.27 -18.82
C ILE C 542 34.84 -2.19 -17.30
N PHE C 543 33.79 -1.74 -16.62
CA PHE C 543 33.70 -1.70 -15.14
C PHE C 543 33.17 -3.05 -14.67
N VAL C 544 33.64 -3.44 -13.49
CA VAL C 544 33.52 -4.79 -12.87
C VAL C 544 33.25 -4.55 -11.38
N TYR C 545 32.22 -5.18 -10.82
CA TYR C 545 31.92 -5.16 -9.38
C TYR C 545 31.38 -6.52 -8.97
N GLY C 546 31.40 -6.78 -7.68
CA GLY C 546 30.67 -7.95 -7.15
C GLY C 546 30.54 -7.91 -5.65
N ILE C 547 29.87 -8.93 -5.10
CA ILE C 547 29.83 -9.22 -3.64
C ILE C 547 30.36 -10.65 -3.48
N VAL C 548 31.36 -10.84 -2.63
CA VAL C 548 32.12 -12.11 -2.55
C VAL C 548 31.82 -12.80 -1.20
N SER C 549 31.27 -14.03 -1.23
CA SER C 549 30.84 -14.74 0.01
C SER C 549 32.07 -15.32 0.74
N PRO C 550 31.97 -15.73 2.01
CA PRO C 550 33.13 -16.30 2.72
C PRO C 550 33.65 -17.65 2.15
N ASN C 551 32.76 -18.46 1.58
CA ASN C 551 33.16 -19.68 0.83
C ASN C 551 33.99 -19.30 -0.40
N GLU C 552 33.69 -18.17 -1.02
CA GLU C 552 34.33 -17.72 -2.28
C GLU C 552 35.76 -17.29 -1.97
N LEU C 553 35.92 -16.55 -0.87
CA LEU C 553 37.22 -16.13 -0.30
C LEU C 553 37.97 -17.39 0.13
N ARG C 554 37.24 -18.45 0.46
CA ARG C 554 37.85 -19.73 0.90
C ARG C 554 38.50 -20.38 -0.32
N SER C 555 37.86 -20.39 -1.51
CA SER C 555 38.47 -20.97 -2.74
C SER C 555 39.73 -20.17 -3.07
N ALA C 556 39.62 -18.83 -2.99
CA ALA C 556 40.71 -17.92 -3.40
C ALA C 556 41.95 -18.30 -2.59
N LYS C 557 41.78 -18.50 -1.29
CA LYS C 557 42.89 -18.89 -0.38
C LYS C 557 43.44 -20.24 -0.88
N SER C 558 42.53 -21.12 -1.30
CA SER C 558 42.82 -22.44 -1.90
C SER C 558 43.60 -22.25 -3.21
N SER C 559 43.21 -21.33 -4.09
CA SER C 559 43.95 -21.07 -5.35
C SER C 559 45.38 -20.68 -4.99
N ALA C 560 45.53 -19.77 -4.04
CA ALA C 560 46.81 -19.17 -3.59
C ALA C 560 47.71 -20.20 -2.88
N ASP C 561 47.17 -21.30 -2.34
CA ASP C 561 48.00 -22.28 -1.59
C ASP C 561 48.29 -23.53 -2.46
N SER C 562 47.44 -23.77 -3.47
CA SER C 562 47.58 -24.80 -4.53
C SER C 562 49.03 -25.27 -4.67
N THR C 563 49.27 -26.56 -4.42
CA THR C 563 50.54 -27.23 -4.80
C THR C 563 50.61 -27.24 -6.32
N GLY C 564 51.80 -27.03 -6.87
CA GLY C 564 52.15 -27.46 -8.25
C GLY C 564 51.44 -26.63 -9.32
N SER C 565 50.18 -26.94 -9.64
CA SER C 565 49.42 -26.36 -10.79
C SER C 565 48.50 -25.24 -10.31
N ASP C 566 47.94 -24.46 -11.25
CA ASP C 566 47.00 -23.34 -10.93
C ASP C 566 45.59 -23.91 -10.71
N THR C 567 45.13 -23.85 -9.46
CA THR C 567 43.74 -24.05 -8.96
C THR C 567 42.93 -22.80 -9.34
N LYS C 568 41.63 -22.93 -9.62
CA LYS C 568 40.79 -21.78 -10.06
C LYS C 568 39.65 -21.51 -9.06
N VAL C 569 39.17 -20.26 -9.08
CA VAL C 569 38.08 -19.73 -8.22
C VAL C 569 37.00 -19.16 -9.12
N ASN C 570 35.75 -19.50 -8.84
CA ASN C 570 34.57 -18.85 -9.47
C ASN C 570 34.02 -17.85 -8.48
N TRP C 571 33.93 -16.56 -8.81
CA TRP C 571 33.13 -15.59 -8.03
C TRP C 571 31.83 -15.36 -8.81
N SER C 572 30.71 -15.94 -8.39
CA SER C 572 29.45 -15.97 -9.17
C SER C 572 28.49 -14.84 -8.76
N ASN C 573 28.91 -13.88 -7.91
CA ASN C 573 28.04 -12.75 -7.51
C ASN C 573 28.68 -11.46 -8.03
N THR C 574 29.07 -11.46 -9.31
CA THR C 574 29.79 -10.33 -9.95
C THR C 574 29.01 -9.92 -11.19
N GLN C 575 29.29 -8.73 -11.71
CA GLN C 575 28.79 -8.21 -13.01
C GLN C 575 29.88 -7.33 -13.67
N SER C 576 29.71 -7.01 -14.95
CA SER C 576 30.54 -6.02 -15.68
C SER C 576 29.61 -4.99 -16.30
N ARG C 577 30.15 -3.85 -16.71
CA ARG C 577 29.37 -2.77 -17.38
C ARG C 577 30.34 -1.89 -18.16
N TYR C 578 30.04 -1.68 -19.43
CA TYR C 578 30.57 -0.58 -20.26
C TYR C 578 30.33 0.74 -19.55
N LEU C 579 31.41 1.40 -19.13
CA LEU C 579 31.38 2.69 -18.39
C LEU C 579 32.40 3.63 -19.02
N PRO C 580 32.09 4.27 -20.17
CA PRO C 580 33.00 5.27 -20.75
C PRO C 580 33.15 6.55 -19.92
N VAL C 581 34.21 7.31 -20.21
CA VAL C 581 34.44 8.70 -19.72
C VAL C 581 33.45 9.54 -20.51
N PRO C 582 32.94 10.65 -19.93
CA PRO C 582 31.90 11.44 -20.58
C PRO C 582 32.44 12.20 -21.78
N TYR C 583 31.67 12.26 -22.86
CA TYR C 583 32.10 12.97 -24.08
C TYR C 583 32.22 14.49 -23.86
N ASN C 584 31.43 15.08 -22.96
CA ASN C 584 31.53 16.50 -22.63
C ASN C 584 32.78 16.86 -21.79
N TYR C 585 33.64 15.88 -21.46
CA TYR C 585 35.00 16.17 -20.90
C TYR C 585 36.01 16.34 -22.06
N SER C 586 35.53 16.45 -23.31
CA SER C 586 36.29 16.78 -24.52
C SER C 586 35.57 17.86 -25.35
N GLU C 587 36.28 18.40 -26.34
CA GLU C 587 35.79 19.44 -27.25
C GLU C 587 35.90 19.01 -28.72
N GLY C 588 35.11 19.66 -29.59
CA GLY C 588 35.42 19.78 -31.03
C GLY C 588 35.48 18.48 -31.83
N ILE C 589 34.73 17.47 -31.42
CA ILE C 589 34.66 16.13 -32.08
C ILE C 589 33.84 16.28 -33.38
N ILE C 590 34.33 15.74 -34.50
CA ILE C 590 33.73 15.90 -35.85
C ILE C 590 32.61 14.87 -36.11
N ASP C 591 31.57 15.33 -36.80
CA ASP C 591 30.39 14.57 -37.27
C ASP C 591 29.51 15.51 -38.15
N ALA C 592 28.37 15.03 -38.65
CA ALA C 592 27.42 15.79 -39.47
C ALA C 592 28.06 16.54 -40.64
N SER C 604 39.49 13.69 -42.28
CA SER C 604 39.88 14.24 -40.99
C SER C 604 38.85 13.94 -39.90
N VAL C 605 38.61 12.65 -39.64
CA VAL C 605 37.90 12.20 -38.45
C VAL C 605 38.78 12.38 -37.19
N THR C 606 38.24 12.80 -36.04
CA THR C 606 39.09 13.06 -34.86
C THR C 606 39.49 11.74 -34.18
N THR C 607 40.78 11.60 -33.89
CA THR C 607 41.39 10.41 -33.27
C THR C 607 42.10 10.80 -31.97
N PHE C 608 42.78 9.88 -31.29
CA PHE C 608 43.33 10.08 -29.92
C PHE C 608 44.43 11.15 -30.01
N SER C 609 45.27 11.12 -31.04
CA SER C 609 46.44 12.03 -31.22
C SER C 609 45.98 13.49 -31.41
N GLY C 610 44.68 13.71 -31.69
CA GLY C 610 44.11 15.04 -31.97
C GLY C 610 42.90 15.37 -31.10
N LEU C 611 42.36 14.40 -30.36
CA LEU C 611 41.23 14.67 -29.44
C LEU C 611 41.66 15.72 -28.43
N LYS C 612 40.80 16.71 -28.21
CA LYS C 612 40.95 17.90 -27.36
C LYS C 612 40.34 17.62 -25.98
N SER C 613 41.14 17.65 -24.92
CA SER C 613 40.63 17.54 -23.54
C SER C 613 40.22 18.89 -22.96
N ILE C 614 39.08 18.93 -22.29
CA ILE C 614 38.68 20.03 -21.39
C ILE C 614 38.43 19.49 -19.98
N ALA C 615 39.11 18.40 -19.64
CA ALA C 615 38.81 17.58 -18.47
C ALA C 615 38.96 18.40 -17.18
N PRO C 616 37.86 18.60 -16.43
CA PRO C 616 37.86 19.39 -15.21
C PRO C 616 38.36 18.62 -13.98
N ASP C 617 38.55 17.29 -14.06
CA ASP C 617 38.63 16.48 -12.82
C ASP C 617 40.09 16.11 -12.51
N GLY C 618 41.05 16.93 -12.93
CA GLY C 618 42.45 16.86 -12.45
C GLY C 618 43.31 15.99 -13.35
N PHE C 619 42.72 15.44 -14.41
CA PHE C 619 43.43 14.66 -15.44
C PHE C 619 43.61 15.45 -16.73
N ALA C 620 44.82 15.44 -17.30
CA ALA C 620 45.07 15.97 -18.65
C ALA C 620 44.16 15.22 -19.64
N ASN C 621 44.26 13.89 -19.65
CA ASN C 621 43.59 12.98 -20.61
C ASN C 621 42.07 13.05 -20.39
N SER C 622 41.27 12.83 -21.44
CA SER C 622 39.77 12.77 -21.40
C SER C 622 39.25 11.51 -22.09
N ILE C 623 39.98 10.39 -21.97
CA ILE C 623 39.70 9.07 -22.63
C ILE C 623 39.81 7.86 -21.68
N ALA C 624 40.58 7.89 -20.61
CA ALA C 624 40.78 6.72 -19.72
C ALA C 624 39.96 6.89 -18.44
N ASN C 625 39.00 6.02 -18.18
CA ASN C 625 38.13 6.17 -16.99
C ASN C 625 38.98 5.81 -15.78
N PHE C 626 38.51 6.24 -14.62
CA PHE C 626 39.16 6.08 -13.31
C PHE C 626 38.04 5.89 -12.29
N SER C 627 38.36 5.34 -11.17
CA SER C 627 37.36 5.12 -10.10
C SER C 627 38.12 5.08 -8.78
N VAL C 628 37.47 5.46 -7.68
CA VAL C 628 38.17 5.57 -6.38
C VAL C 628 37.14 5.50 -5.25
N GLY C 629 37.58 5.04 -4.08
CA GLY C 629 36.82 5.04 -2.80
C GLY C 629 35.50 4.29 -2.86
N LEU C 630 35.54 3.01 -3.19
CA LEU C 630 34.35 2.17 -3.02
C LEU C 630 34.12 2.11 -1.50
N LYS C 631 32.87 2.22 -1.08
CA LYS C 631 32.44 2.15 0.33
C LYS C 631 31.02 1.64 0.38
N ALA C 632 30.73 0.73 1.31
CA ALA C 632 29.40 0.15 1.54
C ALA C 632 28.75 0.81 2.75
N GLY C 633 27.44 0.59 2.89
CA GLY C 633 26.71 1.08 4.05
C GLY C 633 25.31 0.52 4.15
N ILE C 634 24.89 0.22 5.39
CA ILE C 634 23.52 -0.25 5.75
C ILE C 634 22.57 0.96 5.72
N ASP C 635 21.50 0.87 4.95
CA ASP C 635 20.40 1.87 4.97
C ASP C 635 19.91 1.90 6.42
N PRO C 636 19.76 3.06 7.08
CA PRO C 636 19.05 3.12 8.34
C PRO C 636 17.52 3.08 8.21
N ASN C 637 17.01 3.13 6.97
CA ASN C 637 15.55 3.30 6.75
C ASN C 637 14.93 1.94 6.97
N PRO C 638 13.99 1.81 7.91
CA PRO C 638 13.36 0.53 8.20
C PRO C 638 12.90 -0.17 6.93
N VAL C 639 13.00 -1.49 6.94
CA VAL C 639 12.47 -2.41 5.89
C VAL C 639 11.31 -3.17 6.53
N MET C 640 10.35 -3.69 5.76
CA MET C 640 9.18 -4.46 6.31
C MET C 640 9.68 -5.66 7.15
N SER C 641 9.09 -5.89 8.33
CA SER C 641 9.49 -6.96 9.30
C SER C 641 9.54 -8.33 8.60
N GLY C 642 10.49 -9.18 9.00
CA GLY C 642 10.74 -10.49 8.36
C GLY C 642 11.54 -10.38 7.07
N LYS C 643 11.98 -9.16 6.72
CA LYS C 643 13.00 -8.87 5.68
C LYS C 643 14.24 -8.31 6.36
N LYS C 644 15.44 -8.51 5.82
CA LYS C 644 16.68 -8.07 6.50
C LYS C 644 17.05 -6.68 5.97
N ALA C 645 17.71 -5.90 6.83
CA ALA C 645 18.24 -4.54 6.56
C ALA C 645 18.90 -4.48 5.18
N ASN C 646 18.65 -3.39 4.44
CA ASN C 646 19.21 -3.08 3.10
C ASN C 646 20.64 -2.57 3.23
N TYR C 647 21.47 -2.81 2.22
CA TYR C 647 22.81 -2.22 2.17
C TYR C 647 23.15 -1.97 0.71
N GLY C 648 23.90 -0.89 0.48
CA GLY C 648 24.51 -0.67 -0.83
C GLY C 648 25.98 -0.36 -0.72
N ALA C 649 26.57 -0.03 -1.85
CA ALA C 649 27.86 0.67 -1.91
C ALA C 649 27.80 1.74 -3.00
N VAL C 650 28.79 2.64 -2.95
CA VAL C 650 29.00 3.68 -3.98
C VAL C 650 30.52 3.78 -4.22
N VAL C 651 30.83 4.35 -5.37
CA VAL C 651 32.23 4.51 -5.86
C VAL C 651 32.21 5.67 -6.85
N LEU C 652 33.25 6.48 -6.84
CA LEU C 652 33.36 7.63 -7.77
C LEU C 652 34.11 7.16 -9.02
N THR C 653 33.60 7.53 -10.18
CA THR C 653 34.24 7.39 -11.50
C THR C 653 34.19 8.75 -12.19
N ARG C 654 34.98 8.92 -13.25
CA ARG C 654 35.10 10.22 -13.93
C ARG C 654 33.71 10.61 -14.43
N GLY C 655 33.11 11.67 -13.89
CA GLY C 655 31.86 12.26 -14.42
C GLY C 655 30.61 11.81 -13.69
N GLY C 656 30.74 10.97 -12.65
CA GLY C 656 29.56 10.42 -11.95
C GLY C 656 29.86 9.51 -10.78
N VAL C 657 28.87 9.34 -9.91
CA VAL C 657 28.84 8.33 -8.81
C VAL C 657 28.16 7.04 -9.32
N VAL C 658 28.69 5.88 -8.96
CA VAL C 658 27.95 4.61 -9.23
C VAL C 658 27.46 4.03 -7.90
N ARG C 659 26.21 3.60 -7.97
CA ARG C 659 25.46 2.83 -6.95
C ARG C 659 25.59 1.34 -7.34
N LEU C 660 26.16 0.51 -6.45
CA LEU C 660 25.97 -0.95 -6.44
C LEU C 660 24.80 -1.27 -5.49
N ASN C 661 23.86 -2.09 -5.94
CA ASN C 661 22.68 -2.54 -5.17
C ASN C 661 22.72 -4.06 -4.90
N PHE C 662 22.30 -4.44 -3.70
CA PHE C 662 22.35 -5.83 -3.19
C PHE C 662 20.94 -6.23 -2.74
N ASN C 663 20.71 -7.54 -2.66
CA ASN C 663 19.53 -8.17 -2.01
C ASN C 663 20.01 -8.75 -0.70
N PRO C 664 19.63 -8.16 0.46
CA PRO C 664 20.20 -8.61 1.72
C PRO C 664 19.73 -10.06 1.97
N GLY C 665 18.62 -10.46 1.36
CA GLY C 665 18.00 -11.78 1.60
C GLY C 665 19.02 -12.92 1.53
N ASN C 666 19.73 -13.04 0.40
CA ASN C 666 20.67 -14.15 0.06
C ASN C 666 22.04 -13.55 -0.31
N ASP C 667 22.27 -12.28 0.05
CA ASP C 667 23.51 -11.50 -0.22
C ASP C 667 23.92 -11.67 -1.68
N SER C 668 22.99 -11.32 -2.60
CA SER C 668 23.15 -11.34 -4.08
C SER C 668 23.09 -9.91 -4.65
N LEU C 669 23.66 -9.68 -5.84
CA LEU C 669 23.29 -8.53 -6.69
C LEU C 669 21.78 -8.54 -6.90
N LEU C 670 21.16 -7.37 -6.75
CA LEU C 670 19.77 -7.09 -7.20
C LEU C 670 19.70 -7.47 -8.69
N SER C 671 18.79 -8.37 -9.02
CA SER C 671 18.34 -8.60 -10.41
C SER C 671 16.83 -8.34 -10.47
N THR C 672 16.29 -8.32 -11.69
CA THR C 672 14.85 -8.31 -12.02
C THR C 672 14.62 -9.31 -13.14
N THR C 673 13.37 -9.67 -13.44
CA THR C 673 13.05 -10.83 -14.32
C THR C 673 13.45 -10.52 -15.77
N ASP C 674 13.14 -9.31 -16.26
CA ASP C 674 13.35 -8.90 -17.68
C ASP C 674 14.85 -8.81 -17.94
N ASN C 675 15.31 -9.23 -19.10
CA ASN C 675 16.72 -9.10 -19.55
C ASN C 675 16.84 -7.87 -20.47
N ASN C 676 15.70 -7.29 -20.87
CA ASN C 676 15.58 -6.00 -21.62
C ASN C 676 16.18 -4.86 -20.76
N ILE C 677 15.58 -4.52 -19.62
CA ILE C 677 16.21 -3.62 -18.60
C ILE C 677 17.56 -4.23 -18.22
N ALA C 678 18.52 -3.39 -17.86
CA ALA C 678 19.96 -3.74 -17.72
C ALA C 678 20.24 -4.08 -16.26
N PRO C 679 21.30 -4.87 -15.97
CA PRO C 679 21.50 -5.44 -14.65
C PRO C 679 21.34 -4.33 -13.61
N ILE C 680 20.36 -4.52 -12.74
CA ILE C 680 19.73 -3.53 -11.83
C ILE C 680 20.60 -3.45 -10.57
N SER C 681 21.76 -4.11 -10.61
CA SER C 681 22.79 -4.05 -9.54
C SER C 681 23.59 -2.74 -9.66
N PHE C 682 23.51 -2.03 -10.79
CA PHE C 682 24.33 -0.84 -11.16
C PHE C 682 23.42 0.29 -11.65
N SER C 683 23.79 1.50 -11.23
CA SER C 683 23.17 2.82 -11.54
C SER C 683 24.29 3.86 -11.56
N PHE C 684 24.27 4.76 -12.54
CA PHE C 684 25.26 5.84 -12.78
C PHE C 684 24.51 7.16 -12.74
N THR C 685 24.90 8.07 -11.84
CA THR C 685 24.30 9.43 -11.71
C THR C 685 25.41 10.42 -12.06
N PRO C 686 25.27 11.20 -13.15
CA PRO C 686 26.33 12.08 -13.58
C PRO C 686 26.49 13.27 -12.63
N PHE C 687 27.75 13.61 -12.33
CA PHE C 687 28.20 14.86 -11.68
C PHE C 687 27.69 16.11 -12.39
N THR C 688 27.40 17.17 -11.63
CA THR C 688 27.28 18.53 -12.17
C THR C 688 28.65 19.19 -12.29
N ALA C 689 28.73 20.41 -12.83
CA ALA C 689 29.97 21.21 -12.88
C ALA C 689 30.75 21.21 -11.54
N ALA C 690 30.05 21.40 -10.42
CA ALA C 690 30.68 21.47 -9.10
C ALA C 690 31.39 20.17 -8.69
N GLU C 691 30.85 18.99 -9.00
CA GLU C 691 31.48 17.72 -8.57
C GLU C 691 32.55 17.39 -9.60
N SER C 692 32.29 17.69 -10.87
CA SER C 692 33.27 17.50 -11.98
C SER C 692 34.56 18.29 -11.72
N ALA C 693 34.47 19.47 -11.08
CA ALA C 693 35.60 20.33 -10.81
C ALA C 693 36.57 19.75 -9.76
N VAL C 694 36.11 18.84 -8.90
CA VAL C 694 36.97 18.20 -7.86
C VAL C 694 38.03 17.34 -8.54
N ASP C 695 39.26 17.44 -8.06
CA ASP C 695 40.41 16.67 -8.57
C ASP C 695 40.37 15.30 -7.90
N LEU C 696 39.96 14.27 -8.63
CA LEU C 696 39.74 12.88 -8.17
C LEU C 696 41.06 12.26 -7.78
N THR C 697 42.20 12.78 -8.24
CA THR C 697 43.52 12.19 -7.89
C THR C 697 43.93 12.62 -6.48
N THR C 698 43.17 13.52 -5.85
CA THR C 698 43.39 14.03 -4.46
C THR C 698 42.50 13.30 -3.45
N PHE C 699 41.72 12.29 -3.85
CA PHE C 699 40.88 11.51 -2.91
C PHE C 699 41.71 11.13 -1.67
N LYS C 700 41.24 11.39 -0.45
CA LYS C 700 42.03 11.01 0.76
C LYS C 700 41.41 9.84 1.48
N GLU C 701 40.09 9.73 1.48
CA GLU C 701 39.35 8.89 2.46
C GLU C 701 37.85 9.06 2.21
N VAL C 702 37.08 8.02 2.52
CA VAL C 702 35.60 8.04 2.42
C VAL C 702 35.06 7.38 3.67
N THR C 703 34.13 8.04 4.35
CA THR C 703 33.44 7.51 5.55
C THR C 703 31.97 7.33 5.19
N TYR C 704 31.34 6.40 5.89
CA TYR C 704 29.88 6.25 5.82
C TYR C 704 29.39 6.42 7.24
N ASN C 705 28.25 7.07 7.41
CA ASN C 705 27.62 7.26 8.73
C ASN C 705 26.26 6.55 8.71
N GLN C 706 26.03 5.62 9.64
CA GLN C 706 24.83 4.75 9.56
C GLN C 706 23.57 5.55 9.97
N GLU C 707 23.71 6.58 10.80
CA GLU C 707 22.51 7.35 11.24
C GLU C 707 21.98 8.16 10.04
N SER C 708 22.86 8.90 9.35
CA SER C 708 22.46 9.78 8.22
C SER C 708 22.20 8.95 6.97
N GLY C 709 22.80 7.77 6.84
CA GLY C 709 22.69 6.97 5.60
C GLY C 709 23.38 7.65 4.41
N LEU C 710 24.50 8.34 4.72
CA LEU C 710 25.25 9.30 3.88
C LEU C 710 26.74 8.94 3.86
N TRP C 711 27.39 9.00 2.70
CA TRP C 711 28.85 8.79 2.45
C TRP C 711 29.56 10.16 2.32
N SER C 712 30.71 10.32 2.96
CA SER C 712 31.50 11.58 2.87
C SER C 712 32.79 11.27 2.13
N TYR C 713 33.05 11.95 1.02
CA TYR C 713 34.29 11.72 0.24
C TYR C 713 35.14 12.96 0.49
N ILE C 714 36.32 12.75 1.08
CA ILE C 714 37.29 13.82 1.46
C ILE C 714 38.40 13.86 0.40
N PHE C 715 38.58 15.01 -0.24
CA PHE C 715 39.71 15.33 -1.15
C PHE C 715 40.64 16.34 -0.45
N ASP C 716 41.92 16.01 -0.39
CA ASP C 716 43.00 16.83 0.22
C ASP C 716 44.00 17.22 -0.88
N SER C 717 44.12 18.51 -1.22
CA SER C 717 44.95 19.00 -2.34
C SER C 717 46.44 18.97 -1.98
N SER C 718 46.77 18.65 -0.73
CA SER C 718 48.19 18.43 -0.33
C SER C 718 48.73 17.16 -1.00
N LEU C 719 47.85 16.33 -1.53
CA LEU C 719 48.27 15.09 -2.21
C LEU C 719 48.76 15.39 -3.64
N LYS C 720 48.52 16.58 -4.21
CA LYS C 720 48.94 16.90 -5.60
C LYS C 720 50.45 16.74 -5.64
N PRO C 721 51.08 16.35 -6.77
CA PRO C 721 52.54 16.28 -6.86
C PRO C 721 53.19 17.68 -6.74
N SER C 722 54.50 17.72 -6.48
CA SER C 722 55.24 19.00 -6.31
C SER C 722 55.34 19.72 -7.65
N HIS C 723 55.56 18.95 -8.72
CA HIS C 723 55.86 19.44 -10.10
C HIS C 723 55.03 18.70 -11.17
N ASP C 724 54.36 19.47 -12.04
CA ASP C 724 53.98 19.28 -13.46
C ASP C 724 54.84 18.28 -14.23
N GLY C 725 54.33 17.89 -15.40
CA GLY C 725 55.09 17.20 -16.45
C GLY C 725 56.07 18.12 -17.16
N LYS C 726 55.91 19.43 -17.05
CA LYS C 726 56.91 20.42 -17.54
C LYS C 726 57.79 20.91 -16.40
N GLN C 727 57.71 20.30 -15.22
CA GLN C 727 58.63 20.51 -14.06
C GLN C 727 58.39 21.90 -13.47
N THR C 728 57.20 22.46 -13.68
CA THR C 728 56.71 23.75 -13.10
C THR C 728 56.15 23.47 -11.70
N PRO C 729 56.71 24.09 -10.63
CA PRO C 729 56.11 24.01 -9.30
C PRO C 729 54.57 24.04 -9.37
N VAL C 730 53.88 23.16 -8.63
CA VAL C 730 52.40 23.09 -8.63
C VAL C 730 51.97 23.94 -7.45
N THR C 731 51.12 24.95 -7.63
CA THR C 731 50.82 25.92 -6.52
C THR C 731 49.36 25.91 -6.05
N ASP C 732 48.48 25.06 -6.60
CA ASP C 732 47.07 24.93 -6.11
C ASP C 732 46.97 23.70 -5.18
N ASN C 733 47.98 23.52 -4.31
CA ASN C 733 48.16 22.31 -3.48
C ASN C 733 47.71 22.59 -2.05
N MET C 734 46.83 23.57 -1.89
CA MET C 734 46.35 24.04 -0.58
C MET C 734 44.84 23.81 -0.53
N GLY C 735 44.33 23.13 0.47
CA GLY C 735 42.87 23.11 0.63
C GLY C 735 42.36 21.71 0.56
N PHE C 736 41.08 21.57 0.25
CA PHE C 736 40.38 20.28 0.35
C PHE C 736 38.94 20.52 -0.04
N SER C 737 38.18 19.44 -0.12
CA SER C 737 36.79 19.43 -0.65
C SER C 737 36.12 18.16 -0.13
N VAL C 738 34.82 18.23 0.13
CA VAL C 738 33.97 17.11 0.58
C VAL C 738 32.84 16.91 -0.41
N ILE C 739 32.65 15.68 -0.87
CA ILE C 739 31.50 15.26 -1.70
C ILE C 739 30.71 14.31 -0.81
N THR C 740 29.42 14.60 -0.70
CA THR C 740 28.41 13.88 0.09
C THR C 740 27.56 13.08 -0.89
N VAL C 741 27.50 11.76 -0.71
CA VAL C 741 26.67 10.86 -1.57
C VAL C 741 25.50 10.40 -0.71
N SER C 742 24.31 10.43 -1.29
CA SER C 742 23.04 9.94 -0.71
C SER C 742 22.42 8.95 -1.71
N ARG C 743 21.47 8.12 -1.24
CA ARG C 743 20.67 7.19 -2.09
C ARG C 743 19.49 7.94 -2.68
N THR C 744 19.05 7.52 -3.87
CA THR C 744 17.86 8.02 -4.61
C THR C 744 17.13 6.82 -5.20
N GLY C 745 15.80 6.85 -5.14
CA GLY C 745 14.90 5.91 -5.84
C GLY C 745 14.05 5.17 -4.83
N ILE C 746 13.32 4.16 -5.30
CA ILE C 746 12.54 3.22 -4.47
C ILE C 746 13.43 2.01 -4.14
N GLU C 747 13.78 1.89 -2.86
CA GLU C 747 14.64 0.85 -2.27
C GLU C 747 13.83 -0.44 -2.03
N LEU C 748 14.52 -1.59 -1.98
CA LEU C 748 13.95 -2.95 -1.82
C LEU C 748 13.32 -3.09 -0.41
N ASN C 749 12.04 -3.47 -0.37
CA ASN C 749 11.33 -4.14 0.77
C ASN C 749 10.69 -3.08 1.66
N GLN C 750 10.10 -2.05 1.05
CA GLN C 750 9.39 -0.96 1.77
C GLN C 750 8.02 -1.50 2.20
N ASP C 751 7.34 -2.16 1.26
CA ASP C 751 5.98 -2.73 1.40
C ASP C 751 5.81 -3.80 0.31
N GLN C 752 4.70 -4.54 0.30
CA GLN C 752 4.56 -5.73 -0.57
C GLN C 752 5.10 -5.42 -1.98
N ALA C 753 5.01 -4.17 -2.45
CA ALA C 753 5.32 -3.81 -3.85
C ALA C 753 6.82 -3.88 -4.15
N THR C 754 7.66 -3.67 -3.14
CA THR C 754 9.11 -3.39 -3.26
C THR C 754 9.93 -4.62 -2.88
N THR C 755 9.32 -5.82 -2.86
CA THR C 755 9.98 -7.17 -2.87
C THR C 755 10.49 -7.45 -4.29
N THR C 756 9.64 -7.18 -5.29
CA THR C 756 9.92 -7.02 -6.74
C THR C 756 10.38 -5.57 -7.04
N LEU C 757 11.45 -5.40 -7.83
CA LEU C 757 11.92 -4.08 -8.35
C LEU C 757 12.37 -4.27 -9.81
N ASP C 758 11.90 -3.41 -10.72
CA ASP C 758 12.35 -3.40 -12.14
C ASP C 758 13.04 -2.06 -12.46
N VAL C 759 13.34 -1.24 -11.44
CA VAL C 759 14.15 0.02 -11.56
C VAL C 759 15.25 0.04 -10.50
N ALA C 760 16.51 0.05 -10.94
CA ALA C 760 17.73 0.06 -10.09
C ALA C 760 17.77 1.30 -9.19
N PRO C 761 17.85 1.15 -7.86
CA PRO C 761 18.19 2.26 -6.98
C PRO C 761 19.52 2.88 -7.42
N SER C 762 19.72 4.18 -7.19
CA SER C 762 20.95 4.95 -7.58
C SER C 762 21.39 5.83 -6.42
N ALA C 763 22.43 6.65 -6.66
CA ALA C 763 22.98 7.60 -5.68
C ALA C 763 23.11 8.97 -6.36
N LEU C 764 23.48 9.96 -5.56
CA LEU C 764 23.65 11.39 -5.97
C LEU C 764 24.82 11.96 -5.20
N ALA C 765 25.85 12.40 -5.93
CA ALA C 765 27.02 13.08 -5.37
C ALA C 765 26.78 14.60 -5.45
N VAL C 766 26.97 15.26 -4.33
CA VAL C 766 26.77 16.73 -4.24
C VAL C 766 28.06 17.25 -3.65
N GLN C 767 28.73 18.17 -4.33
CA GLN C 767 29.72 19.04 -3.63
C GLN C 767 28.95 19.91 -2.64
N SER C 768 29.19 19.65 -1.36
CA SER C 768 28.37 19.99 -0.17
C SER C 768 28.49 21.48 0.22
N GLY C 769 29.56 22.19 -0.19
CA GLY C 769 29.95 23.51 0.34
C GLY C 769 31.17 23.49 1.26
N ILE C 770 31.47 22.38 1.92
CA ILE C 770 32.71 22.22 2.74
C ILE C 770 33.90 22.10 1.78
N GLN C 771 34.62 23.20 1.57
CA GLN C 771 35.83 23.23 0.71
C GLN C 771 36.71 24.44 1.10
N SER C 772 37.89 24.46 0.52
CA SER C 772 38.94 25.46 0.82
C SER C 772 40.07 25.30 -0.19
N THR C 773 40.51 26.45 -0.69
CA THR C 773 41.76 26.62 -1.44
C THR C 773 42.85 27.27 -0.56
N THR C 774 42.58 27.47 0.75
CA THR C 774 43.55 28.17 1.65
C THR C 774 44.06 27.26 2.77
N GLN C 775 43.23 26.45 3.42
CA GLN C 775 43.62 25.82 4.71
C GLN C 775 44.27 24.46 4.40
N THR C 776 45.11 23.95 5.30
CA THR C 776 45.64 22.57 5.25
C THR C 776 44.75 21.69 6.11
N LEU C 777 44.18 20.64 5.55
CA LEU C 777 43.24 19.75 6.29
C LEU C 777 44.01 18.83 7.23
N THR C 778 43.44 18.60 8.39
CA THR C 778 43.75 17.58 9.39
C THR C 778 42.62 16.54 9.28
N GLY C 779 41.37 16.98 9.42
CA GLY C 779 40.23 16.04 9.42
C GLY C 779 38.88 16.74 9.29
N VAL C 780 37.90 16.00 8.79
CA VAL C 780 36.47 16.39 8.71
C VAL C 780 35.66 15.42 9.58
N LEU C 781 34.96 15.90 10.60
CA LEU C 781 34.11 15.05 11.45
C LEU C 781 32.65 15.30 11.09
N PRO C 782 32.01 14.35 10.40
CA PRO C 782 30.59 14.42 10.09
C PRO C 782 29.74 14.11 11.33
N LEU C 783 29.61 15.10 12.21
CA LEU C 783 28.87 15.05 13.49
C LEU C 783 27.43 14.62 13.23
N SER C 784 26.84 15.14 12.17
CA SER C 784 25.42 14.85 11.90
C SER C 784 25.09 15.31 10.49
N GLU C 785 23.91 14.95 10.03
CA GLU C 785 23.38 15.46 8.75
C GLU C 785 23.43 17.00 8.76
N GLU C 786 23.11 17.64 9.90
CA GLU C 786 22.97 19.10 9.98
C GLU C 786 24.36 19.74 10.16
N PHE C 787 25.42 19.00 10.56
CA PHE C 787 26.69 19.66 10.93
C PHE C 787 27.91 18.79 10.70
N SER C 788 28.96 19.41 10.17
CA SER C 788 30.34 18.87 10.07
C SER C 788 31.32 19.83 10.77
N ALA C 789 32.30 19.28 11.46
CA ALA C 789 33.46 19.99 12.04
C ALA C 789 34.66 19.76 11.14
N VAL C 790 35.30 20.81 10.74
CA VAL C 790 36.56 20.73 9.96
C VAL C 790 37.69 21.10 10.90
N ILE C 791 38.74 20.31 10.97
CA ILE C 791 39.98 20.71 11.69
C ILE C 791 41.04 21.00 10.63
N ALA C 792 41.65 22.16 10.67
CA ALA C 792 42.64 22.64 9.69
C ALA C 792 43.67 23.52 10.38
N LYS C 793 44.78 23.76 9.73
CA LYS C 793 45.79 24.77 10.15
C LYS C 793 45.68 25.89 9.13
N ASP C 794 45.64 27.15 9.57
CA ASP C 794 45.76 28.29 8.61
C ASP C 794 47.24 28.41 8.29
N SER C 795 48.04 28.75 9.29
CA SER C 795 49.53 28.67 9.29
C SER C 795 49.95 27.27 9.77
N ASP C 796 50.01 27.03 11.10
CA ASP C 796 50.67 25.85 11.73
C ASP C 796 49.95 25.32 12.97
N GLN C 797 49.06 26.11 13.62
CA GLN C 797 48.17 25.59 14.72
C GLN C 797 46.85 25.11 14.10
N ASN C 798 46.18 24.14 14.75
CA ASN C 798 44.86 23.59 14.35
C ASN C 798 43.73 24.56 14.74
N LYS C 799 42.74 24.72 13.85
CA LYS C 799 41.53 25.57 14.00
C LYS C 799 40.30 24.71 13.71
N ILE C 800 39.19 24.96 14.38
CA ILE C 800 37.90 24.23 14.26
C ILE C 800 36.88 25.14 13.59
N ASP C 801 36.45 24.78 12.40
CA ASP C 801 35.30 25.42 11.75
C ASP C 801 34.12 24.46 11.86
N ILE C 802 32.94 25.01 12.04
CA ILE C 802 31.67 24.25 11.97
C ILE C 802 30.95 24.71 10.72
N TYR C 803 30.57 23.75 9.89
CA TYR C 803 29.76 23.96 8.69
C TYR C 803 28.36 23.48 9.02
N LYS C 804 27.36 24.29 8.70
CA LYS C 804 25.95 23.99 8.98
C LYS C 804 25.25 23.75 7.65
N ASN C 805 24.54 22.64 7.54
CA ASN C 805 23.72 22.32 6.34
C ASN C 805 22.51 23.26 6.29
N ASN C 806 22.38 24.02 5.20
CA ASN C 806 21.24 24.90 4.91
C ASN C 806 20.51 24.41 3.66
N ASN C 807 19.46 23.61 3.85
CA ASN C 807 18.66 23.08 2.74
C ASN C 807 19.51 22.36 1.67
N GLY C 808 20.46 21.51 2.10
CA GLY C 808 21.34 20.72 1.23
C GLY C 808 22.72 21.34 0.98
N LEU C 809 22.93 22.64 1.26
CA LEU C 809 24.21 23.34 1.07
C LEU C 809 24.83 23.73 2.43
N PHE C 810 26.00 23.18 2.73
CA PHE C 810 26.80 23.49 3.95
C PHE C 810 27.46 24.84 3.77
N GLU C 811 27.42 25.66 4.80
CA GLU C 811 28.04 26.98 4.91
C GLU C 811 28.72 27.07 6.27
N ILE C 812 29.83 27.79 6.38
CA ILE C 812 30.50 27.99 7.69
C ILE C 812 29.54 28.75 8.61
N ASP C 813 29.49 28.40 9.89
CA ASP C 813 28.82 29.20 10.93
C ASP C 813 29.92 29.76 11.87
N THR C 814 30.22 31.04 11.73
CA THR C 814 31.37 31.63 12.37
C THR C 814 31.08 31.77 13.86
N GLN C 815 29.89 32.18 14.26
CA GLN C 815 29.55 32.22 15.70
C GLN C 815 29.61 30.82 16.33
N LEU C 816 29.05 29.78 15.73
CA LEU C 816 29.10 28.43 16.29
C LEU C 816 30.55 27.91 16.27
N SER C 817 31.35 28.28 15.26
CA SER C 817 32.78 27.91 15.15
C SER C 817 33.51 28.49 16.36
N ASN C 818 33.29 29.75 16.64
CA ASN C 818 33.94 30.43 17.77
C ASN C 818 33.42 29.81 19.07
N SER C 819 32.14 29.50 19.13
CA SER C 819 31.54 28.89 20.34
C SER C 819 32.20 27.54 20.58
N VAL C 820 32.35 26.71 19.54
CA VAL C 820 32.89 25.34 19.72
C VAL C 820 34.40 25.40 19.98
N ALA C 821 35.09 26.33 19.37
CA ALA C 821 36.54 26.41 19.44
C ALA C 821 36.97 26.98 20.77
N THR C 822 36.05 27.61 21.49
CA THR C 822 36.36 28.19 22.81
C THR C 822 36.17 27.08 23.84
N ASN C 823 37.18 26.20 23.93
CA ASN C 823 37.13 25.09 24.88
C ASN C 823 38.05 25.37 26.08
N ASN C 824 38.92 26.39 25.97
CA ASN C 824 39.87 26.81 27.04
C ASN C 824 40.86 25.68 27.38
N GLY C 825 41.26 24.87 26.40
CA GLY C 825 42.16 23.70 26.61
C GLY C 825 41.47 22.39 27.05
N GLY C 826 40.21 22.45 27.53
CA GLY C 826 39.37 21.27 27.82
C GLY C 826 39.01 20.54 26.53
N LEU C 827 38.33 19.41 26.66
CA LEU C 827 37.93 18.56 25.53
C LEU C 827 36.67 19.12 24.89
N ALA C 828 35.93 20.02 25.52
CA ALA C 828 34.61 20.44 25.02
C ALA C 828 34.34 21.94 25.19
N PRO C 829 33.40 22.52 24.43
CA PRO C 829 33.18 23.97 24.49
C PRO C 829 32.75 24.46 25.87
N SER C 830 33.27 25.60 26.25
CA SER C 830 32.94 26.27 27.51
C SER C 830 31.42 26.45 27.68
N TYR C 831 30.97 26.46 28.91
CA TYR C 831 29.61 26.90 29.27
C TYR C 831 29.69 28.31 29.88
N THR C 832 28.93 29.26 29.39
CA THR C 832 28.77 30.60 30.02
C THR C 832 27.32 30.84 30.32
N GLU C 833 26.98 31.25 31.54
CA GLU C 833 25.60 31.43 31.98
C GLU C 833 24.81 32.51 31.22
N ASN C 834 25.46 33.51 30.61
CA ASN C 834 24.76 34.74 30.13
C ASN C 834 24.87 34.76 28.61
N ARG C 835 25.24 33.64 28.02
CA ARG C 835 25.59 33.59 26.58
C ARG C 835 24.90 32.39 25.91
N VAL C 836 24.33 32.61 24.73
CA VAL C 836 23.90 31.51 23.88
C VAL C 836 25.18 30.95 23.27
N ASP C 837 25.73 29.89 23.83
CA ASP C 837 27.01 29.34 23.33
C ASP C 837 26.71 27.98 22.65
N ALA C 838 27.69 27.06 22.57
CA ALA C 838 27.42 25.76 21.93
C ALA C 838 26.34 25.05 22.72
N TRP C 839 26.13 25.39 23.99
CA TRP C 839 25.14 24.71 24.88
C TRP C 839 23.87 25.52 24.95
N GLY C 840 23.67 26.39 23.96
CA GLY C 840 22.41 27.14 24.02
C GLY C 840 22.46 28.07 25.17
N LYS C 841 21.35 28.41 25.79
CA LYS C 841 21.34 29.28 26.98
C LYS C 841 20.24 28.80 27.92
N VAL C 842 20.54 28.65 29.18
CA VAL C 842 19.61 28.13 30.20
C VAL C 842 19.41 29.22 31.23
N GLU C 843 18.19 29.72 31.40
CA GLU C 843 17.85 30.61 32.52
C GLU C 843 16.95 29.87 33.49
N PHE C 844 17.37 29.63 34.73
CA PHE C 844 16.51 29.01 35.72
C PHE C 844 15.44 29.99 36.20
N ALA C 845 14.27 29.47 36.53
CA ALA C 845 13.27 30.20 37.31
C ALA C 845 13.84 30.56 38.69
N ASP C 846 13.42 31.69 39.25
CA ASP C 846 13.69 31.99 40.65
C ASP C 846 12.95 31.01 41.58
N ASN C 847 13.49 30.74 42.78
CA ASN C 847 12.87 29.82 43.74
C ASN C 847 11.45 30.26 44.19
N SER C 848 11.06 31.51 43.91
CA SER C 848 9.74 32.07 44.29
C SER C 848 8.63 31.47 43.40
N VAL C 849 8.98 30.62 42.43
CA VAL C 849 8.08 29.89 41.53
C VAL C 849 7.29 28.84 42.29
N LEU C 850 7.90 28.22 43.30
CA LEU C 850 7.30 27.15 44.08
C LEU C 850 6.11 27.65 44.91
N GLN C 851 6.25 28.82 45.57
CA GLN C 851 5.12 29.43 46.31
C GLN C 851 4.02 29.86 45.33
N ALA C 852 4.35 30.57 44.25
CA ALA C 852 3.38 31.14 43.33
C ALA C 852 2.47 30.09 42.67
N ARG C 853 3.05 28.95 42.28
CA ARG C 853 2.36 27.82 41.62
C ARG C 853 1.86 26.74 42.59
N ASN C 854 2.02 26.95 43.90
CA ASN C 854 1.62 26.05 44.99
C ASN C 854 2.33 24.66 44.98
N LEU C 855 3.52 24.57 44.38
CA LEU C 855 4.36 23.37 44.39
C LEU C 855 4.95 23.03 45.77
N VAL C 856 5.04 23.98 46.70
CA VAL C 856 5.57 23.77 48.06
C VAL C 856 4.80 22.69 48.84
N ASP C 857 3.52 22.52 48.56
CA ASP C 857 2.65 21.49 49.15
C ASP C 857 2.88 20.07 48.60
N LYS C 858 3.68 19.90 47.54
CA LYS C 858 4.11 18.59 47.01
C LYS C 858 5.39 18.11 47.69
N THR C 859 5.60 16.79 47.73
CA THR C 859 6.88 16.21 48.19
C THR C 859 7.97 16.41 47.12
N VAL C 860 9.23 16.46 47.56
CA VAL C 860 10.40 16.51 46.65
C VAL C 860 10.43 15.32 45.68
N ASP C 861 9.93 14.17 46.13
CA ASP C 861 9.94 12.86 45.41
C ASP C 861 8.93 12.93 44.27
N GLU C 862 7.71 13.40 44.54
CA GLU C 862 6.71 13.66 43.52
C GLU C 862 7.29 14.65 42.50
N ILE C 863 7.80 15.82 42.91
CA ILE C 863 8.44 16.77 42.00
C ILE C 863 9.58 16.13 41.18
N ILE C 864 10.37 15.24 41.78
CA ILE C 864 11.55 14.57 41.15
C ILE C 864 11.06 13.53 40.14
N ASN C 865 9.84 12.98 40.29
CA ASN C 865 9.23 11.99 39.35
C ASN C 865 8.12 12.62 38.51
N THR C 866 8.38 13.78 37.89
CA THR C 866 7.38 14.61 37.18
C THR C 866 8.15 15.56 36.29
N PRO C 867 8.78 15.01 35.23
CA PRO C 867 9.82 15.72 34.50
C PRO C 867 9.15 16.93 33.83
N GLU C 868 7.85 16.91 33.48
CA GLU C 868 7.17 18.09 32.92
C GLU C 868 7.09 19.26 33.91
N ILE C 869 6.93 18.99 35.21
CA ILE C 869 7.03 20.05 36.27
C ILE C 869 8.44 20.64 36.21
N LEU C 870 9.47 19.79 36.05
CA LEU C 870 10.82 20.33 36.28
C LEU C 870 11.44 20.85 34.97
N ASN C 871 10.82 20.66 33.83
CA ASN C 871 11.07 21.46 32.61
C ASN C 871 10.57 22.91 32.82
N SER C 872 9.63 23.15 33.75
CA SER C 872 9.08 24.50 34.05
C SER C 872 10.04 25.30 34.98
N PHE C 873 11.15 24.70 35.39
CA PHE C 873 12.18 25.33 36.23
C PHE C 873 13.22 26.06 35.37
N PHE C 874 13.19 25.99 34.03
CA PHE C 874 14.14 26.76 33.23
C PHE C 874 13.49 27.12 31.91
N ARG C 875 14.03 28.15 31.26
CA ARG C 875 13.71 28.56 29.87
C ARG C 875 15.03 28.43 29.08
N PHE C 876 14.97 27.76 27.93
CA PHE C 876 16.15 27.32 27.15
C PHE C 876 16.14 28.05 25.82
N THR C 877 17.26 28.56 25.35
CA THR C 877 17.34 29.25 24.03
C THR C 877 18.28 28.41 23.22
N PRO C 878 17.84 27.79 22.14
CA PRO C 878 18.75 26.90 21.44
C PRO C 878 19.69 27.77 20.62
N ALA C 879 20.93 27.28 20.49
CA ALA C 879 21.94 27.87 19.58
C ALA C 879 21.65 27.50 18.13
N PHE C 880 21.11 26.32 17.87
CA PHE C 880 20.69 25.87 16.50
C PHE C 880 19.29 25.27 16.61
N GLU C 881 18.51 25.35 15.55
CA GLU C 881 17.07 24.98 15.55
C GLU C 881 16.94 23.54 16.07
N ASP C 882 15.97 23.32 16.96
CA ASP C 882 15.60 21.95 17.40
C ASP C 882 16.72 21.29 18.25
N GLN C 883 17.70 22.04 18.73
CA GLN C 883 18.61 21.65 19.81
C GLN C 883 17.79 21.51 21.09
N LYS C 884 17.98 20.43 21.85
CA LYS C 884 17.09 20.16 23.00
C LYS C 884 17.88 20.08 24.30
N ALA C 885 17.15 20.24 25.39
CA ALA C 885 17.71 20.32 26.73
C ALA C 885 16.64 19.88 27.72
N THR C 886 17.05 19.16 28.77
CA THR C 886 16.21 18.79 29.95
C THR C 886 17.00 19.04 31.25
N LEU C 887 16.31 19.11 32.38
CA LEU C 887 16.98 19.14 33.68
C LEU C 887 16.93 17.75 34.31
N VAL C 888 18.07 17.29 34.75
CA VAL C 888 18.25 16.11 35.62
C VAL C 888 18.11 16.61 37.07
N ALA C 889 17.25 16.02 37.88
CA ALA C 889 17.04 16.38 39.30
C ALA C 889 17.76 15.40 40.22
N THR C 890 18.22 15.92 41.36
CA THR C 890 18.93 15.21 42.45
C THR C 890 18.36 15.69 43.76
N LYS C 891 17.89 14.79 44.61
CA LYS C 891 17.44 15.12 45.99
C LYS C 891 18.65 15.61 46.81
N GLN C 892 18.51 16.73 47.52
CA GLN C 892 19.60 17.33 48.32
C GLN C 892 19.27 17.28 49.80
N SER C 893 18.00 17.46 50.15
CA SER C 893 17.50 17.28 51.52
C SER C 893 16.04 16.83 51.44
N ASP C 894 15.38 16.59 52.58
CA ASP C 894 13.93 16.33 52.66
C ASP C 894 13.04 17.52 52.19
N THR C 895 13.63 18.70 52.01
CA THR C 895 12.96 19.98 51.71
C THR C 895 13.53 20.68 50.47
N SER C 896 14.53 20.10 49.79
CA SER C 896 15.20 20.72 48.64
C SER C 896 15.84 19.73 47.67
N LEU C 897 16.04 20.20 46.44
CA LEU C 897 16.62 19.47 45.31
C LEU C 897 17.57 20.37 44.53
N SER C 898 18.47 19.78 43.74
CA SER C 898 19.27 20.49 42.75
C SER C 898 19.03 19.94 41.35
N VAL C 899 19.08 20.83 40.36
CA VAL C 899 18.85 20.53 38.94
C VAL C 899 19.99 21.03 38.06
N SER C 900 20.35 20.23 37.06
CA SER C 900 21.45 20.50 36.12
C SER C 900 21.03 20.14 34.68
N PRO C 901 21.38 20.94 33.66
CA PRO C 901 20.86 20.72 32.31
C PRO C 901 21.59 19.55 31.63
N ARG C 902 20.82 18.83 30.82
CA ARG C 902 21.27 17.80 29.86
C ARG C 902 20.95 18.38 28.47
N ILE C 903 21.96 18.62 27.64
CA ILE C 903 21.83 19.51 26.47
C ILE C 903 22.38 18.80 25.22
N GLN C 904 21.71 18.88 24.07
CA GLN C 904 22.28 18.25 22.85
C GLN C 904 23.36 19.16 22.30
N PHE C 905 24.44 18.52 21.85
CA PHE C 905 25.50 19.11 21.04
C PHE C 905 25.11 18.95 19.59
N LEU C 906 26.04 19.31 18.71
CA LEU C 906 25.91 19.33 17.24
C LEU C 906 25.75 17.90 16.72
N ASP C 907 26.13 16.91 17.47
CA ASP C 907 26.17 15.53 16.95
C ASP C 907 24.85 14.81 17.30
N GLY C 908 23.86 15.50 17.86
CA GLY C 908 22.55 14.90 18.20
C GLY C 908 22.54 14.21 19.55
N ASN C 909 23.66 14.23 20.28
CA ASN C 909 23.84 13.50 21.56
C ASN C 909 23.67 14.49 22.71
N PHE C 910 23.18 13.98 23.82
CA PHE C 910 22.99 14.76 25.05
C PHE C 910 24.26 14.69 25.89
N TYR C 911 24.69 15.80 26.48
CA TYR C 911 25.81 15.83 27.44
C TYR C 911 25.29 16.45 28.74
N ASP C 912 25.90 16.01 29.86
CA ASP C 912 25.56 16.46 31.24
C ASP C 912 26.85 16.37 32.07
N LEU C 913 26.77 16.58 33.37
CA LEU C 913 27.96 16.62 34.28
C LEU C 913 28.77 15.34 34.19
N ASN C 914 28.14 14.18 33.99
CA ASN C 914 28.83 12.86 34.07
C ASN C 914 29.28 12.34 32.71
N SER C 915 29.11 13.09 31.62
CA SER C 915 29.46 12.59 30.28
C SER C 915 30.96 12.25 30.17
N THR C 916 31.24 11.19 29.43
CA THR C 916 32.61 10.82 28.98
C THR C 916 32.65 10.62 27.47
N ILE C 917 33.87 10.72 26.96
CA ILE C 917 34.36 10.18 25.68
C ILE C 917 35.57 9.31 26.00
N ALA C 918 35.57 8.06 25.53
CA ALA C 918 36.70 7.15 25.72
C ALA C 918 36.92 7.05 27.21
N GLY C 919 35.87 7.24 28.00
CA GLY C 919 35.93 6.96 29.45
C GLY C 919 36.45 8.14 30.25
N VAL C 920 36.82 9.22 29.56
CA VAL C 920 37.46 10.42 30.18
C VAL C 920 36.36 11.43 30.46
N PRO C 921 36.15 11.83 31.72
CA PRO C 921 35.06 12.77 32.01
C PRO C 921 35.31 14.06 31.22
N LEU C 922 34.29 14.62 30.60
CA LEU C 922 34.47 15.88 29.84
C LEU C 922 34.51 17.08 30.77
N ASN C 923 33.77 17.08 31.87
CA ASN C 923 33.79 18.20 32.84
C ASN C 923 33.51 19.50 32.08
N ILE C 924 32.37 19.53 31.43
CA ILE C 924 31.95 20.63 30.54
C ILE C 924 31.66 21.86 31.39
N GLY C 925 30.98 21.67 32.51
CA GLY C 925 30.74 22.89 33.31
C GLY C 925 29.31 23.34 33.33
N PHE C 926 28.36 22.45 33.09
CA PHE C 926 26.92 22.72 33.28
C PHE C 926 26.70 23.16 34.71
N PRO C 927 25.74 24.08 34.95
CA PRO C 927 25.43 24.58 36.29
C PRO C 927 24.66 23.55 37.11
N SER C 928 24.65 23.73 38.44
CA SER C 928 23.66 23.14 39.34
C SER C 928 22.89 24.25 40.07
N ARG C 929 21.56 24.27 39.95
CA ARG C 929 20.67 25.25 40.61
C ARG C 929 19.86 24.57 41.71
N VAL C 930 19.72 25.19 42.88
CA VAL C 930 18.96 24.64 44.02
C VAL C 930 17.54 25.21 44.07
N PHE C 931 16.56 24.32 44.26
CA PHE C 931 15.16 24.66 44.54
C PHE C 931 14.77 24.07 45.91
N ALA C 932 14.15 24.90 46.76
CA ALA C 932 13.97 24.60 48.19
C ALA C 932 12.70 25.21 48.79
N GLY C 933 12.17 24.55 49.84
CA GLY C 933 11.02 25.00 50.63
C GLY C 933 9.93 23.94 50.83
N PHE C 934 10.01 22.82 50.12
CA PHE C 934 9.02 21.73 50.12
C PHE C 934 8.74 21.17 51.53
N ALA C 935 7.48 20.83 51.81
CA ALA C 935 6.98 20.53 53.16
C ALA C 935 6.17 19.23 53.27
N ALA C 936 5.93 18.78 54.52
CA ALA C 936 5.14 17.60 54.84
C ALA C 936 3.64 17.79 54.55
N LEU C 937 2.95 16.68 54.24
CA LEU C 937 1.56 16.66 53.78
C LEU C 937 0.51 16.81 54.92
N PRO C 938 -0.70 17.33 54.65
CA PRO C 938 -1.84 17.35 55.59
C PRO C 938 -2.45 16.20 56.44
N ALA C 939 -1.72 15.11 56.67
CA ALA C 939 -2.24 13.92 57.39
C ALA C 939 -2.77 14.20 58.81
N TRP C 940 -2.30 15.28 59.43
CA TRP C 940 -2.69 15.74 60.77
C TRP C 940 -4.12 16.28 60.87
N VAL C 941 -4.75 16.74 59.78
CA VAL C 941 -5.98 17.57 59.82
C VAL C 941 -7.12 16.98 60.63
N ILE C 942 -7.49 15.70 60.42
CA ILE C 942 -8.66 15.11 61.08
C ILE C 942 -8.39 14.78 62.57
N PRO C 943 -7.30 14.10 62.96
CA PRO C 943 -6.90 13.98 64.37
C PRO C 943 -6.78 15.32 65.10
N VAL C 944 -6.20 16.33 64.47
CA VAL C 944 -6.15 17.71 64.99
C VAL C 944 -7.55 18.30 65.16
N SER C 945 -8.49 18.11 64.22
CA SER C 945 -9.84 18.68 64.32
C SER C 945 -10.73 17.98 65.37
N VAL C 946 -10.50 16.68 65.60
CA VAL C 946 -11.08 15.97 66.77
C VAL C 946 -10.45 16.46 68.07
N GLY C 947 -9.11 16.61 68.10
CA GLY C 947 -8.37 17.11 69.24
C GLY C 947 -8.82 18.50 69.68
N SER C 948 -9.00 19.32 68.67
CA SER C 948 -9.46 20.68 68.98
C SER C 948 -10.84 20.66 69.62
N SER C 949 -11.76 19.87 69.10
CA SER C 949 -13.10 19.76 69.67
C SER C 949 -13.05 19.23 71.10
N VAL C 950 -12.28 18.15 71.35
CA VAL C 950 -12.12 17.59 72.68
C VAL C 950 -11.49 18.61 73.61
N GLY C 951 -10.52 19.30 73.23
CA GLY C 951 -9.89 20.37 74.00
C GLY C 951 -10.87 21.45 74.43
N ILE C 952 -11.71 21.89 73.31
CA ILE C 952 -12.71 22.91 73.59
C ILE C 952 -13.70 22.39 74.63
N LEU C 953 -14.07 21.10 74.46
CA LEU C 953 -14.99 20.49 75.42
C LEU C 953 -14.36 20.43 76.81
N PHE C 954 -13.09 20.05 76.93
CA PHE C 954 -12.37 19.98 78.19
C PHE C 954 -12.28 21.36 78.84
N ILE C 955 -11.97 22.35 78.05
CA ILE C 955 -11.85 23.71 78.56
C ILE C 955 -13.20 24.19 79.08
N LEU C 956 -14.28 23.92 78.31
CA LEU C 956 -15.62 24.32 78.73
C LEU C 956 -16.03 23.60 80.03
N LEU C 957 -15.61 22.31 80.13
CA LEU C 957 -15.89 21.55 81.33
C LEU C 957 -15.12 22.11 82.53
N VAL C 958 -13.87 22.43 82.38
CA VAL C 958 -13.04 22.99 83.44
C VAL C 958 -13.59 24.36 83.84
N LEU C 959 -13.95 25.14 82.90
CA LEU C 959 -14.54 26.45 83.16
C LEU C 959 -15.85 26.32 83.94
N GLY C 960 -16.64 25.35 83.53
CA GLY C 960 -17.88 25.10 84.24
C GLY C 960 -17.68 24.69 85.69
N LEU C 961 -16.73 23.84 85.91
CA LEU C 961 -16.43 23.38 87.27
C LEU C 961 -15.71 24.46 88.05
N GLY C 962 -14.89 25.20 87.29
CA GLY C 962 -14.10 26.25 87.92
C GLY C 962 -14.95 27.41 88.42
N ILE C 963 -16.09 27.66 87.87
CA ILE C 963 -16.99 28.73 88.27
C ILE C 963 -18.12 28.17 89.12
N GLY C 964 -18.48 26.92 88.72
CA GLY C 964 -19.62 26.30 89.36
C GLY C 964 -19.35 25.90 90.80
N ILE C 965 -18.19 25.41 91.03
CA ILE C 965 -17.87 24.89 92.35
C ILE C 965 -17.79 26.04 93.35
N PRO C 966 -17.08 27.12 93.09
CA PRO C 966 -16.99 28.25 94.03
C PRO C 966 -18.31 28.97 94.22
N MET C 967 -19.14 29.04 93.21
CA MET C 967 -20.45 29.69 93.31
C MET C 967 -21.32 28.97 94.33
N TYR C 968 -21.22 27.68 94.36
CA TYR C 968 -21.96 26.89 95.34
C TYR C 968 -21.42 27.12 96.75
N ARG C 969 -20.11 27.26 96.85
CA ARG C 969 -19.47 27.48 98.14
C ARG C 969 -19.82 28.86 98.70
N VAL C 970 -19.92 29.80 97.85
CA VAL C 970 -20.24 31.16 98.26
C VAL C 970 -21.68 31.21 98.79
N ARG C 971 -22.54 30.47 98.12
CA ARG C 971 -23.94 30.42 98.56
C ARG C 971 -24.05 29.78 99.93
N LYS C 972 -23.30 28.72 100.14
CA LYS C 972 -23.32 28.03 101.43
C LYS C 972 -22.72 28.90 102.53
N LEU C 973 -21.67 29.59 102.24
CA LEU C 973 -21.03 30.49 103.21
C LEU C 973 -21.95 31.65 103.56
N GLN C 974 -22.52 32.17 102.56
CA GLN C 974 -23.44 33.28 102.77
C GLN C 974 -24.61 32.87 103.65
N ASP C 975 -25.19 31.74 103.30
CA ASP C 975 -26.33 31.26 104.07
C ASP C 975 -25.94 30.97 105.52
N ALA C 976 -24.83 30.33 105.69
CA ALA C 976 -24.36 30.00 107.03
C ALA C 976 -24.01 31.25 107.82
N SER C 977 -23.40 32.17 107.19
CA SER C 977 -22.98 33.40 107.84
C SER C 977 -24.17 34.24 108.28
N PHE C 978 -25.19 34.33 107.49
CA PHE C 978 -26.39 35.07 107.86
C PHE C 978 -27.08 34.41 109.04
N VAL C 979 -27.15 33.16 108.99
CA VAL C 979 -27.79 32.43 110.08
C VAL C 979 -27.06 32.69 111.39
N ASN C 980 -25.75 32.71 111.33
CA ASN C 980 -24.95 32.96 112.53
C ASN C 980 -25.18 34.37 113.06
N VAL C 981 -25.15 35.39 112.22
CA VAL C 981 -25.36 36.78 112.62
C VAL C 981 -26.77 36.93 113.20
N PHE C 982 -27.71 36.26 112.57
CA PHE C 982 -29.09 36.35 113.03
C PHE C 982 -29.25 35.73 114.40
N LYS C 983 -28.65 34.65 114.57
CA LYS C 983 -28.71 33.99 115.86
C LYS C 983 -28.10 34.85 116.96
N LYS C 984 -27.01 35.44 116.71
CA LYS C 984 -26.34 36.31 117.68
C LYS C 984 -27.19 37.53 118.02
N VAL C 985 -27.71 38.15 116.98
CA VAL C 985 -28.54 39.32 117.19
C VAL C 985 -29.81 38.94 117.95
N ASP C 986 -30.40 37.83 117.56
CA ASP C 986 -31.59 37.35 118.26
C ASP C 986 -31.29 37.07 119.73
N THR C 987 -30.14 36.39 120.01
CA THR C 987 -29.74 36.11 121.39
C THR C 987 -29.52 37.39 122.17
N LEU C 988 -28.85 38.36 121.57
CA LEU C 988 -28.64 39.65 122.21
C LEU C 988 -29.96 40.37 122.48
N THR C 989 -30.84 40.37 121.50
CA THR C 989 -32.15 41.00 121.65
C THR C 989 -32.92 40.38 122.81
N THR C 990 -32.91 39.07 122.86
CA THR C 990 -33.57 38.36 123.95
C THR C 990 -32.95 38.72 125.30
N ALA C 991 -31.63 38.78 125.33
CA ALA C 991 -30.93 39.16 126.56
C ALA C 991 -31.33 40.56 127.00
N VAL C 992 -31.33 41.49 126.08
CA VAL C 992 -31.72 42.86 126.39
C VAL C 992 -33.17 42.88 126.89
N GLY C 993 -34.05 42.14 126.27
CA GLY C 993 -35.42 42.01 126.74
C GLY C 993 -35.54 41.46 128.14
N SER C 994 -34.70 40.50 128.46
CA SER C 994 -34.69 39.92 129.81
C SER C 994 -34.29 40.95 130.85
N VAL C 995 -33.29 41.73 130.60
CA VAL C 995 -32.85 42.78 131.51
C VAL C 995 -33.97 43.80 131.69
N TYR C 996 -34.66 44.21 130.67
CA TYR C 996 -35.80 45.12 130.72
C TYR C 996 -36.87 44.61 131.67
N LYS C 997 -37.14 43.31 131.41
CA LYS C 997 -38.17 42.71 132.25
C LYS C 997 -37.75 42.72 133.73
N LYS C 998 -36.55 42.41 133.97
CA LYS C 998 -36.03 42.40 135.33
C LYS C 998 -36.07 43.80 135.94
N ILE C 999 -35.64 44.81 135.23
CA ILE C 999 -35.65 46.19 135.71
C ILE C 999 -37.07 46.61 136.06
N ILE C 1000 -38.04 46.32 135.30
CA ILE C 1000 -39.44 46.68 135.52
C ILE C 1000 -39.98 45.93 136.74
N THR C 1001 -39.58 44.68 136.84
CA THR C 1001 -40.06 43.86 137.94
C THR C 1001 -39.42 44.29 139.26
N GLN C 1002 -38.22 44.66 139.29
CA GLN C 1002 -37.49 45.02 140.51
C GLN C 1002 -37.78 46.47 140.92
N THR C 1003 -37.99 47.40 140.05
CA THR C 1003 -38.31 48.80 140.35
C THR C 1003 -39.78 48.96 140.70
N GLY C 1004 -40.53 48.22 140.21
CA GLY C 1004 -41.94 48.25 140.60
C GLY C 1004 -42.16 47.98 142.07
N VAL C 1005 -41.22 47.34 142.77
CA VAL C 1005 -41.35 47.07 144.21
C VAL C 1005 -40.87 48.28 145.00
N VAL C 1006 -40.10 49.30 144.56
CA VAL C 1006 -39.60 50.47 145.27
C VAL C 1006 -40.62 51.61 145.17
N LYS C 1007 -41.21 51.83 144.05
CA LYS C 1007 -42.27 52.84 143.98
C LYS C 1007 -43.34 52.58 145.03
N LYS C 1008 -43.39 51.40 145.50
CA LYS C 1008 -44.39 51.14 146.54
C LYS C 1008 -43.83 51.46 147.93
N ALA C 1009 -42.48 51.78 148.11
CA ALA C 1009 -41.90 52.00 149.43
C ALA C 1009 -42.25 53.39 149.95
N PRO C 1010 -42.20 54.56 149.22
CA PRO C 1010 -42.61 55.86 149.77
C PRO C 1010 -44.11 55.95 150.02
N SER C 1011 -44.76 55.43 149.09
CA SER C 1011 -46.20 55.43 149.34
C SER C 1011 -46.55 54.64 150.59
N ALA C 1012 -45.80 53.62 150.80
CA ALA C 1012 -46.03 52.89 152.04
C ALA C 1012 -45.61 53.71 153.25
N LEU C 1013 -44.50 54.40 153.15
CA LEU C 1013 -44.12 55.28 154.24
C LEU C 1013 -45.13 56.41 154.41
N LYS C 1014 -45.49 57.07 153.26
CA LYS C 1014 -46.57 58.06 153.33
C LYS C 1014 -47.83 57.45 153.94
N ALA C 1015 -48.07 56.37 153.56
CA ALA C 1015 -49.20 55.67 154.16
C ALA C 1015 -48.94 55.36 155.63
N ALA C 1016 -47.69 55.10 155.99
CA ALA C 1016 -47.37 54.84 157.39
C ALA C 1016 -47.37 56.13 158.20
N ASN C 1017 -47.30 57.28 157.71
CA ASN C 1017 -47.47 58.54 158.42
C ASN C 1017 -48.69 59.31 157.89
N PRO C 1018 -49.79 59.00 158.12
CA PRO C 1018 -51.04 59.64 157.72
C PRO C 1018 -51.05 61.14 158.02
N SER C 1019 -49.96 61.64 158.75
CA SER C 1019 -50.02 63.05 159.14
C SER C 1019 -49.41 63.95 158.06
N VAL C 1020 -48.93 63.32 157.02
CA VAL C 1020 -48.45 64.19 155.95
C VAL C 1020 -49.51 64.32 154.87
N LYS C 1021 -50.55 64.96 155.17
CA LYS C 1021 -51.49 65.54 154.22
C LYS C 1021 -50.99 65.38 152.79
N LYS C 1022 -51.05 64.01 152.43
CA LYS C 1022 -50.96 63.68 151.01
C LYS C 1022 -50.72 64.93 150.17
N PRO C 1023 -49.66 65.32 150.02
CA PRO C 1023 -49.55 66.39 149.03
C PRO C 1023 -50.48 66.19 147.83
N ALA C 1024 -51.53 66.55 147.87
CA ALA C 1024 -52.38 66.73 146.68
C ALA C 1024 -51.60 66.39 145.41
N ALA C 1025 -50.80 65.28 145.57
CA ALA C 1025 -50.28 64.70 144.33
C ALA C 1025 -51.29 64.80 143.20
N PHE C 1026 -51.52 65.48 142.89
CA PHE C 1026 -51.80 65.60 141.47
C PHE C 1026 -51.20 64.43 140.69
N LEU C 1027 -51.35 63.17 141.23
CA LEU C 1027 -51.01 61.89 140.63
C LEU C 1027 -51.90 61.60 139.44
N LYS C 1028 -51.93 62.37 138.35
CA LYS C 1028 -52.46 61.83 137.11
C LYS C 1028 -52.19 60.33 137.00
N PRO C 1029 -53.05 59.16 137.22
CA PRO C 1029 -52.93 57.71 137.02
C PRO C 1029 -51.80 57.33 136.06
N PRO C 1030 -50.85 56.57 136.28
CA PRO C 1030 -49.82 56.07 135.36
C PRO C 1030 -50.34 55.89 133.94
N VAL C 1031 -50.44 56.64 133.09
CA VAL C 1031 -50.61 56.44 131.65
C VAL C 1031 -50.27 55.00 131.28
N GLN C 1032 -51.04 53.87 131.40
CA GLN C 1032 -51.07 52.52 130.83
C GLN C 1032 -49.86 52.28 129.94
N PRO C 1033 -48.79 51.46 130.28
CA PRO C 1033 -47.68 51.08 129.40
C PRO C 1033 -48.10 51.04 127.93
N PRO C 1034 -47.75 51.82 127.01
CA PRO C 1034 -48.03 51.65 125.59
C PRO C 1034 -48.27 50.19 125.20
N SER C 1035 -49.22 49.46 125.18
CA SER C 1035 -49.71 48.26 124.48
C SER C 1035 -48.67 47.74 123.49
N LYS C 1036 -47.64 46.73 123.79
CA LYS C 1036 -46.83 45.82 122.97
C LYS C 1036 -46.73 46.33 121.53
N PRO C 1037 -45.85 47.05 121.22
CA PRO C 1037 -45.76 47.31 119.78
C PRO C 1037 -46.25 46.12 118.95
N GLU C 1038 -47.28 45.69 118.79
CA GLU C 1038 -47.88 44.83 117.79
C GLU C 1038 -47.12 44.91 116.47
N GLY C 1039 -45.75 44.92 116.41
CA GLY C 1039 -45.00 44.78 115.17
C GLY C 1039 -44.52 43.36 114.91
N GLU C 1040 -45.27 42.49 114.83
CA GLU C 1040 -45.09 41.26 114.06
C GLU C 1040 -43.69 41.18 113.48
N GLN C 1041 -42.73 41.00 113.98
CA GLN C 1041 -41.47 40.49 113.45
C GLN C 1041 -41.72 39.38 112.43
N LYS C 1042 -42.39 39.53 111.45
CA LYS C 1042 -42.40 38.60 110.33
C LYS C 1042 -40.99 38.07 110.05
N ALA C 1043 -40.47 37.41 110.87
CA ALA C 1043 -39.40 36.47 110.56
C ALA C 1043 -39.27 36.25 109.05
N VAL C 1044 -38.79 36.89 108.26
CA VAL C 1044 -38.37 36.65 106.88
C VAL C 1044 -37.75 35.26 106.75
N GLU C 1045 -38.44 34.27 106.86
CA GLU C 1045 -38.10 32.93 106.39
C GLU C 1045 -37.36 32.99 105.06
N VAL C 1046 -36.10 33.31 104.96
CA VAL C 1046 -35.25 33.11 103.80
C VAL C 1046 -35.40 31.68 103.29
N LYS C 1047 -36.49 31.10 102.80
CA LYS C 1047 -36.64 29.84 102.08
C LYS C 1047 -35.57 29.69 101.01
N SER C 1048 -34.38 29.38 101.25
CA SER C 1048 -33.39 28.84 100.33
C SER C 1048 -34.02 27.86 99.35
N GLU C 1049 -34.96 27.98 98.62
CA GLU C 1049 -35.43 27.14 97.52
C GLU C 1049 -34.26 26.50 96.77
N GLU C 1050 -33.55 25.70 97.19
CA GLU C 1050 -32.74 24.69 96.51
C GLU C 1050 -33.26 24.41 95.11
N THR C 1051 -33.39 25.25 94.26
CA THR C 1051 -33.61 24.94 92.86
C THR C 1051 -32.84 23.68 92.45
N LYS C 1052 -33.19 22.50 92.81
CA LYS C 1052 -32.87 21.24 92.14
C LYS C 1052 -32.56 21.46 90.66
N SER C 1053 -31.54 22.26 90.22
CA SER C 1053 -31.11 22.06 88.84
C SER C 1053 -31.24 20.60 88.42
N GLN D 59 -12.80 51.26 9.44
CA GLN D 59 -12.61 50.01 10.22
C GLN D 59 -13.70 48.97 9.90
N ALA D 60 -14.94 49.21 10.32
CA ALA D 60 -16.09 48.32 10.09
C ALA D 60 -16.47 48.18 8.61
N VAL D 61 -17.15 47.06 8.27
CA VAL D 61 -17.51 46.64 6.90
C VAL D 61 -18.33 47.68 6.15
N ASP D 62 -17.97 47.94 4.88
CA ASP D 62 -18.76 48.72 3.91
C ASP D 62 -19.20 47.82 2.75
N GLU D 63 -20.52 47.65 2.57
CA GLU D 63 -21.11 46.76 1.56
C GLU D 63 -21.00 47.29 0.12
N THR D 64 -20.59 48.54 -0.10
CA THR D 64 -20.50 49.14 -1.44
C THR D 64 -19.31 48.65 -2.27
N LEU D 65 -18.38 47.88 -1.69
CA LEU D 65 -17.25 47.26 -2.40
C LEU D 65 -17.49 45.76 -2.65
N THR D 66 -17.30 45.31 -3.89
CA THR D 66 -17.68 43.97 -4.40
C THR D 66 -16.46 43.19 -4.93
N PRO D 67 -16.39 41.85 -4.77
CA PRO D 67 -15.20 41.06 -5.13
C PRO D 67 -14.98 40.91 -6.64
N TRP D 68 -13.71 40.79 -7.04
CA TRP D 68 -13.27 40.82 -8.45
C TRP D 68 -11.99 39.99 -8.66
N THR D 69 -11.70 39.62 -9.92
CA THR D 69 -10.54 38.82 -10.31
C THR D 69 -9.59 39.62 -11.23
N TRP D 70 -8.30 39.76 -10.88
CA TRP D 70 -7.32 40.43 -11.75
C TRP D 70 -6.90 39.52 -12.91
N ASN D 71 -6.83 40.04 -14.13
CA ASN D 71 -6.53 39.26 -15.34
C ASN D 71 -5.11 38.63 -15.35
N ASN D 72 -4.14 39.22 -14.64
CA ASN D 72 -2.73 38.87 -14.73
C ASN D 72 -2.30 37.65 -13.90
N ASN D 73 -2.96 37.41 -12.77
CA ASN D 73 -2.70 36.26 -11.87
C ASN D 73 -3.97 35.44 -11.56
N ASN D 74 -5.15 35.96 -11.91
CA ASN D 74 -6.47 35.40 -11.57
C ASN D 74 -6.71 35.19 -10.06
N PHE D 75 -5.97 35.89 -9.19
CA PHE D 75 -6.24 35.90 -7.75
C PHE D 75 -7.55 36.64 -7.45
N SER D 76 -8.24 36.22 -6.39
CA SER D 76 -9.39 36.94 -5.83
C SER D 76 -9.53 36.70 -4.33
N SER D 77 -9.17 35.51 -3.82
CA SER D 77 -9.09 35.23 -2.38
C SER D 77 -8.00 34.23 -1.97
N LEU D 78 -7.53 34.36 -0.72
CA LEU D 78 -6.70 33.40 0.00
C LEU D 78 -7.52 32.69 1.07
N LYS D 79 -7.48 31.36 1.10
CA LYS D 79 -7.92 30.54 2.25
C LYS D 79 -6.88 30.61 3.37
N ILE D 80 -7.24 31.16 4.53
CA ILE D 80 -6.41 31.08 5.74
C ILE D 80 -6.49 29.65 6.30
N THR D 81 -5.38 29.14 6.85
CA THR D 81 -5.27 27.78 7.41
C THR D 81 -4.56 27.76 8.77
N GLY D 82 -4.70 26.68 9.53
CA GLY D 82 -4.13 26.54 10.88
C GLY D 82 -5.04 27.10 11.98
N GLU D 83 -4.46 27.89 12.87
CA GLU D 83 -5.05 28.26 14.18
C GLU D 83 -6.37 29.06 14.14
N ASN D 84 -6.67 29.81 13.08
CA ASN D 84 -7.91 30.57 12.92
C ASN D 84 -8.31 30.67 11.43
N PRO D 85 -9.02 29.68 10.86
CA PRO D 85 -9.36 29.64 9.43
C PRO D 85 -10.40 30.69 9.00
N GLY D 86 -10.46 30.94 7.68
CA GLY D 86 -11.31 31.97 7.06
C GLY D 86 -10.78 32.36 5.68
N SER D 87 -11.14 33.56 5.19
CA SER D 87 -10.71 34.06 3.88
C SER D 87 -10.27 35.52 3.92
N PHE D 88 -9.26 35.90 3.14
CA PHE D 88 -9.06 37.29 2.67
C PHE D 88 -9.47 37.37 1.20
N GLY D 89 -10.08 38.45 0.74
CA GLY D 89 -10.37 38.63 -0.69
C GLY D 89 -10.38 40.07 -1.17
N LEU D 90 -9.97 40.28 -2.42
CA LEU D 90 -9.95 41.60 -3.06
C LEU D 90 -11.39 42.08 -3.33
N VAL D 91 -11.66 43.37 -3.08
CA VAL D 91 -12.93 44.03 -3.45
C VAL D 91 -12.67 45.42 -4.05
N ARG D 92 -13.62 45.93 -4.86
CA ARG D 92 -13.55 47.24 -5.53
C ARG D 92 -14.93 47.91 -5.62
N SER D 93 -14.98 49.22 -5.80
CA SER D 93 -16.25 49.96 -5.95
C SER D 93 -16.98 49.60 -7.26
N GLN D 94 -18.31 49.56 -7.22
CA GLN D 94 -19.16 49.04 -8.31
C GLN D 94 -19.41 50.04 -9.46
N ASN D 95 -19.08 51.33 -9.28
CA ASN D 95 -19.50 52.44 -10.14
C ASN D 95 -19.01 52.39 -11.60
N ASP D 96 -19.89 52.73 -12.53
CA ASP D 96 -19.66 52.80 -13.99
C ASP D 96 -19.12 54.17 -14.46
N ASN D 97 -19.01 54.37 -15.79
CA ASN D 97 -18.65 55.63 -16.44
C ASN D 97 -17.23 56.15 -16.10
N LEU D 98 -16.25 55.25 -15.97
CA LEU D 98 -14.85 55.57 -15.67
C LEU D 98 -14.12 56.17 -16.91
N ASN D 99 -14.36 57.46 -17.17
CA ASN D 99 -13.75 58.21 -18.27
C ASN D 99 -12.30 58.62 -17.95
N ILE D 100 -11.34 57.69 -18.10
CA ILE D 100 -9.90 57.97 -17.90
C ILE D 100 -9.37 58.93 -18.99
N SER D 101 -9.92 58.89 -20.20
CA SER D 101 -9.56 59.78 -21.33
C SER D 101 -9.74 61.29 -21.04
N SER D 102 -10.46 61.65 -19.97
CA SER D 102 -10.54 63.03 -19.46
C SER D 102 -9.22 63.57 -18.89
N VAL D 103 -8.27 62.70 -18.51
CA VAL D 103 -6.90 63.06 -18.11
C VAL D 103 -6.06 63.35 -19.35
N THR D 104 -6.19 64.57 -19.90
CA THR D 104 -5.60 64.95 -21.20
C THR D 104 -4.07 64.87 -21.21
N LYS D 105 -3.50 64.31 -22.29
CA LYS D 105 -2.05 64.20 -22.52
C LYS D 105 -1.59 65.19 -23.60
N ASN D 106 -0.65 66.08 -23.25
CA ASN D 106 -0.03 67.03 -24.17
C ASN D 106 1.11 66.35 -24.99
N SER D 107 1.55 66.98 -26.09
CA SER D 107 2.64 66.47 -26.94
C SER D 107 4.04 66.83 -26.43
N SER D 108 4.17 67.84 -25.56
CA SER D 108 5.44 68.45 -25.15
C SER D 108 6.11 67.84 -23.92
N ASP D 109 5.57 66.77 -23.32
CA ASP D 109 6.07 66.18 -22.06
C ASP D 109 6.06 64.64 -22.03
N ASP D 110 6.79 64.06 -21.07
CA ASP D 110 6.94 62.60 -20.89
C ASP D 110 5.76 61.95 -20.12
N ASN D 111 5.78 60.62 -19.97
CA ASN D 111 4.66 59.84 -19.42
C ASN D 111 4.47 59.98 -17.89
N LEU D 112 5.49 60.34 -17.11
CA LEU D 112 5.46 60.16 -15.65
C LEU D 112 4.41 61.04 -14.96
N LYS D 113 4.34 62.33 -15.31
CA LYS D 113 3.33 63.26 -14.77
C LYS D 113 1.90 62.91 -15.19
N TYR D 114 1.72 62.36 -16.39
CA TYR D 114 0.45 61.76 -16.84
C TYR D 114 0.07 60.54 -16.00
N LEU D 115 0.97 59.57 -15.78
CA LEU D 115 0.68 58.39 -14.97
C LEU D 115 0.35 58.77 -13.51
N ASN D 116 1.07 59.73 -12.92
CA ASN D 116 0.73 60.26 -11.59
C ASN D 116 -0.64 60.97 -11.57
N ALA D 117 -1.00 61.72 -12.62
CA ALA D 117 -2.33 62.32 -12.74
C ALA D 117 -3.44 61.25 -12.89
N VAL D 118 -3.19 60.15 -13.60
CA VAL D 118 -4.12 59.00 -13.68
C VAL D 118 -4.26 58.32 -12.31
N GLU D 119 -3.18 58.07 -11.57
CA GLU D 119 -3.29 57.54 -10.19
C GLU D 119 -4.08 58.51 -9.28
N LYS D 120 -3.82 59.82 -9.34
CA LYS D 120 -4.59 60.85 -8.58
C LYS D 120 -6.07 60.90 -8.97
N TYR D 121 -6.39 60.68 -10.25
CA TYR D 121 -7.77 60.59 -10.74
C TYR D 121 -8.46 59.31 -10.23
N LEU D 122 -7.80 58.16 -10.35
CA LEU D 122 -8.32 56.87 -9.86
C LEU D 122 -8.49 56.85 -8.32
N ASP D 123 -7.66 57.56 -7.56
CA ASP D 123 -7.86 57.79 -6.12
C ASP D 123 -9.18 58.51 -5.78
N GLY D 124 -9.71 59.34 -6.70
CA GLY D 124 -11.02 59.97 -6.56
C GLY D 124 -12.17 59.12 -7.10
N GLN D 125 -11.98 58.52 -8.28
CA GLN D 125 -13.05 57.81 -9.01
C GLN D 125 -13.36 56.39 -8.51
N GLN D 126 -12.45 55.70 -7.79
CA GLN D 126 -12.65 54.32 -7.34
C GLN D 126 -12.10 54.06 -5.93
N ASN D 127 -12.60 53.01 -5.28
CA ASN D 127 -12.10 52.48 -4.01
C ASN D 127 -11.78 50.98 -4.12
N PHE D 128 -10.75 50.52 -3.42
CA PHE D 128 -10.29 49.12 -3.39
C PHE D 128 -9.93 48.70 -1.96
N ALA D 129 -10.19 47.44 -1.60
CA ALA D 129 -9.99 46.95 -0.22
C ALA D 129 -9.75 45.43 -0.18
N ILE D 130 -9.32 44.92 0.98
CA ILE D 130 -9.00 43.49 1.21
C ILE D 130 -9.65 42.96 2.50
N ARG D 131 -10.98 42.89 2.51
CA ARG D 131 -11.75 42.44 3.69
C ARG D 131 -11.44 40.99 4.10
N ARG D 132 -11.52 40.70 5.41
CA ARG D 132 -11.55 39.32 5.95
C ARG D 132 -12.99 38.80 6.00
N TYR D 133 -13.15 37.50 5.75
CA TYR D 133 -14.37 36.72 5.93
C TYR D 133 -14.13 35.55 6.90
N ASP D 134 -15.17 35.11 7.62
CA ASP D 134 -15.14 33.89 8.42
C ASP D 134 -15.17 32.60 7.56
N ASN D 135 -15.11 31.43 8.21
CA ASN D 135 -15.03 30.13 7.54
C ASN D 135 -16.25 29.76 6.68
N ASN D 136 -17.39 30.46 6.84
CA ASN D 136 -18.60 30.32 6.03
C ASN D 136 -18.82 31.52 5.06
N GLY D 137 -17.92 32.50 5.02
CA GLY D 137 -17.99 33.64 4.09
C GLY D 137 -18.68 34.90 4.63
N ARG D 138 -18.93 35.03 5.94
CA ARG D 138 -19.43 36.28 6.55
C ARG D 138 -18.30 37.31 6.69
N ALA D 139 -18.48 38.53 6.19
CA ALA D 139 -17.47 39.60 6.29
C ALA D 139 -17.22 40.06 7.76
N LEU D 140 -15.98 40.41 8.10
CA LEU D 140 -15.56 40.78 9.47
C LEU D 140 -15.08 42.23 9.61
N TYR D 141 -14.12 42.68 8.79
CA TYR D 141 -13.60 44.05 8.77
C TYR D 141 -13.02 44.43 7.39
N ASP D 142 -13.00 45.73 7.08
CA ASP D 142 -13.02 46.23 5.70
C ASP D 142 -11.65 46.33 4.99
N ILE D 143 -10.63 46.88 5.66
CA ILE D 143 -9.26 47.08 5.17
C ILE D 143 -9.19 47.78 3.78
N ASN D 144 -9.78 48.97 3.66
CA ASN D 144 -9.48 49.90 2.55
C ASN D 144 -8.17 50.64 2.85
N LEU D 145 -7.04 50.13 2.34
CA LEU D 145 -5.69 50.59 2.68
C LEU D 145 -5.42 52.08 2.41
N ALA D 146 -6.17 52.70 1.50
CA ALA D 146 -6.09 54.14 1.25
C ALA D 146 -6.77 55.01 2.33
N LYS D 147 -7.62 54.42 3.18
CA LYS D 147 -8.57 55.14 4.05
C LYS D 147 -8.62 54.71 5.53
N MET D 148 -8.10 53.51 5.90
CA MET D 148 -8.22 53.01 7.28
C MET D 148 -7.58 53.93 8.33
N GLU D 149 -8.22 53.97 9.50
CA GLU D 149 -7.84 54.81 10.65
C GLU D 149 -6.58 54.30 11.38
N ASN D 150 -5.81 55.23 11.95
CA ASN D 150 -4.64 54.99 12.82
C ASN D 150 -3.72 53.81 12.41
N PRO D 151 -3.18 53.79 11.16
CA PRO D 151 -2.29 52.72 10.70
C PRO D 151 -1.00 52.65 11.52
N SER D 152 -0.54 51.44 11.83
CA SER D 152 0.64 51.20 12.67
C SER D 152 1.39 49.92 12.29
N THR D 153 2.70 49.87 12.51
CA THR D 153 3.44 48.61 12.63
C THR D 153 3.20 47.95 14.01
N VAL D 154 3.44 46.64 14.12
CA VAL D 154 3.36 45.87 15.38
C VAL D 154 4.62 46.05 16.24
N GLN D 155 4.43 46.26 17.54
CA GLN D 155 5.48 46.38 18.56
C GLN D 155 6.14 45.03 18.88
N ARG D 156 7.46 45.01 19.14
CA ARG D 156 8.25 43.79 19.32
C ARG D 156 8.90 43.70 20.70
N GLY D 157 9.10 42.47 21.20
CA GLY D 157 10.04 42.17 22.28
C GLY D 157 11.50 42.17 21.81
N LEU D 158 12.45 42.08 22.75
CA LEU D 158 13.89 42.14 22.46
C LEU D 158 14.40 40.94 21.63
N ASN D 159 13.68 39.81 21.63
CA ASN D 159 13.93 38.64 20.78
C ASN D 159 13.22 38.69 19.41
N GLY D 160 12.66 39.85 19.01
CA GLY D 160 12.01 40.07 17.72
C GLY D 160 10.53 39.66 17.62
N GLU D 161 10.03 38.86 18.57
CA GLU D 161 8.62 38.40 18.58
C GLU D 161 7.63 39.58 18.73
N PRO D 162 6.50 39.58 18.00
CA PRO D 162 5.44 40.56 18.18
C PRO D 162 4.72 40.37 19.51
N ILE D 163 4.48 41.44 20.26
CA ILE D 163 3.74 41.35 21.53
C ILE D 163 2.23 41.19 21.24
N PHE D 164 1.62 40.16 21.83
CA PHE D 164 0.28 39.70 21.48
C PHE D 164 -0.46 39.00 22.64
N ASP D 165 -1.79 39.10 22.67
CA ASP D 165 -2.70 38.34 23.53
C ASP D 165 -4.06 38.25 22.82
N PRO D 166 -4.57 37.07 22.41
CA PRO D 166 -5.66 36.94 21.44
C PRO D 166 -6.88 37.86 21.60
N PHE D 167 -7.37 38.10 22.81
CA PHE D 167 -8.53 38.96 23.04
C PHE D 167 -8.20 40.46 22.85
N LYS D 168 -7.02 40.90 23.29
CA LYS D 168 -6.50 42.26 23.09
C LYS D 168 -6.01 42.49 21.66
N GLY D 169 -5.45 41.47 21.02
CA GLY D 169 -4.75 41.54 19.75
C GLY D 169 -3.27 41.90 19.90
N PHE D 170 -2.68 42.47 18.85
CA PHE D 170 -1.28 42.89 18.84
C PHE D 170 -1.05 44.23 19.56
N GLY D 171 0.16 44.46 20.06
CA GLY D 171 0.62 45.79 20.46
C GLY D 171 0.98 46.64 19.24
N LEU D 172 0.46 47.87 19.15
CA LEU D 172 0.71 48.80 18.05
C LEU D 172 1.63 49.94 18.54
N THR D 173 2.68 50.26 17.78
CA THR D 173 3.63 51.33 18.13
C THR D 173 3.04 52.74 17.99
N GLY D 174 1.93 52.90 17.26
CA GLY D 174 1.26 54.19 17.04
C GLY D 174 1.80 54.99 15.86
N ASN D 175 2.69 54.41 15.05
CA ASN D 175 3.24 55.03 13.84
C ASN D 175 3.28 54.05 12.65
N ALA D 176 2.97 54.55 11.46
CA ALA D 176 2.92 53.74 10.23
C ALA D 176 4.30 53.22 9.81
N PRO D 177 4.38 52.14 9.01
CA PRO D 177 5.61 51.68 8.38
C PRO D 177 6.32 52.75 7.51
N THR D 178 7.53 52.45 7.07
CA THR D 178 8.26 53.30 6.12
C THR D 178 7.51 53.46 4.78
N ASP D 179 7.72 54.59 4.11
CA ASP D 179 7.15 54.93 2.79
C ASP D 179 5.60 54.95 2.73
N TRP D 180 4.92 55.15 3.88
CA TRP D 180 3.46 55.16 3.96
C TRP D 180 2.79 56.23 3.07
N ASN D 181 3.48 57.36 2.86
CA ASN D 181 3.01 58.46 2.01
C ASN D 181 2.91 58.10 0.51
N GLU D 182 3.51 57.00 0.05
CA GLU D 182 3.37 56.52 -1.34
C GLU D 182 2.83 55.07 -1.45
N ILE D 183 2.78 54.29 -0.37
CA ILE D 183 2.06 52.98 -0.41
C ILE D 183 0.53 53.17 -0.44
N LYS D 184 0.01 54.23 0.18
CA LYS D 184 -1.45 54.47 0.34
C LYS D 184 -2.22 54.65 -0.98
N GLY D 185 -1.55 54.92 -2.09
CA GLY D 185 -2.14 54.98 -3.43
C GLY D 185 -2.18 53.63 -4.18
N LYS D 186 -1.47 52.61 -3.71
CA LYS D 186 -1.33 51.30 -4.37
C LYS D 186 -2.52 50.38 -4.05
N VAL D 187 -2.82 49.46 -4.96
CA VAL D 187 -3.88 48.45 -4.82
C VAL D 187 -3.27 47.07 -4.57
N PRO D 188 -3.72 46.31 -3.54
CA PRO D 188 -3.28 44.95 -3.30
C PRO D 188 -3.87 43.99 -4.35
N VAL D 189 -3.06 43.02 -4.81
CA VAL D 189 -3.41 42.12 -5.92
C VAL D 189 -3.10 40.64 -5.69
N GLU D 190 -2.35 40.28 -4.64
CA GLU D 190 -2.17 38.88 -4.22
C GLU D 190 -1.82 38.77 -2.73
N VAL D 191 -2.30 37.72 -2.05
CA VAL D 191 -2.09 37.51 -0.60
C VAL D 191 -1.70 36.04 -0.32
N VAL D 192 -0.75 35.81 0.60
CA VAL D 192 -0.30 34.48 1.06
C VAL D 192 0.02 34.46 2.57
N GLN D 193 0.15 33.27 3.16
CA GLN D 193 0.36 33.05 4.61
C GLN D 193 1.72 32.37 4.89
N SER D 194 2.36 32.68 6.03
CA SER D 194 3.59 32.00 6.46
C SER D 194 3.36 30.51 6.75
N PRO D 195 4.24 29.58 6.32
CA PRO D 195 4.08 28.16 6.59
C PRO D 195 4.42 27.76 8.04
N HIS D 196 5.29 28.51 8.72
CA HIS D 196 5.85 28.15 10.03
C HIS D 196 5.51 29.15 11.16
N SER D 197 5.13 30.39 10.86
CA SER D 197 4.88 31.44 11.87
C SER D 197 3.37 31.72 12.04
N PRO D 198 2.83 31.75 13.28
CA PRO D 198 1.39 31.95 13.52
C PRO D 198 0.96 33.41 13.24
N ASN D 199 -0.27 33.60 12.77
CA ASN D 199 -0.90 34.91 12.49
C ASN D 199 -0.13 35.83 11.51
N LEU D 200 0.85 35.32 10.74
CA LEU D 200 1.74 36.11 9.88
C LEU D 200 1.43 35.90 8.39
N TYR D 201 1.18 37.00 7.68
CA TYR D 201 0.73 37.01 6.29
C TYR D 201 1.54 38.00 5.43
N PHE D 202 1.49 37.83 4.11
CA PHE D 202 2.16 38.68 3.13
C PHE D 202 1.19 39.11 2.02
N VAL D 203 1.28 40.37 1.57
CA VAL D 203 0.46 40.91 0.47
C VAL D 203 1.31 41.70 -0.52
N LEU D 204 1.01 41.56 -1.80
CA LEU D 204 1.62 42.23 -2.95
C LEU D 204 0.72 43.36 -3.48
N LEU D 205 1.29 44.53 -3.74
CA LEU D 205 0.61 45.75 -4.16
C LEU D 205 1.26 46.38 -5.41
N VAL D 206 0.44 47.03 -6.24
CA VAL D 206 0.84 47.67 -7.51
C VAL D 206 0.13 49.02 -7.70
N PRO D 207 0.61 49.94 -8.57
CA PRO D 207 -0.15 51.11 -9.01
C PRO D 207 -1.45 50.70 -9.71
N LYS D 208 -2.55 51.47 -9.58
CA LYS D 208 -3.84 51.10 -10.19
C LYS D 208 -3.82 51.05 -11.72
N VAL D 209 -2.90 51.73 -12.40
CA VAL D 209 -2.69 51.55 -13.85
C VAL D 209 -2.35 50.10 -14.22
N ALA D 210 -1.73 49.30 -13.35
CA ALA D 210 -1.51 47.88 -13.61
C ALA D 210 -2.82 47.05 -13.69
N LEU D 211 -3.94 47.59 -13.19
CA LEU D 211 -5.29 47.08 -13.47
C LEU D 211 -5.90 47.76 -14.70
N GLU D 212 -5.88 49.09 -14.73
CA GLU D 212 -6.60 49.92 -15.70
C GLU D 212 -5.91 50.11 -17.06
N TYR D 213 -4.75 49.47 -17.30
CA TYR D 213 -3.90 49.63 -18.50
C TYR D 213 -4.66 49.64 -19.84
N HIS D 214 -5.61 48.72 -20.04
CA HIS D 214 -6.44 48.67 -21.27
C HIS D 214 -7.54 49.75 -21.35
N ASN D 215 -7.87 50.41 -20.23
CA ASN D 215 -8.83 51.51 -20.15
C ASN D 215 -8.18 52.91 -20.27
N LEU D 216 -6.85 53.03 -20.16
CA LEU D 216 -6.11 54.24 -20.53
C LEU D 216 -6.24 54.54 -22.05
N ASN D 217 -6.04 55.80 -22.43
CA ASN D 217 -6.34 56.30 -23.79
C ASN D 217 -5.36 55.81 -24.88
N ASN D 218 -5.90 55.54 -26.08
CA ASN D 218 -5.23 54.71 -27.09
C ASN D 218 -4.00 55.33 -27.78
N GLN D 219 -3.84 56.66 -27.80
CA GLN D 219 -2.69 57.30 -28.45
C GLN D 219 -1.40 57.26 -27.60
N VAL D 220 -1.49 56.88 -26.32
CA VAL D 220 -0.33 56.59 -25.45
C VAL D 220 -0.17 55.10 -25.19
N VAL D 221 -1.23 54.35 -24.89
CA VAL D 221 -1.19 52.87 -24.80
C VAL D 221 -1.38 52.25 -26.20
N LYS D 222 -0.39 52.43 -27.06
CA LYS D 222 -0.39 52.00 -28.47
C LYS D 222 0.00 50.51 -28.64
N GLU D 223 -0.37 49.94 -29.79
CA GLU D 223 0.21 48.70 -30.32
C GLU D 223 1.66 48.91 -30.80
N SER D 224 2.47 47.84 -30.86
CA SER D 224 3.87 47.93 -31.33
C SER D 224 4.02 48.16 -32.85
N LEU D 225 2.92 48.00 -33.60
CA LEU D 225 2.80 48.22 -35.05
C LEU D 225 1.60 49.16 -35.34
N GLU D 226 1.74 50.06 -36.32
CA GLU D 226 0.67 50.99 -36.71
C GLU D 226 -0.40 50.33 -37.61
N VAL D 227 -1.66 50.77 -37.49
CA VAL D 227 -2.76 50.29 -38.33
C VAL D 227 -2.80 50.94 -39.74
N LYS D 228 -2.30 52.17 -39.87
CA LYS D 228 -2.33 53.02 -41.07
C LYS D 228 -3.74 53.42 -41.57
N ALA D 229 -3.80 54.48 -42.39
CA ALA D 229 -5.03 55.03 -42.97
C ALA D 229 -5.54 54.30 -44.24
N THR D 230 -4.68 53.48 -44.87
CA THR D 230 -5.00 52.66 -46.06
C THR D 230 -5.60 53.45 -47.26
N GLN D 231 -5.27 54.73 -47.41
CA GLN D 231 -5.82 55.60 -48.45
C GLN D 231 -5.50 55.16 -49.89
N SER D 232 -4.35 54.51 -50.09
CA SER D 232 -3.93 53.90 -51.36
C SER D 232 -4.43 52.44 -51.55
N SER D 233 -5.37 51.98 -50.71
CA SER D 233 -5.70 50.57 -50.44
C SER D 233 -4.57 49.80 -49.72
N PHE D 234 -4.93 48.78 -48.93
CA PHE D 234 -3.99 48.04 -48.10
C PHE D 234 -3.12 47.04 -48.90
N ASN D 235 -1.86 46.89 -48.50
CA ASN D 235 -0.90 45.94 -49.06
C ASN D 235 0.17 45.58 -47.98
N PRO D 236 0.26 44.32 -47.52
CA PRO D 236 1.14 43.93 -46.41
C PRO D 236 2.63 43.93 -46.80
N THR D 237 2.98 44.01 -48.09
CA THR D 237 4.37 44.04 -48.59
C THR D 237 5.05 45.41 -48.44
N GLN D 238 4.29 46.49 -48.19
CA GLN D 238 4.83 47.86 -48.16
C GLN D 238 5.72 48.15 -46.93
N ARG D 239 5.50 47.44 -45.81
CA ARG D 239 6.31 47.58 -44.58
C ARG D 239 7.59 46.76 -44.57
N LEU D 240 7.67 45.69 -45.37
CA LEU D 240 8.79 44.73 -45.35
C LEU D 240 10.05 45.27 -46.05
N GLN D 241 11.18 45.34 -45.33
CA GLN D 241 12.51 45.45 -45.94
C GLN D 241 12.85 44.09 -46.60
N LYS D 242 13.07 44.06 -47.92
CA LYS D 242 12.97 42.81 -48.72
C LYS D 242 14.14 42.50 -49.67
N ASP D 243 14.85 43.52 -50.16
CA ASP D 243 15.84 43.37 -51.23
C ASP D 243 17.06 42.53 -50.77
N SER D 244 17.49 41.59 -51.62
CA SER D 244 18.60 40.67 -51.29
C SER D 244 20.00 41.26 -51.58
N PRO D 245 21.03 40.85 -50.83
CA PRO D 245 22.42 41.29 -51.02
C PRO D 245 23.07 40.74 -52.30
N VAL D 246 24.23 41.29 -52.68
CA VAL D 246 24.96 40.98 -53.92
C VAL D 246 26.49 41.04 -53.72
N LYS D 247 27.25 40.36 -54.58
CA LYS D 247 28.72 40.43 -54.66
C LYS D 247 29.21 41.86 -54.94
N ASP D 248 30.17 42.34 -54.17
CA ASP D 248 30.73 43.69 -54.24
C ASP D 248 31.55 43.92 -55.53
N SER D 249 31.10 44.86 -56.37
CA SER D 249 31.68 45.20 -57.68
C SER D 249 33.15 45.65 -57.65
N SER D 250 33.69 45.99 -56.48
CA SER D 250 35.07 46.47 -56.31
C SER D 250 35.90 45.66 -55.28
N LYS D 251 35.40 44.50 -54.83
CA LYS D 251 36.03 43.71 -53.74
C LYS D 251 35.84 42.18 -53.87
N GLN D 252 35.76 41.68 -55.10
CA GLN D 252 35.51 40.27 -55.40
C GLN D 252 36.62 39.30 -54.91
N GLY D 253 37.86 39.78 -54.80
CA GLY D 253 39.06 38.94 -54.62
C GLY D 253 39.38 38.49 -53.19
N GLU D 254 38.72 39.02 -52.15
CA GLU D 254 39.05 38.72 -50.74
C GLU D 254 38.48 37.39 -50.20
N LYS D 255 37.79 36.61 -51.05
CA LYS D 255 37.24 35.27 -50.78
C LYS D 255 38.27 34.29 -50.17
N LEU D 256 37.79 33.25 -49.50
CA LEU D 256 38.64 32.20 -48.93
C LEU D 256 39.53 31.52 -49.99
N SER D 257 40.79 31.26 -49.67
CA SER D 257 41.72 30.58 -50.57
C SER D 257 41.47 29.08 -50.65
N GLU D 258 41.56 28.53 -51.86
CA GLU D 258 41.52 27.08 -52.10
C GLU D 258 42.80 26.39 -51.58
N THR D 259 42.66 25.22 -50.97
CA THR D 259 43.79 24.44 -50.43
C THR D 259 44.70 23.96 -51.58
N THR D 260 45.89 24.56 -51.71
CA THR D 260 46.82 24.30 -52.84
C THR D 260 47.46 22.91 -52.81
N ALA D 261 47.74 22.37 -51.61
CA ALA D 261 48.12 20.99 -51.38
C ALA D 261 47.52 20.48 -50.07
N SER D 262 47.01 19.25 -50.04
CA SER D 262 46.29 18.65 -48.91
C SER D 262 47.01 17.41 -48.37
N SER D 263 47.22 17.35 -47.05
CA SER D 263 47.99 16.30 -46.37
C SER D 263 47.40 14.89 -46.56
N MET D 264 48.26 13.89 -46.74
CA MET D 264 47.86 12.52 -47.11
C MET D 264 47.07 11.81 -45.99
N SER D 265 47.51 11.92 -44.73
CA SER D 265 46.94 11.20 -43.57
C SER D 265 46.83 9.67 -43.78
N SER D 266 47.77 9.09 -44.53
CA SER D 266 47.78 7.69 -44.98
C SER D 266 46.59 7.28 -45.89
N GLY D 267 45.89 8.24 -46.48
CA GLY D 267 44.87 8.01 -47.52
C GLY D 267 45.46 7.64 -48.89
N MET D 268 44.59 7.32 -49.86
CA MET D 268 45.00 6.78 -51.17
C MET D 268 44.21 7.31 -52.38
N ALA D 269 42.91 7.56 -52.28
CA ALA D 269 42.08 7.96 -53.43
C ALA D 269 42.22 9.45 -53.82
N THR D 270 41.81 9.79 -55.04
CA THR D 270 41.99 11.10 -55.71
C THR D 270 40.77 11.46 -56.57
N SER D 271 40.55 12.75 -56.86
CA SER D 271 39.52 13.23 -57.80
C SER D 271 39.91 14.53 -58.52
N THR D 272 39.19 14.85 -59.59
CA THR D 272 39.39 16.05 -60.44
C THR D 272 38.78 17.34 -59.85
N ARG D 273 37.86 17.22 -58.87
CA ARG D 273 37.12 18.35 -58.28
C ARG D 273 38.04 19.35 -57.53
N ALA D 274 37.63 20.62 -57.49
CA ALA D 274 38.22 21.66 -56.64
C ALA D 274 38.25 21.30 -55.13
N LYS D 275 39.24 21.83 -54.42
CA LYS D 275 39.58 21.47 -53.03
C LYS D 275 38.77 22.27 -51.98
N ALA D 276 38.94 21.93 -50.70
CA ALA D 276 38.39 22.69 -49.57
C ALA D 276 38.99 24.11 -49.45
N LEU D 277 38.24 25.03 -48.84
CA LEU D 277 38.63 26.42 -48.66
C LEU D 277 39.18 26.65 -47.24
N LYS D 278 40.33 27.31 -47.09
CA LYS D 278 40.94 27.58 -45.78
C LYS D 278 40.29 28.77 -45.06
N VAL D 279 40.13 28.66 -43.75
CA VAL D 279 39.79 29.74 -42.81
C VAL D 279 40.87 29.81 -41.72
N GLU D 280 41.51 30.96 -41.54
CA GLU D 280 42.56 31.15 -40.54
C GLU D 280 42.35 32.40 -39.66
N VAL D 281 42.70 32.29 -38.38
CA VAL D 281 42.63 33.39 -37.41
C VAL D 281 43.85 33.33 -36.48
N GLU D 282 44.61 34.42 -36.33
CA GLU D 282 45.69 34.54 -35.34
C GLU D 282 45.97 36.00 -34.93
N ARG D 283 46.43 36.18 -33.69
CA ARG D 283 46.43 37.47 -32.96
C ARG D 283 47.47 38.50 -33.41
N GLY D 284 48.63 38.06 -33.91
CA GLY D 284 49.74 38.97 -34.24
C GLY D 284 50.30 39.76 -33.06
N SER D 285 50.94 40.89 -33.34
CA SER D 285 51.58 41.78 -32.36
C SER D 285 50.96 43.18 -32.26
N GLN D 286 50.07 43.57 -33.18
CA GLN D 286 49.49 44.92 -33.25
C GLN D 286 48.48 45.20 -32.12
N SER D 287 48.41 46.44 -31.65
CA SER D 287 47.63 46.83 -30.46
C SER D 287 46.10 46.78 -30.64
N ASP D 288 45.58 46.83 -31.87
CA ASP D 288 44.13 46.87 -32.15
C ASP D 288 43.71 46.05 -33.39
N SER D 289 44.56 45.13 -33.85
CA SER D 289 44.31 44.31 -35.04
C SER D 289 44.85 42.89 -34.87
N LEU D 290 44.16 41.91 -35.46
CA LEU D 290 44.70 40.56 -35.67
C LEU D 290 45.74 40.57 -36.82
N LEU D 291 46.43 39.43 -37.01
CA LEU D 291 47.28 39.16 -38.18
C LEU D 291 46.51 38.39 -39.28
N LYS D 292 45.56 37.52 -38.90
CA LYS D 292 44.53 36.97 -39.80
C LYS D 292 43.19 36.84 -39.08
N ASN D 293 42.09 36.91 -39.83
CA ASN D 293 40.72 36.83 -39.30
C ASN D 293 39.70 36.45 -40.40
N ASP D 294 39.86 35.30 -41.08
CA ASP D 294 39.08 34.96 -42.28
C ASP D 294 37.55 34.83 -42.07
N PHE D 295 37.07 34.61 -40.85
CA PHE D 295 35.62 34.66 -40.56
C PHE D 295 35.01 36.07 -40.73
N ALA D 296 35.81 37.15 -40.69
CA ALA D 296 35.33 38.54 -40.77
C ALA D 296 35.35 39.14 -42.19
N LYS D 297 35.65 38.34 -43.22
CA LYS D 297 35.57 38.75 -44.64
C LYS D 297 34.15 39.17 -45.02
N LYS D 298 34.01 40.09 -45.98
CA LYS D 298 32.73 40.72 -46.37
C LYS D 298 32.68 41.05 -47.88
N PRO D 299 32.72 40.03 -48.77
CA PRO D 299 32.61 40.24 -50.21
C PRO D 299 31.16 40.43 -50.70
N LEU D 300 30.14 40.10 -49.89
CA LEU D 300 28.74 40.50 -50.13
C LEU D 300 28.44 41.89 -49.52
N LYS D 301 27.54 42.65 -50.15
CA LYS D 301 26.98 43.91 -49.62
C LYS D 301 25.49 44.05 -49.93
N HIS D 302 24.80 44.90 -49.17
CA HIS D 302 23.35 45.14 -49.32
C HIS D 302 22.99 45.89 -50.61
N LYS D 303 21.74 45.72 -51.06
CA LYS D 303 21.17 46.41 -52.24
C LYS D 303 21.03 47.92 -52.03
N ASN D 304 21.14 48.69 -53.11
CA ASN D 304 20.70 50.10 -53.17
C ASN D 304 19.39 50.18 -53.99
N SER D 305 18.32 50.65 -53.36
CA SER D 305 16.97 50.79 -53.92
C SER D 305 16.32 52.07 -53.38
N SER D 306 16.71 53.22 -53.94
CA SER D 306 16.47 54.55 -53.37
C SER D 306 17.10 54.70 -51.97
N GLY D 307 18.37 54.32 -51.86
CA GLY D 307 19.12 54.18 -50.61
C GLY D 307 19.36 52.73 -50.20
N GLU D 308 20.30 52.50 -49.29
CA GLU D 308 20.71 51.17 -48.84
C GLU D 308 19.63 50.45 -48.00
N VAL D 309 19.38 49.17 -48.29
CA VAL D 309 18.51 48.31 -47.45
C VAL D 309 19.28 47.80 -46.21
N LYS D 310 18.76 48.10 -45.02
CA LYS D 310 19.28 47.66 -43.71
C LYS D 310 18.25 47.89 -42.60
N LEU D 311 18.44 47.28 -41.44
CA LEU D 311 17.67 47.63 -40.24
C LEU D 311 18.17 48.98 -39.68
N GLU D 312 17.35 50.02 -39.79
CA GLU D 312 17.66 51.42 -39.46
C GLU D 312 16.38 52.09 -38.93
N ALA D 313 16.15 51.99 -37.61
CA ALA D 313 14.83 52.25 -37.01
C ALA D 313 14.28 53.66 -37.28
N GLU D 314 15.12 54.69 -37.24
CA GLU D 314 14.70 56.09 -37.42
C GLU D 314 14.13 56.42 -38.83
N LYS D 315 14.42 55.60 -39.86
CA LYS D 315 13.80 55.75 -41.20
C LYS D 315 12.58 54.85 -41.44
N GLU D 316 12.16 54.05 -40.46
CA GLU D 316 10.98 53.18 -40.54
C GLU D 316 9.90 53.53 -39.49
N PHE D 317 10.30 53.83 -38.26
CA PHE D 317 9.41 54.16 -37.14
C PHE D 317 9.31 55.69 -36.93
N THR D 318 8.39 56.34 -37.62
CA THR D 318 8.15 57.79 -37.55
C THR D 318 7.56 58.27 -36.21
N GLU D 319 6.91 57.36 -35.46
CA GLU D 319 6.41 57.59 -34.10
C GLU D 319 6.62 56.31 -33.26
N ALA D 320 7.89 56.00 -33.00
CA ALA D 320 8.31 54.71 -32.44
C ALA D 320 7.64 54.36 -31.09
N TRP D 321 7.13 53.13 -30.98
CA TRP D 321 6.55 52.58 -29.76
C TRP D 321 7.60 52.44 -28.65
N LYS D 322 7.25 52.87 -27.43
CA LYS D 322 8.14 52.93 -26.25
C LYS D 322 7.38 52.54 -24.97
N PRO D 323 8.07 52.03 -23.93
CA PRO D 323 7.48 51.75 -22.62
C PRO D 323 6.72 52.93 -21.99
N LEU D 324 5.73 52.63 -21.14
CA LEU D 324 5.11 53.63 -20.24
C LEU D 324 6.15 54.22 -19.28
N LEU D 325 7.04 53.40 -18.69
CA LEU D 325 8.21 53.85 -17.92
C LEU D 325 9.42 52.91 -18.16
N THR D 326 10.63 53.48 -18.06
CA THR D 326 11.90 52.75 -18.15
C THR D 326 12.26 52.05 -16.84
N THR D 327 13.17 51.08 -16.87
CA THR D 327 13.59 50.35 -15.66
C THR D 327 14.26 51.26 -14.62
N ASP D 328 14.98 52.29 -15.05
CA ASP D 328 15.63 53.29 -14.17
C ASP D 328 14.66 54.35 -13.64
N GLN D 329 13.50 54.55 -14.28
CA GLN D 329 12.40 55.34 -13.70
C GLN D 329 11.67 54.55 -12.61
N ILE D 330 11.23 53.32 -12.88
CA ILE D 330 10.43 52.51 -11.95
C ILE D 330 11.20 52.21 -10.65
N ALA D 331 12.51 52.07 -10.71
CA ALA D 331 13.37 51.88 -9.55
C ALA D 331 13.43 53.09 -8.59
N ARG D 332 13.40 54.31 -9.12
CA ARG D 332 13.62 55.57 -8.37
C ARG D 332 12.34 56.31 -8.03
N GLU D 333 11.33 56.26 -8.89
CA GLU D 333 9.98 56.78 -8.63
C GLU D 333 9.18 55.77 -7.77
N LYS D 334 9.40 55.79 -6.45
CA LYS D 334 9.01 54.72 -5.50
C LYS D 334 7.49 54.42 -5.47
N GLY D 335 6.66 55.37 -5.92
CA GLY D 335 5.21 55.19 -6.08
C GLY D 335 4.79 54.30 -7.26
N MET D 336 5.63 54.16 -8.30
CA MET D 336 5.34 53.37 -9.52
C MET D 336 5.87 51.93 -9.47
N GLY D 337 6.83 51.61 -8.60
CA GLY D 337 7.27 50.23 -8.36
C GLY D 337 6.25 49.42 -7.54
N ALA D 338 6.18 48.11 -7.78
CA ALA D 338 5.41 47.17 -6.95
C ALA D 338 6.03 47.02 -5.54
N THR D 339 5.21 46.64 -4.57
CA THR D 339 5.56 46.53 -3.15
C THR D 339 5.03 45.22 -2.57
N VAL D 340 5.77 44.57 -1.67
CA VAL D 340 5.26 43.52 -0.79
C VAL D 340 5.35 43.99 0.66
N VAL D 341 4.32 43.71 1.47
CA VAL D 341 4.38 43.94 2.91
C VAL D 341 4.01 42.68 3.69
N SER D 342 4.64 42.48 4.84
CA SER D 342 4.14 41.53 5.84
C SER D 342 3.10 42.21 6.74
N PHE D 343 2.13 41.45 7.24
CA PHE D 343 1.11 41.93 8.16
C PHE D 343 0.62 40.84 9.12
N TYR D 344 0.01 41.27 10.21
CA TYR D 344 -0.52 40.42 11.27
C TYR D 344 -2.04 40.61 11.40
N ASP D 345 -2.75 39.51 11.62
CA ASP D 345 -4.22 39.48 11.66
C ASP D 345 -4.76 38.46 12.68
N ALA D 346 -5.85 38.82 13.37
CA ALA D 346 -6.66 37.91 14.18
C ALA D 346 -8.16 38.34 14.15
N PRO D 347 -9.12 37.40 13.93
CA PRO D 347 -10.49 37.74 13.55
C PRO D 347 -11.39 38.34 14.65
N TYR D 348 -11.09 38.14 15.93
CA TYR D 348 -11.98 38.48 17.06
C TYR D 348 -11.32 39.32 18.16
N SER D 349 -10.11 39.84 17.91
CA SER D 349 -9.39 40.72 18.83
C SER D 349 -9.92 42.16 18.83
N GLU D 350 -9.60 42.94 19.86
CA GLU D 350 -9.78 44.41 19.82
C GLU D 350 -8.85 45.07 18.78
N ASN D 351 -7.54 44.83 18.86
CA ASN D 351 -6.55 45.23 17.85
C ASN D 351 -6.41 44.14 16.77
N HIS D 352 -7.40 43.99 15.88
CA HIS D 352 -7.51 42.86 14.97
C HIS D 352 -6.44 42.79 13.85
N THR D 353 -5.92 43.93 13.38
CA THR D 353 -4.93 43.97 12.27
C THR D 353 -3.89 45.07 12.45
N ALA D 354 -2.64 44.80 12.07
CA ALA D 354 -1.54 45.77 11.99
C ALA D 354 -0.40 45.28 11.08
N PHE D 355 0.45 46.19 10.61
CA PHE D 355 1.51 45.91 9.63
C PHE D 355 2.80 45.35 10.28
N GLY D 356 3.59 44.63 9.50
CA GLY D 356 4.97 44.24 9.83
C GLY D 356 5.97 45.20 9.18
N LEU D 357 6.54 44.78 8.04
CA LEU D 357 7.60 45.46 7.29
C LEU D 357 7.21 45.64 5.81
N VAL D 358 7.84 46.61 5.13
CA VAL D 358 7.59 47.00 3.73
C VAL D 358 8.84 46.77 2.86
N ASP D 359 8.69 46.14 1.69
CA ASP D 359 9.75 45.97 0.69
C ASP D 359 9.32 46.36 -0.73
N HIS D 360 10.20 47.09 -1.42
CA HIS D 360 10.07 47.40 -2.87
C HIS D 360 10.51 46.21 -3.72
N ILE D 361 9.69 45.80 -4.68
CA ILE D 361 10.06 44.80 -5.70
C ILE D 361 10.83 45.51 -6.82
N ASP D 362 12.01 46.01 -6.46
CA ASP D 362 12.84 46.92 -7.26
C ASP D 362 13.37 46.24 -8.54
N PRO D 363 13.06 46.76 -9.75
CA PRO D 363 13.57 46.21 -11.00
C PRO D 363 15.09 46.01 -11.03
N LYS D 364 15.90 46.88 -10.39
CA LYS D 364 17.36 46.74 -10.37
C LYS D 364 17.81 45.47 -9.66
N LYS D 365 17.07 44.97 -8.67
CA LYS D 365 17.32 43.67 -8.00
C LYS D 365 17.04 42.45 -8.90
N MET D 366 16.40 42.64 -10.05
CA MET D 366 16.29 41.66 -11.13
C MET D 366 17.31 41.93 -12.26
N VAL D 367 17.37 43.15 -12.78
CA VAL D 367 18.20 43.54 -13.94
C VAL D 367 19.70 43.42 -13.65
N GLU D 368 20.18 43.77 -12.45
CA GLU D 368 21.59 43.54 -12.07
C GLU D 368 21.93 42.06 -11.83
N ASN D 369 20.93 41.16 -11.83
CA ASN D 369 21.10 39.71 -11.77
C ASN D 369 20.90 39.04 -13.15
N TYR D 370 20.71 39.80 -14.23
CA TYR D 370 20.82 39.27 -15.59
C TYR D 370 22.26 38.79 -15.88
N PRO D 371 22.45 37.67 -16.62
CA PRO D 371 23.76 37.21 -17.08
C PRO D 371 24.58 38.27 -17.84
N PRO D 372 25.93 38.23 -17.80
CA PRO D 372 26.80 39.21 -18.46
C PRO D 372 26.51 39.45 -19.96
N SER D 373 26.16 38.41 -20.72
CA SER D 373 25.81 38.54 -22.15
C SER D 373 24.57 39.39 -22.41
N TRP D 374 23.67 39.56 -21.43
CA TRP D 374 22.46 40.39 -21.56
C TRP D 374 22.76 41.90 -21.56
N LYS D 375 24.02 42.28 -21.30
CA LYS D 375 24.55 43.64 -21.58
C LYS D 375 24.73 43.89 -23.08
N THR D 376 24.81 42.84 -23.91
CA THR D 376 25.04 42.90 -25.37
C THR D 376 24.11 41.93 -26.13
N PRO D 377 22.78 42.12 -26.11
CA PRO D 377 21.80 41.22 -26.74
C PRO D 377 21.85 41.18 -28.28
N LYS D 378 22.57 42.12 -28.91
CA LYS D 378 22.92 42.14 -30.35
C LYS D 378 24.14 41.25 -30.70
N TRP D 379 24.74 40.55 -29.74
CA TRP D 379 25.91 39.67 -29.94
C TRP D 379 25.71 38.28 -29.32
N ASN D 380 26.39 37.25 -29.84
CA ASN D 380 26.32 35.87 -29.36
C ASN D 380 27.69 35.16 -29.49
N HIS D 381 27.85 33.96 -28.92
CA HIS D 381 29.16 33.31 -28.87
C HIS D 381 29.73 32.85 -30.21
N HIS D 382 28.92 32.73 -31.28
CA HIS D 382 29.41 32.50 -32.65
C HIS D 382 29.92 33.79 -33.33
N GLY D 383 29.40 34.96 -32.94
CA GLY D 383 29.96 36.26 -33.27
C GLY D 383 29.94 36.63 -34.76
N ILE D 384 31.08 37.08 -35.27
CA ILE D 384 31.24 37.82 -36.55
C ILE D 384 30.56 37.19 -37.78
N TRP D 385 30.71 35.88 -38.02
CA TRP D 385 30.12 35.26 -39.22
C TRP D 385 28.59 35.19 -39.12
N ASP D 386 28.07 34.88 -37.93
CA ASP D 386 26.64 34.74 -37.66
C ASP D 386 25.95 36.12 -37.66
N TYR D 387 26.60 37.12 -37.05
CA TYR D 387 26.20 38.53 -37.11
C TYR D 387 26.04 39.01 -38.57
N ASN D 388 27.06 38.77 -39.41
CA ASN D 388 26.99 39.14 -40.82
C ASN D 388 25.93 38.34 -41.59
N ALA D 389 25.83 37.01 -41.42
CA ALA D 389 24.82 36.20 -42.10
C ALA D 389 23.38 36.63 -41.74
N ARG D 390 23.10 36.96 -40.47
CA ARG D 390 21.80 37.49 -40.05
C ARG D 390 21.54 38.88 -40.62
N ASN D 391 22.51 39.80 -40.58
CA ASN D 391 22.32 41.15 -41.12
C ASN D 391 22.15 41.13 -42.65
N LEU D 392 22.84 40.24 -43.38
CA LEU D 392 22.66 40.03 -44.82
C LEU D 392 21.26 39.53 -45.17
N LEU D 393 20.67 38.66 -44.35
CA LEU D 393 19.27 38.20 -44.47
C LEU D 393 18.26 39.17 -43.81
N LEU D 394 18.67 40.36 -43.37
CA LEU D 394 17.84 41.37 -42.71
C LEU D 394 17.14 40.88 -41.43
N GLN D 395 17.78 39.99 -40.67
CA GLN D 395 17.29 39.42 -39.41
C GLN D 395 17.85 40.13 -38.17
N THR D 396 17.23 39.87 -37.00
CA THR D 396 17.80 40.20 -35.68
C THR D 396 19.15 39.52 -35.47
N THR D 397 20.19 40.30 -35.18
CA THR D 397 21.50 39.80 -34.70
C THR D 397 21.52 39.53 -33.19
N GLY D 398 22.45 38.68 -32.73
CA GLY D 398 22.63 38.34 -31.33
C GLY D 398 21.71 37.22 -30.85
N PHE D 399 20.90 37.50 -29.83
CA PHE D 399 19.91 36.56 -29.27
C PHE D 399 18.64 37.21 -28.66
N PHE D 400 18.55 38.54 -28.54
CA PHE D 400 17.39 39.17 -27.86
C PHE D 400 17.05 40.61 -28.29
N ASN D 401 17.47 41.09 -29.47
CA ASN D 401 17.31 42.51 -29.84
C ASN D 401 15.82 42.98 -29.96
N PRO D 402 15.55 44.30 -29.83
CA PRO D 402 14.18 44.83 -29.76
C PRO D 402 13.38 44.79 -31.08
N ARG D 403 13.97 44.47 -32.24
CA ARG D 403 13.20 44.36 -33.50
C ARG D 403 12.12 43.27 -33.41
N ARG D 404 12.42 42.14 -32.75
CA ARG D 404 11.43 41.13 -32.33
C ARG D 404 10.86 41.38 -30.94
N HIS D 405 11.67 41.83 -29.96
CA HIS D 405 11.34 41.81 -28.53
C HIS D 405 11.38 43.19 -27.85
N PRO D 406 10.61 44.21 -28.30
CA PRO D 406 10.76 45.58 -27.79
C PRO D 406 10.32 45.75 -26.32
N GLU D 407 9.61 44.78 -25.74
CA GLU D 407 9.00 44.87 -24.41
C GLU D 407 10.02 44.97 -23.26
N TRP D 408 11.24 44.46 -23.46
CA TRP D 408 12.33 44.47 -22.47
C TRP D 408 13.36 45.61 -22.65
N PHE D 409 13.11 46.59 -23.53
CA PHE D 409 14.06 47.67 -23.83
C PHE D 409 13.47 49.05 -23.51
N ASP D 410 14.23 49.89 -22.80
CA ASP D 410 13.78 51.21 -22.33
C ASP D 410 13.42 52.19 -23.46
N GLU D 411 14.01 52.03 -24.65
CA GLU D 411 13.70 52.85 -25.85
C GLU D 411 12.82 52.12 -26.87
N GLY D 412 12.31 50.92 -26.56
CA GLY D 412 11.36 50.18 -27.40
C GLY D 412 11.81 50.01 -28.86
N GLN D 413 10.95 50.37 -29.81
CA GLN D 413 11.24 50.28 -31.25
C GLN D 413 12.34 51.25 -31.73
N ALA D 414 12.68 52.32 -30.99
CA ALA D 414 13.65 53.32 -31.43
C ALA D 414 15.11 52.78 -31.53
N LYS D 415 15.39 51.59 -30.99
CA LYS D 415 16.67 50.87 -31.09
C LYS D 415 16.57 49.54 -31.85
N ALA D 416 15.55 49.36 -32.68
CA ALA D 416 15.28 48.15 -33.46
C ALA D 416 16.26 47.97 -34.66
N ASP D 417 17.55 47.83 -34.37
CA ASP D 417 18.64 47.81 -35.34
C ASP D 417 19.79 46.88 -34.92
N ASN D 418 20.62 46.49 -35.88
CA ASN D 418 21.81 45.64 -35.66
C ASN D 418 23.11 46.43 -35.35
N THR D 419 23.06 47.77 -35.26
CA THR D 419 24.26 48.61 -35.14
C THR D 419 24.91 48.54 -33.75
N SER D 420 26.24 48.71 -33.70
CA SER D 420 27.07 48.81 -32.49
C SER D 420 26.73 47.75 -31.41
N PRO D 421 27.01 46.46 -31.66
CA PRO D 421 26.55 45.34 -30.82
C PRO D 421 27.33 45.14 -29.50
N GLY D 422 28.07 46.15 -29.02
CA GLY D 422 29.07 45.99 -27.95
C GLY D 422 30.41 45.43 -28.44
N PHE D 423 30.57 45.26 -29.75
CA PHE D 423 31.79 44.78 -30.41
C PHE D 423 32.10 45.65 -31.65
N LYS D 424 33.38 45.82 -31.95
CA LYS D 424 33.90 46.55 -33.11
C LYS D 424 33.65 45.76 -34.40
N VAL D 425 32.75 46.25 -35.26
CA VAL D 425 32.37 45.61 -36.54
C VAL D 425 32.08 46.65 -37.63
N GLY D 426 32.32 46.29 -38.90
CA GLY D 426 32.04 47.14 -40.06
C GLY D 426 33.13 48.16 -40.44
N ASP D 427 34.36 48.01 -39.92
CA ASP D 427 35.51 48.84 -40.34
C ASP D 427 36.10 48.35 -41.69
N THR D 428 37.07 49.07 -42.25
CA THR D 428 37.61 48.83 -43.61
C THR D 428 38.51 47.58 -43.76
N ASP D 429 38.79 46.84 -42.68
CA ASP D 429 39.73 45.70 -42.66
C ASP D 429 39.21 44.57 -41.77
N HIS D 430 39.16 43.34 -42.30
CA HIS D 430 38.68 42.16 -41.57
C HIS D 430 39.54 41.85 -40.32
N LYS D 431 40.80 42.28 -40.29
CA LYS D 431 41.70 42.14 -39.13
C LYS D 431 41.43 43.17 -38.02
N LYS D 432 40.77 44.30 -38.36
CA LYS D 432 40.42 45.40 -37.45
C LYS D 432 39.10 45.17 -36.72
N ASP D 433 38.12 44.53 -37.37
CA ASP D 433 36.90 44.04 -36.72
C ASP D 433 37.19 42.95 -35.66
N GLY D 434 36.27 42.77 -34.70
CA GLY D 434 36.27 41.63 -33.79
C GLY D 434 36.96 41.86 -32.44
N PHE D 435 36.63 42.97 -31.76
CA PHE D 435 37.10 43.33 -30.41
C PHE D 435 35.94 43.85 -29.54
N LYS D 436 35.92 43.52 -28.24
CA LYS D 436 34.95 44.04 -27.25
C LYS D 436 35.03 45.57 -27.10
N LYS D 437 33.89 46.24 -26.95
CA LYS D 437 33.76 47.68 -26.65
C LYS D 437 32.51 48.01 -25.82
N ASN D 438 32.17 49.30 -25.67
CA ASN D 438 30.97 49.77 -24.99
C ASN D 438 29.67 49.34 -25.72
N SER D 439 28.63 48.96 -24.97
CA SER D 439 27.33 48.53 -25.52
C SER D 439 26.41 49.70 -25.87
N SER D 440 25.55 49.53 -26.88
CA SER D 440 24.54 50.51 -27.28
C SER D 440 23.18 50.33 -26.60
N SER D 441 22.81 49.13 -26.15
CA SER D 441 21.52 48.85 -25.48
C SER D 441 21.51 47.49 -24.74
N PRO D 442 21.55 47.45 -23.39
CA PRO D 442 21.39 46.22 -22.62
C PRO D 442 19.91 45.81 -22.49
N ILE D 443 19.64 44.56 -22.10
CA ILE D 443 18.28 44.14 -21.68
C ILE D 443 17.92 44.83 -20.35
N ALA D 444 16.68 45.32 -20.24
CA ALA D 444 16.16 46.04 -19.08
C ALA D 444 14.93 45.32 -18.47
N LEU D 445 14.14 46.02 -17.64
CA LEU D 445 12.81 45.57 -17.22
C LEU D 445 11.81 46.75 -17.19
N PRO D 446 11.41 47.28 -18.37
CA PRO D 446 10.45 48.38 -18.47
C PRO D 446 9.05 47.99 -18.00
N PHE D 447 8.16 48.98 -17.86
CA PHE D 447 6.82 48.86 -17.26
C PHE D 447 6.00 47.64 -17.72
N GLU D 448 5.94 47.39 -19.03
CA GLU D 448 5.12 46.32 -19.60
C GLU D 448 5.62 44.92 -19.22
N ALA D 449 6.92 44.66 -19.40
CA ALA D 449 7.54 43.42 -18.96
C ALA D 449 7.54 43.30 -17.43
N TYR D 450 7.73 44.41 -16.71
CA TYR D 450 7.78 44.42 -15.25
C TYR D 450 6.50 43.86 -14.62
N PHE D 451 5.31 44.36 -14.97
CA PHE D 451 4.06 43.81 -14.41
C PHE D 451 3.69 42.43 -14.93
N ALA D 452 4.21 42.00 -16.09
CA ALA D 452 4.13 40.58 -16.46
C ALA D 452 5.03 39.69 -15.57
N ASN D 453 6.14 40.22 -15.04
CA ASN D 453 6.96 39.55 -14.02
C ASN D 453 6.43 39.71 -12.57
N ILE D 454 5.20 40.21 -12.37
CA ILE D 454 4.56 40.38 -11.05
C ILE D 454 3.33 39.47 -10.94
N GLY D 455 3.06 38.92 -9.74
CA GLY D 455 2.01 37.93 -9.45
C GLY D 455 2.54 36.50 -9.24
N ASN D 456 1.63 35.59 -8.91
CA ASN D 456 1.88 34.18 -8.59
C ASN D 456 2.89 34.00 -7.43
N MET D 457 2.40 34.22 -6.21
CA MET D 457 3.16 34.11 -4.97
C MET D 457 3.14 32.70 -4.35
N VAL D 458 4.17 32.39 -3.56
CA VAL D 458 4.23 31.23 -2.65
C VAL D 458 5.17 31.57 -1.47
N ALA D 459 5.01 30.92 -0.31
CA ALA D 459 5.88 31.10 0.85
C ALA D 459 6.57 29.77 1.25
N ILE D 460 7.86 29.84 1.58
CA ILE D 460 8.68 28.67 1.97
C ILE D 460 9.66 29.09 3.08
N GLY D 461 9.62 28.41 4.22
CA GLY D 461 10.40 28.79 5.40
C GLY D 461 10.19 30.26 5.80
N ASN D 462 11.27 30.97 6.13
CA ASN D 462 11.27 32.41 6.42
C ASN D 462 11.39 33.27 5.13
N SER D 463 10.71 32.89 4.04
CA SER D 463 10.76 33.60 2.75
C SER D 463 9.47 33.48 1.94
N VAL D 464 9.29 34.39 0.98
CA VAL D 464 8.13 34.47 0.08
C VAL D 464 8.58 34.88 -1.33
N PHE D 465 7.84 34.49 -2.36
CA PHE D 465 8.26 34.54 -3.77
C PHE D 465 7.22 35.22 -4.67
N ILE D 466 7.64 35.61 -5.87
CA ILE D 466 6.77 36.14 -6.95
C ILE D 466 7.26 35.54 -8.29
N PHE D 467 6.51 34.58 -8.85
CA PHE D 467 6.85 33.90 -10.11
C PHE D 467 6.38 34.63 -11.37
N GLY D 468 5.75 35.80 -11.25
CA GLY D 468 5.21 36.55 -12.38
C GLY D 468 3.87 36.01 -12.88
N GLY D 469 3.16 36.83 -13.66
CA GLY D 469 1.81 36.55 -14.12
C GLY D 469 1.75 35.79 -15.45
N ASN D 470 0.58 35.81 -16.09
CA ASN D 470 0.39 35.40 -17.48
C ASN D 470 0.69 36.53 -18.49
N GLY D 471 0.85 37.77 -18.03
CA GLY D 471 1.11 38.96 -18.84
C GLY D 471 -0.13 39.77 -19.26
N HIS D 472 -1.35 39.32 -18.96
CA HIS D 472 -2.58 40.06 -19.26
C HIS D 472 -2.75 41.39 -18.49
N ALA D 473 -1.85 41.75 -17.57
CA ALA D 473 -1.74 43.14 -17.08
C ALA D 473 -1.40 44.14 -18.21
N THR D 474 -0.50 43.75 -19.12
CA THR D 474 0.23 44.69 -20.00
C THR D 474 0.35 44.24 -21.46
N LYS D 475 -0.10 43.03 -21.80
CA LYS D 475 -0.19 42.52 -23.18
C LYS D 475 -1.06 43.41 -24.07
N MET D 476 -0.69 43.53 -25.35
CA MET D 476 -1.46 44.18 -26.42
C MET D 476 -1.43 43.25 -27.66
N PHE D 477 -2.23 43.50 -28.69
CA PHE D 477 -2.40 42.54 -29.79
C PHE D 477 -1.13 42.28 -30.63
N THR D 478 -0.14 43.19 -30.61
CA THR D 478 1.19 42.98 -31.22
C THR D 478 2.34 43.10 -30.20
N THR D 479 2.08 42.91 -28.90
CA THR D 479 3.08 43.10 -27.82
C THR D 479 2.95 42.00 -26.76
N ASN D 480 4.02 41.25 -26.48
CA ASN D 480 3.99 39.99 -25.68
C ASN D 480 4.93 40.02 -24.46
N PRO D 481 4.63 40.82 -23.41
CA PRO D 481 5.35 40.74 -22.14
C PRO D 481 4.99 39.44 -21.38
N LEU D 482 5.96 38.86 -20.67
CA LEU D 482 5.86 37.56 -19.97
C LEU D 482 6.60 37.59 -18.62
N SER D 483 6.33 36.61 -17.75
CA SER D 483 7.23 36.31 -16.63
C SER D 483 8.57 35.79 -17.17
N ILE D 484 9.67 36.49 -16.89
CA ILE D 484 11.04 36.12 -17.29
C ILE D 484 11.83 35.49 -16.14
N GLY D 485 11.27 35.46 -14.92
CA GLY D 485 11.91 34.80 -13.77
C GLY D 485 11.10 34.84 -12.48
N VAL D 486 11.81 34.86 -11.35
CA VAL D 486 11.23 34.81 -10.00
C VAL D 486 11.87 35.86 -9.09
N PHE D 487 11.07 36.60 -8.31
CA PHE D 487 11.57 37.36 -7.15
C PHE D 487 11.45 36.53 -5.86
N ARG D 488 12.32 36.78 -4.89
CA ARG D 488 12.23 36.29 -3.50
C ARG D 488 12.41 37.46 -2.52
N ILE D 489 11.62 37.43 -1.45
CA ILE D 489 11.72 38.29 -0.27
C ILE D 489 12.00 37.38 0.93
N LYS D 490 13.03 37.69 1.72
CA LYS D 490 13.55 36.86 2.82
C LYS D 490 13.56 37.65 4.13
N TYR D 491 13.33 36.99 5.25
CA TYR D 491 13.24 37.62 6.58
C TYR D 491 14.34 37.12 7.53
N THR D 492 14.86 38.02 8.36
CA THR D 492 16.06 37.82 9.19
C THR D 492 15.94 38.45 10.59
N ASP D 493 16.82 38.04 11.51
CA ASP D 493 16.80 38.44 12.93
C ASP D 493 15.44 38.19 13.60
N ASN D 494 14.91 36.97 13.41
CA ASN D 494 13.57 36.54 13.85
C ASN D 494 12.45 37.51 13.38
N PHE D 495 12.36 37.73 12.06
CA PHE D 495 11.44 38.67 11.42
C PHE D 495 11.57 40.13 11.89
N SER D 496 12.73 40.55 12.41
CA SER D 496 13.01 41.97 12.72
C SER D 496 13.48 42.76 11.48
N LYS D 497 14.00 42.08 10.45
CA LYS D 497 14.60 42.65 9.23
C LYS D 497 14.23 41.81 7.99
N SER D 498 14.44 42.37 6.79
CA SER D 498 14.13 41.71 5.51
C SER D 498 15.11 42.07 4.38
N SER D 499 15.09 41.28 3.31
CA SER D 499 15.91 41.41 2.10
C SER D 499 15.11 41.00 0.85
N VAL D 500 15.47 41.50 -0.34
CA VAL D 500 14.74 41.28 -1.61
C VAL D 500 15.70 41.05 -2.78
N THR D 501 15.33 40.16 -3.70
CA THR D 501 16.12 39.75 -4.87
C THR D 501 15.24 39.13 -5.97
N GLY D 502 15.80 38.92 -7.16
CA GLY D 502 15.19 38.07 -8.20
C GLY D 502 16.21 37.55 -9.21
N TRP D 503 15.84 36.50 -9.94
CA TRP D 503 16.70 35.85 -10.95
C TRP D 503 15.89 35.36 -12.17
N PRO D 504 16.47 35.37 -13.39
CA PRO D 504 15.77 34.89 -14.60
C PRO D 504 15.66 33.36 -14.67
N TYR D 505 14.63 32.84 -15.34
CA TYR D 505 14.47 31.40 -15.57
C TYR D 505 15.64 30.79 -16.38
N ALA D 506 16.37 31.60 -17.16
CA ALA D 506 17.48 31.15 -18.01
C ALA D 506 18.60 30.42 -17.24
N VAL D 507 18.92 30.89 -16.03
CA VAL D 507 19.90 30.21 -15.15
C VAL D 507 19.24 29.16 -14.26
N LEU D 508 18.02 29.40 -13.74
CA LEU D 508 17.28 28.42 -12.91
C LEU D 508 16.91 27.13 -13.66
N PHE D 509 16.65 27.18 -14.96
CA PHE D 509 16.36 26.01 -15.80
C PHE D 509 17.63 25.33 -16.39
N GLY D 510 18.83 25.79 -16.05
CA GLY D 510 20.08 25.32 -16.67
C GLY D 510 20.41 23.84 -16.46
N GLY D 511 19.82 23.19 -15.46
CA GLY D 511 19.99 21.76 -15.17
C GLY D 511 19.03 20.81 -15.90
N LEU D 512 18.13 21.30 -16.78
CA LEU D 512 17.20 20.44 -17.53
C LEU D 512 17.93 19.43 -18.42
N ILE D 513 17.49 18.17 -18.39
CA ILE D 513 18.05 17.04 -19.15
C ILE D 513 16.93 16.04 -19.53
N ASN D 514 17.15 15.24 -20.58
CA ASN D 514 16.17 14.28 -21.11
C ASN D 514 15.60 13.27 -20.07
N PRO D 515 16.34 12.79 -19.06
CA PRO D 515 15.79 11.96 -17.98
C PRO D 515 14.68 12.60 -17.12
N GLN D 516 14.56 13.93 -17.10
CA GLN D 516 13.65 14.65 -16.17
C GLN D 516 12.20 14.82 -16.67
N THR D 517 11.83 14.25 -17.82
CA THR D 517 10.46 14.25 -18.36
C THR D 517 10.00 12.87 -18.85
N ASN D 518 8.74 12.52 -18.61
CA ASN D 518 8.07 11.33 -19.16
C ASN D 518 7.42 11.56 -20.54
N GLY D 519 7.44 12.80 -21.05
CA GLY D 519 7.00 13.12 -22.42
C GLY D 519 8.07 12.86 -23.49
N LEU D 520 7.94 13.51 -24.64
CA LEU D 520 8.92 13.45 -25.74
C LEU D 520 10.28 14.05 -25.35
N LYS D 521 11.34 13.60 -26.05
CA LYS D 521 12.74 14.00 -25.82
C LYS D 521 13.23 15.04 -26.84
N ASP D 522 14.39 15.63 -26.57
CA ASP D 522 15.14 16.55 -27.48
C ASP D 522 14.43 17.88 -27.80
N LEU D 523 13.59 18.40 -26.90
CA LEU D 523 12.92 19.71 -27.07
C LEU D 523 13.91 20.89 -27.01
N PRO D 524 13.60 22.07 -27.60
CA PRO D 524 14.49 23.23 -27.75
C PRO D 524 14.65 24.04 -26.45
N LEU D 525 15.01 23.35 -25.37
CA LEU D 525 15.09 23.87 -24.00
C LEU D 525 16.52 23.85 -23.43
N GLY D 526 17.51 23.45 -24.22
CA GLY D 526 18.92 23.34 -23.84
C GLY D 526 19.68 24.67 -23.81
N THR D 527 20.82 24.68 -23.12
CA THR D 527 21.68 25.86 -22.89
C THR D 527 23.15 25.46 -22.64
N ASN D 528 24.04 26.44 -22.54
CA ASN D 528 25.49 26.27 -22.33
C ASN D 528 26.08 27.35 -21.38
N ARG D 529 27.41 27.50 -21.31
CA ARG D 529 28.10 28.48 -20.44
C ARG D 529 27.70 29.96 -20.67
N TRP D 530 27.11 30.29 -21.82
CA TRP D 530 26.48 31.60 -22.09
C TRP D 530 24.96 31.46 -22.11
N PHE D 531 24.27 32.25 -21.28
CA PHE D 531 22.80 32.22 -21.15
C PHE D 531 22.08 32.99 -22.28
N GLU D 532 22.39 32.63 -23.53
CA GLU D 532 21.79 33.18 -24.77
C GLU D 532 20.42 32.57 -25.12
N TYR D 533 20.11 31.38 -24.60
CA TYR D 533 18.73 30.88 -24.51
C TYR D 533 18.02 31.59 -23.34
N VAL D 534 16.86 32.19 -23.61
CA VAL D 534 16.11 33.01 -22.64
C VAL D 534 14.66 32.52 -22.51
N PRO D 535 14.41 31.49 -21.67
CA PRO D 535 13.05 31.01 -21.40
C PRO D 535 12.23 32.04 -20.61
N ARG D 536 10.97 32.21 -20.99
CA ARG D 536 9.96 33.04 -20.32
C ARG D 536 8.58 32.44 -20.48
N MET D 537 7.67 32.76 -19.56
CA MET D 537 6.43 32.04 -19.35
C MET D 537 5.24 32.96 -19.14
N ALA D 538 4.07 32.50 -19.59
CA ALA D 538 2.82 32.90 -18.97
C ALA D 538 2.52 31.91 -17.86
N VAL D 539 2.44 32.36 -16.61
CA VAL D 539 2.46 31.48 -15.43
C VAL D 539 1.04 31.25 -14.91
N SER D 540 0.66 29.98 -14.78
CA SER D 540 -0.63 29.54 -14.22
C SER D 540 -0.64 29.55 -12.68
N GLY D 541 0.51 29.28 -12.07
CA GLY D 541 0.73 29.45 -10.63
C GLY D 541 1.81 28.52 -10.06
N VAL D 542 2.02 28.63 -8.75
CA VAL D 542 2.84 27.71 -7.95
C VAL D 542 2.06 27.28 -6.72
N LYS D 543 2.00 25.96 -6.46
CA LYS D 543 1.23 25.35 -5.35
C LYS D 543 1.86 24.05 -4.84
N TRP D 544 1.49 23.64 -3.63
CA TRP D 544 1.84 22.36 -3.02
C TRP D 544 0.92 21.22 -3.49
N VAL D 545 1.44 20.28 -4.26
CA VAL D 545 0.78 19.01 -4.63
C VAL D 545 1.21 17.94 -3.62
N GLY D 546 0.41 17.76 -2.56
CA GLY D 546 0.81 16.94 -1.41
C GLY D 546 2.10 17.46 -0.76
N ASN D 547 3.16 16.64 -0.77
CA ASN D 547 4.48 17.01 -0.28
C ASN D 547 5.35 17.80 -1.28
N GLN D 548 4.96 17.90 -2.57
CA GLN D 548 5.81 18.42 -3.65
C GLN D 548 5.40 19.85 -4.07
N LEU D 549 6.35 20.78 -4.16
CA LEU D 549 6.10 22.12 -4.72
C LEU D 549 6.13 22.09 -6.27
N VAL D 550 5.07 22.57 -6.91
CA VAL D 550 4.85 22.46 -8.36
C VAL D 550 4.56 23.82 -9.01
N LEU D 551 5.11 24.03 -10.21
CA LEU D 551 4.90 25.18 -11.09
C LEU D 551 4.11 24.74 -12.34
N ALA D 552 3.26 25.62 -12.88
CA ALA D 552 2.57 25.40 -14.14
C ALA D 552 2.41 26.68 -14.99
N GLY D 553 2.23 26.53 -16.29
CA GLY D 553 1.99 27.61 -17.25
C GLY D 553 2.21 27.22 -18.71
N THR D 554 2.50 28.21 -19.55
CA THR D 554 2.98 28.03 -20.93
C THR D 554 4.34 28.74 -21.09
N LEU D 555 5.22 28.16 -21.90
CA LEU D 555 6.66 28.46 -21.96
C LEU D 555 7.13 28.73 -23.41
N THR D 556 8.11 29.63 -23.57
CA THR D 556 8.88 29.80 -24.81
C THR D 556 9.98 28.74 -24.95
N MET D 557 9.95 27.94 -26.02
CA MET D 557 11.13 27.23 -26.55
C MET D 557 12.13 28.23 -27.19
N GLY D 558 13.29 27.74 -27.67
CA GLY D 558 14.04 28.41 -28.74
C GLY D 558 13.25 28.49 -30.06
N ASP D 559 13.60 29.44 -30.94
CA ASP D 559 12.92 29.66 -32.23
C ASP D 559 13.16 28.51 -33.22
N THR D 560 12.15 27.66 -33.41
CA THR D 560 12.15 26.54 -34.36
C THR D 560 11.87 26.94 -35.81
N ALA D 561 11.40 28.16 -36.09
CA ALA D 561 10.97 28.59 -37.43
C ALA D 561 12.13 29.06 -38.33
N THR D 562 13.31 29.36 -37.77
CA THR D 562 14.45 29.95 -38.50
C THR D 562 15.78 29.20 -38.33
N VAL D 563 15.75 27.94 -37.84
CA VAL D 563 16.93 27.07 -37.81
C VAL D 563 17.41 26.69 -39.23
N PRO D 564 16.53 26.30 -40.18
CA PRO D 564 16.89 26.31 -41.61
C PRO D 564 17.11 27.75 -42.11
N ARG D 565 18.07 27.96 -43.02
CA ARG D 565 18.50 29.32 -43.45
C ARG D 565 18.60 29.44 -44.98
N LEU D 566 18.18 30.59 -45.52
CA LEU D 566 18.08 30.87 -46.96
C LEU D 566 19.45 30.97 -47.66
N LYS D 567 19.50 30.64 -48.96
CA LYS D 567 20.56 31.13 -49.86
C LYS D 567 20.41 32.65 -50.06
N TYR D 568 21.53 33.37 -50.19
CA TYR D 568 21.59 34.83 -50.04
C TYR D 568 20.75 35.66 -51.03
N ASP D 569 20.51 35.21 -52.27
CA ASP D 569 19.86 36.02 -53.31
C ASP D 569 18.32 35.88 -53.37
N GLN D 570 17.73 34.78 -52.88
CA GLN D 570 16.35 34.38 -53.20
C GLN D 570 15.23 35.00 -52.32
N LEU D 571 15.48 36.06 -51.55
CA LEU D 571 14.50 36.62 -50.60
C LEU D 571 13.20 37.10 -51.29
N GLU D 572 13.27 37.60 -52.53
CA GLU D 572 12.11 38.12 -53.30
C GLU D 572 11.06 37.05 -53.65
N LYS D 573 11.40 35.75 -53.54
CA LYS D 573 10.48 34.61 -53.69
C LYS D 573 10.25 33.82 -52.38
N HIS D 574 10.61 34.41 -51.22
CA HIS D 574 10.46 33.82 -49.87
C HIS D 574 9.97 34.83 -48.82
N LEU D 575 9.05 35.73 -49.18
CA LEU D 575 8.68 36.90 -48.37
C LEU D 575 8.18 36.57 -46.94
N ASN D 576 7.38 35.52 -46.75
CA ASN D 576 6.93 35.12 -45.41
C ASN D 576 8.10 34.66 -44.51
N LEU D 577 9.07 33.92 -45.04
CA LEU D 577 10.19 33.38 -44.25
C LEU D 577 11.12 34.50 -43.72
N VAL D 578 11.33 35.57 -44.49
CA VAL D 578 12.02 36.77 -43.99
C VAL D 578 11.12 37.62 -43.07
N ALA D 579 9.83 37.82 -43.40
CA ALA D 579 8.90 38.57 -42.54
C ALA D 579 8.74 37.98 -41.13
N GLN D 580 8.77 36.64 -41.02
CA GLN D 580 8.74 35.91 -39.75
C GLN D 580 10.00 36.13 -38.90
N GLY D 581 11.13 36.50 -39.51
CA GLY D 581 12.35 36.91 -38.79
C GLY D 581 12.44 38.41 -38.48
N GLN D 582 11.73 39.25 -39.25
CA GLN D 582 11.74 40.73 -39.21
C GLN D 582 10.95 41.36 -38.06
N GLY D 583 10.21 40.58 -37.27
CA GLY D 583 9.22 41.10 -36.30
C GLY D 583 7.92 41.61 -36.93
N LEU D 584 7.80 41.55 -38.26
CA LEU D 584 6.61 41.96 -39.02
C LEU D 584 5.49 40.90 -38.92
N LEU D 585 5.87 39.62 -38.90
CA LEU D 585 5.01 38.46 -38.63
C LEU D 585 5.47 37.79 -37.32
N ARG D 586 4.69 37.92 -36.26
CA ARG D 586 5.03 37.45 -34.90
C ARG D 586 4.54 36.02 -34.64
N GLU D 587 4.92 35.10 -35.53
CA GLU D 587 4.48 33.69 -35.52
C GLU D 587 5.65 32.74 -35.22
N ASP D 588 5.41 31.75 -34.36
CA ASP D 588 6.42 30.78 -33.88
C ASP D 588 6.29 29.38 -34.53
N LEU D 589 5.18 29.10 -35.24
CA LEU D 589 5.00 27.84 -35.98
C LEU D 589 6.04 27.65 -37.11
N GLN D 590 6.50 26.41 -37.27
CA GLN D 590 7.40 25.98 -38.35
C GLN D 590 6.66 25.92 -39.71
N ILE D 591 7.25 26.46 -40.78
CA ILE D 591 6.64 26.58 -42.12
C ILE D 591 7.50 25.90 -43.20
N PHE D 592 6.87 25.09 -44.06
CA PHE D 592 7.53 24.31 -45.11
C PHE D 592 8.06 25.21 -46.24
N THR D 593 9.39 25.31 -46.35
CA THR D 593 10.09 26.22 -47.27
C THR D 593 11.40 25.65 -47.90
N PRO D 594 11.60 24.32 -48.06
CA PRO D 594 12.94 23.75 -48.24
C PRO D 594 13.69 24.16 -49.52
N TYR D 595 12.98 24.49 -50.60
CA TYR D 595 13.57 24.74 -51.92
C TYR D 595 14.58 25.92 -51.96
N GLY D 596 14.49 26.87 -51.01
CA GLY D 596 15.38 28.04 -50.91
C GLY D 596 16.49 27.98 -49.85
N TRP D 597 16.57 26.91 -49.05
CA TRP D 597 17.59 26.81 -47.99
C TRP D 597 18.99 26.52 -48.55
N ALA D 598 20.02 26.98 -47.84
CA ALA D 598 21.42 26.62 -48.09
C ALA D 598 21.76 25.20 -47.56
N ASN D 599 22.93 24.68 -47.93
CA ASN D 599 23.41 23.34 -47.59
C ASN D 599 23.61 23.07 -46.08
N ARG D 600 24.10 24.07 -45.33
CA ARG D 600 24.17 24.09 -43.87
C ARG D 600 23.87 25.49 -43.33
N PRO D 601 23.21 25.64 -42.17
CA PRO D 601 23.05 26.93 -41.48
C PRO D 601 24.34 27.65 -41.08
N ASP D 602 25.49 26.96 -41.04
CA ASP D 602 26.72 27.44 -40.39
C ASP D 602 27.93 27.65 -41.34
N ILE D 603 27.73 27.72 -42.66
CA ILE D 603 28.79 28.12 -43.62
C ILE D 603 29.11 29.63 -43.48
N PRO D 604 30.37 30.04 -43.30
CA PRO D 604 30.73 31.45 -43.13
C PRO D 604 30.59 32.26 -44.43
N VAL D 605 30.26 33.55 -44.30
CA VAL D 605 29.90 34.45 -45.43
C VAL D 605 31.01 34.65 -46.47
N GLY D 606 32.29 34.44 -46.11
CA GLY D 606 33.40 34.50 -47.07
C GLY D 606 33.45 33.32 -48.05
N ALA D 607 32.75 32.22 -47.75
CA ALA D 607 32.75 30.99 -48.56
C ALA D 607 31.63 30.94 -49.62
N TRP D 608 30.58 31.74 -49.52
CA TRP D 608 29.34 31.55 -50.31
C TRP D 608 29.53 31.74 -51.82
N LEU D 609 30.31 32.73 -52.25
CA LEU D 609 30.44 33.22 -53.65
C LEU D 609 31.26 32.32 -54.60
N GLN D 610 31.24 31.01 -54.39
CA GLN D 610 32.00 30.01 -55.16
C GLN D 610 31.29 29.43 -56.40
N ASP D 611 30.00 29.73 -56.61
CA ASP D 611 29.26 29.38 -57.83
C ASP D 611 28.07 30.35 -58.05
N GLU D 612 28.35 31.60 -58.43
CA GLU D 612 27.34 32.63 -58.73
C GLU D 612 26.45 32.28 -59.95
N MET D 613 26.97 31.48 -60.89
CA MET D 613 26.20 31.00 -62.05
C MET D 613 25.30 29.80 -61.71
N GLY D 614 25.64 29.02 -60.68
CA GLY D 614 25.05 27.71 -60.40
C GLY D 614 25.51 26.60 -61.36
N SER D 615 26.51 26.84 -62.21
CA SER D 615 26.89 25.95 -63.33
C SER D 615 27.68 24.72 -62.87
N LYS D 616 28.17 24.69 -61.62
CA LYS D 616 28.80 23.52 -60.98
C LYS D 616 27.91 22.90 -59.89
N PHE D 617 26.66 23.35 -59.74
CA PHE D 617 25.80 23.02 -58.59
C PHE D 617 26.52 23.27 -57.25
N GLY D 618 27.23 24.40 -57.15
CA GLY D 618 27.88 24.94 -55.94
C GLY D 618 28.54 23.91 -55.00
N PRO D 619 29.67 23.29 -55.39
CA PRO D 619 30.27 22.19 -54.64
C PRO D 619 30.44 22.42 -53.13
N HIS D 620 30.74 23.65 -52.70
CA HIS D 620 30.90 24.00 -51.27
C HIS D 620 29.62 24.58 -50.63
N TYR D 621 28.66 25.06 -51.42
CA TYR D 621 27.48 25.82 -50.99
C TYR D 621 26.44 25.91 -52.14
N PHE D 622 25.25 25.32 -51.95
CA PHE D 622 24.16 25.26 -52.95
C PHE D 622 22.79 25.05 -52.29
N LEU D 623 21.72 24.99 -53.10
CA LEU D 623 20.33 24.81 -52.64
C LEU D 623 20.06 23.40 -52.08
N ASN D 624 19.32 23.34 -50.98
CA ASN D 624 18.93 22.12 -50.26
C ASN D 624 17.84 21.30 -51.00
N ASN D 625 18.21 20.55 -52.04
CA ASN D 625 17.38 19.49 -52.61
C ASN D 625 17.90 18.11 -52.13
N PRO D 626 17.06 17.20 -51.61
CA PRO D 626 17.57 16.00 -50.94
C PRO D 626 18.09 14.92 -51.91
N ASP D 627 17.59 14.88 -53.15
CA ASP D 627 17.93 13.82 -54.11
C ASP D 627 19.36 13.95 -54.70
N ILE D 628 19.89 15.18 -54.79
CA ILE D 628 21.17 15.50 -55.47
C ILE D 628 22.32 15.80 -54.50
N GLN D 629 22.27 15.26 -53.28
CA GLN D 629 23.39 15.25 -52.34
C GLN D 629 24.60 14.49 -52.92
N ASP D 630 25.82 14.96 -52.67
CA ASP D 630 27.04 14.26 -53.10
C ASP D 630 27.15 12.88 -52.41
N ASN D 631 27.38 11.81 -53.16
CA ASN D 631 27.57 10.50 -52.55
C ASN D 631 28.99 10.30 -51.98
N VAL D 632 29.13 10.14 -50.66
CA VAL D 632 30.43 9.77 -50.03
C VAL D 632 30.90 8.36 -50.40
N ASN D 633 30.00 7.48 -50.85
CA ASN D 633 30.24 6.11 -51.32
C ASN D 633 31.22 5.35 -50.38
N ASN D 634 32.49 5.20 -50.75
CA ASN D 634 33.61 5.08 -49.80
C ASN D 634 34.94 5.53 -50.44
N ASP D 635 35.08 5.38 -51.76
CA ASP D 635 36.20 5.96 -52.51
C ASP D 635 36.20 7.50 -52.51
N THR D 636 35.01 8.14 -52.38
CA THR D 636 34.85 9.59 -52.52
C THR D 636 35.47 10.39 -51.37
N VAL D 637 35.47 9.86 -50.13
CA VAL D 637 35.75 10.66 -48.92
C VAL D 637 37.14 11.31 -48.94
N GLU D 638 38.13 10.68 -49.56
CA GLU D 638 39.53 11.16 -49.56
C GLU D 638 39.71 12.52 -50.25
N ALA D 639 38.86 12.84 -51.23
CA ALA D 639 38.87 14.13 -51.90
C ALA D 639 38.07 15.22 -51.16
N LEU D 640 36.99 14.84 -50.46
CA LEU D 640 35.98 15.78 -49.94
C LEU D 640 36.05 16.03 -48.43
N ILE D 641 36.67 15.15 -47.63
CA ILE D 641 36.82 15.31 -46.17
C ILE D 641 38.04 14.59 -45.57
N SER D 642 38.35 13.36 -46.03
CA SER D 642 39.40 12.48 -45.50
C SER D 642 40.83 12.89 -45.94
N SER D 643 41.19 14.14 -45.63
CA SER D 643 42.52 14.74 -45.84
C SER D 643 42.67 16.10 -45.12
N TYR D 644 41.60 16.92 -45.08
CA TYR D 644 41.61 18.29 -44.56
C TYR D 644 41.65 18.38 -43.02
N LYS D 645 42.80 18.10 -42.42
CA LYS D 645 43.04 18.23 -40.96
C LYS D 645 43.14 19.70 -40.52
N ASN D 646 42.45 20.04 -39.43
CA ASN D 646 42.46 21.35 -38.78
C ASN D 646 43.66 21.53 -37.82
N THR D 647 43.92 22.76 -37.39
CA THR D 647 44.98 23.15 -36.45
C THR D 647 44.51 24.24 -35.48
N ASP D 648 45.34 24.58 -34.49
CA ASP D 648 45.11 25.70 -33.56
C ASP D 648 45.04 27.11 -34.22
N LYS D 649 45.22 27.22 -35.54
CA LYS D 649 44.89 28.44 -36.30
C LYS D 649 44.26 28.24 -37.69
N LEU D 650 43.99 27.00 -38.12
CA LEU D 650 43.49 26.67 -39.47
C LEU D 650 42.25 25.74 -39.39
N LYS D 651 41.18 26.09 -40.09
CA LYS D 651 39.95 25.29 -40.27
C LYS D 651 39.49 25.34 -41.73
N HIS D 652 38.61 24.43 -42.16
CA HIS D 652 38.24 24.26 -43.58
C HIS D 652 36.73 24.31 -43.85
N VAL D 653 36.36 24.76 -45.05
CA VAL D 653 35.01 24.58 -45.62
C VAL D 653 35.07 23.57 -46.77
N TYR D 654 34.34 22.46 -46.64
CA TYR D 654 34.46 21.30 -47.53
C TYR D 654 33.79 21.49 -48.91
N PRO D 655 34.31 20.88 -49.99
CA PRO D 655 33.70 20.87 -51.32
C PRO D 655 32.59 19.80 -51.44
N TYR D 656 31.74 19.67 -50.41
CA TYR D 656 30.69 18.65 -50.30
C TYR D 656 29.26 19.25 -50.25
N ARG D 657 28.37 18.77 -51.13
CA ARG D 657 26.94 19.15 -51.22
C ARG D 657 26.07 18.52 -50.10
N TYR D 658 26.16 19.03 -48.86
CA TYR D 658 25.24 18.67 -47.77
C TYR D 658 23.77 18.99 -48.10
N SER D 659 22.83 18.13 -47.66
CA SER D 659 21.38 18.37 -47.80
C SER D 659 20.51 17.57 -46.82
N GLY D 660 19.33 18.10 -46.46
CA GLY D 660 18.32 17.38 -45.65
C GLY D 660 17.10 18.25 -45.26
N LEU D 661 15.96 17.61 -45.03
CA LEU D 661 14.69 18.26 -44.66
C LEU D 661 14.61 18.70 -43.17
N TYR D 662 13.48 19.29 -42.77
CA TYR D 662 13.29 20.07 -41.54
C TYR D 662 13.74 19.35 -40.25
N ALA D 663 13.49 18.05 -40.13
CA ALA D 663 13.91 17.27 -38.95
C ALA D 663 15.45 17.17 -38.85
N TRP D 664 16.15 16.92 -39.95
CA TRP D 664 17.62 16.89 -39.99
C TRP D 664 18.22 18.28 -39.69
N GLN D 665 17.58 19.37 -40.12
CA GLN D 665 18.02 20.73 -39.76
C GLN D 665 17.95 20.94 -38.23
N LEU D 666 16.80 20.67 -37.61
CA LEU D 666 16.62 20.82 -36.16
C LEU D 666 17.50 19.85 -35.35
N PHE D 667 17.64 18.60 -35.79
CA PHE D 667 18.47 17.60 -35.11
C PHE D 667 19.94 18.02 -34.99
N ASN D 668 20.46 18.78 -35.95
CA ASN D 668 21.83 19.29 -35.96
C ASN D 668 22.00 20.66 -35.28
N TRP D 669 21.09 21.63 -35.50
CA TRP D 669 21.30 23.04 -35.08
C TRP D 669 20.25 23.64 -34.14
N SER D 670 19.25 22.89 -33.67
CA SER D 670 18.36 23.33 -32.58
C SER D 670 19.06 23.26 -31.20
N ASN D 671 18.64 24.08 -30.22
CA ASN D 671 19.12 23.99 -28.83
C ASN D 671 18.47 22.82 -28.07
N LYS D 672 18.57 21.60 -28.60
CA LYS D 672 17.96 20.38 -28.06
C LYS D 672 18.48 20.03 -26.65
N LEU D 673 17.61 19.49 -25.81
CA LEU D 673 18.01 18.79 -24.57
C LEU D 673 18.89 17.55 -24.87
N THR D 674 19.69 17.17 -23.88
CA THR D 674 20.59 15.99 -23.91
C THR D 674 20.65 15.35 -22.51
N ASN D 675 21.51 14.35 -22.29
CA ASN D 675 21.61 13.64 -21.01
C ASN D 675 22.48 14.34 -19.93
N THR D 676 23.26 15.38 -20.28
CA THR D 676 24.10 16.13 -19.33
C THR D 676 23.93 17.65 -19.49
N PRO D 677 23.99 18.45 -18.41
CA PRO D 677 23.66 19.88 -18.45
C PRO D 677 24.75 20.72 -19.12
N LEU D 678 24.38 21.95 -19.51
CA LEU D 678 25.26 22.95 -20.16
C LEU D 678 25.89 22.51 -21.50
N SER D 679 25.33 21.50 -22.17
CA SER D 679 25.93 20.83 -23.34
C SER D 679 25.64 21.49 -24.70
N ALA D 680 24.55 22.24 -24.84
CA ALA D 680 24.02 22.67 -26.14
C ALA D 680 24.83 23.84 -26.77
N ASN D 681 25.82 23.52 -27.62
CA ASN D 681 26.69 24.52 -28.27
C ASN D 681 25.96 25.39 -29.31
N PHE D 682 24.82 24.95 -29.86
CA PHE D 682 24.03 25.72 -30.83
C PHE D 682 22.73 26.25 -30.22
N VAL D 683 22.52 27.56 -30.36
CA VAL D 683 21.26 28.27 -30.06
C VAL D 683 20.97 29.24 -31.20
N ASN D 684 19.73 29.26 -31.69
CA ASN D 684 19.32 30.08 -32.83
C ASN D 684 18.88 31.49 -32.43
N GLU D 685 17.69 31.61 -31.83
CA GLU D 685 16.99 32.85 -31.46
C GLU D 685 15.86 32.47 -30.46
N ASN D 686 15.20 33.42 -29.81
CA ASN D 686 14.17 33.17 -28.79
C ASN D 686 12.75 33.50 -29.28
N SER D 687 11.74 32.75 -28.82
CA SER D 687 10.34 32.78 -29.33
C SER D 687 9.65 34.15 -29.22
N TYR D 688 8.67 34.47 -30.07
CA TYR D 688 7.83 35.66 -29.89
C TYR D 688 6.90 35.50 -28.68
N ALA D 689 6.20 34.36 -28.59
CA ALA D 689 5.19 34.06 -27.59
C ALA D 689 5.39 32.65 -27.01
N PRO D 690 4.72 32.28 -25.89
CA PRO D 690 4.77 30.91 -25.39
C PRO D 690 4.28 29.91 -26.44
N ASN D 691 5.06 28.88 -26.73
CA ASN D 691 4.77 27.87 -27.76
C ASN D 691 4.82 26.43 -27.21
N SER D 692 4.94 26.26 -25.89
CA SER D 692 4.90 24.98 -25.19
C SER D 692 3.96 25.05 -23.97
N LEU D 693 3.25 23.96 -23.66
CA LEU D 693 2.79 23.72 -22.28
C LEU D 693 4.03 23.56 -21.37
N PHE D 694 3.90 23.82 -20.07
CA PHE D 694 4.94 23.49 -19.09
C PHE D 694 4.38 23.32 -17.68
N ALA D 695 4.78 22.24 -17.00
CA ALA D 695 4.65 22.10 -15.55
C ALA D 695 5.87 21.37 -14.97
N ALA D 696 6.23 21.66 -13.72
CA ALA D 696 7.47 21.17 -13.12
C ALA D 696 7.38 20.95 -11.61
N ILE D 697 8.21 20.04 -11.08
CA ILE D 697 8.44 19.83 -9.64
C ILE D 697 9.74 20.56 -9.27
N LEU D 698 9.71 21.35 -8.20
CA LEU D 698 10.82 22.18 -7.75
C LEU D 698 11.43 21.65 -6.44
N ASN D 699 12.73 21.86 -6.26
CA ASN D 699 13.43 21.75 -4.99
C ASN D 699 13.08 22.94 -4.08
N GLU D 700 12.05 22.81 -3.26
CA GLU D 700 11.59 23.85 -2.31
C GLU D 700 12.66 24.19 -1.26
N ASP D 701 13.45 23.18 -0.91
CA ASP D 701 14.62 23.33 -0.04
C ASP D 701 15.68 24.19 -0.74
N LEU D 702 16.15 23.84 -1.94
CA LEU D 702 17.17 24.64 -2.64
C LEU D 702 16.70 26.08 -2.94
N LEU D 703 15.44 26.28 -3.32
CA LEU D 703 14.84 27.63 -3.46
C LEU D 703 14.88 28.43 -2.15
N THR D 704 14.87 27.76 -0.99
CA THR D 704 15.06 28.39 0.33
C THR D 704 16.54 28.59 0.69
N GLY D 705 17.42 27.65 0.29
CA GLY D 705 18.84 27.62 0.65
C GLY D 705 19.75 28.53 -0.19
N LEU D 706 19.43 28.79 -1.46
CA LEU D 706 20.23 29.63 -2.34
C LEU D 706 20.40 31.06 -1.80
N SER D 707 21.59 31.63 -1.98
CA SER D 707 21.93 33.00 -1.56
C SER D 707 21.12 34.06 -2.31
N ASP D 708 20.90 35.24 -1.71
CA ASP D 708 20.16 36.33 -2.36
C ASP D 708 20.82 36.82 -3.65
N LYS D 709 22.15 37.02 -3.65
CA LYS D 709 22.89 37.59 -4.79
C LYS D 709 23.60 36.50 -5.59
N ILE D 710 23.23 36.41 -6.87
CA ILE D 710 23.98 35.64 -7.86
C ILE D 710 25.22 36.41 -8.32
N PHE D 711 26.36 35.73 -8.35
CA PHE D 711 27.62 36.23 -8.88
C PHE D 711 28.04 35.39 -10.08
N TYR D 712 28.02 36.02 -11.26
CA TYR D 712 28.65 35.56 -12.49
C TYR D 712 30.14 35.95 -12.52
N GLY D 713 30.87 35.59 -13.57
CA GLY D 713 32.26 36.00 -13.77
C GLY D 713 32.72 35.88 -15.22
N LYS D 714 34.04 35.95 -15.44
CA LYS D 714 34.66 35.84 -16.77
C LYS D 714 34.33 34.51 -17.47
N GLU D 715 33.97 33.46 -16.73
CA GLU D 715 33.48 32.21 -17.31
C GLU D 715 32.16 32.34 -18.09
N ASN D 716 31.39 33.42 -17.90
CA ASN D 716 30.15 33.73 -18.66
C ASN D 716 30.29 34.90 -19.66
N GLU D 717 31.49 35.45 -19.85
CA GLU D 717 31.76 36.50 -20.85
C GLU D 717 31.99 35.94 -22.26
N PHE D 718 31.57 36.68 -23.30
CA PHE D 718 31.98 36.39 -24.69
C PHE D 718 33.48 36.65 -24.90
N ALA D 719 34.10 36.04 -25.92
CA ALA D 719 35.52 36.19 -26.21
C ALA D 719 35.90 37.66 -26.50
N GLU D 720 36.97 38.16 -25.88
CA GLU D 720 37.36 39.59 -25.96
C GLU D 720 37.86 40.01 -27.35
N ASN D 721 38.48 39.08 -28.08
CA ASN D 721 38.88 39.21 -29.48
C ASN D 721 38.84 37.85 -30.21
N GLU D 722 38.83 37.87 -31.54
CA GLU D 722 38.57 36.66 -32.33
C GLU D 722 39.63 35.55 -32.25
N ALA D 723 40.86 35.82 -31.79
CA ALA D 723 41.82 34.74 -31.54
C ALA D 723 41.36 33.83 -30.39
N ASP D 724 40.72 34.41 -29.36
CA ASP D 724 40.06 33.65 -28.28
C ASP D 724 38.72 33.04 -28.73
N ARG D 725 38.11 33.53 -29.83
CA ARG D 725 36.91 32.93 -30.45
C ARG D 725 37.25 31.71 -31.31
N PHE D 726 38.42 31.67 -31.95
CA PHE D 726 38.82 30.54 -32.80
C PHE D 726 39.09 29.26 -31.99
N ASN D 727 39.77 29.39 -30.84
CA ASN D 727 40.04 28.32 -29.87
C ASN D 727 39.14 28.44 -28.61
N GLN D 728 37.87 28.81 -28.81
CA GLN D 728 36.88 29.12 -27.78
C GLN D 728 36.54 27.92 -26.88
N LEU D 729 36.70 28.09 -25.56
CA LEU D 729 36.40 27.06 -24.57
C LEU D 729 34.88 26.83 -24.44
N LEU D 730 34.42 25.59 -24.60
CA LEU D 730 33.00 25.20 -24.55
C LEU D 730 32.42 25.19 -23.12
N SER D 731 33.24 24.89 -22.11
CA SER D 731 32.83 24.82 -20.70
C SER D 731 33.99 25.16 -19.75
N LEU D 732 33.68 25.64 -18.54
CA LEU D 732 34.64 26.03 -17.49
C LEU D 732 34.10 25.72 -16.09
N ASN D 733 34.99 25.48 -15.13
CA ASN D 733 34.65 25.43 -13.71
C ASN D 733 34.31 26.84 -13.18
N PRO D 734 33.38 26.99 -12.23
CA PRO D 734 33.13 28.26 -11.55
C PRO D 734 34.40 28.83 -10.91
N ASN D 735 34.61 30.14 -10.99
CA ASN D 735 35.72 30.82 -10.30
C ASN D 735 35.49 30.89 -8.77
N PRO D 736 36.56 31.01 -7.94
CA PRO D 736 36.44 30.97 -6.47
C PRO D 736 35.44 31.96 -5.84
N ASN D 737 35.21 33.12 -6.47
CA ASN D 737 34.28 34.15 -5.98
C ASN D 737 32.83 33.99 -6.50
N THR D 738 32.58 33.18 -7.52
CA THR D 738 31.30 33.09 -8.23
C THR D 738 30.40 31.97 -7.67
N ASN D 739 29.09 32.05 -7.91
CA ASN D 739 28.12 31.08 -7.35
C ASN D 739 26.98 30.66 -8.30
N TRP D 740 26.96 31.15 -9.54
CA TRP D 740 25.90 30.91 -10.55
C TRP D 740 25.57 29.41 -10.75
N ALA D 741 26.55 28.52 -10.66
CA ALA D 741 26.37 27.08 -10.83
C ALA D 741 25.48 26.43 -9.77
N ARG D 742 25.26 27.06 -8.61
CA ARG D 742 24.37 26.54 -7.55
C ARG D 742 22.89 26.61 -7.96
N TYR D 743 22.51 27.61 -8.76
CA TYR D 743 21.12 27.90 -9.13
C TYR D 743 20.57 26.97 -10.23
N LEU D 744 21.44 26.21 -10.93
CA LEU D 744 21.06 25.36 -12.08
C LEU D 744 20.05 24.25 -11.73
N ASN D 745 19.98 23.81 -10.47
CA ASN D 745 19.31 22.56 -10.06
C ASN D 745 18.00 22.77 -9.27
N VAL D 746 17.32 23.92 -9.38
CA VAL D 746 16.04 24.14 -8.68
C VAL D 746 14.87 23.30 -9.22
N VAL D 747 14.98 22.72 -10.44
CA VAL D 747 13.95 21.82 -11.01
C VAL D 747 14.35 20.35 -10.80
N GLN D 748 13.45 19.53 -10.26
CA GLN D 748 13.59 18.07 -10.19
C GLN D 748 13.11 17.37 -11.48
N ARG D 749 11.90 17.70 -11.93
CA ARG D 749 11.15 17.04 -13.02
C ARG D 749 10.29 18.05 -13.77
N PHE D 750 9.97 17.78 -15.02
CA PHE D 750 9.08 18.60 -15.84
C PHE D 750 8.21 17.77 -16.79
N THR D 751 7.13 18.37 -17.30
CA THR D 751 6.20 17.74 -18.24
C THR D 751 5.63 18.76 -19.24
N THR D 752 5.21 18.26 -20.42
CA THR D 752 5.03 19.08 -21.64
C THR D 752 3.82 18.63 -22.48
N GLY D 753 3.13 17.55 -22.11
CA GLY D 753 2.06 16.92 -22.89
C GLY D 753 1.84 15.45 -22.49
N PRO D 754 1.06 14.68 -23.28
CA PRO D 754 0.84 13.25 -23.06
C PRO D 754 2.12 12.42 -22.94
N ASN D 755 2.09 11.36 -22.12
CA ASN D 755 3.18 10.38 -21.97
C ASN D 755 3.20 9.37 -23.15
N LEU D 756 3.34 9.86 -24.38
CA LEU D 756 3.30 9.10 -25.64
C LEU D 756 4.58 9.29 -26.46
N ASP D 757 4.98 8.28 -27.24
CA ASP D 757 6.22 8.27 -28.02
C ASP D 757 5.99 8.11 -29.54
N SER D 758 6.83 8.77 -30.34
CA SER D 758 6.77 8.75 -31.81
C SER D 758 5.39 9.18 -32.36
N SER D 759 5.00 8.68 -33.54
CA SER D 759 3.77 9.01 -34.28
C SER D 759 2.47 8.81 -33.47
N THR D 760 2.53 8.00 -32.40
CA THR D 760 1.48 7.86 -31.38
C THR D 760 1.01 9.22 -30.83
N PHE D 761 1.93 10.17 -30.69
CA PHE D 761 1.63 11.54 -30.24
C PHE D 761 0.84 12.33 -31.31
N ASP D 762 1.18 12.17 -32.60
CA ASP D 762 0.37 12.69 -33.70
C ASP D 762 -1.03 12.05 -33.76
N GLN D 763 -1.17 10.80 -33.28
CA GLN D 763 -2.48 10.15 -33.15
C GLN D 763 -3.35 10.81 -32.07
N PHE D 764 -2.77 11.23 -30.93
CA PHE D 764 -3.48 12.02 -29.92
C PHE D 764 -3.90 13.39 -30.45
N LEU D 765 -3.00 14.07 -31.18
CA LEU D 765 -3.30 15.35 -31.87
C LEU D 765 -4.51 15.22 -32.81
N ASP D 766 -4.65 14.09 -33.53
CA ASP D 766 -5.83 13.80 -34.35
C ASP D 766 -7.08 13.39 -33.53
N PHE D 767 -6.94 12.91 -32.30
CA PHE D 767 -8.08 12.41 -31.52
C PHE D 767 -8.91 13.52 -30.85
N LEU D 768 -8.30 14.61 -30.40
CA LEU D 768 -9.02 15.68 -29.67
C LEU D 768 -9.93 16.54 -30.59
N PRO D 769 -11.11 16.98 -30.12
CA PRO D 769 -12.05 17.78 -30.91
C PRO D 769 -11.63 19.25 -31.07
N TRP D 770 -11.86 19.82 -32.26
CA TRP D 770 -11.71 21.27 -32.48
C TRP D 770 -12.88 22.05 -31.86
N ILE D 771 -12.60 23.00 -30.97
CA ILE D 771 -13.62 23.68 -30.16
C ILE D 771 -14.63 24.51 -30.97
N GLY D 772 -14.29 24.88 -32.20
CA GLY D 772 -15.18 25.63 -33.10
C GLY D 772 -16.36 24.80 -33.66
N ASN D 773 -16.31 23.46 -33.59
CA ASN D 773 -17.37 22.59 -34.16
C ASN D 773 -17.55 21.21 -33.46
N GLY D 774 -16.73 20.87 -32.46
CA GLY D 774 -16.82 19.61 -31.71
C GLY D 774 -16.38 18.34 -32.48
N LYS D 775 -15.67 18.50 -33.60
CA LYS D 775 -15.26 17.41 -34.52
C LYS D 775 -13.76 17.08 -34.34
N PRO D 776 -13.36 15.79 -34.23
CA PRO D 776 -11.95 15.41 -34.09
C PRO D 776 -11.19 15.49 -35.43
N PHE D 777 -9.94 15.96 -35.41
CA PHE D 777 -9.13 16.12 -36.63
C PHE D 777 -8.83 14.80 -37.39
N SER D 778 -9.00 13.64 -36.72
CA SER D 778 -8.96 12.30 -37.31
C SER D 778 -10.04 12.00 -38.37
N ASN D 779 -11.13 12.78 -38.44
CA ASN D 779 -12.20 12.71 -39.47
C ASN D 779 -12.98 11.38 -39.61
N SER D 780 -12.59 10.29 -38.94
CA SER D 780 -13.22 8.96 -39.12
C SER D 780 -14.70 8.82 -38.71
N PRO D 781 -15.29 9.54 -37.72
CA PRO D 781 -16.71 9.43 -37.39
C PRO D 781 -17.60 10.25 -38.36
N SER D 782 -17.47 9.97 -39.66
CA SER D 782 -18.22 10.58 -40.78
C SER D 782 -18.49 12.08 -40.62
N SER D 789 -16.91 5.55 -50.67
CA SER D 789 -15.88 6.23 -51.48
C SER D 789 -15.85 7.73 -51.23
N SER D 790 -14.78 8.40 -51.65
CA SER D 790 -14.63 9.87 -51.64
C SER D 790 -14.72 10.56 -50.26
N THR D 791 -14.43 9.84 -49.18
CA THR D 791 -14.39 10.39 -47.80
C THR D 791 -13.11 11.23 -47.55
N PRO D 792 -13.17 12.23 -46.66
CA PRO D 792 -12.05 13.11 -46.35
C PRO D 792 -10.92 12.42 -45.55
N LEU D 793 -9.77 13.07 -45.48
CA LEU D 793 -8.53 12.56 -44.86
C LEU D 793 -8.16 13.33 -43.57
N PRO D 794 -7.46 12.68 -42.61
CA PRO D 794 -6.97 13.33 -41.38
C PRO D 794 -5.83 14.32 -41.63
N THR D 795 -5.48 15.16 -40.64
CA THR D 795 -4.43 16.19 -40.80
C THR D 795 -3.09 15.88 -40.12
N PHE D 796 -3.05 15.36 -38.88
CA PHE D 796 -1.79 15.19 -38.15
C PHE D 796 -1.12 13.83 -38.38
N SER D 797 -1.84 12.71 -38.22
CA SER D 797 -1.28 11.36 -38.41
C SER D 797 -1.25 10.92 -39.89
N ASN D 798 -0.43 9.91 -40.19
CA ASN D 798 -0.24 9.38 -41.55
C ASN D 798 -1.04 8.10 -41.83
N ILE D 799 -1.71 7.53 -40.81
CA ILE D 799 -2.49 6.29 -40.93
C ILE D 799 -3.67 6.48 -41.88
N ASN D 800 -3.84 5.55 -42.83
CA ASN D 800 -4.83 5.60 -43.91
C ASN D 800 -4.68 6.80 -44.89
N VAL D 801 -3.52 7.47 -44.94
CA VAL D 801 -3.25 8.57 -45.89
C VAL D 801 -2.39 8.07 -47.05
N GLY D 802 -2.83 8.28 -48.29
CA GLY D 802 -2.19 7.71 -49.47
C GLY D 802 -2.44 6.20 -49.58
N VAL D 803 -1.36 5.41 -49.60
CA VAL D 803 -1.40 3.94 -49.73
C VAL D 803 -0.27 3.28 -48.92
N LYS D 804 -0.44 2.02 -48.52
CA LYS D 804 0.63 1.20 -47.92
C LYS D 804 1.63 0.73 -48.99
N SER D 805 2.91 0.70 -48.66
CA SER D 805 3.91 -0.10 -49.38
C SER D 805 5.08 -0.50 -48.47
N MET D 806 5.78 -1.58 -48.83
CA MET D 806 6.95 -2.05 -48.07
C MET D 806 8.17 -1.16 -48.28
N ILE D 807 8.88 -0.80 -47.21
CA ILE D 807 10.09 0.04 -47.26
C ILE D 807 11.37 -0.68 -47.73
N THR D 808 11.26 -1.91 -48.26
CA THR D 808 12.43 -2.77 -48.60
C THR D 808 13.39 -2.18 -49.65
N GLN D 809 12.93 -1.25 -50.49
CA GLN D 809 13.75 -0.59 -51.51
C GLN D 809 14.45 0.70 -51.04
N HIS D 810 14.19 1.18 -49.82
CA HIS D 810 14.75 2.46 -49.32
C HIS D 810 16.21 2.34 -48.85
N LEU D 811 17.01 3.40 -49.10
CA LEU D 811 18.35 3.66 -48.55
C LEU D 811 19.29 2.44 -48.59
N ASN D 812 19.47 1.74 -47.47
CA ASN D 812 20.41 0.62 -47.32
C ASN D 812 19.86 -0.74 -47.82
N LYS D 813 18.55 -0.84 -48.06
CA LYS D 813 17.83 -2.07 -48.46
C LYS D 813 18.06 -3.27 -47.53
N GLU D 814 18.28 -3.03 -46.24
CA GLU D 814 18.65 -4.03 -45.23
C GLU D 814 17.92 -3.82 -43.88
N ASN D 815 17.93 -4.84 -43.01
CA ASN D 815 17.32 -4.88 -41.66
C ASN D 815 15.77 -4.80 -41.60
N THR D 816 15.13 -4.22 -42.61
CA THR D 816 13.66 -3.95 -42.65
C THR D 816 12.78 -5.17 -42.37
N ARG D 817 13.21 -6.38 -42.77
CA ARG D 817 12.43 -7.62 -42.60
C ARG D 817 12.25 -8.06 -41.14
N TRP D 818 13.09 -7.60 -40.21
CA TRP D 818 13.12 -8.12 -38.83
C TRP D 818 13.36 -7.08 -37.72
N VAL D 819 13.85 -5.87 -38.03
CA VAL D 819 14.24 -4.86 -37.03
C VAL D 819 13.61 -3.48 -37.33
N PHE D 820 12.33 -3.47 -37.74
CA PHE D 820 11.54 -2.25 -38.03
C PHE D 820 10.06 -2.40 -37.64
N ILE D 821 9.42 -3.49 -38.07
CA ILE D 821 8.02 -3.84 -37.78
C ILE D 821 8.00 -5.25 -37.14
N PRO D 822 7.10 -5.57 -36.18
CA PRO D 822 6.95 -6.91 -35.59
C PRO D 822 6.53 -8.05 -36.55
N ASN D 823 6.66 -7.89 -37.86
CA ASN D 823 5.96 -8.67 -38.89
C ASN D 823 6.80 -8.84 -40.18
N PHE D 824 6.43 -9.82 -41.00
CA PHE D 824 7.20 -10.25 -42.19
C PHE D 824 7.21 -9.24 -43.35
N SER D 825 6.20 -8.36 -43.44
CA SER D 825 6.07 -7.32 -44.48
C SER D 825 6.32 -5.92 -43.88
N PRO D 826 7.38 -5.18 -44.28
CA PRO D 826 7.75 -3.86 -43.73
C PRO D 826 6.85 -2.68 -44.16
N ASP D 827 5.54 -2.79 -43.94
CA ASP D 827 4.55 -1.79 -44.41
C ASP D 827 4.67 -0.42 -43.72
N ILE D 828 4.71 0.67 -44.50
CA ILE D 828 4.48 2.06 -44.05
C ILE D 828 3.52 2.77 -45.02
N TRP D 829 2.59 3.58 -44.50
CA TRP D 829 1.73 4.48 -45.30
C TRP D 829 2.56 5.63 -45.92
N THR D 830 2.54 5.77 -47.25
CA THR D 830 3.40 6.74 -47.95
C THR D 830 2.98 8.22 -47.82
N GLY D 831 1.82 8.51 -47.21
CA GLY D 831 1.36 9.88 -46.94
C GLY D 831 0.82 10.66 -48.14
N ALA D 832 0.38 11.89 -47.89
CA ALA D 832 -0.15 12.80 -48.91
C ALA D 832 0.97 13.36 -49.81
N GLY D 833 0.74 13.39 -51.13
CA GLY D 833 1.72 13.83 -52.13
C GLY D 833 2.96 12.93 -52.19
N TYR D 834 2.94 11.91 -53.05
CA TYR D 834 4.00 10.90 -53.14
C TYR D 834 4.37 10.53 -54.59
N ARG D 835 5.56 9.95 -54.78
CA ARG D 835 6.16 9.60 -56.08
C ARG D 835 6.40 8.09 -56.23
N VAL D 836 5.93 7.53 -57.34
CA VAL D 836 6.08 6.13 -57.80
C VAL D 836 6.09 6.08 -59.33
N GLN D 837 6.69 5.04 -59.94
CA GLN D 837 6.64 4.84 -61.40
C GLN D 837 5.24 4.39 -61.87
N SER D 838 4.54 3.59 -61.07
CA SER D 838 3.19 3.08 -61.32
C SER D 838 2.53 2.61 -60.01
N ALA D 839 1.22 2.36 -60.02
CA ALA D 839 0.50 1.78 -58.88
C ALA D 839 0.97 0.36 -58.50
N ASN D 840 1.59 -0.37 -59.44
CA ASN D 840 2.24 -1.67 -59.17
C ASN D 840 3.64 -1.50 -58.56
N GLN D 841 4.45 -0.59 -59.08
CA GLN D 841 5.82 -0.30 -58.61
C GLN D 841 5.83 0.63 -57.37
N LYS D 842 5.07 0.24 -56.34
CA LYS D 842 4.72 1.09 -55.18
C LYS D 842 5.79 1.24 -54.10
N ASN D 843 6.90 0.51 -54.19
CA ASN D 843 8.00 0.52 -53.22
C ASN D 843 9.27 1.21 -53.78
N GLY D 844 9.73 2.27 -53.11
CA GLY D 844 10.90 3.07 -53.48
C GLY D 844 10.75 3.88 -54.77
N ILE D 845 11.81 4.62 -55.12
CA ILE D 845 12.02 5.24 -56.44
C ILE D 845 13.54 5.24 -56.74
N PRO D 846 13.98 5.01 -57.99
CA PRO D 846 15.40 5.15 -58.36
C PRO D 846 15.79 6.64 -58.53
N PHE D 847 17.07 6.91 -58.80
CA PHE D 847 17.58 8.26 -59.11
C PHE D 847 17.19 8.72 -60.54
N GLU D 848 15.88 8.74 -60.84
CA GLU D 848 15.34 9.20 -62.12
C GLU D 848 15.03 10.72 -62.14
N GLN D 849 14.73 11.34 -60.99
CA GLN D 849 14.54 12.80 -60.87
C GLN D 849 15.88 13.56 -60.75
N VAL D 850 16.72 13.42 -61.78
CA VAL D 850 17.81 14.38 -62.08
C VAL D 850 17.22 15.75 -62.43
N LYS D 851 17.91 16.83 -62.05
CA LYS D 851 17.40 18.21 -62.15
C LYS D 851 18.42 19.17 -62.78
N PRO D 852 18.01 20.10 -63.65
CA PRO D 852 18.91 21.10 -64.23
C PRO D 852 19.14 22.27 -63.27
N SER D 853 20.24 23.01 -63.46
CA SER D 853 20.52 24.23 -62.68
C SER D 853 19.75 25.45 -63.21
N ASN D 854 19.83 25.70 -64.52
CA ASN D 854 18.98 26.64 -65.27
C ASN D 854 18.28 25.87 -66.43
N ASN D 855 18.48 26.28 -67.68
CA ASN D 855 18.22 25.46 -68.87
C ASN D 855 19.46 24.61 -69.30
N SER D 856 20.57 24.68 -68.55
CA SER D 856 21.90 24.15 -68.87
C SER D 856 22.06 22.63 -68.69
N THR D 857 21.06 21.85 -69.11
CA THR D 857 20.94 20.37 -69.00
C THR D 857 20.94 19.84 -67.54
N PRO D 858 20.59 18.55 -67.30
CA PRO D 858 20.51 17.94 -65.95
C PRO D 858 21.81 17.93 -65.11
N PHE D 859 21.74 17.30 -63.94
CA PHE D 859 22.80 17.21 -62.91
C PHE D 859 24.12 16.53 -63.36
N ASP D 860 24.16 15.98 -64.58
CA ASP D 860 25.37 15.43 -65.23
C ASP D 860 26.05 14.28 -64.45
N PRO D 861 25.36 13.14 -64.23
CA PRO D 861 25.98 11.93 -63.67
C PRO D 861 26.96 11.28 -64.67
N ASN D 862 27.92 10.51 -64.15
CA ASN D 862 29.10 9.97 -64.89
C ASN D 862 30.04 11.05 -65.46
N SER D 863 29.90 12.31 -65.03
CA SER D 863 30.80 13.42 -65.34
C SER D 863 31.95 13.52 -64.34
N ASP D 864 33.09 14.11 -64.74
CA ASP D 864 34.32 14.08 -63.94
C ASP D 864 34.27 14.90 -62.62
N ASP D 865 33.31 15.83 -62.47
CA ASP D 865 33.02 16.49 -61.18
C ASP D 865 32.22 15.60 -60.21
N ASN D 866 31.63 14.52 -60.71
CA ASN D 866 30.75 13.56 -60.03
C ASN D 866 31.31 12.11 -60.10
N LYS D 867 32.64 11.99 -60.17
CA LYS D 867 33.45 10.76 -60.25
C LYS D 867 34.73 10.89 -59.42
N VAL D 868 35.35 9.76 -59.10
CA VAL D 868 36.66 9.65 -58.40
C VAL D 868 37.52 8.52 -58.99
N THR D 869 38.84 8.57 -58.78
CA THR D 869 39.82 7.63 -59.38
C THR D 869 40.75 7.01 -58.31
N PRO D 870 40.25 6.04 -57.52
CA PRO D 870 41.06 5.26 -56.58
C PRO D 870 42.02 4.29 -57.29
N SER D 871 42.91 3.66 -56.53
CA SER D 871 43.85 2.64 -57.04
C SER D 871 43.13 1.43 -57.64
N GLY D 872 43.68 0.89 -58.73
CA GLY D 872 43.05 -0.13 -59.58
C GLY D 872 42.26 0.41 -60.77
N GLY D 873 41.99 1.72 -60.82
CA GLY D 873 41.36 2.39 -61.98
C GLY D 873 39.84 2.19 -62.10
N SER D 874 39.20 1.43 -61.22
CA SER D 874 37.73 1.34 -61.13
C SER D 874 37.11 2.68 -60.72
N SER D 875 35.96 3.03 -61.29
CA SER D 875 35.26 4.29 -60.99
C SER D 875 33.73 4.14 -61.13
N LYS D 876 32.95 4.94 -60.40
CA LYS D 876 31.47 4.91 -60.39
C LYS D 876 30.87 6.30 -60.08
N PRO D 877 29.64 6.62 -60.52
CA PRO D 877 29.06 7.95 -60.34
C PRO D 877 28.62 8.20 -58.89
N THR D 878 28.88 9.40 -58.38
CA THR D 878 28.61 9.76 -56.97
C THR D 878 27.14 10.18 -56.74
N THR D 879 26.19 9.24 -56.81
CA THR D 879 24.74 9.50 -56.56
C THR D 879 24.01 8.29 -55.93
N TYR D 880 22.81 8.52 -55.39
CA TYR D 880 21.94 7.54 -54.72
C TYR D 880 21.64 6.29 -55.58
N PRO D 881 21.52 5.09 -54.96
CA PRO D 881 20.92 3.92 -55.62
C PRO D 881 19.39 3.98 -55.68
N ALA D 882 18.73 4.38 -54.58
CA ALA D 882 17.26 4.52 -54.46
C ALA D 882 16.89 5.48 -53.31
N LEU D 883 15.68 6.06 -53.34
CA LEU D 883 15.27 7.17 -52.48
C LEU D 883 13.85 7.00 -51.90
N PRO D 884 13.48 7.70 -50.81
CA PRO D 884 12.11 7.72 -50.26
C PRO D 884 11.02 8.27 -51.19
N ASN D 885 9.78 7.85 -50.93
CA ASN D 885 8.61 8.09 -51.79
C ASN D 885 7.86 9.43 -51.55
N SER D 886 8.19 10.23 -50.54
CA SER D 886 7.54 11.54 -50.33
C SER D 886 8.44 12.52 -49.54
N ILE D 887 8.32 13.81 -49.87
CA ILE D 887 9.05 14.93 -49.25
C ILE D 887 8.10 15.94 -48.56
N SER D 888 6.78 15.70 -48.58
CA SER D 888 5.76 16.66 -48.09
C SER D 888 5.85 16.89 -46.57
N PRO D 889 5.38 18.04 -46.04
CA PRO D 889 5.54 18.39 -44.62
C PRO D 889 4.80 17.44 -43.65
N THR D 890 3.85 16.65 -44.15
CA THR D 890 3.18 15.61 -43.37
C THR D 890 4.07 14.37 -43.13
N SER D 891 5.24 14.25 -43.77
CA SER D 891 6.07 13.03 -43.77
C SER D 891 6.54 12.59 -42.37
N ASP D 892 6.65 11.28 -42.19
CA ASP D 892 6.82 10.60 -40.90
C ASP D 892 7.77 9.38 -41.01
N TRP D 893 8.77 9.47 -41.88
CA TRP D 893 9.66 8.35 -42.23
C TRP D 893 10.53 7.89 -41.05
N ILE D 894 10.45 6.60 -40.71
CA ILE D 894 11.22 5.97 -39.62
C ILE D 894 12.71 5.83 -40.00
N ASN D 895 12.99 5.49 -41.27
CA ASN D 895 14.33 5.19 -41.78
C ASN D 895 15.15 6.40 -42.28
N ALA D 896 14.53 7.57 -42.49
CA ALA D 896 15.13 8.67 -43.27
C ALA D 896 14.96 10.04 -42.59
N LEU D 897 15.86 10.37 -41.65
CA LEU D 897 15.90 11.67 -40.96
C LEU D 897 16.02 12.85 -41.94
N THR D 898 16.71 12.66 -43.07
CA THR D 898 16.86 13.65 -44.14
C THR D 898 15.62 13.86 -45.02
N PHE D 899 14.56 13.04 -44.89
CA PHE D 899 13.28 13.19 -45.61
C PHE D 899 12.05 13.32 -44.68
N THR D 900 12.15 12.94 -43.40
CA THR D 900 11.07 13.17 -42.43
C THR D 900 10.96 14.66 -42.06
N ASN D 901 9.73 15.16 -41.89
CA ASN D 901 9.46 16.58 -41.58
C ASN D 901 8.88 16.80 -40.17
N LYS D 902 8.09 15.85 -39.64
CA LYS D 902 7.64 15.85 -38.24
C LYS D 902 8.81 15.86 -37.26
N ASN D 903 8.66 16.55 -36.13
CA ASN D 903 9.66 16.63 -35.07
C ASN D 903 8.99 16.88 -33.69
N ASN D 904 9.65 16.48 -32.60
CA ASN D 904 9.09 16.60 -31.24
C ASN D 904 8.78 18.04 -30.81
N PRO D 905 9.60 19.07 -31.12
CA PRO D 905 9.20 20.46 -30.95
C PRO D 905 7.87 20.77 -31.65
N GLN D 906 7.75 20.46 -32.94
CA GLN D 906 6.51 20.73 -33.68
C GLN D 906 5.31 19.99 -33.08
N ARG D 907 5.48 18.75 -32.61
CA ARG D 907 4.42 18.00 -31.90
C ARG D 907 3.93 18.76 -30.66
N ASN D 908 4.83 19.33 -29.87
CA ASN D 908 4.47 20.13 -28.69
C ASN D 908 3.90 21.51 -29.07
N GLN D 909 4.42 22.16 -30.12
CA GLN D 909 3.88 23.42 -30.62
C GLN D 909 2.44 23.26 -31.16
N LEU D 910 2.20 22.21 -31.96
CA LEU D 910 0.90 21.86 -32.48
C LEU D 910 -0.06 21.45 -31.36
N LEU D 911 0.39 20.71 -30.33
CA LEU D 911 -0.47 20.38 -29.19
C LEU D 911 -1.08 21.64 -28.58
N LEU D 912 -0.23 22.61 -28.20
CA LEU D 912 -0.69 23.86 -27.61
C LEU D 912 -1.62 24.63 -28.56
N ARG D 913 -1.17 24.90 -29.79
CA ARG D 913 -1.92 25.76 -30.72
C ARG D 913 -3.18 25.10 -31.29
N SER D 914 -3.28 23.78 -31.33
CA SER D 914 -4.52 23.07 -31.67
C SER D 914 -5.51 23.03 -30.50
N LEU D 915 -5.06 23.02 -29.24
CA LEU D 915 -5.94 23.26 -28.08
C LEU D 915 -6.55 24.66 -28.17
N LEU D 916 -5.75 25.72 -28.31
CA LEU D 916 -6.30 27.08 -28.49
C LEU D 916 -7.06 27.26 -29.83
N GLY D 917 -6.88 26.35 -30.78
CA GLY D 917 -7.63 26.29 -32.04
C GLY D 917 -7.19 27.30 -33.11
N THR D 918 -5.93 27.77 -33.06
CA THR D 918 -5.41 28.90 -33.86
C THR D 918 -4.23 28.52 -34.77
N ILE D 919 -4.20 27.28 -35.26
CA ILE D 919 -3.32 26.88 -36.38
C ILE D 919 -3.80 27.59 -37.67
N PRO D 920 -2.93 28.28 -38.43
CA PRO D 920 -3.35 28.95 -39.67
C PRO D 920 -3.53 27.97 -40.83
N VAL D 921 -4.26 28.39 -41.86
CA VAL D 921 -4.51 27.63 -43.10
C VAL D 921 -4.10 28.45 -44.32
N LEU D 922 -3.60 27.79 -45.37
CA LEU D 922 -3.14 28.41 -46.61
C LEU D 922 -4.30 28.47 -47.63
N ILE D 923 -4.47 29.61 -48.29
CA ILE D 923 -5.64 29.94 -49.13
C ILE D 923 -5.21 30.53 -50.48
N ASN D 924 -5.87 30.12 -51.57
CA ASN D 924 -5.90 30.83 -52.87
C ASN D 924 -7.22 31.60 -53.10
N LYS D 925 -8.32 31.15 -52.49
CA LYS D 925 -9.69 31.43 -52.93
C LYS D 925 -10.62 31.77 -51.77
N SER D 926 -11.39 32.85 -51.87
CA SER D 926 -12.36 33.28 -50.85
C SER D 926 -13.82 33.03 -51.29
N GLY D 927 -14.79 33.26 -50.39
CA GLY D 927 -16.22 33.14 -50.70
C GLY D 927 -16.80 34.23 -51.61
N ASP D 928 -16.01 35.25 -51.99
CA ASP D 928 -16.43 36.38 -52.83
C ASP D 928 -16.80 35.98 -54.28
N SER D 929 -17.55 36.84 -54.98
CA SER D 929 -18.05 36.56 -56.34
C SER D 929 -16.92 36.21 -57.32
N ASN D 930 -17.09 35.10 -58.05
CA ASN D 930 -16.10 34.47 -58.94
C ASN D 930 -14.76 34.07 -58.31
N ASP D 931 -14.59 34.16 -56.98
CA ASP D 931 -13.35 33.80 -56.27
C ASP D 931 -13.40 32.42 -55.58
N GLN D 932 -14.55 31.74 -55.65
CA GLN D 932 -14.93 30.58 -54.83
C GLN D 932 -14.17 29.27 -55.10
N PHE D 933 -14.07 28.42 -54.06
CA PHE D 933 -13.55 27.04 -54.09
C PHE D 933 -14.59 26.04 -53.57
N ASN D 934 -14.75 24.89 -54.22
CA ASN D 934 -15.87 23.98 -53.97
C ASN D 934 -15.51 22.70 -53.17
N LYS D 935 -16.43 22.26 -52.30
CA LYS D 935 -16.41 20.97 -51.60
C LYS D 935 -16.43 19.76 -52.56
N ASP D 936 -17.11 19.90 -53.70
CA ASP D 936 -17.34 18.85 -54.70
C ASP D 936 -16.91 19.29 -56.11
N SER D 937 -16.54 18.31 -56.95
CA SER D 937 -16.04 18.52 -58.34
C SER D 937 -14.75 19.35 -58.46
N GLU D 938 -14.02 19.56 -57.36
CA GLU D 938 -12.80 20.40 -57.31
C GLU D 938 -11.72 19.89 -56.32
N GLN D 939 -12.02 18.85 -55.55
CA GLN D 939 -11.15 18.17 -54.59
C GLN D 939 -11.29 16.65 -54.76
N LYS D 940 -10.18 15.90 -54.83
CA LYS D 940 -10.17 14.44 -55.03
C LYS D 940 -9.37 13.71 -53.95
N TRP D 941 -10.02 13.42 -52.82
CA TRP D 941 -9.43 12.72 -51.67
C TRP D 941 -8.87 11.32 -52.01
N ASP D 942 -9.41 10.66 -53.04
CA ASP D 942 -8.98 9.35 -53.52
C ASP D 942 -7.76 9.39 -54.45
N LYS D 943 -7.26 10.57 -54.85
CA LYS D 943 -6.20 10.72 -55.88
C LYS D 943 -5.10 11.71 -55.44
N THR D 944 -4.44 11.42 -54.32
CA THR D 944 -3.34 12.26 -53.78
C THR D 944 -2.07 12.28 -54.66
N GLU D 945 -1.99 11.48 -55.73
CA GLU D 945 -0.87 11.44 -56.69
C GLU D 945 -0.83 12.65 -57.65
N THR D 946 -1.89 13.45 -57.77
CA THR D 946 -2.02 14.53 -58.78
C THR D 946 -2.48 15.87 -58.18
N ASN D 947 -2.44 16.95 -58.97
CA ASN D 947 -2.85 18.29 -58.55
C ASN D 947 -4.31 18.35 -58.06
N GLU D 948 -5.18 17.44 -58.49
CA GLU D 948 -6.58 17.36 -58.03
C GLU D 948 -6.72 17.01 -56.54
N GLY D 949 -5.65 16.53 -55.89
CA GLY D 949 -5.57 16.39 -54.43
C GLY D 949 -5.26 17.70 -53.68
N ASN D 950 -4.92 18.78 -54.40
CA ASN D 950 -4.69 20.14 -53.87
C ASN D 950 -3.66 20.29 -52.72
N LEU D 951 -2.65 19.41 -52.62
CA LEU D 951 -1.55 19.58 -51.65
C LEU D 951 -0.63 20.75 -52.06
N PRO D 952 -0.41 21.79 -51.21
CA PRO D 952 0.34 22.98 -51.61
C PRO D 952 1.79 22.76 -52.04
N GLY D 953 2.58 22.00 -51.28
CA GLY D 953 4.02 21.80 -51.52
C GLY D 953 4.93 22.99 -51.21
N PHE D 954 4.38 24.15 -50.81
CA PHE D 954 5.12 25.32 -50.31
C PHE D 954 4.26 26.15 -49.34
N GLY D 955 4.87 26.79 -48.33
CA GLY D 955 4.20 27.71 -47.41
C GLY D 955 3.25 27.07 -46.38
N GLU D 956 3.17 25.75 -46.35
CA GLU D 956 2.29 24.96 -45.47
C GLU D 956 2.87 24.79 -44.05
N VAL D 957 2.02 24.75 -43.01
CA VAL D 957 2.47 24.52 -41.62
C VAL D 957 3.06 23.11 -41.47
N ASN D 958 4.21 22.99 -40.79
CA ASN D 958 4.96 21.74 -40.72
C ASN D 958 4.22 20.63 -39.94
N GLY D 959 4.46 19.37 -40.30
CA GLY D 959 3.91 18.17 -39.64
C GLY D 959 2.50 17.76 -40.07
N LEU D 960 1.64 18.71 -40.44
CA LEU D 960 0.20 18.52 -40.70
C LEU D 960 -0.16 18.48 -42.21
N TYR D 961 -1.44 18.64 -42.56
CA TYR D 961 -1.94 18.72 -43.94
C TYR D 961 -3.08 19.75 -44.10
N ASN D 962 -2.90 20.77 -44.96
CA ASN D 962 -3.76 21.96 -45.07
C ASN D 962 -5.21 21.67 -45.48
N ALA D 963 -5.46 20.85 -46.50
CA ALA D 963 -6.82 20.60 -46.99
C ALA D 963 -7.69 19.88 -45.94
N ALA D 964 -7.10 18.96 -45.18
CA ALA D 964 -7.75 18.34 -44.03
C ALA D 964 -8.08 19.36 -42.94
N LEU D 965 -7.15 20.27 -42.61
CA LEU D 965 -7.40 21.33 -41.63
C LEU D 965 -8.54 22.26 -42.08
N LEU D 966 -8.55 22.68 -43.34
CA LEU D 966 -9.66 23.43 -43.95
C LEU D 966 -11.01 22.69 -43.88
N HIS D 967 -11.03 21.37 -44.10
CA HIS D 967 -12.24 20.55 -43.93
C HIS D 967 -12.71 20.51 -42.45
N THR D 968 -11.79 20.33 -41.50
CA THR D 968 -12.12 20.32 -40.05
C THR D 968 -12.60 21.68 -39.55
N TYR D 969 -12.06 22.78 -40.08
CA TYR D 969 -12.58 24.13 -39.84
C TYR D 969 -13.91 24.38 -40.55
N GLY D 970 -14.18 23.67 -41.65
CA GLY D 970 -15.38 23.80 -42.47
C GLY D 970 -15.36 25.02 -43.38
N PHE D 971 -14.19 25.48 -43.84
CA PHE D 971 -14.07 26.62 -44.75
C PHE D 971 -14.68 26.34 -46.14
N PHE D 972 -14.80 25.06 -46.52
CA PHE D 972 -15.61 24.58 -47.63
C PHE D 972 -16.54 23.44 -47.16
N GLY D 973 -17.75 23.38 -47.72
CA GLY D 973 -18.80 22.44 -47.32
C GLY D 973 -19.60 22.88 -46.08
N THR D 974 -20.76 22.27 -45.87
CA THR D 974 -21.74 22.59 -44.79
C THR D 974 -21.36 22.04 -43.40
N ASN D 975 -20.06 21.81 -43.12
CA ASN D 975 -19.60 21.19 -41.87
C ASN D 975 -19.77 22.11 -40.64
N THR D 976 -19.56 23.42 -40.80
CA THR D 976 -19.55 24.43 -39.69
C THR D 976 -20.71 25.44 -39.78
N ASN D 977 -21.40 25.51 -40.93
CA ASN D 977 -22.44 26.52 -41.24
C ASN D 977 -23.57 25.91 -42.11
N SER D 978 -24.75 26.52 -42.06
CA SER D 978 -25.95 26.08 -42.78
C SER D 978 -25.87 26.17 -44.31
N THR D 979 -24.85 26.85 -44.86
CA THR D 979 -24.54 26.87 -46.29
C THR D 979 -23.02 26.96 -46.52
N ASP D 980 -22.55 26.46 -47.67
CA ASP D 980 -21.14 26.31 -48.03
C ASP D 980 -20.40 27.66 -48.12
N PRO D 981 -19.40 27.95 -47.26
CA PRO D 981 -18.64 29.21 -47.31
C PRO D 981 -17.70 29.35 -48.52
N LYS D 982 -17.34 28.25 -49.19
CA LYS D 982 -16.52 28.20 -50.42
C LYS D 982 -15.13 28.86 -50.35
N ILE D 983 -14.45 28.79 -49.19
CA ILE D 983 -13.08 29.30 -48.97
C ILE D 983 -12.07 28.14 -49.03
N GLY D 984 -10.93 28.30 -49.71
CA GLY D 984 -9.93 27.22 -49.77
C GLY D 984 -8.69 27.43 -50.66
N PHE D 985 -8.09 26.32 -51.07
CA PHE D 985 -6.83 26.22 -51.82
C PHE D 985 -6.98 25.26 -53.00
N LYS D 986 -6.43 25.60 -54.17
CA LYS D 986 -6.45 24.75 -55.38
C LYS D 986 -5.10 24.76 -56.11
N ALA D 987 -4.64 23.59 -56.56
CA ALA D 987 -3.48 23.45 -57.43
C ALA D 987 -3.89 23.33 -58.91
N ASP D 988 -3.44 24.27 -59.75
CA ASP D 988 -3.75 24.35 -61.19
C ASP D 988 -2.51 24.18 -62.07
N SER D 989 -2.68 23.55 -63.24
CA SER D 989 -1.61 23.36 -64.25
C SER D 989 -1.66 24.35 -65.42
N SER D 990 -2.66 25.24 -65.48
CA SER D 990 -2.88 26.17 -66.60
C SER D 990 -2.16 27.52 -66.45
N SER D 991 -1.80 27.95 -65.25
CA SER D 991 -1.26 29.30 -65.00
C SER D 991 -0.45 29.43 -63.69
N SER D 992 0.34 30.50 -63.60
CA SER D 992 0.96 30.98 -62.34
C SER D 992 -0.11 31.41 -61.32
N SER D 993 0.13 31.21 -60.03
CA SER D 993 -0.88 31.38 -58.97
C SER D 993 -0.31 32.07 -57.70
N SER D 994 -1.20 32.61 -56.87
CA SER D 994 -0.90 33.34 -55.63
C SER D 994 -1.67 32.80 -54.44
N SER D 995 -1.11 32.89 -53.23
CA SER D 995 -1.71 32.42 -51.97
C SER D 995 -1.25 33.23 -50.74
N THR D 996 -1.96 33.08 -49.62
CA THR D 996 -1.54 33.56 -48.29
C THR D 996 -2.05 32.62 -47.19
N LEU D 997 -1.36 32.59 -46.04
CA LEU D 997 -1.97 32.08 -44.81
C LEU D 997 -3.12 33.02 -44.36
N VAL D 998 -4.10 32.45 -43.67
CA VAL D 998 -5.15 33.15 -42.90
C VAL D 998 -5.40 32.41 -41.57
N GLY D 999 -6.00 33.10 -40.59
CA GLY D 999 -6.37 32.51 -39.30
C GLY D 999 -7.53 31.52 -39.38
N SER D 1000 -7.77 30.77 -38.29
CA SER D 1000 -8.82 29.75 -38.20
C SER D 1000 -10.24 30.29 -37.98
N GLY D 1001 -10.39 31.59 -37.67
CA GLY D 1001 -11.63 32.20 -37.19
C GLY D 1001 -11.69 32.40 -35.67
N LEU D 1002 -10.75 31.83 -34.91
CA LEU D 1002 -10.67 31.92 -33.44
C LEU D 1002 -9.62 32.97 -32.98
N ASN D 1003 -9.90 33.65 -31.85
CA ASN D 1003 -9.09 34.75 -31.29
C ASN D 1003 -8.39 34.43 -29.94
N TRP D 1004 -8.40 33.18 -29.47
CA TRP D 1004 -7.62 32.73 -28.30
C TRP D 1004 -6.10 32.80 -28.54
N THR D 1005 -5.29 32.83 -27.48
CA THR D 1005 -3.81 32.87 -27.55
C THR D 1005 -3.15 32.15 -26.37
N SER D 1006 -1.90 31.70 -26.50
CA SER D 1006 -1.21 30.87 -25.49
C SER D 1006 -0.92 31.55 -24.14
N GLN D 1007 -1.07 32.88 -24.05
CA GLN D 1007 -1.04 33.62 -22.78
C GLN D 1007 -2.37 33.56 -22.00
N ASP D 1008 -3.44 32.99 -22.57
CA ASP D 1008 -4.77 32.84 -21.94
C ASP D 1008 -4.81 31.70 -20.89
N VAL D 1009 -3.86 31.67 -19.96
CA VAL D 1009 -3.74 30.66 -18.91
C VAL D 1009 -4.20 31.21 -17.56
N GLY D 1010 -5.06 30.44 -16.88
CA GLY D 1010 -5.71 30.79 -15.61
C GLY D 1010 -5.11 30.06 -14.41
N ASN D 1011 -5.87 30.01 -13.31
CA ASN D 1011 -5.42 29.46 -12.02
C ASN D 1011 -4.94 28.01 -12.10
N LEU D 1012 -3.75 27.73 -11.56
CA LEU D 1012 -3.36 26.39 -11.12
C LEU D 1012 -4.21 25.98 -9.90
N VAL D 1013 -4.82 24.80 -9.94
CA VAL D 1013 -5.59 24.21 -8.82
C VAL D 1013 -5.19 22.77 -8.56
N VAL D 1014 -5.09 22.40 -7.29
CA VAL D 1014 -4.64 21.08 -6.82
C VAL D 1014 -5.84 20.29 -6.27
N ILE D 1015 -6.07 19.08 -6.78
CA ILE D 1015 -7.29 18.32 -6.52
C ILE D 1015 -7.12 17.35 -5.33
N ASN D 1016 -5.96 16.71 -5.21
CA ASN D 1016 -5.58 15.81 -4.10
C ASN D 1016 -4.05 15.73 -3.96
N ASP D 1017 -3.53 14.70 -3.27
CA ASP D 1017 -2.09 14.52 -3.03
C ASP D 1017 -1.22 14.34 -4.30
N THR D 1018 -1.79 14.07 -5.48
CA THR D 1018 -1.02 13.84 -6.73
C THR D 1018 -1.60 14.52 -7.97
N SER D 1019 -2.88 14.87 -8.01
CA SER D 1019 -3.56 15.42 -9.20
C SER D 1019 -3.75 16.94 -9.15
N PHE D 1020 -3.44 17.64 -10.24
CA PHE D 1020 -3.58 19.08 -10.39
C PHE D 1020 -3.90 19.48 -11.84
N GLY D 1021 -4.46 20.66 -12.05
CA GLY D 1021 -4.84 21.16 -13.38
C GLY D 1021 -4.98 22.68 -13.44
N PHE D 1022 -5.29 23.22 -14.62
CA PHE D 1022 -5.51 24.65 -14.84
C PHE D 1022 -6.43 24.95 -16.02
N GLN D 1023 -7.01 26.15 -16.02
CA GLN D 1023 -7.72 26.71 -17.19
C GLN D 1023 -6.71 27.20 -18.24
N LEU D 1024 -6.96 26.90 -19.52
CA LEU D 1024 -6.20 27.39 -20.68
C LEU D 1024 -7.19 27.72 -21.81
N GLY D 1025 -7.54 29.00 -21.95
CA GLY D 1025 -8.59 29.45 -22.86
C GLY D 1025 -9.92 28.72 -22.64
N GLY D 1026 -10.49 28.20 -23.72
CA GLY D 1026 -11.71 27.38 -23.69
C GLY D 1026 -11.58 25.98 -23.07
N TRP D 1027 -10.41 25.59 -22.53
CA TRP D 1027 -10.18 24.27 -21.92
C TRP D 1027 -9.86 24.36 -20.42
N PHE D 1028 -10.20 23.31 -19.68
CA PHE D 1028 -9.49 22.95 -18.45
C PHE D 1028 -8.64 21.69 -18.72
N ILE D 1029 -7.36 21.71 -18.33
CA ILE D 1029 -6.39 20.62 -18.50
C ILE D 1029 -5.92 20.08 -17.14
N THR D 1030 -5.79 18.77 -17.01
CA THR D 1030 -5.35 18.10 -15.77
C THR D 1030 -4.13 17.22 -16.05
N PHE D 1031 -3.10 17.32 -15.21
CA PHE D 1031 -1.84 16.58 -15.30
C PHE D 1031 -1.81 15.44 -14.24
N THR D 1032 -2.86 14.60 -14.25
CA THR D 1032 -3.24 13.69 -13.17
C THR D 1032 -2.13 12.76 -12.66
N ASP D 1033 -1.23 12.31 -13.53
CA ASP D 1033 -0.24 11.26 -13.25
C ASP D 1033 1.21 11.75 -13.10
N PHE D 1034 1.48 13.05 -13.19
CA PHE D 1034 2.86 13.58 -13.25
C PHE D 1034 3.73 13.23 -12.03
N ILE D 1035 3.13 13.17 -10.84
CA ILE D 1035 3.81 12.83 -9.58
C ILE D 1035 4.08 11.32 -9.45
N ARG D 1036 3.25 10.46 -10.04
CA ARG D 1036 3.34 8.99 -10.00
C ARG D 1036 2.94 8.33 -11.34
N PRO D 1037 3.81 8.37 -12.38
CA PRO D 1037 3.54 7.78 -13.69
C PRO D 1037 3.24 6.27 -13.64
N ARG D 1038 2.54 5.78 -14.67
CA ARG D 1038 2.19 4.35 -14.87
C ARG D 1038 2.29 3.96 -16.34
N THR D 1039 2.53 2.69 -16.64
CA THR D 1039 2.45 2.15 -18.02
C THR D 1039 1.00 2.09 -18.49
N GLY D 1040 0.77 2.34 -19.79
CA GLY D 1040 -0.57 2.26 -20.41
C GLY D 1040 -1.51 3.45 -20.13
N TYR D 1041 -1.08 4.46 -19.36
CA TYR D 1041 -1.84 5.69 -19.11
C TYR D 1041 -1.21 6.89 -19.85
N LEU D 1042 -2.03 7.71 -20.52
CA LEU D 1042 -1.56 8.87 -21.29
C LEU D 1042 -1.17 10.11 -20.46
N GLY D 1043 -1.55 10.18 -19.18
CA GLY D 1043 -1.10 11.22 -18.23
C GLY D 1043 -1.84 12.57 -18.23
N ILE D 1044 -2.81 12.78 -19.13
CA ILE D 1044 -3.53 14.06 -19.33
C ILE D 1044 -5.06 13.83 -19.37
N THR D 1045 -5.84 14.76 -18.80
CA THR D 1045 -7.29 14.89 -19.08
C THR D 1045 -7.66 16.31 -19.51
N LEU D 1046 -8.68 16.47 -20.36
CA LEU D 1046 -9.11 17.74 -20.96
C LEU D 1046 -10.64 17.88 -21.01
N SER D 1047 -11.15 19.04 -20.60
CA SER D 1047 -12.56 19.42 -20.71
C SER D 1047 -12.74 20.73 -21.49
N SER D 1048 -13.53 20.72 -22.57
CA SER D 1048 -13.80 21.89 -23.42
C SER D 1048 -15.10 22.61 -23.06
N LEU D 1049 -15.08 23.94 -23.05
CA LEU D 1049 -16.27 24.81 -23.09
C LEU D 1049 -17.10 24.53 -24.37
N GLN D 1050 -18.42 24.81 -24.32
CA GLN D 1050 -19.35 24.63 -25.45
C GLN D 1050 -19.95 25.94 -26.02
N ASP D 1051 -20.04 27.02 -25.23
CA ASP D 1051 -20.82 28.21 -25.58
C ASP D 1051 -20.24 28.99 -26.78
N GLN D 1052 -20.97 28.97 -27.89
CA GLN D 1052 -20.59 29.63 -29.14
C GLN D 1052 -20.43 31.15 -28.98
N THR D 1053 -21.17 31.79 -28.06
CA THR D 1053 -21.06 33.24 -27.81
C THR D 1053 -19.72 33.63 -27.20
N ILE D 1054 -19.09 32.72 -26.45
CA ILE D 1054 -17.73 32.87 -25.92
C ILE D 1054 -16.70 32.48 -26.97
N ILE D 1055 -16.85 31.30 -27.59
CA ILE D 1055 -15.84 30.75 -28.51
C ILE D 1055 -15.63 31.62 -29.76
N TRP D 1056 -16.69 32.25 -30.29
CA TRP D 1056 -16.61 33.17 -31.43
C TRP D 1056 -16.51 34.66 -31.03
N ALA D 1057 -16.20 34.99 -29.76
CA ALA D 1057 -15.94 36.38 -29.34
C ALA D 1057 -14.64 36.97 -29.95
N ASP D 1058 -14.47 38.29 -29.90
CA ASP D 1058 -13.30 39.00 -30.48
C ASP D 1058 -12.12 39.17 -29.51
N GLN D 1059 -12.34 39.12 -28.20
CA GLN D 1059 -11.30 39.16 -27.17
C GLN D 1059 -11.65 38.17 -26.02
N PRO D 1060 -11.71 36.85 -26.32
CA PRO D 1060 -12.56 35.90 -25.59
C PRO D 1060 -12.16 35.68 -24.13
N TRP D 1061 -10.87 35.70 -23.79
CA TRP D 1061 -10.38 35.47 -22.42
C TRP D 1061 -10.90 36.49 -21.39
N THR D 1062 -11.30 37.69 -21.82
CA THR D 1062 -11.91 38.70 -20.93
C THR D 1062 -13.25 38.26 -20.32
N SER D 1063 -13.89 37.20 -20.84
CA SER D 1063 -15.12 36.61 -20.30
C SER D 1063 -14.91 35.58 -19.18
N PHE D 1064 -13.68 35.07 -18.98
CA PHE D 1064 -13.32 34.17 -17.89
C PHE D 1064 -13.17 34.94 -16.57
N LYS D 1065 -13.94 34.56 -15.53
CA LYS D 1065 -13.97 35.27 -14.22
C LYS D 1065 -13.16 34.59 -13.11
N GLY D 1066 -12.54 33.43 -13.38
CA GLY D 1066 -11.68 32.70 -12.45
C GLY D 1066 -11.97 31.20 -12.39
N SER D 1067 -11.01 30.41 -11.87
CA SER D 1067 -11.12 28.96 -11.69
C SER D 1067 -10.69 28.55 -10.27
N TYR D 1068 -11.35 27.55 -9.69
CA TYR D 1068 -11.25 27.23 -8.26
C TYR D 1068 -11.51 25.74 -7.97
N LEU D 1069 -10.94 25.23 -6.88
CA LEU D 1069 -11.30 23.93 -6.30
C LEU D 1069 -12.61 24.05 -5.51
N ASP D 1070 -13.48 23.04 -5.60
CA ASP D 1070 -14.76 23.01 -4.89
C ASP D 1070 -14.92 21.81 -3.95
N SER D 1071 -15.64 21.99 -2.85
CA SER D 1071 -15.68 21.04 -1.70
C SER D 1071 -16.47 19.76 -1.95
N ASP D 1072 -17.15 19.62 -3.09
CA ASP D 1072 -17.69 18.35 -3.60
C ASP D 1072 -16.62 17.49 -4.31
N GLY D 1073 -15.39 17.99 -4.50
CA GLY D 1073 -14.25 17.23 -5.02
C GLY D 1073 -13.90 17.47 -6.50
N THR D 1074 -14.35 18.58 -7.10
CA THR D 1074 -14.06 18.92 -8.51
C THR D 1074 -13.50 20.35 -8.66
N PRO D 1075 -12.67 20.62 -9.68
CA PRO D 1075 -12.38 21.98 -10.10
C PRO D 1075 -13.56 22.56 -10.90
N LYS D 1076 -13.79 23.86 -10.76
CA LYS D 1076 -14.86 24.64 -11.41
C LYS D 1076 -14.36 26.01 -11.88
N SER D 1077 -15.11 26.68 -12.75
CA SER D 1077 -14.77 28.00 -13.30
C SER D 1077 -16.03 28.84 -13.56
N LEU D 1078 -15.89 30.18 -13.59
CA LEU D 1078 -16.99 31.11 -13.90
C LEU D 1078 -16.81 31.83 -15.24
N TRP D 1079 -17.92 32.09 -15.93
CA TRP D 1079 -17.99 32.77 -17.23
C TRP D 1079 -19.14 33.78 -17.27
N ASP D 1080 -18.99 34.87 -18.05
CA ASP D 1080 -20.06 35.85 -18.28
C ASP D 1080 -20.03 36.42 -19.72
N PRO D 1081 -20.93 35.96 -20.63
CA PRO D 1081 -21.09 36.49 -21.98
C PRO D 1081 -21.41 37.99 -22.08
N THR D 1082 -21.76 38.67 -20.99
CA THR D 1082 -21.97 40.13 -20.97
C THR D 1082 -20.69 40.93 -20.73
N ALA D 1083 -19.55 40.28 -20.44
CA ALA D 1083 -18.29 40.93 -20.09
C ALA D 1083 -17.42 41.39 -21.29
N LEU D 1084 -17.69 40.92 -22.50
CA LEU D 1084 -16.93 41.25 -23.72
C LEU D 1084 -17.07 42.74 -24.09
N LYS D 1085 -16.07 43.29 -24.80
CA LYS D 1085 -16.03 44.67 -25.31
C LYS D 1085 -15.49 44.74 -26.74
N SER D 1086 -15.80 45.83 -27.45
CA SER D 1086 -15.32 46.12 -28.80
C SER D 1086 -13.81 46.34 -28.87
N LEU D 1087 -13.24 46.25 -30.09
CA LEU D 1087 -11.86 46.63 -30.40
C LEU D 1087 -11.60 48.14 -30.11
N PRO D 1088 -10.33 48.59 -30.01
CA PRO D 1088 -9.98 49.98 -29.70
C PRO D 1088 -10.60 51.07 -30.62
N ASN D 1089 -11.05 50.71 -31.83
CA ASN D 1089 -11.88 51.58 -32.67
C ASN D 1089 -12.91 50.77 -33.47
N SER D 1090 -13.99 51.41 -33.91
CA SER D 1090 -15.09 50.81 -34.68
C SER D 1090 -14.98 51.00 -36.20
N SER D 1091 -13.77 51.18 -36.73
CA SER D 1091 -13.41 51.58 -38.12
C SER D 1091 -13.80 53.02 -38.54
N THR D 1092 -14.84 53.59 -37.92
CA THR D 1092 -15.28 54.99 -37.87
C THR D 1092 -15.52 55.75 -39.19
N THR D 1093 -14.64 55.66 -40.19
CA THR D 1093 -14.67 56.46 -41.44
C THR D 1093 -14.03 55.77 -42.65
N TYR D 1094 -13.29 54.66 -42.49
CA TYR D 1094 -12.57 54.00 -43.59
C TYR D 1094 -12.59 52.47 -43.52
N ASP D 1095 -12.29 51.81 -44.64
CA ASP D 1095 -12.26 50.34 -44.75
C ASP D 1095 -11.00 49.74 -44.06
N THR D 1096 -11.11 49.43 -42.77
CA THR D 1096 -10.02 48.80 -41.99
C THR D 1096 -9.82 47.34 -42.39
N ASN D 1097 -8.96 47.09 -43.39
CA ASN D 1097 -8.50 45.75 -43.75
C ASN D 1097 -7.52 45.14 -42.72
N PRO D 1098 -6.48 45.85 -42.22
CA PRO D 1098 -5.61 45.38 -41.14
C PRO D 1098 -6.15 45.73 -39.74
N THR D 1099 -7.23 45.08 -39.27
CA THR D 1099 -7.75 45.34 -37.91
C THR D 1099 -6.88 44.65 -36.86
N LEU D 1100 -6.05 45.44 -36.16
CA LEU D 1100 -5.16 44.97 -35.10
C LEU D 1100 -6.00 44.29 -33.99
N SER D 1101 -5.78 42.99 -33.81
CA SER D 1101 -6.59 42.07 -33.02
C SER D 1101 -5.77 40.80 -32.71
N PRO D 1102 -6.12 39.99 -31.69
CA PRO D 1102 -5.17 39.03 -31.12
C PRO D 1102 -4.79 37.83 -31.99
N SER D 1103 -5.48 37.63 -33.12
CA SER D 1103 -5.20 36.56 -34.11
C SER D 1103 -4.77 37.11 -35.49
N PHE D 1104 -4.68 38.44 -35.64
CA PHE D 1104 -4.21 39.09 -36.87
C PHE D 1104 -2.67 39.06 -37.00
N GLN D 1105 -2.17 38.88 -38.22
CA GLN D 1105 -0.76 38.98 -38.59
C GLN D 1105 -0.60 39.54 -40.02
N LEU D 1106 0.53 40.20 -40.30
CA LEU D 1106 0.88 40.72 -41.63
C LEU D 1106 1.45 39.62 -42.54
N TYR D 1107 0.68 38.55 -42.77
CA TYR D 1107 1.03 37.48 -43.72
C TYR D 1107 1.26 38.05 -45.12
N GLN D 1108 2.36 37.66 -45.75
CA GLN D 1108 2.78 38.12 -47.08
C GLN D 1108 2.21 37.23 -48.19
N PRO D 1109 2.05 37.73 -49.43
CA PRO D 1109 1.85 36.88 -50.61
C PRO D 1109 2.93 35.80 -50.77
N ASN D 1110 2.53 34.58 -51.12
CA ASN D 1110 3.39 33.60 -51.79
C ASN D 1110 2.94 33.46 -53.26
N LYS D 1111 3.87 33.55 -54.21
CA LYS D 1111 3.60 33.36 -55.66
C LYS D 1111 4.30 32.10 -56.16
N VAL D 1112 3.59 31.27 -56.94
CA VAL D 1112 4.01 29.90 -57.27
C VAL D 1112 3.71 29.53 -58.72
N LYS D 1113 4.61 28.76 -59.34
CA LYS D 1113 4.48 28.29 -60.73
C LYS D 1113 3.39 27.21 -60.88
N ALA D 1114 2.94 26.99 -62.11
CA ALA D 1114 1.92 25.99 -62.43
C ALA D 1114 2.34 24.57 -62.02
N TYR D 1115 1.41 23.80 -61.48
CA TYR D 1115 1.62 22.40 -61.08
C TYR D 1115 1.64 21.47 -62.31
N GLN D 1116 2.39 20.36 -62.26
CA GLN D 1116 2.32 19.34 -63.32
C GLN D 1116 1.01 18.55 -63.23
N THR D 1117 0.33 18.32 -64.37
CA THR D 1117 -1.00 17.66 -64.44
C THR D 1117 -0.98 16.20 -63.95
N THR D 1118 0.16 15.52 -64.05
CA THR D 1118 0.41 14.16 -63.57
C THR D 1118 1.81 14.07 -62.95
N ASN D 1119 2.03 13.07 -62.08
CA ASN D 1119 3.28 12.91 -61.31
C ASN D 1119 3.68 14.21 -60.56
N THR D 1120 2.69 14.86 -59.95
CA THR D 1120 2.76 16.27 -59.52
C THR D 1120 3.79 16.55 -58.42
N TYR D 1121 4.04 15.58 -57.54
CA TYR D 1121 4.86 15.75 -56.33
C TYR D 1121 6.23 15.04 -56.41
N ASN D 1122 6.68 14.67 -57.62
CA ASN D 1122 7.97 14.01 -57.84
C ASN D 1122 9.19 14.93 -57.56
N LYS D 1123 8.98 16.25 -57.58
CA LYS D 1123 9.95 17.30 -57.27
C LYS D 1123 9.31 18.37 -56.36
N LEU D 1124 10.12 19.15 -55.65
CA LEU D 1124 9.63 20.28 -54.84
C LEU D 1124 9.00 21.36 -55.73
N ILE D 1125 7.90 21.94 -55.26
CA ILE D 1125 7.15 23.01 -55.94
C ILE D 1125 7.95 24.33 -55.92
N GLU D 1126 7.96 25.07 -57.03
CA GLU D 1126 8.86 26.22 -57.22
C GLU D 1126 8.14 27.58 -57.05
N PRO D 1127 8.57 28.43 -56.08
CA PRO D 1127 8.08 29.79 -55.93
C PRO D 1127 8.74 30.77 -56.91
N VAL D 1128 8.10 31.93 -57.08
CA VAL D 1128 8.52 33.03 -57.98
C VAL D 1128 8.33 34.40 -57.30
N ASP D 1129 8.93 35.45 -57.88
CA ASP D 1129 8.91 36.83 -57.36
C ASP D 1129 7.51 37.28 -56.91
N ALA D 1130 7.35 37.46 -55.59
CA ALA D 1130 6.09 37.85 -54.96
C ALA D 1130 5.98 39.36 -54.68
N THR D 1131 6.98 40.17 -55.04
CA THR D 1131 7.10 41.58 -54.62
C THR D 1131 6.02 42.52 -55.18
N SER D 1132 5.27 42.11 -56.20
CA SER D 1132 4.10 42.81 -56.76
C SER D 1132 2.79 42.00 -56.70
N ALA D 1133 2.79 40.81 -56.10
CA ALA D 1133 1.70 39.83 -56.20
C ALA D 1133 0.38 40.25 -55.53
N ALA D 1134 0.41 41.21 -54.59
CA ALA D 1134 -0.74 41.64 -53.79
C ALA D 1134 -1.94 42.12 -54.63
N THR D 1135 -1.69 42.72 -55.81
CA THR D 1135 -2.75 43.25 -56.70
C THR D 1135 -3.71 42.18 -57.24
N ASN D 1136 -3.29 40.91 -57.31
CA ASN D 1136 -4.10 39.80 -57.82
C ASN D 1136 -4.98 39.10 -56.75
N MET D 1137 -4.91 39.52 -55.48
CA MET D 1137 -5.40 38.75 -54.32
C MET D 1137 -6.08 39.60 -53.24
N THR D 1138 -6.70 40.72 -53.63
CA THR D 1138 -7.34 41.69 -52.71
C THR D 1138 -8.41 41.07 -51.80
N SER D 1139 -9.16 40.07 -52.29
CA SER D 1139 -10.13 39.32 -51.46
C SER D 1139 -9.43 38.62 -50.28
N LEU D 1140 -8.25 38.05 -50.51
CA LEU D 1140 -7.48 37.36 -49.47
C LEU D 1140 -6.93 38.35 -48.44
N LEU D 1141 -6.48 39.53 -48.89
CA LEU D 1141 -6.04 40.62 -48.01
C LEU D 1141 -7.16 41.14 -47.10
N LYS D 1142 -8.41 41.20 -47.58
CA LYS D 1142 -9.58 41.49 -46.73
C LYS D 1142 -9.88 40.36 -45.72
N LEU D 1143 -9.73 39.10 -46.14
CA LEU D 1143 -9.90 37.91 -45.30
C LEU D 1143 -8.82 37.72 -44.21
N LEU D 1144 -7.75 38.52 -44.16
CA LEU D 1144 -6.74 38.46 -43.08
C LEU D 1144 -7.32 38.79 -41.70
N THR D 1145 -8.26 39.74 -41.62
CA THR D 1145 -8.92 40.12 -40.36
C THR D 1145 -9.97 39.09 -39.96
N THR D 1146 -9.91 38.57 -38.73
CA THR D 1146 -10.75 37.44 -38.28
C THR D 1146 -12.24 37.72 -38.41
N LYS D 1147 -12.68 38.96 -38.17
CA LYS D 1147 -14.10 39.37 -38.30
C LYS D 1147 -14.67 39.14 -39.71
N ASN D 1148 -13.85 39.29 -40.74
CA ASN D 1148 -14.24 39.02 -42.12
C ASN D 1148 -14.33 37.50 -42.41
N ILE D 1149 -13.48 36.69 -41.77
CA ILE D 1149 -13.61 35.21 -41.79
C ILE D 1149 -14.93 34.80 -41.13
N LYS D 1150 -15.19 35.28 -39.89
CA LYS D 1150 -16.43 35.02 -39.15
C LYS D 1150 -17.68 35.43 -39.93
N ALA D 1151 -17.67 36.58 -40.61
CA ALA D 1151 -18.78 37.05 -41.43
C ALA D 1151 -19.13 36.08 -42.56
N LYS D 1152 -18.12 35.58 -43.30
CA LYS D 1152 -18.32 34.58 -44.38
C LYS D 1152 -18.70 33.19 -43.85
N LEU D 1153 -18.25 32.81 -42.65
CA LEU D 1153 -18.69 31.60 -41.93
C LEU D 1153 -20.08 31.74 -41.25
N GLY D 1154 -20.72 32.92 -41.29
CA GLY D 1154 -22.04 33.17 -40.68
C GLY D 1154 -22.02 33.39 -39.16
N LYS D 1155 -20.84 33.50 -38.53
CA LYS D 1155 -20.64 33.68 -37.08
C LYS D 1155 -20.48 35.14 -36.63
N GLY D 1156 -20.37 36.09 -37.56
CA GLY D 1156 -19.94 37.48 -37.30
C GLY D 1156 -20.96 38.39 -36.59
N THR D 1157 -22.23 38.01 -36.53
CA THR D 1157 -23.34 38.82 -35.96
C THR D 1157 -24.36 37.93 -35.21
N ALA D 1158 -25.57 38.44 -34.95
CA ALA D 1158 -26.65 37.75 -34.22
C ALA D 1158 -27.09 36.39 -34.82
N SER D 1159 -26.71 36.08 -36.07
CA SER D 1159 -26.88 34.76 -36.69
C SER D 1159 -26.16 33.61 -35.95
N SER D 1160 -25.27 33.91 -35.00
CA SER D 1160 -24.69 32.92 -34.08
C SER D 1160 -25.71 32.31 -33.10
N GLN D 1161 -26.79 33.05 -32.78
CA GLN D 1161 -27.91 32.64 -31.91
C GLN D 1161 -27.46 32.09 -30.52
N GLY D 1162 -28.25 31.22 -29.89
CA GLY D 1162 -28.03 30.75 -28.53
C GLY D 1162 -28.49 31.76 -27.45
N ASN D 1163 -27.96 31.62 -26.24
CA ASN D 1163 -28.25 32.51 -25.11
C ASN D 1163 -27.79 33.96 -25.36
N ASN D 1164 -28.66 34.94 -25.06
CA ASN D 1164 -28.31 36.37 -25.13
C ASN D 1164 -27.46 36.82 -23.93
N ASN D 1165 -27.83 36.41 -22.73
CA ASN D 1165 -27.02 36.46 -21.51
C ASN D 1165 -26.44 35.06 -21.23
N GLY D 1166 -26.74 34.44 -20.09
CA GLY D 1166 -26.36 33.04 -19.80
C GLY D 1166 -25.00 32.84 -19.14
N GLY D 1167 -24.50 33.83 -18.39
CA GLY D 1167 -23.35 33.66 -17.50
C GLY D 1167 -23.61 32.62 -16.40
N GLY D 1168 -22.56 32.06 -15.81
CA GLY D 1168 -22.69 31.01 -14.80
C GLY D 1168 -21.43 30.18 -14.58
N VAL D 1169 -21.64 28.92 -14.19
CA VAL D 1169 -20.64 27.98 -13.65
C VAL D 1169 -20.31 26.89 -14.67
N SER D 1170 -19.03 26.53 -14.79
CA SER D 1170 -18.51 25.43 -15.59
C SER D 1170 -17.73 24.42 -14.73
N GLN D 1171 -17.81 23.13 -15.05
CA GLN D 1171 -17.21 22.02 -14.28
C GLN D 1171 -16.55 20.97 -15.19
N THR D 1172 -15.37 20.47 -14.81
CA THR D 1172 -14.65 19.41 -15.57
C THR D 1172 -15.40 18.07 -15.58
N ILE D 1173 -15.12 17.19 -16.54
CA ILE D 1173 -15.76 15.86 -16.63
C ILE D 1173 -15.47 14.97 -15.39
N ASN D 1174 -16.39 14.04 -15.10
CA ASN D 1174 -16.21 13.04 -14.04
C ASN D 1174 -15.01 12.11 -14.31
N THR D 1175 -14.42 11.55 -13.25
CA THR D 1175 -13.18 10.75 -13.32
C THR D 1175 -13.17 9.60 -12.32
N ILE D 1176 -12.51 8.49 -12.67
CA ILE D 1176 -12.30 7.26 -11.88
C ILE D 1176 -10.88 6.72 -12.16
N THR D 1177 -10.38 5.76 -11.37
CA THR D 1177 -9.03 5.18 -11.55
C THR D 1177 -8.80 4.61 -12.96
N THR D 1178 -9.85 4.14 -13.64
CA THR D 1178 -9.79 3.67 -15.03
C THR D 1178 -9.64 4.79 -16.08
N THR D 1179 -10.01 6.04 -15.76
CA THR D 1179 -9.99 7.16 -16.73
C THR D 1179 -8.56 7.43 -17.21
N GLY D 1180 -8.38 7.44 -18.54
CA GLY D 1180 -7.07 7.60 -19.18
C GLY D 1180 -6.26 6.31 -19.34
N ASN D 1181 -6.74 5.15 -18.88
CA ASN D 1181 -6.15 3.85 -19.24
C ASN D 1181 -6.40 3.56 -20.72
N ILE D 1182 -5.33 3.45 -21.50
CA ILE D 1182 -5.34 3.14 -22.94
C ILE D 1182 -4.38 1.97 -23.26
N SER D 1183 -4.24 1.02 -22.34
CA SER D 1183 -3.27 -0.09 -22.42
C SER D 1183 -3.42 -0.99 -23.65
N GLU D 1184 -4.61 -1.08 -24.25
CA GLU D 1184 -4.85 -1.83 -25.50
C GLU D 1184 -4.41 -1.05 -26.76
N GLY D 1185 -4.36 0.28 -26.69
CA GLY D 1185 -3.80 1.14 -27.74
C GLY D 1185 -2.28 1.36 -27.62
N LEU D 1186 -1.70 1.18 -26.43
CA LEU D 1186 -0.25 1.16 -26.17
C LEU D 1186 0.37 -0.22 -26.48
N LYS D 1187 1.71 -0.24 -26.59
CA LYS D 1187 2.56 -1.37 -27.01
C LYS D 1187 2.23 -1.95 -28.39
N GLU D 1188 3.05 -2.89 -28.86
CA GLU D 1188 2.89 -3.55 -30.16
C GLU D 1188 3.34 -5.01 -30.15
N GLU D 1189 2.78 -5.78 -31.08
CA GLU D 1189 3.08 -7.19 -31.35
C GLU D 1189 2.75 -7.63 -32.80
N THR D 1190 2.23 -6.73 -33.66
CA THR D 1190 1.89 -7.05 -35.08
C THR D 1190 2.20 -5.93 -36.08
N SER D 1191 2.23 -4.66 -35.67
CA SER D 1191 2.16 -3.47 -36.54
C SER D 1191 2.94 -2.28 -35.94
N ILE D 1192 2.63 -1.03 -36.32
CA ILE D 1192 3.23 0.20 -35.77
C ILE D 1192 2.29 0.89 -34.75
N GLN D 1193 2.82 1.33 -33.60
CA GLN D 1193 2.01 1.69 -32.42
C GLN D 1193 0.91 2.74 -32.67
N ALA D 1194 1.17 3.74 -33.52
CA ALA D 1194 0.17 4.73 -33.90
C ALA D 1194 -1.05 4.08 -34.60
N GLU D 1195 -0.86 3.03 -35.40
CA GLU D 1195 -1.93 2.36 -36.14
C GLU D 1195 -2.85 1.52 -35.23
N THR D 1196 -2.29 0.81 -34.24
CA THR D 1196 -3.12 0.12 -33.24
C THR D 1196 -3.80 1.11 -32.29
N LEU D 1197 -3.16 2.23 -31.93
CA LEU D 1197 -3.85 3.31 -31.21
C LEU D 1197 -4.97 3.92 -32.05
N LYS D 1198 -4.79 4.08 -33.37
CA LYS D 1198 -5.83 4.53 -34.30
C LYS D 1198 -7.03 3.57 -34.33
N LYS D 1199 -6.80 2.26 -34.41
CA LYS D 1199 -7.85 1.23 -34.25
C LYS D 1199 -8.57 1.33 -32.91
N PHE D 1200 -7.82 1.51 -31.81
CA PHE D 1200 -8.36 1.66 -30.46
C PHE D 1200 -9.20 2.93 -30.31
N PHE D 1201 -8.80 4.04 -30.93
CA PHE D 1201 -9.57 5.29 -30.97
C PHE D 1201 -10.81 5.23 -31.87
N ASP D 1202 -10.78 4.55 -33.01
CA ASP D 1202 -11.89 4.57 -33.99
C ASP D 1202 -13.23 4.07 -33.41
N SER D 1203 -13.24 3.02 -32.58
CA SER D 1203 -14.45 2.54 -31.90
C SER D 1203 -14.88 3.43 -30.72
N LYS D 1204 -14.03 4.36 -30.27
CA LYS D 1204 -14.21 5.23 -29.11
C LYS D 1204 -14.45 6.72 -29.47
N GLN D 1205 -14.59 7.05 -30.76
CA GLN D 1205 -14.82 8.43 -31.22
C GLN D 1205 -16.08 9.08 -30.61
N ASN D 1206 -17.11 8.28 -30.32
CA ASN D 1206 -18.36 8.71 -29.67
C ASN D 1206 -18.37 8.55 -28.13
N ASN D 1207 -17.25 8.17 -27.51
CA ASN D 1207 -17.16 7.76 -26.10
C ASN D 1207 -15.85 8.23 -25.44
N LYS D 1208 -15.44 9.47 -25.71
CA LYS D 1208 -14.11 10.02 -25.37
C LYS D 1208 -13.86 10.20 -23.86
N SER D 1209 -14.91 10.26 -23.03
CA SER D 1209 -14.79 10.54 -21.59
C SER D 1209 -13.94 9.52 -20.82
N GLU D 1210 -13.92 8.24 -21.21
CA GLU D 1210 -13.05 7.24 -20.56
C GLU D 1210 -11.56 7.40 -20.93
N ILE D 1211 -11.25 8.08 -22.04
CA ILE D 1211 -9.90 8.53 -22.41
C ILE D 1211 -9.49 9.78 -21.60
N GLY D 1212 -10.43 10.38 -20.84
CA GLY D 1212 -10.23 11.64 -20.13
C GLY D 1212 -10.41 12.88 -21.00
N ILE D 1213 -11.05 12.74 -22.18
CA ILE D 1213 -11.26 13.83 -23.15
C ILE D 1213 -12.77 14.10 -23.31
N GLY D 1214 -13.22 15.36 -23.21
CA GLY D 1214 -14.63 15.69 -23.39
C GLY D 1214 -14.98 17.17 -23.24
N ASP D 1215 -16.26 17.45 -22.98
CA ASP D 1215 -16.78 18.81 -22.77
C ASP D 1215 -17.14 19.04 -21.29
N SER D 1216 -16.81 20.21 -20.75
CA SER D 1216 -17.21 20.62 -19.40
C SER D 1216 -18.72 20.82 -19.29
N THR D 1217 -19.35 20.31 -18.23
CA THR D 1217 -20.77 20.60 -17.93
C THR D 1217 -20.94 22.02 -17.40
N PHE D 1218 -22.11 22.63 -17.63
CA PHE D 1218 -22.35 24.06 -17.38
C PHE D 1218 -23.75 24.30 -16.78
N THR D 1219 -23.88 25.28 -15.87
CA THR D 1219 -25.18 25.76 -15.36
C THR D 1219 -25.22 27.29 -15.32
N LYS D 1220 -26.38 27.87 -15.71
CA LYS D 1220 -26.60 29.32 -15.77
C LYS D 1220 -26.89 29.92 -14.38
N MET D 1221 -26.64 31.22 -14.23
CA MET D 1221 -26.99 32.04 -13.07
C MET D 1221 -27.65 33.36 -13.50
N ASP D 1222 -28.46 33.94 -12.61
CA ASP D 1222 -29.06 35.27 -12.79
C ASP D 1222 -28.05 36.39 -12.43
N GLY D 1223 -28.18 37.56 -13.05
CA GLY D 1223 -27.32 38.73 -12.82
C GLY D 1223 -25.89 38.59 -13.35
N LYS D 1224 -25.03 39.53 -12.94
CA LYS D 1224 -23.61 39.62 -13.31
C LYS D 1224 -22.75 38.58 -12.56
N LEU D 1225 -21.67 38.09 -13.17
CA LEU D 1225 -20.59 37.39 -12.45
C LEU D 1225 -19.33 38.27 -12.41
N THR D 1226 -18.86 38.64 -11.22
CA THR D 1226 -17.70 39.52 -11.03
C THR D 1226 -16.47 38.77 -10.48
N GLY D 1227 -16.68 37.77 -9.62
CA GLY D 1227 -15.62 36.94 -9.05
C GLY D 1227 -16.13 35.97 -7.98
N VAL D 1228 -15.21 35.26 -7.33
CA VAL D 1228 -15.49 34.30 -6.24
C VAL D 1228 -14.57 34.52 -5.04
N VAL D 1229 -15.04 34.15 -3.85
CA VAL D 1229 -14.17 34.00 -2.66
C VAL D 1229 -14.36 32.61 -2.04
N SER D 1230 -13.28 32.02 -1.52
CA SER D 1230 -13.19 30.58 -1.21
C SER D 1230 -12.84 30.30 0.26
N THR D 1231 -13.41 29.21 0.80
CA THR D 1231 -13.17 28.67 2.15
C THR D 1231 -12.93 27.15 2.06
N PRO D 1232 -12.35 26.49 3.08
CA PRO D 1232 -12.19 25.04 3.08
C PRO D 1232 -13.51 24.25 3.08
N LEU D 1233 -14.65 24.89 3.41
CA LEU D 1233 -15.97 24.26 3.41
C LEU D 1233 -16.85 24.66 2.19
N VAL D 1234 -16.73 25.90 1.70
CA VAL D 1234 -17.70 26.49 0.73
C VAL D 1234 -17.02 27.50 -0.24
N ASN D 1235 -17.62 27.72 -1.41
CA ASN D 1235 -17.27 28.79 -2.35
C ASN D 1235 -18.43 29.78 -2.52
N LEU D 1236 -18.14 31.08 -2.44
CA LEU D 1236 -19.10 32.17 -2.51
C LEU D 1236 -18.95 32.90 -3.86
N ILE D 1237 -20.07 33.16 -4.55
CA ILE D 1237 -20.10 33.81 -5.88
C ILE D 1237 -20.58 35.26 -5.70
N ASN D 1238 -19.82 36.24 -6.20
CA ASN D 1238 -19.96 37.67 -5.88
C ASN D 1238 -19.95 37.98 -4.36
N GLY D 1239 -19.49 37.05 -3.52
CA GLY D 1239 -19.57 37.11 -2.05
C GLY D 1239 -20.87 36.59 -1.44
N GLN D 1240 -21.88 36.20 -2.23
CA GLN D 1240 -23.10 35.55 -1.77
C GLN D 1240 -23.01 34.01 -1.80
N GLY D 1241 -23.89 33.34 -1.04
CA GLY D 1241 -23.97 31.87 -0.92
C GLY D 1241 -23.73 31.31 0.49
N ALA D 1242 -23.50 32.16 1.49
CA ALA D 1242 -23.30 31.76 2.89
C ALA D 1242 -24.58 31.16 3.52
N THR D 1243 -24.42 30.36 4.59
CA THR D 1243 -25.50 29.60 5.24
C THR D 1243 -25.41 29.65 6.77
N SER D 1244 -26.48 29.23 7.46
CA SER D 1244 -26.59 29.26 8.93
C SER D 1244 -25.69 28.27 9.69
N ASP D 1245 -24.96 27.39 9.00
CA ASP D 1245 -24.11 26.33 9.59
C ASP D 1245 -24.89 25.38 10.52
N SER D 1246 -26.02 24.88 10.00
CA SER D 1246 -27.11 24.28 10.78
C SER D 1246 -26.71 23.07 11.65
N ASP D 1247 -25.68 22.32 11.26
CA ASP D 1247 -25.13 21.20 12.05
C ASP D 1247 -24.47 21.64 13.38
N THR D 1248 -24.18 22.93 13.56
CA THR D 1248 -23.41 23.47 14.71
C THR D 1248 -24.23 24.39 15.63
N GLU D 1249 -25.51 24.63 15.35
CA GLU D 1249 -26.37 25.58 16.08
C GLU D 1249 -26.46 25.31 17.59
N LYS D 1250 -26.44 24.04 18.00
CA LYS D 1250 -26.75 23.60 19.38
C LYS D 1250 -25.54 23.66 20.33
N ILE D 1251 -24.37 24.11 19.85
CA ILE D 1251 -23.11 24.18 20.61
C ILE D 1251 -22.86 25.64 21.04
N SER D 1252 -22.64 25.91 22.33
CA SER D 1252 -22.42 27.28 22.84
C SER D 1252 -21.65 27.31 24.17
N PHE D 1253 -20.75 28.27 24.38
CA PHE D 1253 -20.14 28.50 25.70
C PHE D 1253 -21.17 29.01 26.72
N LYS D 1254 -21.02 28.65 28.00
CA LYS D 1254 -21.90 29.17 29.07
C LYS D 1254 -21.71 30.68 29.27
N PRO D 1255 -22.79 31.46 29.45
CA PRO D 1255 -22.71 32.88 29.79
C PRO D 1255 -22.28 33.09 31.26
N GLY D 1256 -21.78 34.28 31.60
CA GLY D 1256 -21.14 34.56 32.89
C GLY D 1256 -22.06 34.38 34.11
N ASN D 1257 -23.37 34.58 33.97
CA ASN D 1257 -24.35 34.34 35.03
C ASN D 1257 -24.63 32.84 35.33
N GLN D 1258 -24.17 31.92 34.46
CA GLN D 1258 -24.31 30.47 34.64
C GLN D 1258 -23.04 29.79 35.19
N ILE D 1259 -22.02 30.56 35.62
CA ILE D 1259 -20.76 30.03 36.16
C ILE D 1259 -20.79 30.08 37.69
N ASP D 1260 -20.55 28.93 38.34
CA ASP D 1260 -20.39 28.80 39.79
C ASP D 1260 -18.91 28.83 40.17
N PHE D 1261 -18.32 30.03 40.29
CA PHE D 1261 -16.86 30.23 40.19
C PHE D 1261 -16.02 29.36 41.14
N ASN D 1262 -16.47 29.12 42.37
CA ASN D 1262 -15.77 28.27 43.36
C ASN D 1262 -15.60 26.81 42.88
N ARG D 1263 -16.50 26.30 42.04
CA ARG D 1263 -16.43 24.95 41.44
C ARG D 1263 -15.31 24.84 40.40
N LEU D 1264 -15.03 25.94 39.67
CA LEU D 1264 -13.99 26.01 38.65
C LEU D 1264 -12.61 26.40 39.24
N PHE D 1265 -12.56 27.39 40.14
CA PHE D 1265 -11.34 28.15 40.48
C PHE D 1265 -10.84 27.99 41.94
N THR D 1266 -11.32 26.99 42.68
CA THR D 1266 -10.71 26.62 43.98
C THR D 1266 -9.34 25.94 43.79
N LEU D 1267 -9.17 25.10 42.77
CA LEU D 1267 -7.85 24.73 42.24
C LEU D 1267 -7.33 25.84 41.30
N PRO D 1268 -6.01 26.10 41.23
CA PRO D 1268 -5.39 26.93 40.19
C PRO D 1268 -5.68 26.42 38.77
N VAL D 1269 -5.68 27.31 37.77
CA VAL D 1269 -5.89 26.96 36.35
C VAL D 1269 -4.73 26.15 35.73
N THR D 1270 -3.60 26.03 36.44
CA THR D 1270 -2.32 25.46 36.00
C THR D 1270 -2.40 24.01 35.48
N GLU D 1271 -3.39 23.24 35.90
CA GLU D 1271 -3.51 21.80 35.60
C GLU D 1271 -4.87 21.39 34.99
N LEU D 1272 -5.64 22.35 34.46
CA LEU D 1272 -6.86 22.07 33.68
C LEU D 1272 -6.55 21.48 32.29
N PHE D 1273 -5.31 21.56 31.82
CA PHE D 1273 -4.85 21.16 30.49
C PHE D 1273 -3.54 20.35 30.56
N ASP D 1274 -3.26 19.55 29.53
CA ASP D 1274 -2.00 18.81 29.40
C ASP D 1274 -0.85 19.74 28.94
N PRO D 1275 0.23 19.95 29.74
CA PRO D 1275 1.35 20.82 29.38
C PRO D 1275 2.05 20.48 28.05
N ASN D 1276 1.91 19.25 27.55
CA ASN D 1276 2.52 18.81 26.29
C ASN D 1276 1.78 19.31 25.03
N THR D 1277 0.51 19.75 25.15
CA THR D 1277 -0.35 20.04 23.99
C THR D 1277 -1.40 21.15 24.20
N MET D 1278 -1.61 21.61 25.44
CA MET D 1278 -2.47 22.76 25.81
C MET D 1278 -3.98 22.60 25.50
N PHE D 1279 -4.45 21.40 25.17
CA PHE D 1279 -5.87 21.06 25.22
C PHE D 1279 -6.32 20.82 26.66
N VAL D 1280 -7.48 21.37 27.02
CA VAL D 1280 -8.13 21.21 28.31
C VAL D 1280 -8.66 19.78 28.46
N TYR D 1281 -8.57 19.19 29.65
CA TYR D 1281 -9.06 17.83 29.92
C TYR D 1281 -10.59 17.71 29.80
N ASP D 1282 -11.08 16.53 29.39
CA ASP D 1282 -12.49 16.29 29.00
C ASP D 1282 -13.52 16.67 30.07
N GLN D 1283 -13.20 16.46 31.36
CA GLN D 1283 -14.09 16.72 32.49
C GLN D 1283 -14.54 18.19 32.60
N TYR D 1284 -13.74 19.14 32.10
CA TYR D 1284 -14.06 20.57 32.13
C TYR D 1284 -14.88 21.06 30.92
N VAL D 1285 -14.99 20.27 29.84
CA VAL D 1285 -15.73 20.66 28.62
C VAL D 1285 -17.23 20.89 28.90
N PRO D 1286 -18.02 19.95 29.47
CA PRO D 1286 -19.43 20.18 29.75
C PRO D 1286 -19.70 21.19 30.88
N LEU D 1287 -18.69 21.48 31.70
CA LEU D 1287 -18.73 22.56 32.72
C LEU D 1287 -18.61 23.97 32.09
N LEU D 1288 -18.10 24.08 30.86
CA LEU D 1288 -17.86 25.35 30.15
C LEU D 1288 -18.70 25.53 28.87
N VAL D 1289 -19.15 24.43 28.23
CA VAL D 1289 -19.89 24.43 26.95
C VAL D 1289 -21.19 23.64 27.06
N ASN D 1290 -22.29 24.20 26.56
CA ASN D 1290 -23.57 23.53 26.37
C ASN D 1290 -23.60 22.73 25.05
N LEU D 1291 -24.23 21.55 25.09
CA LEU D 1291 -24.30 20.56 24.01
C LEU D 1291 -25.69 19.91 23.99
N PRO D 1292 -26.20 19.43 22.84
CA PRO D 1292 -27.53 18.83 22.75
C PRO D 1292 -27.61 17.42 23.38
N SER D 1293 -28.83 16.92 23.58
CA SER D 1293 -29.06 15.54 24.03
C SER D 1293 -28.57 14.52 22.99
N GLY D 1294 -28.00 13.40 23.46
CA GLY D 1294 -27.45 12.35 22.61
C GLY D 1294 -26.12 12.68 21.89
N PHE D 1295 -25.50 13.81 22.19
CA PHE D 1295 -24.26 14.27 21.56
C PHE D 1295 -23.04 13.40 21.90
N ASP D 1296 -22.15 13.18 20.93
CA ASP D 1296 -20.89 12.46 21.13
C ASP D 1296 -19.83 13.36 21.80
N GLN D 1297 -19.68 13.25 23.12
CA GLN D 1297 -18.81 14.14 23.91
C GLN D 1297 -17.32 14.08 23.52
N ALA D 1298 -16.85 13.00 22.88
CA ALA D 1298 -15.48 12.89 22.37
C ALA D 1298 -15.20 13.74 21.11
N SER D 1299 -16.24 14.29 20.46
CA SER D 1299 -16.13 15.02 19.19
C SER D 1299 -15.70 16.49 19.31
N ILE D 1300 -15.66 17.06 20.52
CA ILE D 1300 -15.35 18.48 20.79
C ILE D 1300 -14.40 18.64 21.98
N ARG D 1301 -13.45 19.59 21.92
CA ARG D 1301 -12.63 20.01 23.08
C ARG D 1301 -12.11 21.45 22.99
N LEU D 1302 -11.59 21.96 24.12
CA LEU D 1302 -11.10 23.33 24.26
C LEU D 1302 -9.56 23.39 24.21
N LYS D 1303 -9.02 24.34 23.46
CA LYS D 1303 -7.59 24.68 23.37
C LYS D 1303 -7.32 25.98 24.13
N VAL D 1304 -6.33 25.97 25.03
CA VAL D 1304 -5.87 27.20 25.71
C VAL D 1304 -5.11 28.09 24.73
N ILE D 1305 -5.41 29.40 24.73
CA ILE D 1305 -4.79 30.38 23.82
C ILE D 1305 -4.04 31.52 24.55
N SER D 1306 -4.45 31.89 25.76
CA SER D 1306 -3.64 32.66 26.73
C SER D 1306 -4.19 32.48 28.15
N TYR D 1307 -3.34 32.66 29.17
CA TYR D 1307 -3.72 32.49 30.59
C TYR D 1307 -2.75 33.23 31.52
N SER D 1308 -3.15 33.45 32.78
CA SER D 1308 -2.22 33.84 33.86
C SER D 1308 -2.69 33.33 35.23
N VAL D 1309 -1.85 32.52 35.88
CA VAL D 1309 -2.19 31.80 37.12
C VAL D 1309 -2.34 32.73 38.32
N GLU D 1310 -1.59 33.84 38.36
CA GLU D 1310 -1.65 34.85 39.42
C GLU D 1310 -2.93 35.69 39.39
N ASN D 1311 -3.66 35.67 38.26
CA ASN D 1311 -5.03 36.19 38.13
C ASN D 1311 -6.09 35.06 38.08
N GLN D 1312 -5.67 33.79 38.20
CA GLN D 1312 -6.49 32.57 38.11
C GLN D 1312 -7.43 32.56 36.88
N THR D 1313 -6.99 33.09 35.75
CA THR D 1313 -7.84 33.28 34.56
C THR D 1313 -7.32 32.51 33.35
N LEU D 1314 -8.26 31.95 32.57
CA LEU D 1314 -8.01 31.04 31.46
C LEU D 1314 -8.76 31.49 30.21
N GLY D 1315 -8.07 31.64 29.08
CA GLY D 1315 -8.62 32.00 27.78
C GLY D 1315 -8.49 30.84 26.77
N VAL D 1316 -9.58 30.54 26.08
CA VAL D 1316 -9.74 29.30 25.30
C VAL D 1316 -10.43 29.52 23.95
N ARG D 1317 -10.23 28.55 23.04
CA ARG D 1317 -10.89 28.40 21.73
C ARG D 1317 -11.39 26.96 21.57
N LEU D 1318 -12.57 26.73 21.00
CA LEU D 1318 -13.14 25.38 20.85
C LEU D 1318 -12.97 24.79 19.45
N GLU D 1319 -12.68 23.49 19.38
CA GLU D 1319 -12.58 22.72 18.12
C GLU D 1319 -13.42 21.45 18.12
N PHE D 1320 -14.11 21.20 17.01
CA PHE D 1320 -15.14 20.17 16.82
C PHE D 1320 -14.87 19.39 15.51
N LYS D 1321 -15.18 18.09 15.49
CA LYS D 1321 -15.11 17.26 14.25
C LYS D 1321 -16.05 17.80 13.17
N ASP D 1322 -15.54 18.07 11.97
CA ASP D 1322 -16.38 18.40 10.81
C ASP D 1322 -17.21 17.16 10.37
N PRO D 1323 -18.56 17.23 10.34
CA PRO D 1323 -19.37 16.12 9.83
C PRO D 1323 -19.01 15.66 8.40
N GLN D 1324 -18.44 16.53 7.57
CA GLN D 1324 -18.07 16.25 6.17
C GLN D 1324 -16.62 15.78 5.97
N THR D 1325 -15.72 15.96 6.95
CA THR D 1325 -14.26 15.81 6.74
C THR D 1325 -13.56 15.11 7.91
N GLN D 1326 -12.48 14.37 7.64
CA GLN D 1326 -11.63 13.71 8.64
C GLN D 1326 -10.72 14.70 9.42
N GLN D 1327 -11.25 15.87 9.80
CA GLN D 1327 -10.50 17.01 10.34
C GLN D 1327 -11.35 17.86 11.31
N PHE D 1328 -10.73 18.56 12.24
CA PHE D 1328 -11.40 19.47 13.18
C PHE D 1328 -11.58 20.89 12.61
N ILE D 1329 -12.61 21.59 13.06
CA ILE D 1329 -12.97 22.99 12.71
C ILE D 1329 -13.40 23.76 13.96
N PRO D 1330 -13.27 25.10 13.98
CA PRO D 1330 -13.84 25.92 15.04
C PRO D 1330 -15.37 26.02 14.91
N VAL D 1331 -16.05 26.33 16.02
CA VAL D 1331 -17.51 26.54 16.07
C VAL D 1331 -17.80 28.04 16.21
N LEU D 1332 -17.95 28.75 15.09
CA LEU D 1332 -17.92 30.21 15.07
C LEU D 1332 -19.10 30.89 15.80
N ASN D 1333 -20.25 30.20 15.91
CA ASN D 1333 -21.44 30.65 16.64
C ASN D 1333 -21.38 30.44 18.16
N ALA D 1334 -20.29 29.93 18.73
CA ALA D 1334 -20.26 29.49 20.13
C ALA D 1334 -20.36 30.61 21.19
N SER D 1335 -20.10 31.88 20.83
CA SER D 1335 -20.25 33.05 21.73
C SER D 1335 -20.33 34.37 20.96
N SER D 1336 -20.65 35.47 21.65
CA SER D 1336 -20.51 36.84 21.12
C SER D 1336 -19.06 37.23 20.76
N THR D 1337 -18.06 36.57 21.35
CA THR D 1337 -16.63 36.65 20.97
C THR D 1337 -16.22 35.51 20.01
N GLY D 1338 -17.18 34.95 19.28
CA GLY D 1338 -16.96 33.90 18.29
C GLY D 1338 -16.57 32.55 18.92
N PRO D 1339 -15.63 31.80 18.32
CA PRO D 1339 -15.17 30.51 18.84
C PRO D 1339 -14.22 30.64 20.06
N GLN D 1340 -14.02 31.84 20.59
CA GLN D 1340 -13.06 32.14 21.66
C GLN D 1340 -13.75 32.76 22.89
N THR D 1341 -13.34 32.41 24.11
CA THR D 1341 -13.85 33.00 25.38
C THR D 1341 -12.79 33.02 26.49
N VAL D 1342 -13.04 33.84 27.52
CA VAL D 1342 -12.23 33.91 28.77
C VAL D 1342 -13.08 33.59 30.01
N PHE D 1343 -12.47 32.98 31.01
CA PHE D 1343 -13.08 32.69 32.31
C PHE D 1343 -12.16 33.13 33.48
N GLN D 1344 -12.75 33.55 34.59
CA GLN D 1344 -12.07 34.19 35.74
C GLN D 1344 -12.85 33.93 37.06
N PRO D 1345 -12.21 34.05 38.25
CA PRO D 1345 -12.80 33.60 39.51
C PRO D 1345 -13.84 34.54 40.14
N PHE D 1346 -13.99 35.76 39.61
CA PHE D 1346 -14.82 36.88 40.10
C PHE D 1346 -14.44 37.44 41.50
N ASN D 1347 -13.92 36.64 42.43
CA ASN D 1347 -13.46 37.05 43.75
C ASN D 1347 -12.18 36.29 44.19
N GLN D 1348 -11.36 36.90 45.04
CA GLN D 1348 -10.00 36.45 45.36
C GLN D 1348 -9.71 35.37 46.44
N TRP D 1349 -10.69 34.54 46.82
CA TRP D 1349 -10.44 33.46 47.78
C TRP D 1349 -9.73 32.14 47.35
N ALA D 1350 -9.32 31.36 48.36
CA ALA D 1350 -8.46 30.17 48.22
C ALA D 1350 -8.77 29.09 49.29
N ASP D 1351 -7.78 28.28 49.67
CA ASP D 1351 -7.88 27.17 50.66
C ASP D 1351 -8.13 27.61 52.13
N TYR D 1352 -8.69 28.80 52.37
CA TYR D 1352 -8.80 29.44 53.68
C TYR D 1352 -9.61 28.65 54.72
N VAL D 1353 -10.41 27.65 54.29
CA VAL D 1353 -11.12 26.69 55.17
C VAL D 1353 -10.14 25.84 56.01
N LEU D 1354 -8.98 25.47 55.46
CA LEU D 1354 -8.01 24.62 56.16
C LEU D 1354 -7.42 25.27 57.43
N PRO D 1355 -6.90 26.52 57.40
CA PRO D 1355 -6.51 27.21 58.63
C PRO D 1355 -7.71 27.62 59.51
N LEU D 1356 -8.93 27.74 58.97
CA LEU D 1356 -10.13 28.10 59.73
C LEU D 1356 -10.40 27.06 60.81
N ILE D 1357 -10.19 25.78 60.49
CA ILE D 1357 -10.25 24.63 61.40
C ILE D 1357 -9.15 24.67 62.46
N VAL D 1358 -8.00 25.28 62.20
CA VAL D 1358 -6.99 25.56 63.24
C VAL D 1358 -7.36 26.80 64.07
N THR D 1359 -7.83 27.88 63.45
CA THR D 1359 -7.91 29.23 64.01
C THR D 1359 -9.15 29.38 64.89
N VAL D 1360 -10.22 28.81 64.47
CA VAL D 1360 -11.49 28.96 65.17
C VAL D 1360 -11.38 28.37 66.57
N PRO D 1361 -10.85 27.08 66.66
CA PRO D 1361 -10.74 26.52 68.00
C PRO D 1361 -9.76 27.29 68.88
N ILE D 1362 -8.78 27.86 68.38
CA ILE D 1362 -7.79 28.62 69.14
C ILE D 1362 -8.43 29.89 69.70
N VAL D 1363 -9.12 30.63 68.98
CA VAL D 1363 -9.81 31.84 69.41
C VAL D 1363 -10.84 31.50 70.48
N VAL D 1364 -11.56 30.37 70.23
CA VAL D 1364 -12.55 29.92 71.19
C VAL D 1364 -11.87 29.58 72.52
N ILE D 1365 -10.73 28.97 72.38
CA ILE D 1365 -9.98 28.59 73.58
C ILE D 1365 -9.51 29.85 74.30
N ILE D 1366 -8.97 30.79 73.60
CA ILE D 1366 -8.47 32.03 74.19
C ILE D 1366 -9.63 32.80 74.83
N LEU D 1367 -10.69 32.93 74.09
CA LEU D 1367 -11.87 33.65 74.59
C LEU D 1367 -12.46 32.93 75.80
N SER D 1368 -12.48 31.59 75.79
CA SER D 1368 -13.01 30.80 76.91
C SER D 1368 -12.15 30.96 78.15
N VAL D 1369 -10.79 30.89 77.92
CA VAL D 1369 -9.87 31.06 79.03
C VAL D 1369 -10.02 32.46 79.62
N THR D 1370 -10.07 33.47 78.86
CA THR D 1370 -10.25 34.85 79.30
C THR D 1370 -11.57 35.01 80.06
N LEU D 1371 -12.62 34.47 79.50
CA LEU D 1371 -13.91 34.49 80.17
C LEU D 1371 -13.84 33.79 81.52
N GLY D 1372 -13.09 32.66 81.51
CA GLY D 1372 -12.90 31.94 82.76
C GLY D 1372 -12.14 32.74 83.80
N LEU D 1373 -11.13 33.39 83.38
CA LEU D 1373 -10.32 34.18 84.29
C LEU D 1373 -11.08 35.42 84.76
N THR D 1374 -11.84 36.01 83.90
CA THR D 1374 -12.58 37.24 84.21
C THR D 1374 -13.73 36.95 85.17
N ILE D 1375 -14.26 35.84 85.14
CA ILE D 1375 -15.34 35.44 86.04
C ILE D 1375 -14.76 34.78 87.29
N GLY D 1376 -13.73 34.05 87.03
CA GLY D 1376 -13.14 33.25 88.09
C GLY D 1376 -12.40 34.09 89.11
N ILE D 1377 -11.71 35.11 88.66
CA ILE D 1377 -10.87 35.91 89.55
C ILE D 1377 -11.75 36.71 90.51
N PRO D 1378 -12.79 37.37 90.07
CA PRO D 1378 -13.67 38.13 90.96
C PRO D 1378 -14.51 37.24 91.87
N MET D 1379 -14.92 36.05 91.41
CA MET D 1379 -15.70 35.12 92.22
C MET D 1379 -14.94 34.73 93.48
N HIS D 1380 -13.57 34.53 93.34
CA HIS D 1380 -12.74 34.23 94.50
C HIS D 1380 -12.65 35.43 95.43
N ARG D 1381 -12.56 36.64 94.85
CA ARG D 1381 -12.49 37.87 95.63
C ARG D 1381 -13.81 38.12 96.35
N ASN D 1382 -14.94 37.80 95.71
CA ASN D 1382 -16.25 37.98 96.30
C ASN D 1382 -16.45 37.07 97.51
N LYS D 1383 -15.96 35.94 97.31
CA LYS D 1383 -16.06 34.99 98.42
C LYS D 1383 -15.28 35.49 99.64
N LYS D 1384 -14.12 35.94 99.35
CA LYS D 1384 -13.29 36.47 100.43
C LYS D 1384 -13.92 37.71 101.06
N ALA D 1385 -14.47 38.57 100.30
CA ALA D 1385 -15.12 39.77 100.80
C ALA D 1385 -16.36 39.44 101.62
N LEU D 1386 -17.11 38.48 101.12
CA LEU D 1386 -18.28 38.03 101.86
C LEU D 1386 -17.88 37.47 103.22
N GLN D 1387 -16.89 36.65 103.22
CA GLN D 1387 -16.40 36.07 104.47
C GLN D 1387 -15.88 37.16 105.42
N ALA D 1388 -15.12 38.00 104.90
CA ALA D 1388 -14.59 39.10 105.72
C ALA D 1388 -15.72 39.96 106.27
N GLY D 1389 -16.67 40.27 105.45
CA GLY D 1389 -17.83 41.02 105.89
C GLY D 1389 -18.59 40.35 107.01
N PHE D 1390 -18.75 39.03 106.92
CA PHE D 1390 -19.46 38.30 107.95
C PHE D 1390 -18.62 38.18 109.22
N ASP D 1391 -17.41 38.00 108.96
CA ASP D 1391 -16.51 37.97 110.11
C ASP D 1391 -16.55 39.29 110.87
N LEU D 1392 -16.50 40.34 110.16
CA LEU D 1392 -16.57 41.65 110.77
C LEU D 1392 -17.92 41.87 111.45
N SER D 1393 -19.04 41.45 110.82
CA SER D 1393 -20.37 41.53 111.42
C SER D 1393 -20.42 40.79 112.75
N ASN D 1394 -19.83 39.60 112.73
CA ASN D 1394 -19.79 38.82 113.96
C ASN D 1394 -18.98 39.53 115.04
N LYS D 1395 -17.90 40.10 114.68
CA LYS D 1395 -17.06 40.83 115.63
C LYS D 1395 -17.79 42.04 116.19
N LYS D 1396 -18.43 42.78 115.38
CA LYS D 1396 -19.18 43.95 115.79
C LYS D 1396 -20.30 43.59 116.75
N VAL D 1397 -20.97 42.51 116.43
CA VAL D 1397 -22.04 42.04 117.31
C VAL D 1397 -21.45 41.61 118.65
N ASP D 1398 -20.31 40.98 118.55
CA ASP D 1398 -19.62 40.59 119.79
C ASP D 1398 -19.28 41.82 120.63
N VAL D 1399 -18.74 42.87 120.00
CA VAL D 1399 -18.42 44.12 120.68
C VAL D 1399 -19.70 44.72 121.27
N LEU D 1400 -20.77 44.70 120.48
CA LEU D 1400 -22.05 45.20 120.96
C LEU D 1400 -22.53 44.39 122.17
N THR D 1401 -22.42 43.11 122.12
CA THR D 1401 -22.81 42.23 123.21
C THR D 1401 -22.04 42.55 124.48
N LYS D 1402 -20.71 42.74 124.32
CA LYS D 1402 -19.88 43.09 125.47
C LYS D 1402 -20.29 44.44 126.05
N ALA D 1403 -20.59 45.45 125.22
CA ALA D 1403 -21.00 46.78 125.66
C ALA D 1403 -22.33 46.72 126.41
N VAL D 1404 -23.29 46.04 125.75
CA VAL D 1404 -24.59 45.89 126.40
C VAL D 1404 -24.43 45.15 127.72
N GLY D 1405 -23.62 44.08 127.76
CA GLY D 1405 -23.34 43.33 128.98
C GLY D 1405 -22.72 44.19 130.07
N SER D 1406 -21.79 45.06 129.69
CA SER D 1406 -21.13 45.95 130.65
C SER D 1406 -22.14 46.92 131.26
N VAL D 1407 -22.98 47.51 130.42
CA VAL D 1407 -24.00 48.44 130.92
C VAL D 1407 -24.91 47.73 131.89
N PHE D 1408 -25.34 46.53 131.64
CA PHE D 1408 -26.23 45.77 132.49
C PHE D 1408 -25.55 45.40 133.81
N LYS D 1409 -24.30 44.98 133.58
CA LYS D 1409 -23.55 44.65 134.80
C LYS D 1409 -23.47 45.85 135.73
N GLU D 1410 -23.17 47.04 135.20
CA GLU D 1410 -23.09 48.26 136.01
C GLU D 1410 -24.45 48.63 136.60
N ILE D 1411 -25.55 48.53 135.80
CA ILE D 1411 -26.90 48.80 136.28
C ILE D 1411 -27.24 47.87 137.42
N ILE D 1412 -26.94 46.60 137.25
CA ILE D 1412 -27.22 45.59 138.27
C ILE D 1412 -26.41 45.90 139.54
N ASN D 1413 -25.15 46.24 139.37
CA ASN D 1413 -24.29 46.56 140.52
C ASN D 1413 -24.77 47.80 141.26
N ARG D 1414 -25.33 48.73 140.50
CA ARG D 1414 -25.77 49.98 141.11
C ARG D 1414 -27.19 49.86 141.65
N THR D 1415 -28.08 49.14 141.10
CA THR D 1415 -29.47 49.01 141.51
C THR D 1415 -29.63 47.87 142.52
N GLY D 1416 -28.66 46.99 142.82
CA GLY D 1416 -28.76 45.87 143.74
C GLY D 1416 -29.54 44.70 143.17
N ILE D 1417 -29.84 44.76 141.92
CA ILE D 1417 -30.53 43.64 141.30
C ILE D 1417 -29.54 42.51 141.04
N SER D 1418 -29.18 41.71 141.89
CA SER D 1418 -28.16 40.67 141.99
C SER D 1418 -28.38 39.57 140.96
N ASN D 1419 -29.11 39.78 139.92
CA ASN D 1419 -29.15 38.60 139.06
C ASN D 1419 -28.99 38.98 137.59
N ALA D 1420 -27.79 39.41 137.11
CA ALA D 1420 -27.49 39.65 135.70
C ALA D 1420 -28.03 38.52 134.82
N PRO D 1421 -28.73 38.66 133.88
CA PRO D 1421 -29.26 37.63 132.98
C PRO D 1421 -28.17 36.77 132.35
N LYS D 1422 -27.96 35.54 132.54
CA LYS D 1422 -27.04 34.52 132.04
C LYS D 1422 -27.08 34.47 130.52
N LYS D 1423 -28.02 35.11 129.91
CA LYS D 1423 -28.21 34.95 128.47
C LYS D 1423 -27.28 35.87 127.68
N LEU D 1424 -26.78 36.89 128.27
CA LEU D 1424 -25.87 37.77 127.56
C LEU D 1424 -24.53 37.08 127.28
N LYS D 1425 -24.23 36.15 128.13
CA LYS D 1425 -23.02 35.37 127.95
C LYS D 1425 -23.17 34.37 126.81
N GLN D 1426 -24.33 34.01 126.65
CA GLN D 1426 -24.58 33.01 125.62
C GLN D 1426 -24.60 33.65 124.23
N ALA D 1427 -24.86 34.95 124.12
CA ALA D 1427 -24.95 35.67 122.85
C ALA D 1427 -23.56 35.87 122.24
N THR D 1428 -22.69 35.69 122.97
CA THR D 1428 -21.35 35.82 122.43
C THR D 1428 -20.93 34.52 121.73
N PRO D 1429 -21.27 34.37 120.62
CA PRO D 1429 -20.85 33.14 119.95
C PRO D 1429 -19.35 32.89 120.06
N THR D 1430 -19.04 32.46 120.88
CA THR D 1430 -17.67 31.97 121.01
C THR D 1430 -17.37 30.92 119.95
N LYS D 1431 -18.14 30.85 118.85
CA LYS D 1431 -17.62 29.85 117.93
C LYS D 1431 -16.60 30.45 116.98
N PRO D 1432 -15.50 30.27 116.88
CA PRO D 1432 -14.40 30.69 116.00
C PRO D 1432 -14.74 30.56 114.52
N THR D 1433 -15.32 31.49 113.93
CA THR D 1433 -15.34 31.40 112.47
C THR D 1433 -14.48 30.23 111.99
N PRO D 1434 -14.87 29.16 111.72
CA PRO D 1434 -14.04 28.07 111.21
C PRO D 1434 -12.88 28.57 110.35
N LYS D 1435 -11.95 29.07 110.70
CA LYS D 1435 -10.71 29.29 109.96
C LYS D 1435 -10.51 28.19 108.92
N THR D 1436 -11.16 28.18 107.85
CA THR D 1436 -10.69 27.30 106.79
C THR D 1436 -9.21 26.95 106.98
N PRO D 1437 -8.86 25.94 107.59
CA PRO D 1437 -7.46 25.57 107.70
C PRO D 1437 -6.64 25.98 106.48
N PRO D 1438 -5.77 26.93 106.42
CA PRO D 1438 -4.87 27.18 105.29
C PRO D 1438 -4.57 25.91 104.49
N LYS D 1439 -5.17 25.60 103.37
CA LYS D 1439 -4.71 24.53 102.50
C LYS D 1439 -3.22 24.25 102.68
N PRO D 1440 -2.68 23.13 103.35
CA PRO D 1440 -1.25 22.81 103.44
C PRO D 1440 -0.49 23.19 102.17
N PRO D 1441 0.51 24.08 102.08
CA PRO D 1441 1.37 24.30 100.92
C PRO D 1441 1.71 23.00 100.18
N VAL D 1442 0.80 22.51 99.15
CA VAL D 1442 1.23 21.42 98.28
C VAL D 1442 2.71 21.58 97.93
N LYS D 1443 3.62 21.14 98.70
CA LYS D 1443 5.01 20.89 98.29
C LYS D 1443 5.07 20.37 96.85
N GLN D 1444 4.89 21.08 95.62
CA GLN D 1444 5.43 20.60 94.35
C GLN D 1444 6.74 19.87 94.56
C2 BGC E . -16.65 -38.29 -47.75
C3 BGC E . -15.41 -37.62 -48.37
C4 BGC E . -14.66 -38.57 -49.34
C5 BGC E . -15.66 -39.09 -50.38
C6 BGC E . -15.04 -40.07 -51.39
C1 BGC E . -17.57 -38.86 -48.83
O2 BGC E . -17.37 -37.30 -46.99
O3 BGC E . -14.55 -37.21 -47.27
O4 BGC E . -13.61 -37.85 -50.09
O5 BGC E . -16.80 -39.75 -49.72
O6 BGC E . -15.97 -40.23 -52.48
H2 BGC E . -16.35 -39.09 -47.08
H3 BGC E . -15.71 -36.73 -48.91
H4 BGC E . -14.23 -39.41 -48.79
H5 BGC E . -16.04 -38.23 -50.94
H61 BGC E . -14.11 -39.67 -51.79
H62 BGC E . -14.84 -41.04 -50.92
H1 BGC E . -18.05 -38.07 -49.41
HO2 BGC E . -16.74 -36.96 -46.33
HO3 BGC E . -13.80 -36.73 -47.60
HO6 BGC E . -16.58 -40.93 -52.25
C1 GAL E . -12.30 -37.68 -49.43
C2 GAL E . -11.19 -37.51 -50.48
C3 GAL E . -9.83 -37.29 -49.78
C4 GAL E . -9.88 -36.10 -48.81
C5 GAL E . -11.06 -36.23 -47.84
C6 GAL E . -11.26 -35.01 -46.92
O2 GAL E . -11.09 -38.71 -51.29
O3 GAL E . -8.81 -37.03 -50.77
O4 GAL E . -10.01 -34.88 -49.58
O5 GAL E . -12.32 -36.46 -48.60
O6 GAL E . -12.55 -35.19 -46.23
H1 GAL E . -12.09 -38.54 -48.80
H2 GAL E . -11.41 -36.68 -51.14
H3 GAL E . -9.56 -38.18 -49.23
H4 GAL E . -8.95 -36.05 -48.24
H5 GAL E . -10.89 -37.11 -47.21
H61 GAL E . -10.44 -34.95 -46.20
H62 GAL E . -11.29 -34.09 -47.49
HO2 GAL E . -11.88 -38.80 -51.82
HO3 GAL E . -8.83 -37.74 -51.41
HO4 GAL E . -9.36 -34.92 -50.27
C1 SIA E . -11.66 -35.88 -43.96
C2 SIA E . -12.60 -34.92 -44.84
C3 SIA E . -14.10 -35.14 -44.54
C4 SIA E . -14.64 -34.35 -43.33
C5 SIA E . -14.24 -32.85 -43.40
C6 SIA E . -12.71 -32.94 -43.39
C7 SIA E . -11.78 -31.74 -43.14
C8 SIA E . -10.34 -32.19 -42.78
C9 SIA E . -9.45 -31.02 -42.32
C10 SIA E . -15.95 -31.38 -42.42
C11 SIA E . -16.45 -30.61 -41.18
N5 SIA E . -14.81 -32.08 -42.29
O1A SIA E . -11.37 -37.01 -44.42
O1B SIA E . -11.19 -35.45 -42.88
O4 SIA E . -16.07 -34.54 -43.27
O6 SIA E . -12.34 -33.52 -44.64
O7 SIA E . -11.70 -30.94 -44.35
O8 SIA E . -10.39 -33.15 -41.69
O9 SIA E . -8.05 -31.42 -42.28
O10 SIA E . -16.57 -31.33 -43.47
H32 SIA E . -14.29 -36.21 -44.40
H31 SIA E . -14.70 -34.85 -45.41
H4 SIA E . -14.22 -34.78 -42.43
H5 SIA E . -14.57 -32.41 -44.35
H6 SIA E . -12.50 -33.63 -42.56
H7 SIA E . -12.17 -31.13 -42.33
H8 SIA E . -9.89 -32.67 -43.65
H92 SIA E . -9.75 -30.68 -41.34
H91 SIA E . -9.53 -30.18 -43.01
H111 SIA E . -17.45 -30.94 -40.95
H113 SIA E . -15.82 -30.78 -40.32
H112 SIA E . -16.47 -29.55 -41.40
HN5 SIA E . -14.43 -32.19 -41.36
HO4 SIA E . -16.20 -35.46 -43.02
HO7 SIA E . -12.46 -30.34 -44.36
HO8 SIA E . -10.64 -34.00 -42.08
HO9 SIA E . -7.55 -30.75 -41.81
C2 BGC F . 38.99 0.55 -51.89
C3 BGC F . 38.00 -0.54 -52.34
C4 BGC F . 37.81 -0.56 -53.88
C5 BGC F . 39.18 -0.67 -54.55
C6 BGC F . 39.13 -0.67 -56.08
C1 BGC F . 40.31 0.44 -52.65
O2 BGC F . 39.23 0.38 -50.47
O3 BGC F . 36.75 -0.29 -51.65
O4 BGC F . 37.02 -1.74 -54.31
O5 BGC F . 40.06 0.43 -54.10
O6 BGC F . 40.41 -1.09 -56.58
H2 BGC F . 38.57 1.53 -52.07
H3 BGC F . 38.36 -1.52 -52.03
H4 BGC F . 37.31 0.36 -54.21
H5 BGC F . 39.62 -1.62 -54.24
H61 BGC F . 38.37 -1.36 -56.45
H62 BGC F . 38.89 0.33 -56.46
H1 BGC F . 40.87 -0.46 -52.37
HO2 BGC F . 38.37 0.44 -50.06
HO3 BGC F . 36.11 -0.97 -51.85
HO6 BGC F . 40.97 -0.32 -56.65
C1 GAL F . 35.55 -1.66 -54.24
C2 GAL F . 34.91 -2.62 -55.26
C3 GAL F . 33.38 -2.55 -55.14
C4 GAL F . 32.89 -2.82 -53.70
C5 GAL F . 33.63 -1.92 -52.70
C6 GAL F . 33.31 -2.23 -51.23
O2 GAL F . 35.28 -2.22 -56.61
O3 GAL F . 32.77 -3.53 -56.02
O4 GAL F . 33.15 -4.21 -53.39
O5 GAL F . 35.09 -2.04 -52.90
O6 GAL F . 34.25 -1.47 -50.40
H1 GAL F . 35.25 -0.63 -54.45
H2 GAL F . 35.26 -3.63 -55.08
H3 GAL F . 33.04 -1.56 -55.43
H4 GAL F . 31.82 -2.64 -53.64
H5 GAL F . 33.35 -0.89 -52.89
H61 GAL F . 32.28 -1.96 -51.01
H62 GAL F . 33.43 -3.29 -51.01
HO2 GAL F . 36.22 -2.39 -56.73
HO3 GAL F . 33.13 -3.39 -56.90
HO4 GAL F . 32.81 -4.73 -54.12
C1 SIA F . 32.67 0.37 -49.64
C2 SIA F . 33.74 -0.78 -49.26
C3 SIA F . 35.03 -0.20 -48.66
C4 SIA F . 34.97 0.05 -47.14
C5 SIA F . 34.44 -1.18 -46.38
C6 SIA F . 33.03 -1.33 -46.98
C7 SIA F . 31.93 -2.23 -46.39
C8 SIA F . 30.53 -1.89 -46.97
C9 SIA F . 29.39 -2.62 -46.24
C10 SIA F . 35.43 -1.41 -44.14
C11 SIA F . 35.34 -1.13 -42.63
N5 SIA F . 34.43 -0.98 -44.91
O1A SIA F . 32.73 0.88 -50.78
O1B SIA F . 31.78 0.65 -48.81
O4 SIA F . 36.28 0.46 -46.70
O6 SIA F . 33.24 -1.75 -48.34
O7 SIA F . 32.21 -3.62 -46.72
O8 SIA F . 30.30 -0.46 -46.84
O9 SIA F . 28.15 -2.50 -46.98
O10 SIA F . 36.40 -2.02 -44.58
H32 SIA F . 35.29 0.73 -49.18
H31 SIA F . 35.87 -0.87 -48.84
H4 SIA F . 34.30 0.89 -46.96
H5 SIA F . 35.03 -2.06 -46.61
H6 SIA F . 32.63 -0.33 -46.94
H7 SIA F . 31.92 -2.13 -45.31
H8 SIA F . 30.52 -2.13 -48.03
H92 SIA F . 29.25 -2.20 -45.24
H91 SIA F . 29.62 -3.68 -46.13
H111 SIA F . 36.20 -0.59 -42.31
H113 SIA F . 34.44 -0.55 -42.39
H112 SIA F . 35.29 -2.07 -42.10
HN5 SIA F . 33.75 -0.36 -44.50
HO4 SIA F . 36.42 1.34 -47.06
HO7 SIA F . 32.83 -3.96 -46.07
HO8 SIA F . 30.78 -0.03 -47.54
HO9 SIA F . 27.43 -2.78 -46.42
#